data_2DYS
#
_entry.id   2DYS
#
_cell.length_a   184.130
_cell.length_b   207.232
_cell.length_c   178.242
_cell.angle_alpha   90.00
_cell.angle_beta   90.00
_cell.angle_gamma   90.00
#
_symmetry.space_group_name_H-M   'P 21 21 21'
#
loop_
_entity.id
_entity.type
_entity.pdbx_description
1 polymer 'Cytochrome c oxidase subunit 1'
2 polymer 'Cytochrome c oxidase subunit 2'
3 polymer 'Cytochrome c oxidase subunit 3'
4 polymer 'Cytochrome c oxidase subunit 4 isoform 1'
5 polymer 'Cytochrome c oxidase polypeptide Va'
6 polymer 'Cytochrome c oxidase polypeptide Vb'
7 polymer 'Cytochrome c oxidase polypeptide VIa-heart'
8 polymer 'Cytochrome c oxidase subunit VIb isoform 1'
9 polymer 'Cytochrome c oxidase polypeptide VIc'
10 polymer 'Cytochrome c oxidase polypeptide VIIa-heart'
11 polymer 'Cytochrome c oxidase polypeptide VIIb'
12 polymer 'Cytochrome c oxidase polypeptide VIIc'
13 polymer 'Cytochrome c oxidase polypeptide VIII-heart'
14 non-polymer 'COPPER (II) ION'
15 non-polymer 'MAGNESIUM ION'
16 non-polymer 'SODIUM ION'
17 non-polymer HEME-A
18 non-polymer '(1R)-2-{[{[(2S)-2,3-DIHYDROXYPROPYL]OXY}(HYDROXY)PHOSPHORYL]OXY}-1-[(PALMITOYLOXY)METHYL]ETHYL (11E)-OCTADEC-11-ENOATE'
19 non-polymer 'DINUCLEAR COPPER ION'
20 non-polymer TRISTEAROYLGLYCEROL
21 non-polymer '(7R,17E,20E)-4-HYDROXY-N,N,N-TRIMETHYL-9-OXO-7-[(PALMITOYLOXY)METHYL]-3,5,8-TRIOXA-4-PHOSPHAHEXACOSA-17,20-DIEN-1-AMINIUM 4-OXIDE'
22 non-polymer 'CHOLIC ACID'
23 non-polymer DICYCLOHEXYLUREA
24 non-polymer DECYL-BETA-D-MALTOPYRANOSIDE
25 non-polymer 'UNKNOWN ATOM OR ION'
26 non-polymer '(1S)-2-{[(2-AMINOETHOXY)(HYDROXY)PHOSPHORYL]OXY}-1-[(STEAROYLOXY)METHYL]ETHYL (5E,8E,11E,14E)-ICOSA-5,8,11,14-TETRAENOATE'
27 non-polymer CARDIOLIPIN
28 non-polymer 'ZINC ION'
29 water water
#
loop_
_entity_poly.entity_id
_entity_poly.type
_entity_poly.pdbx_seq_one_letter_code
_entity_poly.pdbx_strand_id
1 'polypeptide(L)'
;(FME)FINRWLFSTNHKDIGTLYLLFGAWAGMVGTALSLLIRAELGQPGTLLGDDQIYNVVVTAHAFVMIFFMVMPIMIG
GFGNWLVPLMIGAPDMAFPRMNNMSFWLLPPSFLLLLASSMVEAGAGTGWTVYPPLAGNLAHAGASVDLTIFSLHLAGVS
SILGAINFITTIINMKPPAMSQYQTPLFVWSVMITAVLLLLSLPVLAAGITMLLTDRNLNTTFFDPAGGGDPILYQHLFW
FFGHPEVYILILPGFGMISHIVTYYSGKKEPFGYMGMVWAMMSIGFLGFIVWAHHMFTVGMDVDTRAYFTSATMIIAIPT
GVKVFSWLATLHGGNIKWSPAMMWALGFIFLFTVGGLTGIVLANSSLDIVLHDTYYVVAHFHYVLSMGAVFAIMGGFVHW
FPLFSGYTLNDTWAKIHFAIMFVGVNMTFFPQHFLGLSGMPRRYSDYPDAYTMWNTISSMGSFISLTAVMLMVFIIWEAF
ASKREVLTVDLTTTNLEWLNGCPPPYHTFEEPTYVNLK
;
A,N
2 'polypeptide(L)'
;(FME)AYPMQLGFQDATSPIMEELLHFHDHTLMIVFLISSLVLYIISLMLTTKLTHTSTMDAQEVETIWTILPAIILILI
ALPSLRILYMMDEINNPSLTVKTMGHQWYWSYEYTDYEDLSFDSYMIPTSELKPGELRLLEVDNRVVLPMEMTIRMLVSS
EDVLHSWAVPSLGLKTDAIPGRLNQTTLMSSRPGLYYGQCSEICGSNHSFMPIVLELVPLKYFEKWSASML
;
B,O
3 'polypeptide(L)'
;MTHQTHAYHMVNPSPWPLTGALSALLMTSGLTMWFHFNSMTLLMIGLTTNMLTMYQWWRDVIRESTFQGHHTPAVQKGLR
YGMILFIISEVLFFTGFFWAFYHSSLAPTPELGGCWPPTGIHPLNPLEVPLLNTSVLLASGVSITWAHHSLMEGDRKHML
QALFITITLGVYFTLLQASEYYEAPFTISDGVYGSTFFVATGFHGLHVIIGSTFLIVCFFRQLKFHFTSNHHFGFEAAAW
YWHFVDVVWLFLYVSIYWWGS
;
C,P
4 'polypeptide(L)'
;AHGSVVKSEDYALPSYVDRRDYPLPDVAHVKNLSASQKALKEKEKASWSSLSIDEKVELYRLKFKESFAEMNRSTNEWKT
VVGAAMFFIGFTALLLIWEKHYVYGPIPHTFEEEWVAKQTKRMLDMKVAPIQGFSAKWDYDKNEWKK
;
D,Q
5 'polypeptide(L)'
;SHGSHETDEEFDARWVTYFNKPDIDAWELRKGMNTLVGYDLVPEPKIIDAALRACRRLNDFASAVRILEVVKDKAGPHKE
IYPYVIQELRPTLNELGISTPEELGLDKV
;
E,R
6 'polypeptide(L)'
;ASGGGVPTDEEQATGLEREVMLAARKGQDPYNILAPKATSGTKEDPNLVPSITNKRIVGCICEEDNSTVIWFWLHKGEAQ
RCPSCGTHYKLVPHQLAH
;
F,S
7 'polypeptide(L)'
;ASAAKGDHGG(TPO)GARTWRFLTFGLALPSVALCTLNSWLHSGHRERPAFIPYHHLRIRTKPFSWGDGNHTFFHNPRVN
PLPTGYEKP
;
G,T
8 'polypeptide(L)'
;AEDIQAKIKNYQTAPFDSRFPNQNQTRNCWQNYLDFHRCEKAMTAKGGDVSVCEWYRRVYKSLCPISWVSTWDDRRAEGT
FPGKI
;
H,U
9 'polypeptide(L)' (SAC)TALAKPQMRGLLARRLRFHIVGAFMVSLGFATFYKFAVAEKRKKAYADFYRNYDSMKDFEEMRKAGIFQSAK I,V
10 'polypeptide(L)' FENRVAEKQKLFQEDNGLPVHLKGGATDNILYRVTMTLCLGGTLYSLYCLGWASFPHKK J,W
11 'polypeptide(L)' IHQKRAPDFHDKYGNAVLASGATFCVAVWVYMATQIGIEWNPSPVGRVTPKEWREQ K,X
12 'polypeptide(L)' SHYEEGPGKNIPFSVENKWRLLAMMTLFFGSGFAAPFFIVRHQLLKK L,Y
13 'polypeptide(L)' ITAKPAKTPTSPKEQAIGLSVTFLSFLLPAGWVLYHLDNYKKSSAA M,Z
#
# COMPACT_ATOMS: atom_id res chain seq x y z
N PHE A 2 19.93 -1.65 -49.04
CA PHE A 2 20.99 -1.74 -48.04
C PHE A 2 20.63 -0.95 -46.77
N ILE A 3 20.16 0.28 -46.98
CA ILE A 3 19.75 1.13 -45.89
C ILE A 3 18.51 0.58 -45.22
N ASN A 4 17.56 0.11 -46.02
CA ASN A 4 16.32 -0.46 -45.51
C ASN A 4 16.61 -1.68 -44.61
N ARG A 5 17.66 -2.41 -44.97
CA ARG A 5 18.01 -3.62 -44.24
C ARG A 5 18.88 -3.39 -43.00
N TRP A 6 19.92 -2.57 -43.14
CA TRP A 6 20.83 -2.33 -42.05
C TRP A 6 20.63 -1.08 -41.18
N LEU A 7 19.83 -0.13 -41.65
CA LEU A 7 19.53 1.10 -40.91
C LEU A 7 18.08 1.15 -40.45
N PHE A 8 17.19 0.52 -41.19
CA PHE A 8 15.78 0.54 -40.82
C PHE A 8 15.32 -0.85 -40.41
N SER A 9 16.25 -1.69 -39.97
CA SER A 9 15.90 -3.04 -39.58
C SER A 9 14.80 -3.22 -38.54
N THR A 10 14.08 -4.34 -38.66
CA THR A 10 13.02 -4.75 -37.73
C THR A 10 13.14 -6.26 -37.59
N ASN A 11 14.30 -6.80 -37.98
CA ASN A 11 14.56 -8.23 -37.94
C ASN A 11 15.52 -8.55 -36.82
N HIS A 12 15.15 -9.50 -35.96
CA HIS A 12 15.99 -9.84 -34.83
C HIS A 12 17.38 -10.39 -35.14
N LYS A 13 17.51 -11.14 -36.24
CA LYS A 13 18.81 -11.70 -36.60
C LYS A 13 19.73 -10.59 -37.09
N ASP A 14 19.24 -9.74 -37.97
CA ASP A 14 20.03 -8.64 -38.49
C ASP A 14 20.46 -7.65 -37.38
N ILE A 15 19.55 -7.37 -36.44
CA ILE A 15 19.85 -6.49 -35.33
C ILE A 15 20.91 -7.19 -34.43
N GLY A 16 20.78 -8.50 -34.25
CA GLY A 16 21.76 -9.23 -33.46
C GLY A 16 23.14 -9.12 -34.09
N THR A 17 23.19 -9.19 -35.42
CA THR A 17 24.41 -9.09 -36.19
C THR A 17 25.06 -7.73 -36.03
N LEU A 18 24.24 -6.69 -36.09
CA LEU A 18 24.72 -5.32 -35.91
C LEU A 18 25.43 -5.22 -34.56
N TYR A 19 24.80 -5.79 -33.53
CA TYR A 19 25.32 -5.81 -32.15
C TYR A 19 26.64 -6.55 -32.04
N LEU A 20 26.79 -7.68 -32.73
CA LEU A 20 28.03 -8.44 -32.71
C LEU A 20 29.15 -7.65 -33.36
N LEU A 21 28.84 -6.95 -34.45
CA LEU A 21 29.81 -6.14 -35.17
C LEU A 21 30.27 -4.98 -34.29
N PHE A 22 29.32 -4.32 -33.64
CA PHE A 22 29.60 -3.19 -32.74
C PHE A 22 30.50 -3.65 -31.59
N GLY A 23 30.06 -4.72 -30.90
CA GLY A 23 30.80 -5.30 -29.80
C GLY A 23 32.20 -5.73 -30.17
N ALA A 24 32.36 -6.29 -31.37
CA ALA A 24 33.68 -6.72 -31.83
C ALA A 24 34.59 -5.51 -32.02
N TRP A 25 34.05 -4.44 -32.59
CA TRP A 25 34.81 -3.22 -32.80
C TRP A 25 35.19 -2.61 -31.44
N ALA A 26 34.20 -2.53 -30.54
CA ALA A 26 34.40 -2.01 -29.18
C ALA A 26 35.49 -2.81 -28.47
N GLY A 27 35.45 -4.13 -28.64
CA GLY A 27 36.45 -5.00 -28.03
C GLY A 27 37.86 -4.63 -28.45
N MET A 28 38.03 -4.17 -29.69
CA MET A 28 39.33 -3.75 -30.17
C MET A 28 39.75 -2.46 -29.40
N VAL A 29 38.81 -1.55 -29.23
CA VAL A 29 39.07 -0.30 -28.53
C VAL A 29 39.50 -0.61 -27.10
N GLY A 30 38.74 -1.48 -26.44
CA GLY A 30 39.03 -1.86 -25.08
C GLY A 30 40.37 -2.58 -24.91
N THR A 31 40.79 -3.31 -25.94
CA THR A 31 42.03 -4.03 -25.91
C THR A 31 43.18 -3.05 -26.02
N ALA A 32 43.06 -2.12 -26.95
CA ALA A 32 44.08 -1.10 -27.16
C ALA A 32 44.25 -0.33 -25.84
N LEU A 33 43.13 0.02 -25.20
CA LEU A 33 43.15 0.73 -23.94
C LEU A 33 43.87 -0.09 -22.87
N SER A 34 43.60 -1.39 -22.83
CA SER A 34 44.22 -2.24 -21.83
C SER A 34 45.72 -2.39 -22.05
N LEU A 35 46.15 -2.31 -23.30
CA LEU A 35 47.56 -2.43 -23.59
C LEU A 35 48.26 -1.15 -23.18
N LEU A 36 47.57 -0.03 -23.29
CA LEU A 36 48.12 1.27 -22.88
C LEU A 36 48.38 1.25 -21.37
N ILE A 37 47.47 0.62 -20.63
CA ILE A 37 47.59 0.48 -19.19
C ILE A 37 48.83 -0.35 -18.86
N ARG A 38 48.91 -1.53 -19.44
CA ARG A 38 50.03 -2.42 -19.16
C ARG A 38 51.38 -1.95 -19.66
N ALA A 39 51.35 -1.07 -20.66
CA ALA A 39 52.59 -0.49 -21.22
C ALA A 39 53.16 0.50 -20.19
N GLU A 40 52.26 1.29 -19.59
CA GLU A 40 52.61 2.27 -18.56
C GLU A 40 53.19 1.58 -17.32
N LEU A 41 52.60 0.45 -16.97
CA LEU A 41 53.00 -0.30 -15.80
C LEU A 41 54.08 -1.36 -16.07
N GLY A 42 54.50 -1.47 -17.31
CA GLY A 42 55.49 -2.47 -17.71
C GLY A 42 56.88 -2.31 -17.12
N GLN A 43 57.26 -1.07 -16.83
CA GLN A 43 58.53 -0.81 -16.18
C GLN A 43 58.32 0.41 -15.30
N PRO A 44 59.03 0.47 -14.14
CA PRO A 44 58.95 1.58 -13.17
C PRO A 44 59.25 2.90 -13.87
N GLY A 45 58.61 3.98 -13.43
CA GLY A 45 58.82 5.26 -14.09
C GLY A 45 57.53 5.67 -14.79
N THR A 46 57.54 6.83 -15.43
CA THR A 46 56.37 7.35 -16.12
C THR A 46 56.53 7.25 -17.62
N LEU A 47 55.54 6.67 -18.30
CA LEU A 47 55.62 6.59 -19.76
C LEU A 47 54.74 7.63 -20.48
N LEU A 48 53.46 7.66 -20.14
CA LEU A 48 52.51 8.57 -20.78
C LEU A 48 52.49 10.00 -20.19
N GLY A 49 52.41 10.09 -18.87
CA GLY A 49 52.37 11.38 -18.21
C GLY A 49 51.97 11.06 -16.77
N ASP A 50 51.37 12.02 -16.08
CA ASP A 50 50.94 11.80 -14.69
C ASP A 50 49.69 10.94 -14.64
N ASP A 51 49.07 10.89 -13.47
CA ASP A 51 47.87 10.09 -13.28
C ASP A 51 46.63 10.51 -14.05
N GLN A 52 46.55 11.76 -14.52
CA GLN A 52 45.35 12.17 -15.25
C GLN A 52 45.14 11.44 -16.59
N ILE A 53 46.11 11.52 -17.49
CA ILE A 53 45.95 10.83 -18.76
C ILE A 53 45.83 9.31 -18.52
N TYR A 54 46.61 8.78 -17.58
CA TYR A 54 46.57 7.35 -17.28
C TYR A 54 45.15 6.92 -16.84
N ASN A 55 44.54 7.67 -15.95
CA ASN A 55 43.21 7.34 -15.49
C ASN A 55 42.06 7.62 -16.44
N VAL A 56 42.33 8.40 -17.47
CA VAL A 56 41.35 8.65 -18.50
C VAL A 56 41.33 7.31 -19.27
N VAL A 57 42.51 6.73 -19.45
CA VAL A 57 42.67 5.44 -20.14
C VAL A 57 41.99 4.31 -19.35
N VAL A 58 42.34 4.18 -18.07
CA VAL A 58 41.77 3.17 -17.19
C VAL A 58 40.23 3.24 -17.16
N THR A 59 39.72 4.46 -17.09
CA THR A 59 38.29 4.73 -17.06
C THR A 59 37.58 4.33 -18.36
N ALA A 60 38.16 4.71 -19.49
CA ALA A 60 37.56 4.36 -20.78
C ALA A 60 37.62 2.85 -21.03
N HIS A 61 38.75 2.21 -20.66
CA HIS A 61 38.95 0.77 -20.82
C HIS A 61 37.74 0.06 -20.23
N ALA A 62 37.37 0.46 -19.02
CA ALA A 62 36.25 -0.15 -18.33
C ALA A 62 34.89 0.10 -18.99
N PHE A 63 34.61 1.34 -19.33
CA PHE A 63 33.34 1.67 -19.93
C PHE A 63 33.17 0.93 -21.23
N VAL A 64 34.22 0.93 -22.04
CA VAL A 64 34.22 0.26 -23.32
C VAL A 64 34.05 -1.27 -23.18
N MET A 65 34.84 -1.89 -22.32
CA MET A 65 34.73 -3.32 -22.15
C MET A 65 33.37 -3.72 -21.64
N ILE A 66 32.85 -2.95 -20.69
CA ILE A 66 31.56 -3.27 -20.08
C ILE A 66 30.34 -2.91 -20.89
N PHE A 67 30.20 -1.63 -21.21
CA PHE A 67 29.03 -1.18 -21.92
C PHE A 67 29.00 -1.32 -23.40
N PHE A 68 30.18 -1.42 -24.01
CA PHE A 68 30.23 -1.53 -25.45
C PHE A 68 30.65 -2.87 -25.99
N MET A 69 31.34 -3.66 -25.19
CA MET A 69 31.79 -4.97 -25.66
C MET A 69 30.94 -6.10 -25.08
N VAL A 70 31.07 -6.32 -23.78
CA VAL A 70 30.33 -7.38 -23.16
C VAL A 70 28.80 -7.33 -23.33
N MET A 71 28.16 -6.23 -22.92
CA MET A 71 26.71 -6.19 -22.98
C MET A 71 26.14 -6.25 -24.40
N PRO A 72 26.75 -5.50 -25.33
CA PRO A 72 26.24 -5.53 -26.68
C PRO A 72 26.33 -6.94 -27.27
N ILE A 73 27.46 -7.61 -27.05
CA ILE A 73 27.67 -8.94 -27.58
C ILE A 73 26.75 -10.00 -26.98
N MET A 74 26.75 -10.06 -25.66
CA MET A 74 25.95 -11.06 -24.94
C MET A 74 24.47 -10.86 -24.99
N ILE A 75 24.06 -9.63 -24.74
CA ILE A 75 22.64 -9.32 -24.70
C ILE A 75 22.09 -8.90 -26.06
N GLY A 76 22.71 -7.91 -26.68
CA GLY A 76 22.24 -7.49 -27.96
C GLY A 76 22.51 -8.49 -29.09
N GLY A 77 23.70 -9.08 -29.07
CA GLY A 77 24.10 -10.03 -30.09
C GLY A 77 23.49 -11.41 -29.93
N PHE A 78 24.06 -12.20 -29.05
CA PHE A 78 23.56 -13.54 -28.82
C PHE A 78 22.10 -13.51 -28.39
N GLY A 79 21.69 -12.51 -27.62
CA GLY A 79 20.32 -12.43 -27.14
C GLY A 79 19.33 -12.31 -28.28
N ASN A 80 19.49 -11.29 -29.11
CA ASN A 80 18.60 -11.07 -30.24
C ASN A 80 18.61 -12.22 -31.26
N TRP A 81 19.78 -12.76 -31.52
CA TRP A 81 19.93 -13.86 -32.47
C TRP A 81 19.26 -15.15 -32.02
N LEU A 82 19.60 -15.60 -30.83
CA LEU A 82 19.10 -16.84 -30.29
C LEU A 82 17.78 -16.92 -29.56
N VAL A 83 17.43 -15.90 -28.79
CA VAL A 83 16.18 -16.00 -28.02
C VAL A 83 14.92 -16.30 -28.85
N PRO A 84 14.67 -15.53 -29.93
CA PRO A 84 13.47 -15.80 -30.74
C PRO A 84 13.53 -17.25 -31.28
N LEU A 85 14.67 -17.63 -31.85
CA LEU A 85 14.86 -18.97 -32.40
C LEU A 85 14.64 -20.07 -31.37
N MET A 86 15.08 -19.84 -30.15
CA MET A 86 14.95 -20.85 -29.10
C MET A 86 13.55 -21.08 -28.57
N ILE A 87 12.66 -20.13 -28.79
CA ILE A 87 11.28 -20.31 -28.33
C ILE A 87 10.33 -20.43 -29.55
N GLY A 88 10.92 -20.53 -30.74
CA GLY A 88 10.15 -20.65 -31.96
C GLY A 88 9.32 -19.43 -32.33
N ALA A 89 9.80 -18.24 -31.97
CA ALA A 89 9.13 -17.00 -32.26
C ALA A 89 9.54 -16.42 -33.61
N PRO A 90 8.61 -15.72 -34.28
CA PRO A 90 8.82 -15.10 -35.60
C PRO A 90 9.78 -13.92 -35.59
N ASP A 91 9.84 -13.27 -34.42
CA ASP A 91 10.73 -12.13 -34.15
C ASP A 91 10.48 -11.71 -32.69
N MET A 92 10.96 -10.53 -32.30
CA MET A 92 10.80 -9.98 -30.96
C MET A 92 9.46 -9.20 -30.88
N ALA A 93 9.00 -8.97 -29.67
CA ALA A 93 7.75 -8.27 -29.45
C ALA A 93 7.70 -6.88 -30.05
N PHE A 94 8.76 -6.09 -29.82
CA PHE A 94 8.81 -4.73 -30.33
C PHE A 94 10.05 -4.62 -31.18
N PRO A 95 9.98 -5.14 -32.41
CA PRO A 95 11.10 -5.12 -33.35
C PRO A 95 11.63 -3.79 -33.76
N ARG A 96 10.82 -2.76 -33.62
CA ARG A 96 11.24 -1.41 -33.99
C ARG A 96 12.00 -0.79 -32.82
N MET A 97 11.47 -0.96 -31.61
CA MET A 97 12.10 -0.44 -30.40
C MET A 97 13.45 -1.17 -30.24
N ASN A 98 13.51 -2.42 -30.68
CA ASN A 98 14.70 -3.24 -30.64
C ASN A 98 15.77 -2.56 -31.51
N ASN A 99 15.36 -2.03 -32.66
CA ASN A 99 16.32 -1.39 -33.53
C ASN A 99 16.86 -0.13 -32.89
N MET A 100 16.04 0.58 -32.11
CA MET A 100 16.54 1.80 -31.48
C MET A 100 17.54 1.45 -30.39
N SER A 101 17.35 0.33 -29.69
CA SER A 101 18.29 -0.13 -28.65
C SER A 101 19.65 -0.19 -29.25
N PHE A 102 19.70 -0.65 -30.49
CA PHE A 102 20.97 -0.74 -31.16
C PHE A 102 21.55 0.59 -31.57
N TRP A 103 20.74 1.42 -32.22
CA TRP A 103 21.24 2.69 -32.71
C TRP A 103 21.60 3.74 -31.67
N LEU A 104 21.24 3.49 -30.42
CA LEU A 104 21.60 4.41 -29.35
C LEU A 104 23.08 4.19 -28.96
N LEU A 105 23.64 3.03 -29.30
CA LEU A 105 25.03 2.72 -28.95
C LEU A 105 26.12 3.50 -29.70
N PRO A 106 26.00 3.63 -31.03
CA PRO A 106 27.09 4.40 -31.67
C PRO A 106 27.16 5.86 -31.11
N PRO A 107 25.99 6.53 -30.90
CA PRO A 107 25.98 7.89 -30.34
C PRO A 107 26.62 7.85 -28.93
N SER A 108 26.19 6.88 -28.13
CA SER A 108 26.72 6.71 -26.80
C SER A 108 28.23 6.53 -26.83
N PHE A 109 28.72 5.74 -27.78
CA PHE A 109 30.16 5.51 -27.90
C PHE A 109 30.84 6.80 -28.34
N LEU A 110 30.18 7.54 -29.24
CA LEU A 110 30.72 8.81 -29.73
C LEU A 110 30.91 9.82 -28.57
N LEU A 111 29.96 9.87 -27.64
CA LEU A 111 30.04 10.75 -26.49
C LEU A 111 31.23 10.36 -25.62
N LEU A 112 31.51 9.07 -25.53
CA LEU A 112 32.66 8.61 -24.75
C LEU A 112 33.96 9.04 -25.42
N LEU A 113 34.05 8.89 -26.74
CA LEU A 113 35.26 9.31 -27.43
C LEU A 113 35.43 10.84 -27.32
N ALA A 114 34.32 11.57 -27.35
CA ALA A 114 34.31 13.03 -27.22
C ALA A 114 34.89 13.44 -25.87
N SER A 115 34.32 12.86 -24.82
CA SER A 115 34.74 13.13 -23.47
C SER A 115 36.25 13.04 -23.25
N SER A 116 36.91 12.13 -23.95
CA SER A 116 38.34 11.96 -23.80
C SER A 116 39.10 12.87 -24.75
N MET A 117 38.40 13.47 -25.70
CA MET A 117 38.99 14.36 -26.70
C MET A 117 39.08 15.78 -26.18
N VAL A 118 37.98 16.23 -25.57
CA VAL A 118 37.89 17.56 -25.01
C VAL A 118 38.57 17.66 -23.65
N GLU A 119 39.03 18.87 -23.36
CA GLU A 119 39.69 19.12 -22.09
C GLU A 119 40.81 18.13 -21.82
N ALA A 120 40.84 17.62 -20.60
CA ALA A 120 41.87 16.69 -20.20
C ALA A 120 41.25 15.32 -20.07
N GLY A 121 40.04 15.16 -20.58
CA GLY A 121 39.36 13.89 -20.46
C GLY A 121 38.80 13.70 -19.06
N ALA A 122 38.07 12.60 -18.87
CA ALA A 122 37.50 12.28 -17.58
C ALA A 122 38.32 11.17 -16.89
N GLY A 123 39.29 11.56 -16.05
CA GLY A 123 40.12 10.59 -15.35
C GLY A 123 39.54 10.35 -13.98
N THR A 124 38.36 9.77 -13.93
CA THR A 124 37.63 9.53 -12.68
C THR A 124 37.44 8.10 -12.18
N GLY A 125 37.75 7.11 -13.01
CA GLY A 125 37.48 5.73 -12.65
C GLY A 125 36.08 5.51 -13.23
N TRP A 126 35.75 4.29 -13.62
CA TRP A 126 34.43 4.02 -14.19
C TRP A 126 33.29 4.28 -13.17
N THR A 127 33.65 4.42 -11.90
CA THR A 127 32.69 4.68 -10.85
C THR A 127 32.26 6.16 -10.80
N VAL A 128 33.05 7.03 -11.44
CA VAL A 128 32.76 8.47 -11.53
C VAL A 128 32.39 9.18 -10.20
N TYR A 129 33.07 8.82 -9.12
CA TYR A 129 32.83 9.43 -7.80
C TYR A 129 33.09 10.94 -7.62
N PRO A 130 32.17 11.65 -6.94
CA PRO A 130 32.42 13.08 -6.72
C PRO A 130 33.20 13.08 -5.36
N PRO A 131 33.94 14.15 -5.00
CA PRO A 131 34.12 15.45 -5.65
C PRO A 131 35.06 15.40 -6.86
N LEU A 132 35.89 14.35 -6.98
CA LEU A 132 36.82 14.31 -8.12
C LEU A 132 36.11 14.51 -9.45
N ALA A 133 34.88 13.99 -9.55
CA ALA A 133 34.07 14.09 -10.76
C ALA A 133 33.27 15.39 -10.84
N GLY A 134 33.30 16.19 -9.76
CA GLY A 134 32.58 17.46 -9.75
C GLY A 134 33.08 18.58 -10.66
N ASN A 135 32.31 19.66 -10.76
CA ASN A 135 32.70 20.80 -11.62
C ASN A 135 33.92 21.61 -11.16
N LEU A 136 34.47 21.25 -10.01
CA LEU A 136 35.65 21.93 -9.51
C LEU A 136 36.94 21.09 -9.75
N ALA A 137 36.95 19.79 -9.42
CA ALA A 137 38.15 18.97 -9.67
C ALA A 137 38.19 18.43 -11.10
N HIS A 138 37.06 18.53 -11.80
CA HIS A 138 36.97 18.06 -13.18
C HIS A 138 36.07 19.01 -13.94
N ALA A 139 36.51 20.26 -13.98
CA ALA A 139 35.80 21.33 -14.64
C ALA A 139 35.84 21.08 -16.14
N GLY A 140 34.78 21.47 -16.83
CA GLY A 140 34.76 21.27 -18.27
C GLY A 140 33.75 20.24 -18.70
N ALA A 141 33.66 20.03 -20.01
CA ALA A 141 32.69 19.11 -20.61
C ALA A 141 32.91 17.61 -20.46
N SER A 142 34.17 17.18 -20.27
CA SER A 142 34.51 15.76 -20.18
C SER A 142 33.60 14.90 -19.34
N VAL A 143 33.47 15.18 -18.06
CA VAL A 143 32.59 14.37 -17.21
C VAL A 143 31.15 14.49 -17.64
N ASP A 144 30.73 15.64 -18.15
CA ASP A 144 29.35 15.75 -18.58
C ASP A 144 29.07 14.85 -19.80
N LEU A 145 30.04 14.77 -20.72
CA LEU A 145 29.91 13.93 -21.89
C LEU A 145 29.86 12.46 -21.48
N THR A 146 30.61 12.12 -20.44
CA THR A 146 30.66 10.76 -19.93
C THR A 146 29.30 10.37 -19.34
N ILE A 147 28.66 11.32 -18.67
CA ILE A 147 27.38 11.07 -18.05
C ILE A 147 26.35 10.82 -19.15
N PHE A 148 26.40 11.67 -20.18
CA PHE A 148 25.47 11.56 -21.30
C PHE A 148 25.63 10.23 -22.05
N SER A 149 26.87 9.74 -22.14
CA SER A 149 27.18 8.46 -22.78
C SER A 149 26.46 7.32 -22.00
N LEU A 150 26.57 7.36 -20.68
CA LEU A 150 25.94 6.37 -19.82
C LEU A 150 24.43 6.44 -19.95
N HIS A 151 23.88 7.64 -19.98
CA HIS A 151 22.44 7.82 -20.16
C HIS A 151 21.95 7.10 -21.44
N LEU A 152 22.66 7.29 -22.54
CA LEU A 152 22.26 6.68 -23.81
C LEU A 152 22.37 5.18 -23.74
N ALA A 153 23.49 4.70 -23.20
CA ALA A 153 23.71 3.27 -23.03
C ALA A 153 22.64 2.69 -22.11
N GLY A 154 22.21 3.47 -21.13
CA GLY A 154 21.19 2.98 -20.21
C GLY A 154 19.81 2.82 -20.83
N VAL A 155 19.41 3.81 -21.63
CA VAL A 155 18.12 3.78 -22.30
C VAL A 155 18.13 2.59 -23.26
N SER A 156 19.22 2.46 -24.00
CA SER A 156 19.39 1.34 -24.92
C SER A 156 19.11 0.01 -24.21
N SER A 157 19.73 -0.19 -23.04
CA SER A 157 19.53 -1.42 -22.27
C SER A 157 18.19 -1.58 -21.65
N ILE A 158 17.59 -0.48 -21.19
CA ILE A 158 16.26 -0.55 -20.61
C ILE A 158 15.24 -0.89 -21.69
N LEU A 159 15.42 -0.31 -22.88
CA LEU A 159 14.51 -0.62 -23.98
C LEU A 159 14.68 -2.07 -24.38
N GLY A 160 15.92 -2.54 -24.40
CA GLY A 160 16.21 -3.93 -24.75
C GLY A 160 15.64 -4.90 -23.73
N ALA A 161 15.67 -4.51 -22.45
CA ALA A 161 15.15 -5.36 -21.38
C ALA A 161 13.63 -5.53 -21.46
N ILE A 162 12.94 -4.44 -21.80
CA ILE A 162 11.50 -4.46 -21.93
C ILE A 162 11.10 -5.40 -23.07
N ASN A 163 11.88 -5.37 -24.13
CA ASN A 163 11.64 -6.21 -25.30
C ASN A 163 11.86 -7.68 -24.98
N PHE A 164 13.01 -7.97 -24.40
CA PHE A 164 13.36 -9.33 -24.03
C PHE A 164 12.36 -9.94 -23.08
N ILE A 165 12.05 -9.24 -22.02
CA ILE A 165 11.10 -9.76 -21.05
C ILE A 165 9.73 -10.02 -21.69
N THR A 166 9.27 -9.07 -22.50
CA THR A 166 7.96 -9.21 -23.12
C THR A 166 7.95 -10.37 -24.10
N THR A 167 9.02 -10.49 -24.86
CA THR A 167 9.14 -11.54 -25.85
C THR A 167 9.18 -12.91 -25.22
N ILE A 168 9.96 -13.07 -24.17
CA ILE A 168 10.09 -14.33 -23.47
C ILE A 168 8.85 -14.75 -22.68
N ILE A 169 8.07 -13.77 -22.22
CA ILE A 169 6.86 -14.06 -21.46
C ILE A 169 5.65 -14.34 -22.37
N ASN A 170 5.53 -13.50 -23.38
CA ASN A 170 4.42 -13.53 -24.29
C ASN A 170 4.52 -14.29 -25.61
N MET A 171 5.72 -14.60 -26.10
CA MET A 171 5.82 -15.22 -27.42
C MET A 171 6.34 -16.63 -27.55
N LYS A 172 6.07 -17.44 -26.55
CA LYS A 172 6.46 -18.85 -26.56
C LYS A 172 5.29 -19.64 -27.15
N PRO A 173 5.55 -20.86 -27.67
CA PRO A 173 4.50 -21.70 -28.24
C PRO A 173 3.47 -21.83 -27.12
N PRO A 174 2.16 -21.84 -27.45
CA PRO A 174 1.09 -21.95 -26.46
C PRO A 174 1.26 -23.01 -25.39
N ALA A 175 1.83 -24.15 -25.78
CA ALA A 175 2.02 -25.28 -24.85
C ALA A 175 3.31 -25.25 -24.00
N MET A 176 4.27 -24.42 -24.40
CA MET A 176 5.53 -24.29 -23.67
C MET A 176 5.38 -23.40 -22.43
N SER A 177 5.61 -23.98 -21.26
CA SER A 177 5.57 -23.20 -20.01
C SER A 177 6.96 -22.58 -19.86
N GLN A 178 7.11 -21.75 -18.83
CA GLN A 178 8.41 -21.11 -18.61
C GLN A 178 9.43 -22.18 -18.23
N TYR A 179 8.95 -23.27 -17.67
CA TYR A 179 9.82 -24.36 -17.27
C TYR A 179 10.13 -25.33 -18.40
N GLN A 180 9.99 -24.86 -19.64
CA GLN A 180 10.28 -25.65 -20.81
C GLN A 180 11.12 -24.81 -21.74
N THR A 181 11.58 -23.66 -21.27
CA THR A 181 12.39 -22.78 -22.11
C THR A 181 13.85 -23.12 -21.82
N PRO A 182 14.75 -22.97 -22.83
CA PRO A 182 16.15 -23.29 -22.56
C PRO A 182 16.77 -22.32 -21.51
N LEU A 183 17.81 -22.80 -20.85
CA LEU A 183 18.49 -22.01 -19.83
C LEU A 183 19.07 -20.68 -20.36
N PHE A 184 19.46 -20.62 -21.63
CA PHE A 184 19.97 -19.36 -22.14
C PHE A 184 18.85 -18.33 -22.16
N VAL A 185 17.64 -18.78 -22.52
CA VAL A 185 16.50 -17.88 -22.55
C VAL A 185 16.22 -17.38 -21.13
N TRP A 186 16.28 -18.29 -20.17
CA TRP A 186 16.09 -17.95 -18.76
C TRP A 186 17.13 -16.91 -18.31
N SER A 187 18.38 -17.13 -18.69
CA SER A 187 19.44 -16.22 -18.30
C SER A 187 19.25 -14.83 -18.89
N VAL A 188 18.75 -14.76 -20.13
CA VAL A 188 18.53 -13.49 -20.74
C VAL A 188 17.37 -12.76 -20.06
N MET A 189 16.31 -13.46 -19.69
CA MET A 189 15.21 -12.75 -19.04
C MET A 189 15.55 -12.20 -17.65
N ILE A 190 16.27 -13.01 -16.89
CA ILE A 190 16.67 -12.62 -15.54
C ILE A 190 17.59 -11.41 -15.61
N THR A 191 18.50 -11.42 -16.58
CA THR A 191 19.40 -10.31 -16.83
C THR A 191 18.61 -9.06 -17.14
N ALA A 192 17.56 -9.20 -17.95
CA ALA A 192 16.68 -8.10 -18.36
C ALA A 192 15.97 -7.51 -17.16
N VAL A 193 15.47 -8.35 -16.28
CA VAL A 193 14.81 -7.85 -15.07
C VAL A 193 15.83 -7.03 -14.21
N LEU A 194 17.05 -7.54 -14.08
CA LEU A 194 18.07 -6.84 -13.31
C LEU A 194 18.34 -5.47 -13.91
N LEU A 195 18.42 -5.42 -15.24
CA LEU A 195 18.66 -4.15 -15.95
C LEU A 195 17.53 -3.16 -15.72
N LEU A 196 16.30 -3.65 -15.80
CA LEU A 196 15.11 -2.85 -15.65
C LEU A 196 15.08 -2.17 -14.27
N LEU A 197 15.44 -2.92 -13.23
CA LEU A 197 15.42 -2.39 -11.88
C LEU A 197 16.67 -1.59 -11.45
N SER A 198 17.83 -1.91 -11.99
CA SER A 198 19.06 -1.25 -11.58
C SER A 198 19.48 -0.01 -12.36
N LEU A 199 19.45 -0.06 -13.68
CA LEU A 199 19.83 1.11 -14.48
C LEU A 199 19.11 2.43 -14.14
N PRO A 200 17.81 2.37 -13.76
CA PRO A 200 17.11 3.63 -13.44
C PRO A 200 17.72 4.29 -12.20
N VAL A 201 18.21 3.48 -11.27
CA VAL A 201 18.82 4.04 -10.09
C VAL A 201 20.13 4.70 -10.49
N LEU A 202 20.92 4.04 -11.35
CA LEU A 202 22.18 4.64 -11.81
C LEU A 202 21.85 5.94 -12.51
N ALA A 203 20.79 5.94 -13.32
CA ALA A 203 20.37 7.12 -14.06
C ALA A 203 20.05 8.24 -13.08
N ALA A 204 19.32 7.92 -12.02
CA ALA A 204 18.99 8.91 -11.00
C ALA A 204 20.28 9.53 -10.45
N GLY A 205 21.22 8.65 -10.06
CA GLY A 205 22.51 9.06 -9.51
C GLY A 205 23.38 9.92 -10.39
N ILE A 206 23.58 9.52 -11.65
CA ILE A 206 24.40 10.34 -12.54
C ILE A 206 23.71 11.62 -12.97
N THR A 207 22.38 11.69 -12.76
CA THR A 207 21.65 12.90 -13.12
C THR A 207 21.90 13.93 -12.01
N MET A 208 21.86 13.44 -10.78
CA MET A 208 22.14 14.27 -9.61
C MET A 208 23.57 14.84 -9.75
N LEU A 209 24.51 14.04 -10.26
CA LEU A 209 25.88 14.51 -10.47
C LEU A 209 25.90 15.58 -11.58
N LEU A 210 25.11 15.36 -12.63
CA LEU A 210 25.01 16.32 -13.74
C LEU A 210 24.50 17.69 -13.26
N THR A 211 23.46 17.69 -12.41
CA THR A 211 22.91 18.92 -11.88
C THR A 211 23.81 19.60 -10.87
N ASP A 212 24.56 18.80 -10.10
CA ASP A 212 25.53 19.34 -9.14
C ASP A 212 26.62 20.06 -9.94
N ARG A 213 26.96 19.50 -11.09
CA ARG A 213 27.97 20.08 -11.96
C ARG A 213 27.48 21.25 -12.79
N ASN A 214 26.18 21.31 -13.07
CA ASN A 214 25.67 22.36 -13.94
C ASN A 214 24.51 23.24 -13.51
N LEU A 215 23.75 22.80 -12.52
CA LEU A 215 22.61 23.58 -12.05
C LEU A 215 22.68 24.01 -10.58
N ASN A 216 23.88 23.92 -10.00
CA ASN A 216 24.13 24.32 -8.63
C ASN A 216 23.38 23.57 -7.55
N THR A 217 23.11 22.31 -7.83
CA THR A 217 22.46 21.50 -6.83
C THR A 217 23.63 21.03 -5.97
N THR A 218 23.33 20.46 -4.81
CA THR A 218 24.38 20.00 -3.92
C THR A 218 24.04 18.67 -3.28
N PHE A 219 23.66 17.70 -4.12
CA PHE A 219 23.32 16.38 -3.65
C PHE A 219 24.50 15.70 -2.97
N PHE A 220 25.68 15.87 -3.56
CA PHE A 220 26.90 15.24 -3.08
C PHE A 220 27.93 16.24 -2.53
N ASP A 221 27.50 17.49 -2.37
CA ASP A 221 28.33 18.58 -1.87
C ASP A 221 28.03 18.91 -0.41
N PRO A 222 28.99 18.64 0.50
CA PRO A 222 28.79 18.92 1.92
C PRO A 222 28.40 20.40 2.15
N ALA A 223 28.98 21.32 1.38
CA ALA A 223 28.68 22.75 1.55
C ALA A 223 27.19 23.06 1.52
N GLY A 224 26.46 22.29 0.72
CA GLY A 224 25.02 22.50 0.63
C GLY A 224 24.28 21.51 1.49
N GLY A 225 25.03 20.70 2.24
CA GLY A 225 24.43 19.69 3.09
C GLY A 225 24.35 18.34 2.39
N GLY A 226 25.06 18.22 1.26
CA GLY A 226 25.08 16.99 0.48
C GLY A 226 26.07 16.00 1.05
N ASP A 227 26.23 14.85 0.38
CA ASP A 227 27.13 13.80 0.84
C ASP A 227 27.69 12.99 -0.32
N PRO A 228 29.02 13.00 -0.48
CA PRO A 228 29.69 12.26 -1.55
C PRO A 228 29.38 10.77 -1.47
N ILE A 229 29.10 10.29 -0.25
CA ILE A 229 28.78 8.88 0.00
C ILE A 229 27.40 8.49 -0.55
N LEU A 230 26.48 9.45 -0.65
CA LEU A 230 25.15 9.17 -1.18
C LEU A 230 25.34 8.66 -2.62
N TYR A 231 26.20 9.31 -3.38
CA TYR A 231 26.46 8.89 -4.75
C TYR A 231 26.94 7.46 -4.80
N GLN A 232 27.83 7.07 -3.89
CA GLN A 232 28.36 5.72 -3.88
C GLN A 232 27.28 4.69 -3.72
N HIS A 233 26.31 4.98 -2.88
CA HIS A 233 25.21 4.09 -2.65
C HIS A 233 24.35 3.90 -3.91
N LEU A 234 24.03 5.01 -4.58
CA LEU A 234 23.19 4.97 -5.78
C LEU A 234 23.89 4.25 -6.89
N PHE A 235 25.18 4.53 -7.05
CA PHE A 235 25.96 3.88 -8.08
C PHE A 235 26.05 2.38 -7.88
N TRP A 236 26.45 1.98 -6.69
CA TRP A 236 26.63 0.57 -6.37
C TRP A 236 25.34 -0.22 -6.27
N PHE A 237 24.25 0.48 -6.00
CA PHE A 237 22.97 -0.18 -5.94
C PHE A 237 22.75 -0.77 -7.34
N PHE A 238 23.27 -0.07 -8.36
CA PHE A 238 23.19 -0.50 -9.75
C PHE A 238 24.42 -1.34 -10.09
N GLY A 239 25.58 -0.89 -9.61
CA GLY A 239 26.84 -1.56 -9.88
C GLY A 239 26.99 -3.01 -9.49
N HIS A 240 26.42 -3.44 -8.38
CA HIS A 240 26.57 -4.84 -8.09
C HIS A 240 25.68 -5.63 -9.06
N PRO A 241 24.38 -5.32 -9.15
CA PRO A 241 23.49 -6.03 -10.08
C PRO A 241 24.11 -6.07 -11.48
N GLU A 242 24.85 -5.02 -11.83
CA GLU A 242 25.52 -4.94 -13.12
C GLU A 242 26.57 -6.03 -13.33
N VAL A 243 27.26 -6.42 -12.28
CA VAL A 243 28.27 -7.45 -12.49
C VAL A 243 27.58 -8.79 -12.77
N TYR A 244 26.41 -8.98 -12.15
CA TYR A 244 25.63 -10.19 -12.37
C TYR A 244 24.98 -10.15 -13.77
N ILE A 245 24.66 -8.95 -14.22
CA ILE A 245 24.11 -8.76 -15.55
C ILE A 245 25.20 -9.15 -16.55
N LEU A 246 26.45 -8.87 -16.18
CA LEU A 246 27.55 -9.17 -17.07
C LEU A 246 27.88 -10.66 -17.16
N ILE A 247 27.54 -11.42 -16.12
CA ILE A 247 27.87 -12.84 -16.10
C ILE A 247 26.71 -13.82 -16.39
N LEU A 248 25.48 -13.45 -16.04
CA LEU A 248 24.33 -14.30 -16.23
C LEU A 248 24.15 -14.86 -17.66
N PRO A 249 24.22 -14.02 -18.69
CA PRO A 249 24.05 -14.58 -20.03
C PRO A 249 25.17 -15.56 -20.35
N GLY A 250 26.32 -15.32 -19.74
CA GLY A 250 27.48 -16.18 -19.94
C GLY A 250 27.19 -17.53 -19.34
N PHE A 251 26.54 -17.52 -18.17
CA PHE A 251 26.14 -18.75 -17.47
C PHE A 251 25.21 -19.53 -18.39
N GLY A 252 24.26 -18.82 -19.02
CA GLY A 252 23.30 -19.40 -19.93
C GLY A 252 24.01 -20.07 -21.11
N MET A 253 24.97 -19.39 -21.74
CA MET A 253 25.67 -19.97 -22.86
C MET A 253 26.50 -21.17 -22.44
N ILE A 254 27.12 -21.08 -21.27
CA ILE A 254 27.96 -22.16 -20.78
C ILE A 254 27.13 -23.42 -20.62
N SER A 255 25.91 -23.26 -20.09
CA SER A 255 24.98 -24.37 -19.91
C SER A 255 24.73 -25.10 -21.23
N HIS A 256 24.53 -24.32 -22.30
CA HIS A 256 24.28 -24.87 -23.62
C HIS A 256 25.50 -25.49 -24.24
N ILE A 257 26.64 -24.82 -24.08
CA ILE A 257 27.88 -25.32 -24.64
C ILE A 257 28.32 -26.61 -23.98
N VAL A 258 28.22 -26.65 -22.67
CA VAL A 258 28.64 -27.83 -21.92
C VAL A 258 27.73 -29.02 -22.23
N THR A 259 26.42 -28.79 -22.22
CA THR A 259 25.46 -29.84 -22.54
C THR A 259 25.67 -30.36 -23.95
N TYR A 260 25.81 -29.44 -24.88
CA TYR A 260 26.02 -29.79 -26.27
C TYR A 260 27.26 -30.63 -26.49
N TYR A 261 28.43 -30.12 -26.13
CA TYR A 261 29.65 -30.89 -26.35
C TYR A 261 29.88 -32.08 -25.45
N SER A 262 28.98 -32.27 -24.48
CA SER A 262 29.03 -33.43 -23.61
C SER A 262 28.14 -34.51 -24.29
N GLY A 263 27.56 -34.16 -25.45
CA GLY A 263 26.70 -35.06 -26.18
C GLY A 263 25.46 -35.41 -25.39
N LYS A 264 25.04 -34.48 -24.55
CA LYS A 264 23.88 -34.65 -23.68
C LYS A 264 22.65 -33.97 -24.29
N LYS A 265 21.47 -34.50 -24.03
CA LYS A 265 20.24 -33.91 -24.56
C LYS A 265 19.70 -32.79 -23.64
N GLU A 266 20.27 -32.67 -22.45
CA GLU A 266 19.83 -31.68 -21.49
C GLU A 266 20.89 -31.46 -20.40
N PRO A 267 20.86 -30.28 -19.75
CA PRO A 267 21.81 -29.97 -18.69
C PRO A 267 21.32 -30.64 -17.41
N PHE A 268 22.26 -31.00 -16.55
CA PHE A 268 21.91 -31.62 -15.28
C PHE A 268 21.16 -30.64 -14.36
N GLY A 269 20.10 -31.12 -13.74
CA GLY A 269 19.33 -30.32 -12.80
C GLY A 269 18.85 -29.00 -13.33
N TYR A 270 18.08 -29.06 -14.40
CA TYR A 270 17.49 -27.90 -15.04
C TYR A 270 16.81 -26.95 -14.02
N MET A 271 15.89 -27.49 -13.22
CA MET A 271 15.18 -26.66 -12.25
C MET A 271 16.13 -26.07 -11.21
N GLY A 272 17.21 -26.79 -10.92
CA GLY A 272 18.19 -26.29 -9.97
C GLY A 272 18.95 -25.13 -10.59
N MET A 273 19.16 -25.17 -11.92
CA MET A 273 19.85 -24.10 -12.66
C MET A 273 19.01 -22.84 -12.71
N VAL A 274 17.69 -23.02 -12.84
CA VAL A 274 16.73 -21.92 -12.90
C VAL A 274 16.68 -21.22 -11.55
N TRP A 275 16.50 -22.02 -10.52
CA TRP A 275 16.45 -21.52 -9.14
C TRP A 275 17.72 -20.73 -8.84
N ALA A 276 18.87 -21.27 -9.24
CA ALA A 276 20.15 -20.64 -8.98
C ALA A 276 20.31 -19.28 -9.61
N MET A 277 19.83 -19.13 -10.84
CA MET A 277 19.95 -17.87 -11.55
C MET A 277 19.01 -16.83 -10.95
N MET A 278 17.87 -17.30 -10.47
CA MET A 278 16.94 -16.37 -9.85
C MET A 278 17.45 -15.90 -8.49
N SER A 279 18.00 -16.82 -7.70
CA SER A 279 18.54 -16.50 -6.37
C SER A 279 19.70 -15.53 -6.48
N ILE A 280 20.60 -15.80 -7.41
CA ILE A 280 21.74 -14.94 -7.65
C ILE A 280 21.22 -13.54 -8.03
N GLY A 281 20.24 -13.51 -8.93
CA GLY A 281 19.67 -12.25 -9.37
C GLY A 281 19.06 -11.45 -8.23
N PHE A 282 18.41 -12.16 -7.31
CA PHE A 282 17.77 -11.54 -6.15
C PHE A 282 18.81 -11.02 -5.14
N LEU A 283 19.67 -11.91 -4.69
CA LEU A 283 20.71 -11.54 -3.74
C LEU A 283 21.60 -10.42 -4.25
N GLY A 284 21.75 -10.33 -5.57
CA GLY A 284 22.59 -9.31 -6.17
C GLY A 284 22.08 -7.89 -5.95
N PHE A 285 20.85 -7.74 -5.45
CA PHE A 285 20.26 -6.42 -5.18
C PHE A 285 20.41 -5.93 -3.73
N ILE A 286 20.73 -6.86 -2.84
CA ILE A 286 20.88 -6.56 -1.43
C ILE A 286 22.30 -6.68 -0.86
N VAL A 287 23.33 -6.48 -1.69
CA VAL A 287 24.71 -6.62 -1.25
C VAL A 287 25.70 -5.51 -1.64
N TRP A 288 25.19 -4.47 -2.27
CA TRP A 288 26.01 -3.39 -2.83
C TRP A 288 27.07 -2.71 -1.99
N ALA A 289 26.84 -2.61 -0.68
CA ALA A 289 27.80 -1.92 0.18
C ALA A 289 29.12 -2.64 0.43
N HIS A 290 29.30 -3.82 -0.17
CA HIS A 290 30.57 -4.52 -0.05
C HIS A 290 31.62 -3.79 -0.90
N HIS A 291 31.18 -2.72 -1.57
CA HIS A 291 32.03 -1.87 -2.41
C HIS A 291 32.36 -0.61 -1.62
N MET A 292 31.85 -0.56 -0.39
CA MET A 292 32.03 0.60 0.46
C MET A 292 32.48 0.23 1.87
N PHE A 293 33.18 -0.89 2.02
CA PHE A 293 33.63 -1.32 3.36
C PHE A 293 34.63 -0.39 4.08
N THR A 294 35.24 0.56 3.38
CA THR A 294 36.20 1.47 4.00
C THR A 294 35.70 2.93 4.13
N VAL A 295 34.48 3.21 3.67
CA VAL A 295 33.97 4.57 3.73
C VAL A 295 33.60 5.00 5.14
N GLY A 296 33.58 4.03 6.06
CA GLY A 296 33.24 4.30 7.45
C GLY A 296 31.82 3.98 7.86
N MET A 297 31.40 2.72 7.73
CA MET A 297 30.03 2.33 8.11
C MET A 297 29.97 1.58 9.42
N ASP A 298 28.80 1.63 10.07
CA ASP A 298 28.54 0.95 11.35
C ASP A 298 28.98 -0.50 11.22
N VAL A 299 29.49 -1.08 12.31
CA VAL A 299 29.96 -2.47 12.28
C VAL A 299 28.85 -3.48 11.98
N ASP A 300 27.64 -3.24 12.49
CA ASP A 300 26.51 -4.13 12.24
C ASP A 300 26.19 -4.18 10.75
N THR A 301 26.21 -3.01 10.12
CA THR A 301 25.95 -2.93 8.71
C THR A 301 26.99 -3.71 7.91
N ARG A 302 28.25 -3.56 8.30
CA ARG A 302 29.34 -4.26 7.63
C ARG A 302 29.25 -5.76 7.86
N ALA A 303 28.69 -6.17 8.99
CA ALA A 303 28.53 -7.58 9.32
C ALA A 303 27.43 -8.19 8.43
N TYR A 304 26.37 -7.42 8.20
CA TYR A 304 25.27 -7.86 7.37
C TYR A 304 25.76 -7.99 5.93
N PHE A 305 26.39 -6.95 5.40
CA PHE A 305 26.87 -7.03 4.02
C PHE A 305 27.90 -8.11 3.75
N THR A 306 28.64 -8.52 4.77
CA THR A 306 29.63 -9.57 4.61
C THR A 306 28.87 -10.90 4.45
N SER A 307 27.85 -11.07 5.28
CA SER A 307 27.02 -12.26 5.33
C SER A 307 26.18 -12.43 4.07
N ALA A 308 25.41 -11.41 3.72
CA ALA A 308 24.57 -11.45 2.52
C ALA A 308 25.41 -11.68 1.26
N THR A 309 26.60 -11.09 1.18
CA THR A 309 27.46 -11.28 0.03
C THR A 309 27.93 -12.73 -0.13
N MET A 310 28.31 -13.37 0.98
CA MET A 310 28.80 -14.75 0.95
C MET A 310 27.77 -15.78 0.51
N ILE A 311 26.52 -15.55 0.87
CA ILE A 311 25.44 -16.44 0.54
C ILE A 311 25.29 -16.73 -0.97
N ILE A 312 25.68 -15.78 -1.80
CA ILE A 312 25.62 -15.93 -3.24
C ILE A 312 26.44 -17.12 -3.74
N ALA A 313 27.39 -17.59 -2.92
CA ALA A 313 28.23 -18.74 -3.29
C ALA A 313 27.43 -20.05 -3.35
N ILE A 314 26.38 -20.15 -2.55
CA ILE A 314 25.54 -21.34 -2.54
C ILE A 314 24.88 -21.56 -3.92
N PRO A 315 23.99 -20.65 -4.34
CA PRO A 315 23.39 -20.88 -5.66
C PRO A 315 24.43 -20.95 -6.77
N THR A 316 25.52 -20.18 -6.66
CA THR A 316 26.57 -20.21 -7.69
C THR A 316 27.26 -21.57 -7.68
N GLY A 317 27.35 -22.17 -6.48
CA GLY A 317 27.94 -23.50 -6.35
C GLY A 317 27.12 -24.56 -7.07
N VAL A 318 25.79 -24.50 -6.89
CA VAL A 318 24.86 -25.41 -7.54
C VAL A 318 25.06 -25.40 -9.07
N LYS A 319 25.27 -24.23 -9.65
CA LYS A 319 25.50 -24.14 -11.09
C LYS A 319 26.82 -24.79 -11.51
N VAL A 320 27.88 -24.50 -10.77
CA VAL A 320 29.21 -25.04 -11.07
C VAL A 320 29.20 -26.55 -11.05
N PHE A 321 28.65 -27.09 -9.97
CA PHE A 321 28.61 -28.51 -9.83
C PHE A 321 27.68 -29.17 -10.85
N SER A 322 26.65 -28.45 -11.29
CA SER A 322 25.71 -28.96 -12.28
C SER A 322 26.36 -29.03 -13.66
N TRP A 323 27.28 -28.13 -13.95
CA TRP A 323 27.97 -28.19 -15.24
C TRP A 323 28.88 -29.38 -15.26
N LEU A 324 29.45 -29.67 -14.10
CA LEU A 324 30.35 -30.81 -13.96
C LEU A 324 29.53 -32.09 -14.11
N ALA A 325 28.34 -32.09 -13.50
CA ALA A 325 27.43 -33.21 -13.55
C ALA A 325 26.89 -33.40 -15.00
N THR A 326 26.93 -32.34 -15.80
CA THR A 326 26.49 -32.43 -17.18
C THR A 326 27.58 -33.09 -18.00
N LEU A 327 28.83 -32.84 -17.61
CA LEU A 327 29.99 -33.40 -18.27
C LEU A 327 30.07 -34.89 -17.97
N HIS A 328 29.65 -35.25 -16.77
CA HIS A 328 29.67 -36.63 -16.25
C HIS A 328 28.97 -37.66 -17.11
N GLY A 329 29.75 -38.61 -17.60
CA GLY A 329 29.21 -39.66 -18.42
C GLY A 329 28.93 -39.25 -19.86
N GLY A 330 29.40 -38.07 -20.26
CA GLY A 330 29.17 -37.62 -21.62
C GLY A 330 30.19 -38.17 -22.59
N ASN A 331 29.84 -38.11 -23.87
CA ASN A 331 30.75 -38.51 -24.92
C ASN A 331 31.34 -37.14 -25.26
N ILE A 332 32.43 -36.79 -24.58
CA ILE A 332 33.06 -35.49 -24.75
C ILE A 332 33.64 -35.18 -26.13
N LYS A 333 33.20 -34.07 -26.70
CA LYS A 333 33.69 -33.59 -28.01
C LYS A 333 34.64 -32.44 -27.63
N TRP A 334 35.95 -32.66 -27.83
CA TRP A 334 36.94 -31.66 -27.50
C TRP A 334 37.04 -30.54 -28.51
N SER A 335 35.93 -29.85 -28.70
CA SER A 335 35.85 -28.74 -29.64
C SER A 335 36.41 -27.47 -29.00
N PRO A 336 36.74 -26.46 -29.83
CA PRO A 336 37.26 -25.19 -29.35
C PRO A 336 36.28 -24.59 -28.32
N ALA A 337 34.98 -24.66 -28.62
CA ALA A 337 33.94 -24.14 -27.72
C ALA A 337 33.96 -24.85 -26.39
N MET A 338 34.07 -26.16 -26.41
CA MET A 338 34.10 -26.91 -25.17
C MET A 338 35.33 -26.46 -24.37
N MET A 339 36.43 -26.20 -25.05
CA MET A 339 37.63 -25.75 -24.35
C MET A 339 37.38 -24.40 -23.63
N TRP A 340 36.74 -23.44 -24.30
CA TRP A 340 36.46 -22.17 -23.66
C TRP A 340 35.56 -22.38 -22.47
N ALA A 341 34.61 -23.32 -22.59
CA ALA A 341 33.67 -23.56 -21.50
C ALA A 341 34.30 -24.25 -20.32
N LEU A 342 35.31 -25.08 -20.60
CA LEU A 342 35.98 -25.78 -19.50
C LEU A 342 36.87 -24.76 -18.76
N GLY A 343 37.55 -23.92 -19.52
CA GLY A 343 38.39 -22.89 -18.93
C GLY A 343 37.51 -21.94 -18.13
N PHE A 344 36.31 -21.68 -18.62
CA PHE A 344 35.35 -20.82 -17.95
C PHE A 344 35.01 -21.40 -16.58
N ILE A 345 34.59 -22.66 -16.56
CA ILE A 345 34.22 -23.27 -15.29
C ILE A 345 35.32 -23.14 -14.25
N PHE A 346 36.59 -23.34 -14.65
CA PHE A 346 37.69 -23.24 -13.70
C PHE A 346 38.06 -21.80 -13.29
N LEU A 347 38.40 -20.98 -14.29
CA LEU A 347 38.79 -19.62 -14.05
C LEU A 347 37.69 -18.81 -13.36
N PHE A 348 36.43 -19.05 -13.68
CA PHE A 348 35.36 -18.31 -13.01
C PHE A 348 35.30 -18.68 -11.51
N THR A 349 35.45 -19.96 -11.21
CA THR A 349 35.41 -20.44 -9.82
C THR A 349 36.48 -19.73 -8.99
N VAL A 350 37.69 -19.62 -9.54
CA VAL A 350 38.80 -18.93 -8.90
C VAL A 350 38.44 -17.47 -8.61
N GLY A 351 37.98 -16.74 -9.63
CA GLY A 351 37.59 -15.35 -9.47
C GLY A 351 36.43 -15.25 -8.50
N GLY A 352 35.57 -16.24 -8.49
CA GLY A 352 34.44 -16.19 -7.58
C GLY A 352 34.92 -16.38 -6.16
N LEU A 353 35.84 -17.32 -5.98
CA LEU A 353 36.38 -17.60 -4.66
C LEU A 353 37.15 -16.40 -4.07
N THR A 354 37.90 -15.66 -4.89
CA THR A 354 38.62 -14.48 -4.41
C THR A 354 37.59 -13.38 -4.12
N GLY A 355 36.44 -13.48 -4.79
CA GLY A 355 35.37 -12.53 -4.55
C GLY A 355 34.86 -12.80 -3.14
N ILE A 356 34.84 -14.07 -2.73
CA ILE A 356 34.41 -14.48 -1.38
C ILE A 356 35.42 -14.03 -0.31
N VAL A 357 36.70 -13.94 -0.67
CA VAL A 357 37.71 -13.47 0.28
C VAL A 357 37.39 -11.99 0.54
N LEU A 358 37.16 -11.24 -0.53
CA LEU A 358 36.85 -9.83 -0.48
C LEU A 358 35.55 -9.49 0.26
N ALA A 359 34.63 -10.45 0.36
CA ALA A 359 33.35 -10.21 1.03
C ALA A 359 33.52 -10.00 2.53
N ASN A 360 34.64 -10.45 3.07
CA ASN A 360 34.90 -10.27 4.49
C ASN A 360 35.40 -8.83 4.75
N SER A 361 34.52 -7.98 5.28
CA SER A 361 34.89 -6.58 5.55
C SER A 361 36.21 -6.42 6.28
N SER A 362 36.48 -7.30 7.25
CA SER A 362 37.73 -7.25 8.00
C SER A 362 38.93 -7.28 7.06
N LEU A 363 38.99 -8.30 6.21
CA LEU A 363 40.11 -8.43 5.27
C LEU A 363 40.04 -7.38 4.19
N ASP A 364 38.82 -7.00 3.83
CA ASP A 364 38.65 -6.03 2.77
C ASP A 364 39.31 -4.70 3.08
N ILE A 365 39.41 -4.35 4.37
CA ILE A 365 40.06 -3.11 4.77
C ILE A 365 41.43 -3.07 4.10
N VAL A 366 42.14 -4.18 4.19
CA VAL A 366 43.47 -4.25 3.63
C VAL A 366 43.48 -4.50 2.13
N LEU A 367 42.49 -5.24 1.62
CA LEU A 367 42.43 -5.55 0.18
C LEU A 367 41.79 -4.49 -0.69
N HIS A 368 40.88 -3.72 -0.12
CA HIS A 368 40.17 -2.68 -0.87
C HIS A 368 41.11 -1.75 -1.60
N ASP A 369 40.68 -1.31 -2.78
CA ASP A 369 41.46 -0.39 -3.61
C ASP A 369 42.91 -0.85 -3.87
N THR A 370 43.12 -2.17 -3.95
CA THR A 370 44.44 -2.71 -4.27
C THR A 370 44.24 -3.63 -5.45
N TYR A 371 45.34 -4.11 -6.01
CA TYR A 371 45.27 -5.00 -7.14
C TYR A 371 44.65 -6.37 -6.88
N TYR A 372 44.30 -6.66 -5.63
CA TYR A 372 43.69 -7.95 -5.32
C TYR A 372 42.29 -7.92 -5.93
N VAL A 373 41.65 -6.76 -5.86
CA VAL A 373 40.32 -6.56 -6.42
C VAL A 373 40.39 -6.65 -7.94
N VAL A 374 41.41 -6.04 -8.51
CA VAL A 374 41.62 -6.04 -9.94
C VAL A 374 41.78 -7.49 -10.41
N ALA A 375 42.44 -8.31 -9.60
CA ALA A 375 42.68 -9.71 -9.91
C ALA A 375 41.35 -10.48 -9.85
N HIS A 376 40.55 -10.20 -8.83
CA HIS A 376 39.24 -10.82 -8.67
C HIS A 376 38.38 -10.59 -9.89
N PHE A 377 38.10 -9.33 -10.17
CA PHE A 377 37.23 -9.06 -11.29
C PHE A 377 37.73 -9.35 -12.69
N HIS A 378 39.03 -9.53 -12.88
CA HIS A 378 39.51 -9.84 -14.23
C HIS A 378 39.42 -11.34 -14.47
N TYR A 379 39.39 -12.10 -13.39
CA TYR A 379 39.26 -13.53 -13.50
C TYR A 379 37.81 -13.79 -13.91
N VAL A 380 36.86 -13.14 -13.24
CA VAL A 380 35.46 -13.31 -13.58
C VAL A 380 35.05 -12.64 -14.88
N LEU A 381 35.69 -11.53 -15.25
CA LEU A 381 35.35 -10.83 -16.47
C LEU A 381 36.24 -11.12 -17.68
N SER A 382 37.55 -11.00 -17.51
CA SER A 382 38.45 -11.23 -18.61
C SER A 382 38.69 -12.71 -18.86
N MET A 383 38.23 -13.54 -17.94
CA MET A 383 38.35 -14.98 -18.07
C MET A 383 36.95 -15.55 -18.09
N GLY A 384 36.10 -15.18 -17.14
CA GLY A 384 34.74 -15.68 -17.13
C GLY A 384 33.91 -15.15 -18.28
N ALA A 385 33.47 -13.89 -18.21
CA ALA A 385 32.64 -13.29 -19.25
C ALA A 385 33.23 -13.43 -20.67
N VAL A 386 34.51 -13.13 -20.81
CA VAL A 386 35.15 -13.21 -22.11
C VAL A 386 35.18 -14.64 -22.63
N PHE A 387 35.49 -15.60 -21.77
CA PHE A 387 35.54 -17.01 -22.17
C PHE A 387 34.15 -17.50 -22.61
N ALA A 388 33.09 -17.04 -21.93
CA ALA A 388 31.73 -17.43 -22.33
C ALA A 388 31.41 -16.84 -23.70
N ILE A 389 31.85 -15.61 -23.94
CA ILE A 389 31.64 -14.93 -25.22
C ILE A 389 32.35 -15.66 -26.35
N MET A 390 33.60 -16.04 -26.12
CA MET A 390 34.40 -16.74 -27.12
C MET A 390 33.84 -18.13 -27.42
N GLY A 391 33.44 -18.85 -26.37
CA GLY A 391 32.87 -20.17 -26.53
C GLY A 391 31.58 -20.10 -27.33
N GLY A 392 30.75 -19.12 -26.96
CA GLY A 392 29.47 -18.93 -27.64
C GLY A 392 29.72 -18.51 -29.08
N PHE A 393 30.74 -17.69 -29.30
CA PHE A 393 31.06 -17.22 -30.64
C PHE A 393 31.45 -18.35 -31.56
N VAL A 394 32.46 -19.14 -31.16
CA VAL A 394 32.90 -20.26 -32.01
C VAL A 394 31.78 -21.30 -32.20
N HIS A 395 31.01 -21.53 -31.15
CA HIS A 395 29.94 -22.50 -31.20
C HIS A 395 28.87 -22.13 -32.24
N TRP A 396 28.41 -20.89 -32.15
CA TRP A 396 27.35 -20.42 -33.01
C TRP A 396 27.72 -19.69 -34.29
N PHE A 397 29.01 -19.47 -34.51
CA PHE A 397 29.42 -18.79 -35.73
C PHE A 397 28.86 -19.47 -37.00
N PRO A 398 28.93 -20.82 -37.07
CA PRO A 398 28.40 -21.51 -38.25
C PRO A 398 26.91 -21.25 -38.43
N LEU A 399 26.20 -21.12 -37.32
CA LEU A 399 24.77 -20.83 -37.36
C LEU A 399 24.50 -19.45 -37.92
N PHE A 400 25.27 -18.47 -37.46
CA PHE A 400 25.08 -17.11 -37.91
C PHE A 400 25.57 -16.88 -39.34
N SER A 401 26.72 -17.44 -39.68
CA SER A 401 27.32 -17.22 -40.98
C SER A 401 26.98 -18.21 -42.10
N GLY A 402 26.82 -19.49 -41.72
CA GLY A 402 26.60 -20.52 -42.70
C GLY A 402 27.93 -21.22 -42.97
N TYR A 403 29.05 -20.62 -42.52
CA TYR A 403 30.39 -21.19 -42.70
C TYR A 403 31.01 -21.73 -41.42
N THR A 404 32.04 -22.56 -41.59
CA THR A 404 32.73 -23.12 -40.44
C THR A 404 34.09 -22.48 -40.26
N LEU A 405 34.56 -22.54 -39.03
CA LEU A 405 35.87 -22.00 -38.70
C LEU A 405 36.84 -23.16 -38.84
N ASN A 406 38.11 -22.86 -38.90
CA ASN A 406 39.11 -23.90 -38.95
C ASN A 406 39.34 -24.25 -37.47
N ASP A 407 38.88 -25.43 -37.05
CA ASP A 407 38.99 -25.88 -35.66
C ASP A 407 40.37 -25.81 -35.03
N THR A 408 41.39 -26.18 -35.78
CA THR A 408 42.77 -26.16 -35.29
C THR A 408 43.20 -24.75 -34.93
N TRP A 409 42.92 -23.80 -35.82
CA TRP A 409 43.28 -22.43 -35.56
C TRP A 409 42.59 -21.93 -34.30
N ALA A 410 41.31 -22.27 -34.14
CA ALA A 410 40.56 -21.86 -32.97
C ALA A 410 41.12 -22.45 -31.68
N LYS A 411 41.68 -23.67 -31.75
CA LYS A 411 42.25 -24.30 -30.57
C LYS A 411 43.57 -23.58 -30.21
N ILE A 412 44.30 -23.15 -31.24
CA ILE A 412 45.56 -22.43 -31.07
C ILE A 412 45.25 -21.10 -30.37
N HIS A 413 44.25 -20.39 -30.86
CA HIS A 413 43.80 -19.14 -30.29
C HIS A 413 43.44 -19.29 -28.81
N PHE A 414 42.69 -20.33 -28.48
CA PHE A 414 42.32 -20.55 -27.08
C PHE A 414 43.57 -20.71 -26.21
N ALA A 415 44.51 -21.53 -26.65
CA ALA A 415 45.74 -21.76 -25.90
C ALA A 415 46.54 -20.48 -25.62
N ILE A 416 46.66 -19.63 -26.64
CA ILE A 416 47.39 -18.39 -26.49
C ILE A 416 46.71 -17.48 -25.49
N MET A 417 45.39 -17.30 -25.65
CA MET A 417 44.63 -16.45 -24.74
C MET A 417 44.69 -16.97 -23.31
N PHE A 418 44.62 -18.29 -23.15
CA PHE A 418 44.67 -18.92 -21.83
C PHE A 418 45.99 -18.55 -21.09
N VAL A 419 47.10 -18.68 -21.79
CA VAL A 419 48.40 -18.32 -21.20
C VAL A 419 48.40 -16.82 -20.92
N GLY A 420 48.01 -16.04 -21.92
CA GLY A 420 47.98 -14.60 -21.81
C GLY A 420 47.26 -14.05 -20.61
N VAL A 421 45.97 -14.36 -20.49
CA VAL A 421 45.20 -13.84 -19.37
C VAL A 421 45.66 -14.31 -17.99
N ASN A 422 46.20 -15.52 -17.93
CA ASN A 422 46.66 -16.01 -16.63
C ASN A 422 47.99 -15.38 -16.24
N MET A 423 48.84 -15.13 -17.23
CA MET A 423 50.10 -14.51 -16.94
C MET A 423 49.86 -13.04 -16.61
N THR A 424 48.82 -12.45 -17.16
CA THR A 424 48.49 -11.05 -16.89
C THR A 424 47.91 -10.85 -15.49
N PHE A 425 46.88 -11.61 -15.17
CA PHE A 425 46.18 -11.44 -13.90
C PHE A 425 46.59 -12.24 -12.68
N PHE A 426 47.17 -13.41 -12.86
CA PHE A 426 47.54 -14.16 -11.67
C PHE A 426 48.49 -13.41 -10.74
N PRO A 427 49.59 -12.85 -11.27
CA PRO A 427 50.54 -12.11 -10.44
C PRO A 427 49.92 -10.96 -9.66
N GLN A 428 48.80 -10.42 -10.17
CA GLN A 428 48.15 -9.30 -9.55
C GLN A 428 47.59 -9.58 -8.17
N HIS A 429 47.47 -10.87 -7.83
CA HIS A 429 46.98 -11.27 -6.50
C HIS A 429 48.11 -10.86 -5.52
N PHE A 430 49.36 -11.13 -5.93
CA PHE A 430 50.59 -10.83 -5.17
C PHE A 430 50.71 -9.31 -4.93
N LEU A 431 50.59 -8.55 -6.02
CA LEU A 431 50.66 -7.10 -5.96
C LEU A 431 49.58 -6.58 -5.01
N GLY A 432 48.46 -7.29 -4.97
CA GLY A 432 47.36 -6.89 -4.11
C GLY A 432 47.60 -7.14 -2.65
N LEU A 433 47.99 -8.36 -2.28
CA LEU A 433 48.26 -8.66 -0.89
C LEU A 433 49.39 -7.77 -0.37
N SER A 434 50.42 -7.54 -1.19
CA SER A 434 51.55 -6.73 -0.80
C SER A 434 51.28 -5.21 -0.84
N GLY A 435 50.01 -4.85 -1.06
CA GLY A 435 49.62 -3.43 -1.06
C GLY A 435 49.66 -2.48 -2.26
N MET A 436 49.83 -2.94 -3.50
CA MET A 436 49.84 -1.97 -4.60
C MET A 436 48.42 -1.44 -4.83
N PRO A 437 48.23 -0.12 -4.73
CA PRO A 437 46.90 0.43 -4.94
C PRO A 437 46.46 0.45 -6.39
N ARG A 438 45.16 0.57 -6.57
CA ARG A 438 44.56 0.64 -7.89
C ARG A 438 44.70 2.05 -8.40
N ARG A 439 44.64 2.18 -9.73
CA ARG A 439 44.68 3.47 -10.38
C ARG A 439 45.92 4.32 -10.23
N TYR A 440 47.05 3.61 -10.20
CA TYR A 440 48.39 4.19 -10.10
C TYR A 440 49.14 4.10 -11.42
N SER A 441 49.72 5.22 -11.88
CA SER A 441 50.50 5.23 -13.12
C SER A 441 51.94 4.74 -12.84
N ASP A 442 52.32 4.74 -11.57
CA ASP A 442 53.63 4.29 -11.18
C ASP A 442 53.51 3.69 -9.79
N TYR A 443 54.47 2.85 -9.45
CA TYR A 443 54.47 2.17 -8.16
C TYR A 443 55.87 2.12 -7.56
N PRO A 444 55.93 1.88 -6.26
CA PRO A 444 57.20 1.78 -5.53
C PRO A 444 58.00 0.65 -6.18
N ASP A 445 59.33 0.76 -6.15
CA ASP A 445 60.22 -0.23 -6.76
C ASP A 445 59.96 -1.69 -6.49
N ALA A 446 59.58 -2.04 -5.26
CA ALA A 446 59.36 -3.43 -4.89
C ALA A 446 58.33 -4.23 -5.73
N TYR A 447 57.41 -3.54 -6.38
CA TYR A 447 56.36 -4.17 -7.19
C TYR A 447 56.74 -4.37 -8.63
N THR A 448 58.00 -4.13 -8.95
CA THR A 448 58.45 -4.22 -10.31
C THR A 448 58.31 -5.56 -11.00
N MET A 449 58.71 -6.64 -10.35
CA MET A 449 58.64 -7.95 -10.99
C MET A 449 57.25 -8.38 -11.47
N TRP A 450 56.29 -8.43 -10.56
CA TRP A 450 54.95 -8.83 -10.90
C TRP A 450 54.30 -7.93 -11.95
N ASN A 451 54.58 -6.63 -11.90
CA ASN A 451 54.02 -5.71 -12.90
C ASN A 451 54.63 -5.95 -14.27
N THR A 452 55.88 -6.41 -14.30
CA THR A 452 56.58 -6.68 -15.53
C THR A 452 55.94 -7.92 -16.20
N ILE A 453 55.78 -8.98 -15.42
CA ILE A 453 55.19 -10.22 -15.89
C ILE A 453 53.75 -10.03 -16.38
N SER A 454 52.97 -9.31 -15.59
CA SER A 454 51.58 -9.02 -15.91
C SER A 454 51.45 -8.32 -17.28
N SER A 455 52.32 -7.35 -17.56
CA SER A 455 52.31 -6.62 -18.81
C SER A 455 52.73 -7.50 -19.99
N MET A 456 53.61 -8.45 -19.72
CA MET A 456 54.07 -9.38 -20.73
C MET A 456 52.88 -10.28 -21.08
N GLY A 457 52.18 -10.74 -20.04
CA GLY A 457 51.00 -11.57 -20.22
C GLY A 457 49.97 -10.87 -21.08
N SER A 458 49.83 -9.55 -20.90
CA SER A 458 48.87 -8.78 -21.67
C SER A 458 49.21 -8.69 -23.15
N PHE A 459 50.50 -8.79 -23.49
CA PHE A 459 50.94 -8.75 -24.89
C PHE A 459 50.60 -10.08 -25.59
N ILE A 460 50.66 -11.15 -24.82
CA ILE A 460 50.30 -12.48 -25.30
C ILE A 460 48.82 -12.44 -25.64
N SER A 461 48.01 -11.86 -24.75
CA SER A 461 46.58 -11.71 -24.99
C SER A 461 46.35 -10.92 -26.26
N LEU A 462 47.17 -9.90 -26.52
CA LEU A 462 47.06 -9.08 -27.75
C LEU A 462 47.27 -9.97 -28.98
N THR A 463 48.28 -10.83 -28.90
CA THR A 463 48.58 -11.74 -29.98
C THR A 463 47.35 -12.61 -30.30
N ALA A 464 46.70 -13.10 -29.25
CA ALA A 464 45.49 -13.90 -29.40
C ALA A 464 44.35 -13.08 -30.06
N VAL A 465 44.17 -11.84 -29.64
CA VAL A 465 43.14 -10.98 -30.21
C VAL A 465 43.34 -10.78 -31.73
N MET A 466 44.58 -10.53 -32.13
CA MET A 466 44.88 -10.32 -33.55
C MET A 466 44.67 -11.62 -34.32
N LEU A 467 45.09 -12.73 -33.74
CA LEU A 467 44.92 -14.00 -34.39
C LEU A 467 43.44 -14.25 -34.68
N MET A 468 42.59 -14.00 -33.69
CA MET A 468 41.16 -14.20 -33.82
C MET A 468 40.58 -13.45 -35.02
N VAL A 469 41.07 -12.24 -35.28
CA VAL A 469 40.57 -11.43 -36.40
C VAL A 469 40.87 -12.18 -37.70
N PHE A 470 42.08 -12.69 -37.77
CA PHE A 470 42.52 -13.44 -38.92
C PHE A 470 41.65 -14.70 -39.12
N ILE A 471 41.43 -15.45 -38.05
CA ILE A 471 40.63 -16.66 -38.08
C ILE A 471 39.25 -16.39 -38.64
N ILE A 472 38.66 -15.27 -38.27
CA ILE A 472 37.34 -14.92 -38.75
C ILE A 472 37.44 -14.63 -40.22
N TRP A 473 38.56 -14.04 -40.65
CA TRP A 473 38.70 -13.76 -42.07
C TRP A 473 38.83 -15.07 -42.84
N GLU A 474 39.64 -15.98 -42.32
CA GLU A 474 39.87 -17.26 -42.97
C GLU A 474 38.56 -17.99 -43.21
N ALA A 475 37.66 -17.94 -42.24
CA ALA A 475 36.38 -18.60 -42.35
C ALA A 475 35.59 -18.05 -43.54
N PHE A 476 35.49 -16.73 -43.59
CA PHE A 476 34.78 -16.03 -44.65
C PHE A 476 35.48 -16.13 -45.97
N ALA A 477 36.81 -16.22 -45.95
CA ALA A 477 37.62 -16.34 -47.17
C ALA A 477 37.58 -17.75 -47.82
N SER A 478 37.55 -18.81 -47.03
CA SER A 478 37.52 -20.17 -47.55
C SER A 478 36.09 -20.62 -47.95
N LYS A 479 35.10 -20.24 -47.15
CA LYS A 479 33.71 -20.55 -47.43
C LYS A 479 33.33 -22.03 -47.42
N ARG A 480 33.58 -22.67 -46.30
CA ARG A 480 33.22 -24.05 -46.10
C ARG A 480 31.79 -24.01 -45.59
N GLU A 481 30.82 -24.31 -46.45
CA GLU A 481 29.41 -24.27 -46.06
C GLU A 481 28.97 -25.43 -45.21
N VAL A 482 28.16 -25.11 -44.20
CA VAL A 482 27.66 -26.12 -43.28
C VAL A 482 26.70 -27.06 -43.99
N LEU A 483 26.75 -28.31 -43.58
CA LEU A 483 25.89 -29.32 -44.13
C LEU A 483 24.95 -29.86 -43.07
N THR A 484 25.55 -30.56 -42.12
CA THR A 484 24.85 -31.23 -41.02
C THR A 484 25.31 -30.75 -39.63
N VAL A 485 24.38 -30.71 -38.68
CA VAL A 485 24.68 -30.32 -37.32
C VAL A 485 24.03 -31.33 -36.42
N ASP A 486 24.76 -31.81 -35.44
CA ASP A 486 24.24 -32.79 -34.53
C ASP A 486 23.37 -32.23 -33.42
N LEU A 487 22.63 -33.11 -32.77
CA LEU A 487 21.78 -32.73 -31.64
C LEU A 487 20.72 -31.67 -31.86
N THR A 488 20.25 -31.49 -33.09
CA THR A 488 19.22 -30.50 -33.33
C THR A 488 17.90 -30.79 -32.59
N THR A 489 17.67 -32.01 -32.12
CA THR A 489 16.42 -32.29 -31.43
C THR A 489 16.31 -31.55 -30.10
N THR A 490 17.45 -31.08 -29.58
CA THR A 490 17.43 -30.34 -28.32
C THR A 490 18.21 -29.04 -28.45
N ASN A 491 18.24 -28.50 -29.66
CA ASN A 491 18.92 -27.25 -29.96
C ASN A 491 18.17 -26.62 -31.16
N LEU A 492 16.92 -26.26 -30.88
CA LEU A 492 16.02 -25.68 -31.87
C LEU A 492 16.56 -24.57 -32.76
N GLU A 493 17.51 -23.79 -32.23
CA GLU A 493 18.06 -22.66 -32.99
C GLU A 493 18.79 -23.09 -34.26
N TRP A 494 19.21 -24.35 -34.33
CA TRP A 494 19.93 -24.85 -35.51
C TRP A 494 19.01 -25.52 -36.54
N LEU A 495 17.76 -25.77 -36.14
CA LEU A 495 16.79 -26.47 -36.98
C LEU A 495 16.37 -25.86 -38.31
N ASN A 496 16.59 -24.56 -38.49
CA ASN A 496 16.19 -23.90 -39.73
C ASN A 496 17.36 -23.69 -40.68
N GLY A 497 18.45 -24.42 -40.46
CA GLY A 497 19.61 -24.27 -41.34
C GLY A 497 20.62 -23.19 -40.98
N CYS A 498 21.71 -23.13 -41.76
CA CYS A 498 22.80 -22.21 -41.54
C CYS A 498 23.19 -21.39 -42.77
N PRO A 499 22.87 -20.07 -42.80
CA PRO A 499 22.17 -19.36 -41.73
C PRO A 499 20.67 -19.53 -41.93
N PRO A 500 19.87 -19.33 -40.88
CA PRO A 500 18.44 -19.48 -41.06
C PRO A 500 17.90 -18.37 -41.98
N PRO A 501 16.75 -18.59 -42.63
CA PRO A 501 16.22 -17.55 -43.50
C PRO A 501 15.85 -16.26 -42.74
N TYR A 502 15.82 -15.14 -43.46
CA TYR A 502 15.46 -13.86 -42.89
C TYR A 502 14.27 -14.02 -41.98
N HIS A 503 13.24 -14.68 -42.49
CA HIS A 503 12.02 -14.95 -41.71
C HIS A 503 11.95 -16.41 -41.33
N THR A 504 11.93 -16.68 -40.04
CA THR A 504 11.83 -18.05 -39.54
C THR A 504 10.55 -18.09 -38.71
N PHE A 505 9.97 -19.27 -38.62
CA PHE A 505 8.74 -19.49 -37.87
C PHE A 505 7.51 -18.71 -38.37
N GLU A 506 7.44 -18.47 -39.69
CA GLU A 506 6.25 -17.81 -40.25
C GLU A 506 5.07 -18.75 -39.90
N GLU A 507 5.34 -20.05 -39.90
CA GLU A 507 4.35 -21.02 -39.46
C GLU A 507 4.96 -21.49 -38.14
N PRO A 508 4.29 -21.21 -37.02
CA PRO A 508 4.85 -21.62 -35.73
C PRO A 508 5.03 -23.12 -35.59
N THR A 509 5.82 -23.52 -34.59
CA THR A 509 6.05 -24.94 -34.33
C THR A 509 4.75 -25.55 -33.77
N TYR A 510 4.64 -26.88 -33.85
CA TYR A 510 3.45 -27.56 -33.31
C TYR A 510 3.88 -28.21 -31.99
N VAL A 511 3.15 -27.93 -30.92
CA VAL A 511 3.47 -28.52 -29.62
C VAL A 511 2.17 -28.93 -28.92
N ASN A 512 2.01 -30.23 -28.70
CA ASN A 512 0.83 -30.80 -28.03
C ASN A 512 0.85 -30.43 -26.60
N LEU A 513 -0.34 -30.24 -26.07
CA LEU A 513 -0.48 -29.92 -24.67
C LEU A 513 -0.63 -31.24 -23.92
N LYS A 514 -1.23 -32.21 -24.60
CA LYS A 514 -1.46 -33.55 -24.03
C LYS A 514 -2.51 -33.45 -22.90
N ALA B 2 56.69 -3.13 1.26
CA ALA B 2 56.79 -4.34 0.49
C ALA B 2 58.23 -4.49 0.02
N TYR B 3 58.66 -5.73 -0.13
CA TYR B 3 60.00 -6.05 -0.62
C TYR B 3 59.89 -6.69 -2.00
N PRO B 4 60.97 -6.67 -2.79
CA PRO B 4 60.95 -7.27 -4.12
C PRO B 4 60.44 -8.72 -4.08
N MET B 5 59.61 -9.06 -5.07
CA MET B 5 59.02 -10.40 -5.24
C MET B 5 58.14 -10.90 -4.12
N GLN B 6 57.50 -9.97 -3.41
CA GLN B 6 56.63 -10.37 -2.32
C GLN B 6 55.36 -11.09 -2.84
N LEU B 7 54.96 -12.15 -2.14
CA LEU B 7 53.78 -12.95 -2.49
C LEU B 7 52.57 -12.65 -1.62
N GLY B 8 52.79 -12.52 -0.32
CA GLY B 8 51.68 -12.26 0.57
C GLY B 8 51.67 -10.89 1.23
N PHE B 9 51.00 -10.81 2.37
CA PHE B 9 50.88 -9.57 3.16
C PHE B 9 52.21 -9.09 3.77
N GLN B 10 52.33 -7.77 3.94
CA GLN B 10 53.51 -7.14 4.59
C GLN B 10 53.44 -7.68 6.02
N ASP B 11 54.58 -7.89 6.70
CA ASP B 11 54.54 -8.44 8.08
C ASP B 11 53.70 -7.58 9.03
N ALA B 12 52.92 -8.26 9.86
CA ALA B 12 52.02 -7.60 10.81
C ALA B 12 52.77 -6.76 11.85
N THR B 13 52.34 -5.52 11.98
CA THR B 13 52.93 -4.59 12.92
C THR B 13 52.01 -4.33 14.11
N SER B 14 50.74 -4.68 13.98
CA SER B 14 49.79 -4.50 15.07
C SER B 14 49.17 -5.86 15.33
N PRO B 15 48.50 -6.03 16.50
CA PRO B 15 47.86 -7.30 16.83
C PRO B 15 46.74 -7.64 15.87
N ILE B 16 46.01 -6.62 15.44
CA ILE B 16 44.92 -6.80 14.48
C ILE B 16 45.43 -7.33 13.14
N MET B 17 46.46 -6.72 12.57
CA MET B 17 47.01 -7.19 11.31
C MET B 17 47.45 -8.67 11.43
N GLU B 18 47.96 -9.06 12.60
CA GLU B 18 48.39 -10.43 12.83
C GLU B 18 47.14 -11.31 12.71
N GLU B 19 46.09 -10.87 13.39
CA GLU B 19 44.81 -11.53 13.41
C GLU B 19 44.29 -11.81 11.97
N LEU B 20 44.48 -10.82 11.10
CA LEU B 20 44.06 -10.92 9.72
C LEU B 20 44.94 -11.86 8.93
N LEU B 21 46.24 -11.95 9.24
CA LEU B 21 47.11 -12.88 8.51
C LEU B 21 46.61 -14.31 8.72
N HIS B 22 46.29 -14.62 9.97
CA HIS B 22 45.81 -15.95 10.30
C HIS B 22 44.48 -16.23 9.65
N PHE B 23 43.58 -15.25 9.67
CA PHE B 23 42.29 -15.44 9.05
C PHE B 23 42.44 -15.60 7.54
N HIS B 24 43.37 -14.87 6.92
CA HIS B 24 43.60 -14.99 5.48
C HIS B 24 44.16 -16.37 5.16
N ASP B 25 45.04 -16.86 6.03
CA ASP B 25 45.62 -18.19 5.84
C ASP B 25 44.49 -19.23 5.77
N HIS B 26 43.59 -19.13 6.75
CA HIS B 26 42.43 -20.01 6.90
C HIS B 26 41.56 -19.99 5.64
N THR B 27 41.23 -18.78 5.18
CA THR B 27 40.41 -18.62 4.00
C THR B 27 41.10 -19.12 2.75
N LEU B 28 42.39 -18.80 2.60
CA LEU B 28 43.13 -19.22 1.42
C LEU B 28 43.22 -20.74 1.26
N MET B 29 43.20 -21.44 2.39
CA MET B 29 43.26 -22.89 2.35
C MET B 29 42.02 -23.43 1.65
N ILE B 30 40.87 -22.91 2.08
CA ILE B 30 39.54 -23.25 1.56
C ILE B 30 39.47 -22.93 0.09
N VAL B 31 39.96 -21.75 -0.27
CA VAL B 31 40.00 -21.33 -1.67
C VAL B 31 40.84 -22.32 -2.50
N PHE B 32 42.03 -22.67 -2.01
CA PHE B 32 42.89 -23.62 -2.71
C PHE B 32 42.18 -24.95 -2.87
N LEU B 33 41.66 -25.44 -1.77
CA LEU B 33 40.96 -26.72 -1.74
C LEU B 33 39.88 -26.79 -2.81
N ILE B 34 38.89 -25.90 -2.68
CA ILE B 34 37.78 -25.87 -3.59
C ILE B 34 38.17 -25.67 -5.03
N SER B 35 39.12 -24.79 -5.30
CA SER B 35 39.49 -24.59 -6.69
C SER B 35 40.26 -25.80 -7.27
N SER B 36 41.07 -26.44 -6.45
CA SER B 36 41.79 -27.61 -6.93
C SER B 36 40.82 -28.79 -7.02
N LEU B 37 39.85 -28.84 -6.11
CA LEU B 37 38.83 -29.87 -6.14
C LEU B 37 38.04 -29.77 -7.47
N VAL B 38 37.67 -28.55 -7.86
CA VAL B 38 36.92 -28.33 -9.09
C VAL B 38 37.76 -28.67 -10.32
N LEU B 39 39.04 -28.31 -10.27
CA LEU B 39 39.95 -28.58 -11.38
C LEU B 39 40.12 -30.09 -11.53
N TYR B 40 40.19 -30.75 -10.38
CA TYR B 40 40.34 -32.19 -10.32
C TYR B 40 39.13 -32.87 -10.95
N ILE B 41 37.96 -32.52 -10.45
CA ILE B 41 36.72 -33.08 -10.96
C ILE B 41 36.57 -32.86 -12.47
N ILE B 42 37.02 -31.70 -12.97
CA ILE B 42 36.94 -31.44 -14.39
C ILE B 42 37.73 -32.50 -15.16
N SER B 43 38.95 -32.74 -14.72
CA SER B 43 39.81 -33.70 -15.39
C SER B 43 39.27 -35.14 -15.23
N LEU B 44 38.58 -35.41 -14.14
CA LEU B 44 38.00 -36.71 -13.90
C LEU B 44 36.87 -36.98 -14.93
N MET B 45 35.98 -35.99 -15.12
CA MET B 45 34.87 -36.09 -16.07
C MET B 45 35.32 -36.27 -17.51
N LEU B 46 36.50 -35.76 -17.84
CA LEU B 46 37.05 -35.80 -19.21
C LEU B 46 38.06 -36.90 -19.52
N THR B 47 38.25 -37.82 -18.57
CA THR B 47 39.22 -38.90 -18.73
C THR B 47 38.73 -40.35 -18.78
N THR B 48 37.50 -40.55 -19.21
CA THR B 48 36.97 -41.90 -19.31
C THR B 48 36.14 -42.08 -20.58
N LYS B 49 36.24 -43.26 -21.18
CA LYS B 49 35.44 -43.53 -22.38
C LYS B 49 34.06 -44.04 -21.98
N LEU B 50 33.88 -44.39 -20.71
CA LEU B 50 32.60 -44.86 -20.20
C LEU B 50 31.60 -43.70 -20.33
N THR B 51 30.35 -44.01 -20.64
CA THR B 51 29.36 -42.96 -20.78
C THR B 51 28.06 -43.35 -20.11
N HIS B 52 27.24 -42.34 -19.83
CA HIS B 52 25.94 -42.50 -19.20
C HIS B 52 25.24 -41.22 -19.61
N THR B 53 24.51 -41.27 -20.73
CA THR B 53 23.82 -40.10 -21.25
C THR B 53 22.34 -40.03 -20.98
N SER B 54 21.79 -41.00 -20.25
CA SER B 54 20.36 -40.98 -19.95
C SER B 54 20.10 -39.97 -18.83
N THR B 55 18.83 -39.67 -18.56
CA THR B 55 18.47 -38.70 -17.50
C THR B 55 18.94 -39.11 -16.12
N MET B 56 19.69 -38.19 -15.50
CA MET B 56 20.24 -38.34 -14.16
C MET B 56 19.36 -37.55 -13.18
N ASP B 57 19.08 -38.13 -12.02
CA ASP B 57 18.26 -37.46 -11.01
C ASP B 57 19.09 -36.47 -10.16
N ALA B 58 18.55 -35.26 -9.97
CA ALA B 58 19.22 -34.18 -9.23
C ALA B 58 18.83 -33.95 -7.77
N GLN B 59 17.54 -34.10 -7.42
CA GLN B 59 17.11 -33.87 -6.04
C GLN B 59 17.65 -34.92 -5.05
N GLU B 60 18.95 -34.80 -4.75
CA GLU B 60 19.67 -35.69 -3.82
C GLU B 60 21.11 -35.21 -3.67
N VAL B 61 21.77 -34.99 -4.79
CA VAL B 61 23.13 -34.51 -4.81
C VAL B 61 23.14 -32.99 -4.59
N GLU B 62 22.00 -32.35 -4.87
CA GLU B 62 21.83 -30.91 -4.68
C GLU B 62 21.81 -30.58 -3.20
N THR B 63 21.51 -31.60 -2.39
CA THR B 63 21.49 -31.47 -0.93
C THR B 63 22.95 -31.38 -0.50
N ILE B 64 23.75 -32.29 -1.04
CA ILE B 64 25.17 -32.34 -0.72
C ILE B 64 25.76 -31.01 -1.06
N TRP B 65 25.73 -30.65 -2.35
CA TRP B 65 26.33 -29.40 -2.75
C TRP B 65 25.58 -28.10 -2.48
N THR B 66 24.82 -28.11 -1.39
CA THR B 66 24.09 -26.95 -0.91
C THR B 66 24.48 -26.87 0.57
N ILE B 67 24.39 -27.99 1.29
CA ILE B 67 24.75 -28.03 2.70
C ILE B 67 26.25 -27.88 2.93
N LEU B 68 27.07 -28.50 2.08
CA LEU B 68 28.51 -28.39 2.24
C LEU B 68 28.99 -26.97 2.09
N PRO B 69 28.66 -26.30 0.97
CA PRO B 69 29.09 -24.91 0.78
C PRO B 69 28.60 -24.01 1.90
N ALA B 70 27.39 -24.27 2.39
CA ALA B 70 26.81 -23.48 3.46
C ALA B 70 27.64 -23.62 4.73
N ILE B 71 28.11 -24.83 4.99
CA ILE B 71 28.93 -25.06 6.16
C ILE B 71 30.25 -24.33 6.01
N ILE B 72 30.90 -24.50 4.85
CA ILE B 72 32.16 -23.83 4.57
C ILE B 72 32.04 -22.32 4.74
N LEU B 73 30.93 -21.74 4.33
CA LEU B 73 30.74 -20.30 4.47
C LEU B 73 30.71 -19.92 5.93
N ILE B 74 30.03 -20.72 6.74
CA ILE B 74 29.95 -20.42 8.16
C ILE B 74 31.31 -20.55 8.84
N LEU B 75 32.15 -21.42 8.30
CA LEU B 75 33.49 -21.62 8.83
C LEU B 75 34.39 -20.44 8.47
N ILE B 76 33.96 -19.64 7.48
CA ILE B 76 34.71 -18.45 7.10
C ILE B 76 34.13 -17.24 7.84
N ALA B 77 32.81 -17.17 7.91
CA ALA B 77 32.11 -16.07 8.54
C ALA B 77 32.40 -15.88 10.02
N LEU B 78 32.44 -16.98 10.77
CA LEU B 78 32.69 -16.88 12.20
C LEU B 78 33.94 -16.12 12.59
N PRO B 79 35.12 -16.62 12.17
CA PRO B 79 36.36 -15.92 12.51
C PRO B 79 36.42 -14.52 11.88
N SER B 80 35.71 -14.36 10.76
CA SER B 80 35.66 -13.09 10.05
C SER B 80 34.91 -12.06 10.89
N LEU B 81 33.77 -12.48 11.43
CA LEU B 81 32.94 -11.61 12.24
C LEU B 81 33.55 -11.35 13.62
N ARG B 82 34.22 -12.36 14.17
CA ARG B 82 34.89 -12.20 15.45
C ARG B 82 35.94 -11.09 15.30
N ILE B 83 36.71 -11.13 14.22
CA ILE B 83 37.72 -10.10 13.98
C ILE B 83 37.09 -8.74 13.67
N LEU B 84 35.96 -8.74 12.97
CA LEU B 84 35.27 -7.49 12.64
C LEU B 84 34.87 -6.73 13.88
N TYR B 85 34.25 -7.44 14.82
CA TYR B 85 33.80 -6.86 16.08
C TYR B 85 34.95 -6.49 17.00
N MET B 86 36.07 -7.20 16.84
CA MET B 86 37.28 -6.94 17.60
C MET B 86 37.84 -5.58 17.19
N MET B 87 37.77 -5.29 15.89
CA MET B 87 38.24 -4.02 15.36
C MET B 87 37.33 -2.88 15.84
N ASP B 88 36.11 -3.22 16.28
CA ASP B 88 35.18 -2.20 16.74
C ASP B 88 35.16 -1.99 18.27
N GLU B 89 35.91 -2.81 18.98
CA GLU B 89 35.98 -2.73 20.43
C GLU B 89 36.38 -1.36 20.93
N ILE B 90 35.75 -0.94 22.02
CA ILE B 90 36.03 0.34 22.67
C ILE B 90 37.42 0.17 23.28
N ASN B 91 38.30 1.14 23.07
CA ASN B 91 39.65 1.00 23.61
C ASN B 91 40.21 2.13 24.45
N ASN B 92 39.68 3.34 24.31
CA ASN B 92 40.19 4.49 25.08
C ASN B 92 41.65 4.79 24.76
N PRO B 93 41.87 5.66 23.78
CA PRO B 93 43.16 6.11 23.27
C PRO B 93 43.86 7.11 24.22
N SER B 94 45.19 7.16 24.12
CA SER B 94 46.02 8.07 24.93
C SER B 94 46.27 9.34 24.16
N LEU B 95 46.07 9.27 22.85
CA LEU B 95 46.35 10.37 21.94
C LEU B 95 45.40 10.38 20.72
N THR B 96 45.08 11.57 20.22
CA THR B 96 44.24 11.70 19.04
C THR B 96 44.98 12.51 18.01
N VAL B 97 45.08 11.98 16.80
CA VAL B 97 45.75 12.66 15.71
C VAL B 97 44.79 12.70 14.51
N LYS B 98 44.73 13.84 13.82
CA LYS B 98 43.88 14.03 12.66
C LYS B 98 44.74 14.15 11.43
N THR B 99 44.23 13.69 10.30
CA THR B 99 44.91 13.81 9.03
C THR B 99 43.91 14.25 7.99
N MET B 100 44.30 15.25 7.20
CA MET B 100 43.44 15.77 6.16
C MET B 100 44.06 15.47 4.83
N GLY B 101 43.28 14.87 3.93
CA GLY B 101 43.79 14.57 2.61
C GLY B 101 43.69 15.83 1.77
N HIS B 102 44.66 16.03 0.88
CA HIS B 102 44.71 17.17 -0.01
C HIS B 102 45.29 16.70 -1.33
N GLN B 103 45.01 17.49 -2.35
CA GLN B 103 45.54 17.18 -3.69
C GLN B 103 46.89 17.95 -3.76
N TRP B 104 48.07 17.35 -3.60
CA TRP B 104 48.23 15.89 -3.34
C TRP B 104 49.30 15.69 -2.26
N TYR B 105 48.85 15.66 -1.01
CA TYR B 105 49.67 15.46 0.16
C TYR B 105 48.73 15.33 1.33
N TRP B 106 49.30 14.96 2.47
CA TRP B 106 48.51 14.80 3.69
C TRP B 106 48.97 15.86 4.67
N SER B 107 48.06 16.33 5.51
CA SER B 107 48.41 17.27 6.54
C SER B 107 48.02 16.58 7.85
N TYR B 108 48.78 16.82 8.91
CA TYR B 108 48.49 16.21 10.21
C TYR B 108 48.26 17.24 11.30
N GLU B 109 47.40 16.91 12.25
CA GLU B 109 47.08 17.81 13.35
C GLU B 109 47.05 17.05 14.67
N TYR B 110 47.94 17.42 15.58
CA TYR B 110 48.00 16.83 16.91
C TYR B 110 47.57 18.00 17.77
N THR B 111 46.28 18.08 18.08
CA THR B 111 45.78 19.22 18.85
C THR B 111 45.15 18.91 20.17
N ASP B 112 45.63 17.86 20.81
CA ASP B 112 45.11 17.49 22.12
C ASP B 112 45.43 18.58 23.15
N TYR B 113 46.68 19.04 23.14
CA TYR B 113 47.15 20.06 24.08
C TYR B 113 47.56 21.29 23.30
N GLU B 114 48.66 21.20 22.56
CA GLU B 114 49.13 22.32 21.75
C GLU B 114 48.49 22.28 20.36
N ASP B 115 48.62 23.35 19.59
CA ASP B 115 48.06 23.38 18.26
C ASP B 115 49.16 23.08 17.23
N LEU B 116 49.57 21.81 17.18
CA LEU B 116 50.59 21.35 16.24
C LEU B 116 50.01 20.79 14.95
N SER B 117 50.53 21.24 13.81
CA SER B 117 50.07 20.75 12.51
C SER B 117 51.11 21.00 11.42
N PHE B 118 51.16 20.12 10.42
CA PHE B 118 52.11 20.26 9.30
C PHE B 118 51.71 19.43 8.11
N ASP B 119 52.27 19.80 6.95
CA ASP B 119 52.03 19.12 5.70
C ASP B 119 53.05 18.01 5.53
N SER B 120 52.69 16.97 4.78
CA SER B 120 53.56 15.83 4.54
C SER B 120 53.56 15.55 3.06
N TYR B 121 54.68 15.85 2.40
CA TYR B 121 54.82 15.68 0.95
C TYR B 121 55.80 14.60 0.58
N MET B 122 55.56 13.96 -0.58
CA MET B 122 56.44 12.92 -1.07
C MET B 122 57.77 13.55 -1.47
N ILE B 123 58.87 12.86 -1.17
CA ILE B 123 60.22 13.31 -1.57
C ILE B 123 60.39 13.00 -3.06
N PRO B 124 60.59 14.04 -3.90
CA PRO B 124 60.79 13.86 -5.35
C PRO B 124 61.89 12.84 -5.60
N THR B 125 61.75 12.08 -6.67
CA THR B 125 62.75 11.07 -6.97
C THR B 125 64.12 11.69 -7.11
N SER B 126 64.20 12.85 -7.75
CA SER B 126 65.50 13.50 -7.93
C SER B 126 66.13 14.04 -6.64
N GLU B 127 65.32 14.23 -5.60
CA GLU B 127 65.81 14.75 -4.33
C GLU B 127 65.98 13.67 -3.27
N LEU B 128 65.94 12.40 -3.67
CA LEU B 128 66.07 11.31 -2.69
C LEU B 128 67.52 11.18 -2.22
N LYS B 129 67.69 10.88 -0.94
CA LYS B 129 69.01 10.69 -0.36
C LYS B 129 69.31 9.21 -0.56
N PRO B 130 70.58 8.84 -0.76
CA PRO B 130 71.00 7.43 -0.95
C PRO B 130 70.35 6.41 -0.02
N GLY B 131 69.72 5.39 -0.59
CA GLY B 131 69.09 4.38 0.24
C GLY B 131 67.62 4.60 0.50
N GLU B 132 67.12 5.78 0.13
CA GLU B 132 65.72 6.10 0.30
C GLU B 132 64.84 5.54 -0.81
N LEU B 133 63.62 5.18 -0.43
CA LEU B 133 62.64 4.55 -1.31
C LEU B 133 61.88 5.45 -2.25
N ARG B 134 62.00 5.16 -3.54
CA ARG B 134 61.31 5.95 -4.58
C ARG B 134 59.82 5.86 -4.43
N LEU B 135 59.18 7.03 -4.47
CA LEU B 135 57.72 7.20 -4.34
C LEU B 135 57.14 7.06 -2.94
N LEU B 136 57.98 6.63 -2.00
CA LEU B 136 57.54 6.37 -0.62
C LEU B 136 57.95 7.32 0.51
N GLU B 137 59.05 8.01 0.34
CA GLU B 137 59.52 8.91 1.40
C GLU B 137 58.76 10.23 1.41
N VAL B 138 58.56 10.77 2.62
CA VAL B 138 57.92 12.08 2.78
C VAL B 138 58.87 13.01 3.55
N ASP B 139 58.75 14.31 3.32
CA ASP B 139 59.58 15.26 4.03
C ASP B 139 59.32 15.24 5.56
N ASN B 140 58.05 15.31 5.97
CA ASN B 140 57.67 15.32 7.38
C ASN B 140 56.92 14.05 7.72
N ARG B 141 57.49 13.21 8.58
CA ARG B 141 56.85 11.98 8.98
C ARG B 141 55.85 12.14 10.12
N VAL B 142 54.99 11.14 10.28
CA VAL B 142 53.98 11.15 11.32
C VAL B 142 54.58 10.43 12.50
N VAL B 143 55.23 11.21 13.36
CA VAL B 143 55.86 10.65 14.56
C VAL B 143 54.75 10.27 15.56
N LEU B 144 54.81 9.06 16.07
CA LEU B 144 53.81 8.61 17.00
C LEU B 144 54.47 7.72 18.01
N PRO B 145 53.88 7.63 19.21
CA PRO B 145 54.46 6.78 20.24
C PRO B 145 54.09 5.29 20.03
N MET B 146 55.09 4.42 20.07
CA MET B 146 54.91 3.00 19.91
C MET B 146 54.20 2.42 21.12
N GLU B 147 53.62 1.23 20.96
CA GLU B 147 52.92 0.51 22.03
C GLU B 147 51.83 1.29 22.76
N MET B 148 51.19 2.22 22.06
CA MET B 148 50.10 3.01 22.63
C MET B 148 48.88 3.05 21.70
N THR B 149 47.70 3.10 22.32
CA THR B 149 46.45 3.16 21.57
C THR B 149 46.16 4.59 21.07
N ILE B 150 46.32 4.82 19.77
CA ILE B 150 46.09 6.13 19.19
C ILE B 150 44.79 6.18 18.38
N ARG B 151 44.08 7.30 18.46
CA ARG B 151 42.86 7.46 17.70
C ARG B 151 43.20 8.33 16.49
N MET B 152 43.02 7.77 15.29
CA MET B 152 43.29 8.52 14.06
C MET B 152 41.98 8.99 13.44
N LEU B 153 41.89 10.29 13.16
CA LEU B 153 40.70 10.86 12.55
C LEU B 153 41.10 11.24 11.14
N VAL B 154 40.27 10.86 10.15
CA VAL B 154 40.55 11.11 8.75
C VAL B 154 39.44 11.85 8.05
N SER B 155 39.85 12.80 7.22
CA SER B 155 38.96 13.58 6.40
C SER B 155 39.77 14.15 5.25
N SER B 156 39.13 15.00 4.47
CA SER B 156 39.76 15.59 3.30
C SER B 156 39.28 17.00 3.16
N GLU B 157 40.07 17.80 2.48
CA GLU B 157 39.68 19.18 2.26
C GLU B 157 39.36 19.45 0.79
N ASP B 158 39.37 18.42 -0.03
CA ASP B 158 39.00 18.57 -1.43
C ASP B 158 38.29 17.33 -1.97
N VAL B 159 38.95 16.51 -2.78
CA VAL B 159 38.33 15.33 -3.34
C VAL B 159 38.49 14.18 -2.36
N LEU B 160 38.10 12.98 -2.76
CA LEU B 160 38.27 11.84 -1.88
C LEU B 160 39.73 11.35 -1.92
N HIS B 161 40.18 10.85 -0.78
CA HIS B 161 41.51 10.27 -0.64
C HIS B 161 41.21 9.12 0.32
N SER B 162 42.22 8.30 0.58
CA SER B 162 42.02 7.23 1.54
C SER B 162 43.37 7.00 2.19
N TRP B 163 43.37 7.02 3.52
CA TRP B 163 44.57 6.88 4.33
C TRP B 163 44.85 5.43 4.66
N ALA B 164 45.97 4.91 4.17
CA ALA B 164 46.27 3.51 4.38
C ALA B 164 47.67 3.23 4.85
N VAL B 165 47.79 2.22 5.70
CA VAL B 165 49.07 1.74 6.19
C VAL B 165 48.87 0.24 6.32
N PRO B 166 49.22 -0.50 5.27
CA PRO B 166 49.08 -1.97 5.21
C PRO B 166 49.65 -2.77 6.39
N SER B 167 50.87 -2.46 6.82
CA SER B 167 51.54 -3.17 7.92
C SER B 167 50.74 -3.14 9.23
N LEU B 168 49.85 -2.16 9.36
CA LEU B 168 49.01 -2.02 10.54
C LEU B 168 47.56 -2.46 10.29
N GLY B 169 47.26 -2.77 9.03
CA GLY B 169 45.93 -3.21 8.63
C GLY B 169 44.95 -2.07 8.65
N LEU B 170 45.39 -0.92 8.13
CA LEU B 170 44.57 0.27 8.11
C LEU B 170 44.31 0.84 6.74
N LYS B 171 43.08 1.32 6.57
CA LYS B 171 42.63 1.99 5.36
C LYS B 171 41.29 2.62 5.70
N THR B 172 41.31 3.96 5.77
CA THR B 172 40.15 4.75 6.11
C THR B 172 40.01 5.85 5.07
N ASP B 173 38.87 5.91 4.39
CA ASP B 173 38.69 6.93 3.38
C ASP B 173 38.65 8.35 3.95
N ALA B 174 39.19 9.29 3.19
CA ALA B 174 39.23 10.70 3.56
C ALA B 174 38.15 11.37 2.73
N ILE B 175 37.02 11.64 3.36
CA ILE B 175 35.87 12.25 2.70
C ILE B 175 35.63 13.68 3.21
N PRO B 176 35.56 14.68 2.32
CA PRO B 176 35.33 16.05 2.79
C PRO B 176 34.01 16.17 3.50
N GLY B 177 34.00 16.91 4.59
CA GLY B 177 32.77 17.09 5.35
C GLY B 177 32.51 15.93 6.29
N ARG B 178 33.38 14.94 6.31
CA ARG B 178 33.20 13.79 7.19
C ARG B 178 34.47 13.52 8.00
N LEU B 179 34.28 13.01 9.21
CA LEU B 179 35.38 12.70 10.12
C LEU B 179 35.40 11.21 10.47
N ASN B 180 36.20 10.43 9.75
CA ASN B 180 36.28 8.98 9.97
C ASN B 180 37.31 8.60 11.00
N GLN B 181 36.93 7.68 11.88
CA GLN B 181 37.79 7.21 12.94
C GLN B 181 38.32 5.80 12.74
N THR B 182 39.49 5.55 13.31
CA THR B 182 40.14 4.25 13.28
C THR B 182 41.21 4.28 14.38
N THR B 183 41.55 3.13 14.96
CA THR B 183 42.55 3.09 16.00
C THR B 183 43.85 2.47 15.53
N LEU B 184 44.94 3.06 15.96
CA LEU B 184 46.29 2.64 15.57
C LEU B 184 47.09 2.23 16.82
N MET B 185 47.81 1.12 16.73
CA MET B 185 48.59 0.64 17.85
C MET B 185 49.71 -0.23 17.30
N SER B 186 50.90 0.35 17.23
CA SER B 186 52.05 -0.38 16.73
C SER B 186 52.73 -1.12 17.83
N SER B 187 53.00 -2.40 17.60
CA SER B 187 53.68 -3.23 18.56
C SER B 187 55.18 -3.00 18.53
N ARG B 188 55.67 -2.29 17.53
CA ARG B 188 57.11 -2.08 17.45
C ARG B 188 57.49 -0.69 16.97
N PRO B 189 58.74 -0.27 17.25
CA PRO B 189 59.14 1.05 16.78
C PRO B 189 59.55 0.87 15.32
N GLY B 190 59.65 1.97 14.58
CA GLY B 190 60.09 1.84 13.21
C GLY B 190 59.40 2.79 12.27
N LEU B 191 59.61 2.54 10.98
CA LEU B 191 59.03 3.34 9.91
C LEU B 191 58.03 2.47 9.16
N TYR B 192 56.77 2.92 9.07
CA TYR B 192 55.72 2.15 8.41
C TYR B 192 55.07 2.92 7.31
N TYR B 193 55.09 2.34 6.12
CA TYR B 193 54.57 3.00 4.92
C TYR B 193 53.16 2.64 4.37
N GLY B 194 52.60 3.59 3.61
CA GLY B 194 51.29 3.48 2.97
C GLY B 194 51.13 4.50 1.85
N GLN B 195 50.10 4.34 1.02
CA GLN B 195 49.86 5.26 -0.10
C GLN B 195 48.41 5.65 -0.24
N CYS B 196 48.15 6.83 -0.81
CA CYS B 196 46.76 7.29 -0.97
C CYS B 196 45.98 6.22 -1.71
N SER B 197 44.92 5.75 -1.05
CA SER B 197 44.09 4.67 -1.59
C SER B 197 42.70 4.98 -2.19
N GLU B 198 42.59 6.15 -2.82
CA GLU B 198 41.38 6.56 -3.51
C GLU B 198 41.81 7.56 -4.56
N ILE B 199 41.45 7.24 -5.81
CA ILE B 199 41.78 8.08 -6.95
C ILE B 199 41.39 9.53 -6.64
N CYS B 200 42.38 10.41 -6.80
CA CYS B 200 42.20 11.80 -6.45
C CYS B 200 42.82 12.77 -7.43
N GLY B 201 43.10 12.31 -8.63
CA GLY B 201 43.62 13.20 -9.65
C GLY B 201 45.03 12.96 -10.06
N SER B 202 45.60 13.96 -10.72
CA SER B 202 46.96 13.95 -11.26
C SER B 202 48.08 13.29 -10.48
N ASN B 203 48.10 13.44 -9.15
CA ASN B 203 49.17 12.84 -8.36
C ASN B 203 48.74 11.90 -7.24
N HIS B 204 47.67 11.16 -7.53
CA HIS B 204 47.11 10.14 -6.66
C HIS B 204 48.21 9.12 -6.28
N SER B 205 49.09 8.81 -7.23
CA SER B 205 50.20 7.85 -7.07
C SER B 205 51.36 8.38 -6.21
N PHE B 206 51.36 9.69 -5.99
CA PHE B 206 52.48 10.32 -5.28
C PHE B 206 52.19 11.12 -4.02
N MET B 207 51.49 10.53 -3.08
CA MET B 207 51.20 11.20 -1.83
C MET B 207 51.16 10.15 -0.75
N PRO B 208 52.33 9.57 -0.47
CA PRO B 208 52.49 8.52 0.52
C PRO B 208 52.33 8.98 1.96
N ILE B 209 52.26 7.99 2.84
CA ILE B 209 52.05 8.16 4.27
C ILE B 209 53.18 7.42 4.92
N VAL B 210 53.94 8.09 5.80
CA VAL B 210 55.05 7.43 6.51
C VAL B 210 54.88 7.67 8.00
N LEU B 211 54.77 6.59 8.76
CA LEU B 211 54.63 6.68 10.20
C LEU B 211 55.97 6.35 10.85
N GLU B 212 56.36 7.14 11.86
CA GLU B 212 57.61 6.92 12.60
C GLU B 212 57.23 6.61 14.05
N LEU B 213 57.38 5.35 14.43
CA LEU B 213 57.03 4.89 15.77
C LEU B 213 58.24 4.87 16.70
N VAL B 214 58.15 5.69 17.74
CA VAL B 214 59.24 5.83 18.71
C VAL B 214 58.67 5.78 20.10
N PRO B 215 59.54 5.64 21.12
CA PRO B 215 59.13 5.58 22.53
C PRO B 215 58.40 6.86 22.90
N LEU B 216 57.43 6.75 23.80
CA LEU B 216 56.68 7.92 24.21
C LEU B 216 57.56 9.13 24.50
N LYS B 217 58.64 8.93 25.26
CA LYS B 217 59.52 10.04 25.60
C LYS B 217 60.07 10.81 24.41
N TYR B 218 60.48 10.11 23.36
CA TYR B 218 60.99 10.79 22.18
C TYR B 218 59.85 11.47 21.42
N PHE B 219 58.65 10.89 21.54
CA PHE B 219 57.50 11.48 20.89
C PHE B 219 57.22 12.83 21.50
N GLU B 220 57.28 12.91 22.82
CA GLU B 220 57.03 14.20 23.50
C GLU B 220 58.00 15.30 23.11
N LYS B 221 59.31 15.02 23.17
CA LYS B 221 60.29 16.05 22.81
C LYS B 221 60.09 16.42 21.36
N TRP B 222 59.72 15.43 20.53
CA TRP B 222 59.46 15.71 19.12
C TRP B 222 58.30 16.69 19.00
N SER B 223 57.22 16.43 19.74
CA SER B 223 56.07 17.32 19.71
C SER B 223 56.49 18.73 20.08
N ALA B 224 57.19 18.89 21.21
CA ALA B 224 57.65 20.19 21.66
C ALA B 224 58.42 20.92 20.57
N SER B 225 59.44 20.25 20.00
CA SER B 225 60.27 20.86 18.96
C SER B 225 59.51 21.22 17.69
N MET B 226 58.39 20.57 17.49
CA MET B 226 57.59 20.80 16.28
C MET B 226 56.58 21.94 16.35
N LEU B 227 56.51 22.61 17.49
CA LEU B 227 55.56 23.71 17.68
C LEU B 227 55.79 24.93 16.82
N HIS C 3 2.72 -16.55 -46.56
CA HIS C 3 1.79 -16.08 -45.47
C HIS C 3 2.24 -16.61 -44.09
N GLN C 4 1.92 -15.87 -43.03
CA GLN C 4 2.27 -16.26 -41.66
C GLN C 4 1.06 -16.94 -41.04
N THR C 5 1.26 -17.95 -40.21
CA THR C 5 0.13 -18.58 -39.54
C THR C 5 0.17 -18.36 -38.03
N HIS C 6 0.84 -17.28 -37.59
CA HIS C 6 0.91 -16.89 -36.18
C HIS C 6 0.22 -15.52 -36.08
N ALA C 7 -0.10 -15.09 -34.87
CA ALA C 7 -0.79 -13.82 -34.68
C ALA C 7 0.11 -12.62 -34.43
N TYR C 8 1.42 -12.79 -34.57
CA TYR C 8 2.29 -11.67 -34.28
C TYR C 8 2.58 -10.71 -35.40
N HIS C 9 2.96 -9.51 -35.00
CA HIS C 9 3.23 -8.42 -35.91
C HIS C 9 4.65 -8.27 -36.44
N MET C 10 4.79 -8.34 -37.76
CA MET C 10 6.10 -8.17 -38.39
C MET C 10 6.05 -6.75 -38.93
N VAL C 11 6.76 -5.86 -38.25
CA VAL C 11 6.79 -4.44 -38.58
C VAL C 11 7.64 -4.10 -39.79
N ASN C 12 7.09 -3.23 -40.66
CA ASN C 12 7.80 -2.79 -41.86
C ASN C 12 9.06 -2.05 -41.43
N PRO C 13 10.15 -2.22 -42.17
CA PRO C 13 11.39 -1.51 -41.82
C PRO C 13 11.05 -0.04 -41.60
N SER C 14 11.53 0.50 -40.48
CA SER C 14 11.24 1.88 -40.13
C SER C 14 12.49 2.71 -39.85
N PRO C 15 12.47 3.99 -40.23
CA PRO C 15 13.60 4.90 -40.01
C PRO C 15 13.54 5.63 -38.65
N TRP C 16 12.40 5.51 -37.96
CA TRP C 16 12.18 6.16 -36.69
C TRP C 16 13.19 5.81 -35.60
N PRO C 17 13.56 4.53 -35.51
CA PRO C 17 14.55 4.16 -34.51
C PRO C 17 15.86 4.92 -34.72
N LEU C 18 16.28 5.09 -35.97
CA LEU C 18 17.53 5.81 -36.23
C LEU C 18 17.39 7.30 -35.90
N THR C 19 16.32 7.91 -36.40
CA THR C 19 16.12 9.32 -36.16
C THR C 19 15.99 9.58 -34.66
N GLY C 20 15.35 8.66 -33.96
CA GLY C 20 15.19 8.79 -32.52
C GLY C 20 16.56 8.71 -31.84
N ALA C 21 17.39 7.78 -32.29
CA ALA C 21 18.72 7.62 -31.73
C ALA C 21 19.54 8.87 -31.96
N LEU C 22 19.50 9.38 -33.18
CA LEU C 22 20.25 10.59 -33.52
C LEU C 22 19.72 11.79 -32.77
N SER C 23 18.41 11.86 -32.57
CA SER C 23 17.83 12.98 -31.86
C SER C 23 18.36 12.98 -30.41
N ALA C 24 18.58 11.77 -29.88
CA ALA C 24 19.11 11.54 -28.54
C ALA C 24 20.53 12.09 -28.48
N LEU C 25 21.30 11.86 -29.54
CA LEU C 25 22.67 12.36 -29.64
C LEU C 25 22.68 13.88 -29.73
N LEU C 26 21.74 14.44 -30.48
CA LEU C 26 21.64 15.87 -30.64
C LEU C 26 21.26 16.56 -29.35
N MET C 27 20.37 15.97 -28.57
CA MET C 27 19.95 16.57 -27.32
C MET C 27 21.03 16.55 -26.23
N THR C 28 21.73 15.44 -26.11
CA THR C 28 22.78 15.30 -25.11
C THR C 28 23.97 16.20 -25.48
N SER C 29 24.36 16.19 -26.76
CA SER C 29 25.44 17.04 -27.28
C SER C 29 24.94 18.46 -27.09
N GLY C 30 23.66 18.66 -27.38
CA GLY C 30 23.05 19.97 -27.26
C GLY C 30 23.14 20.55 -25.87
N LEU C 31 22.84 19.74 -24.86
CA LEU C 31 22.89 20.15 -23.45
C LEU C 31 24.31 20.50 -23.07
N THR C 32 25.25 19.72 -23.58
CA THR C 32 26.65 19.95 -23.33
C THR C 32 27.06 21.29 -23.93
N MET C 33 26.66 21.53 -25.16
CA MET C 33 26.97 22.76 -25.85
C MET C 33 26.34 23.92 -25.08
N TRP C 34 25.15 23.70 -24.55
CA TRP C 34 24.43 24.70 -23.79
C TRP C 34 25.16 25.02 -22.48
N PHE C 35 25.41 23.98 -21.69
CA PHE C 35 26.09 24.07 -20.40
C PHE C 35 27.52 24.59 -20.43
N HIS C 36 28.25 24.37 -21.53
CA HIS C 36 29.66 24.74 -21.61
C HIS C 36 30.09 25.68 -22.70
N PHE C 37 29.38 25.69 -23.81
CA PHE C 37 29.83 26.54 -24.89
C PHE C 37 28.76 27.54 -25.24
N ASN C 38 27.91 27.80 -24.25
CA ASN C 38 26.81 28.73 -24.35
C ASN C 38 26.12 28.82 -25.73
N SER C 39 25.50 27.73 -26.16
CA SER C 39 24.78 27.65 -27.43
C SER C 39 23.64 26.64 -27.36
N MET C 40 22.48 27.02 -27.85
CA MET C 40 21.35 26.13 -27.80
C MET C 40 20.95 25.52 -29.12
N THR C 41 21.69 25.86 -30.16
CA THR C 41 21.44 25.36 -31.49
C THR C 41 21.27 23.84 -31.54
N LEU C 42 22.30 23.11 -31.15
CA LEU C 42 22.23 21.66 -31.14
C LEU C 42 21.03 21.17 -30.35
N LEU C 43 20.86 21.69 -29.14
CA LEU C 43 19.75 21.29 -28.30
C LEU C 43 18.40 21.50 -28.98
N MET C 44 18.30 22.60 -29.72
CA MET C 44 17.08 22.97 -30.44
C MET C 44 16.73 21.96 -31.49
N ILE C 45 17.72 21.61 -32.30
CA ILE C 45 17.56 20.65 -33.36
C ILE C 45 17.23 19.29 -32.77
N GLY C 46 17.94 18.90 -31.71
CA GLY C 46 17.70 17.63 -31.07
C GLY C 46 16.26 17.48 -30.60
N LEU C 47 15.77 18.48 -29.89
CA LEU C 47 14.40 18.47 -29.41
C LEU C 47 13.43 18.35 -30.55
N THR C 48 13.70 19.07 -31.62
CA THR C 48 12.85 19.07 -32.82
C THR C 48 12.73 17.71 -33.51
N THR C 49 13.86 17.08 -33.82
CA THR C 49 13.89 15.78 -34.46
C THR C 49 13.26 14.75 -33.53
N ASN C 50 13.40 14.98 -32.24
CA ASN C 50 12.84 14.06 -31.30
C ASN C 50 11.32 14.11 -31.32
N MET C 51 10.75 15.32 -31.34
CA MET C 51 9.29 15.50 -31.41
C MET C 51 8.79 14.87 -32.72
N LEU C 52 9.52 15.15 -33.82
CA LEU C 52 9.21 14.61 -35.15
C LEU C 52 9.22 13.09 -35.13
N THR C 53 10.27 12.51 -34.52
CA THR C 53 10.40 11.06 -34.41
C THR C 53 9.25 10.44 -33.64
N MET C 54 8.99 10.95 -32.45
CA MET C 54 7.90 10.47 -31.60
C MET C 54 6.58 10.55 -32.33
N TYR C 55 6.29 11.71 -32.94
CA TYR C 55 5.02 11.90 -33.67
C TYR C 55 4.80 10.86 -34.76
N GLN C 56 5.78 10.72 -35.64
CA GLN C 56 5.67 9.77 -36.74
C GLN C 56 5.65 8.33 -36.31
N TRP C 57 6.45 8.00 -35.32
CA TRP C 57 6.55 6.63 -34.80
C TRP C 57 5.21 6.20 -34.23
N TRP C 58 4.65 7.01 -33.34
CA TRP C 58 3.35 6.68 -32.78
C TRP C 58 2.20 6.77 -33.82
N ARG C 59 2.38 7.62 -34.82
CA ARG C 59 1.41 7.78 -35.89
C ARG C 59 1.29 6.41 -36.57
N ASP C 60 2.44 5.86 -36.94
CA ASP C 60 2.49 4.56 -37.58
C ASP C 60 1.89 3.50 -36.70
N VAL C 61 2.08 3.60 -35.39
CA VAL C 61 1.51 2.57 -34.50
C VAL C 61 0.00 2.64 -34.57
N ILE C 62 -0.53 3.84 -34.76
CA ILE C 62 -1.96 4.02 -34.87
C ILE C 62 -2.41 3.47 -36.24
N ARG C 63 -1.58 3.69 -37.27
CA ARG C 63 -1.84 3.21 -38.63
C ARG C 63 -1.89 1.69 -38.64
N GLU C 64 -0.93 1.08 -37.98
CA GLU C 64 -0.81 -0.38 -37.91
C GLU C 64 -1.91 -1.06 -37.10
N SER C 65 -2.50 -0.33 -36.18
CA SER C 65 -3.53 -0.90 -35.32
C SER C 65 -4.97 -0.57 -35.73
N THR C 66 -5.34 0.70 -35.63
CA THR C 66 -6.67 1.17 -35.95
C THR C 66 -6.98 0.99 -37.45
N PHE C 67 -5.99 1.23 -38.30
CA PHE C 67 -6.20 1.14 -39.74
C PHE C 67 -5.87 -0.18 -40.42
N GLN C 68 -4.80 -0.85 -39.98
CA GLN C 68 -4.40 -2.11 -40.60
C GLN C 68 -4.80 -3.37 -39.88
N GLY C 69 -5.28 -3.23 -38.65
CA GLY C 69 -5.70 -4.40 -37.89
C GLY C 69 -4.64 -5.39 -37.41
N HIS C 70 -3.39 -4.95 -37.32
CA HIS C 70 -2.28 -5.82 -36.86
C HIS C 70 -2.30 -6.16 -35.38
N HIS C 71 -3.09 -5.43 -34.59
CA HIS C 71 -3.11 -5.71 -33.18
C HIS C 71 -4.08 -6.76 -32.77
N THR C 72 -3.67 -8.01 -32.94
CA THR C 72 -4.45 -9.19 -32.55
C THR C 72 -4.38 -9.28 -31.01
N PRO C 73 -5.19 -10.12 -30.36
CA PRO C 73 -5.11 -10.18 -28.90
C PRO C 73 -3.72 -10.48 -28.34
N ALA C 74 -2.92 -11.23 -29.06
CA ALA C 74 -1.58 -11.58 -28.63
C ALA C 74 -0.66 -10.36 -28.68
N VAL C 75 -0.75 -9.59 -29.75
CA VAL C 75 0.06 -8.39 -29.92
C VAL C 75 -0.28 -7.38 -28.82
N GLN C 76 -1.56 -7.30 -28.51
CA GLN C 76 -2.04 -6.38 -27.49
C GLN C 76 -1.55 -6.79 -26.09
N LYS C 77 -1.51 -8.10 -25.84
CA LYS C 77 -1.09 -8.67 -24.56
C LYS C 77 0.36 -8.27 -24.30
N GLY C 78 1.16 -8.31 -25.36
CA GLY C 78 2.55 -7.95 -25.26
C GLY C 78 2.73 -6.48 -24.93
N LEU C 79 1.90 -5.63 -25.54
CA LEU C 79 1.96 -4.20 -25.33
C LEU C 79 1.63 -3.90 -23.85
N ARG C 80 0.76 -4.71 -23.25
CA ARG C 80 0.43 -4.52 -21.84
C ARG C 80 1.67 -4.73 -20.99
N TYR C 81 2.37 -5.83 -21.24
CA TYR C 81 3.61 -6.13 -20.52
C TYR C 81 4.60 -4.98 -20.73
N GLY C 82 4.77 -4.54 -21.97
CA GLY C 82 5.72 -3.48 -22.25
C GLY C 82 5.47 -2.22 -21.45
N MET C 83 4.20 -1.85 -21.32
CA MET C 83 3.85 -0.64 -20.61
C MET C 83 4.08 -0.82 -19.12
N ILE C 84 3.71 -1.97 -18.61
CA ILE C 84 3.91 -2.25 -17.20
C ILE C 84 5.41 -2.16 -16.88
N LEU C 85 6.24 -2.80 -17.71
CA LEU C 85 7.67 -2.80 -17.53
C LEU C 85 8.23 -1.36 -17.61
N PHE C 86 7.69 -0.56 -18.52
CA PHE C 86 8.13 0.82 -18.69
C PHE C 86 7.87 1.62 -17.41
N ILE C 87 6.64 1.53 -16.90
CA ILE C 87 6.25 2.23 -15.69
C ILE C 87 7.14 1.82 -14.50
N ILE C 88 7.48 0.53 -14.43
CA ILE C 88 8.35 0.02 -13.37
C ILE C 88 9.71 0.72 -13.40
N SER C 89 10.29 0.86 -14.59
CA SER C 89 11.57 1.53 -14.71
C SER C 89 11.46 3.01 -14.31
N GLU C 90 10.33 3.64 -14.60
CA GLU C 90 10.11 5.04 -14.26
C GLU C 90 9.98 5.19 -12.76
N VAL C 91 9.45 4.18 -12.11
CA VAL C 91 9.28 4.16 -10.66
C VAL C 91 10.63 4.05 -9.95
N LEU C 92 11.48 3.16 -10.45
CA LEU C 92 12.79 2.94 -9.89
C LEU C 92 13.67 4.19 -10.03
N PHE C 93 13.42 4.96 -11.08
CA PHE C 93 14.15 6.20 -11.33
C PHE C 93 13.81 7.16 -10.20
N PHE C 94 12.53 7.25 -9.84
CA PHE C 94 12.09 8.12 -8.76
C PHE C 94 12.65 7.63 -7.43
N THR C 95 12.77 6.32 -7.30
CA THR C 95 13.33 5.69 -6.11
C THR C 95 14.68 6.31 -5.77
N GLY C 96 15.51 6.53 -6.78
CA GLY C 96 16.80 7.14 -6.52
C GLY C 96 16.63 8.51 -5.88
N PHE C 97 15.65 9.29 -6.36
CA PHE C 97 15.42 10.62 -5.82
C PHE C 97 14.85 10.60 -4.41
N PHE C 98 13.96 9.67 -4.13
CA PHE C 98 13.44 9.57 -2.78
C PHE C 98 14.54 9.11 -1.84
N TRP C 99 15.45 8.27 -2.36
CA TRP C 99 16.57 7.79 -1.56
C TRP C 99 17.43 9.01 -1.19
N ALA C 100 17.71 9.85 -2.18
CA ALA C 100 18.52 11.04 -1.97
C ALA C 100 17.84 11.96 -0.94
N PHE C 101 16.54 12.15 -1.06
CA PHE C 101 15.83 13.00 -0.12
C PHE C 101 15.93 12.48 1.31
N TYR C 102 15.67 11.19 1.49
CA TYR C 102 15.70 10.58 2.80
C TYR C 102 17.08 10.52 3.44
N HIS C 103 18.08 10.38 2.58
CA HIS C 103 19.45 10.31 3.02
C HIS C 103 19.83 11.64 3.65
N SER C 104 19.51 12.72 2.97
CA SER C 104 19.82 14.08 3.38
C SER C 104 19.00 14.58 4.53
N SER C 105 17.71 14.32 4.48
CA SER C 105 16.78 14.77 5.50
C SER C 105 16.83 14.02 6.84
N LEU C 106 17.23 12.76 6.83
CA LEU C 106 17.29 11.96 8.05
C LEU C 106 18.57 12.14 8.86
N ALA C 107 19.62 12.65 8.24
CA ALA C 107 20.89 12.88 8.92
C ALA C 107 21.42 14.21 8.40
N PRO C 108 20.79 15.33 8.81
CA PRO C 108 21.20 16.68 8.38
C PRO C 108 22.65 16.97 8.80
N THR C 109 23.48 17.35 7.84
CA THR C 109 24.87 17.65 8.15
C THR C 109 25.06 18.98 8.91
N PRO C 110 26.25 19.16 9.52
CA PRO C 110 26.57 20.39 10.26
C PRO C 110 26.33 21.67 9.44
N GLU C 111 26.63 21.62 8.14
CA GLU C 111 26.46 22.77 7.22
C GLU C 111 25.04 23.29 7.08
N LEU C 112 24.04 22.46 7.37
CA LEU C 112 22.64 22.88 7.33
C LEU C 112 22.28 23.34 8.73
N GLY C 113 23.19 23.10 9.66
CA GLY C 113 22.96 23.45 11.04
C GLY C 113 22.48 22.21 11.75
N GLY C 114 22.78 21.04 11.19
CA GLY C 114 22.36 19.78 11.76
C GLY C 114 20.87 19.67 12.04
N CYS C 115 20.04 20.19 11.15
CA CYS C 115 18.58 20.13 11.34
C CYS C 115 17.79 20.13 10.02
N TRP C 116 16.53 19.71 10.07
CA TRP C 116 15.64 19.67 8.89
C TRP C 116 14.20 20.16 9.18
N PRO C 117 13.71 21.12 8.38
CA PRO C 117 14.46 21.73 7.27
C PRO C 117 15.68 22.53 7.72
N PRO C 118 16.67 22.73 6.82
CA PRO C 118 17.90 23.47 7.10
C PRO C 118 17.61 24.88 7.62
N THR C 119 18.59 25.46 8.29
CA THR C 119 18.52 26.82 8.80
C THR C 119 18.42 27.75 7.59
N GLY C 120 17.44 28.67 7.63
CA GLY C 120 17.26 29.62 6.55
C GLY C 120 16.30 29.18 5.46
N ILE C 121 15.65 28.03 5.68
CA ILE C 121 14.68 27.48 4.72
C ILE C 121 13.31 27.53 5.37
N HIS C 122 12.35 28.12 4.66
CA HIS C 122 10.98 28.22 5.16
C HIS C 122 10.11 27.43 4.18
N PRO C 123 9.74 26.19 4.56
CA PRO C 123 8.91 25.31 3.75
C PRO C 123 7.54 25.86 3.44
N LEU C 124 7.02 25.48 2.28
CA LEU C 124 5.68 25.85 1.86
C LEU C 124 4.73 25.14 2.84
N ASN C 125 3.53 25.65 2.99
CA ASN C 125 2.57 25.01 3.88
C ASN C 125 1.90 23.88 3.09
N PRO C 126 2.02 22.63 3.58
CA PRO C 126 1.41 21.47 2.90
C PRO C 126 -0.11 21.54 2.81
N LEU C 127 -0.73 22.35 3.69
CA LEU C 127 -2.19 22.52 3.71
C LEU C 127 -2.70 23.57 2.74
N GLU C 128 -1.80 24.19 1.99
CA GLU C 128 -2.20 25.20 1.01
C GLU C 128 -2.20 24.69 -0.43
N VAL C 129 -1.45 25.31 -1.34
CA VAL C 129 -1.47 24.83 -2.73
C VAL C 129 -1.13 23.33 -2.87
N PRO C 130 -0.22 22.82 -2.03
CA PRO C 130 0.14 21.40 -2.10
C PRO C 130 -1.06 20.47 -1.88
N LEU C 131 -1.95 20.87 -0.96
CA LEU C 131 -3.15 20.09 -0.69
C LEU C 131 -4.10 20.21 -1.88
N LEU C 132 -4.16 21.40 -2.45
CA LEU C 132 -5.01 21.65 -3.60
C LEU C 132 -4.52 20.73 -4.71
N ASN C 133 -3.22 20.80 -5.00
CA ASN C 133 -2.61 19.96 -6.02
C ASN C 133 -2.96 18.49 -5.84
N THR C 134 -3.05 18.09 -4.58
CA THR C 134 -3.35 16.73 -4.22
C THR C 134 -4.80 16.38 -4.53
N SER C 135 -5.73 17.30 -4.23
CA SER C 135 -7.14 17.03 -4.52
C SER C 135 -7.36 17.03 -6.03
N VAL C 136 -6.57 17.83 -6.74
CA VAL C 136 -6.63 17.94 -8.20
C VAL C 136 -6.24 16.63 -8.88
N LEU C 137 -5.10 16.06 -8.49
CA LEU C 137 -4.69 14.79 -9.08
C LEU C 137 -5.62 13.65 -8.68
N LEU C 138 -6.04 13.64 -7.41
CA LEU C 138 -6.94 12.59 -6.96
C LEU C 138 -8.25 12.64 -7.72
N ALA C 139 -8.73 13.85 -7.96
CA ALA C 139 -9.99 14.04 -8.69
C ALA C 139 -9.86 13.57 -10.14
N SER C 140 -8.72 13.86 -10.76
CA SER C 140 -8.49 13.45 -12.14
C SER C 140 -8.43 11.92 -12.23
N GLY C 141 -8.11 11.26 -11.11
CA GLY C 141 -8.08 9.81 -11.09
C GLY C 141 -9.50 9.28 -11.12
N VAL C 142 -10.42 9.96 -10.46
CA VAL C 142 -11.82 9.57 -10.43
C VAL C 142 -12.44 9.81 -11.81
N SER C 143 -12.16 10.98 -12.39
CA SER C 143 -12.71 11.33 -13.68
C SER C 143 -12.18 10.47 -14.82
N ILE C 144 -10.94 10.04 -14.75
CA ILE C 144 -10.43 9.21 -15.83
C ILE C 144 -11.04 7.82 -15.72
N THR C 145 -11.40 7.42 -14.51
CA THR C 145 -12.04 6.13 -14.31
C THR C 145 -13.44 6.20 -14.91
N TRP C 146 -14.11 7.34 -14.75
CA TRP C 146 -15.44 7.54 -15.31
C TRP C 146 -15.29 7.49 -16.84
N ALA C 147 -14.22 8.07 -17.35
CA ALA C 147 -13.97 8.08 -18.79
C ALA C 147 -13.84 6.64 -19.34
N HIS C 148 -13.06 5.82 -18.63
CA HIS C 148 -12.83 4.43 -18.99
C HIS C 148 -14.13 3.61 -19.06
N HIS C 149 -14.95 3.72 -18.02
CA HIS C 149 -16.23 3.02 -17.95
C HIS C 149 -17.21 3.47 -19.01
N SER C 150 -17.17 4.76 -19.34
CA SER C 150 -18.01 5.31 -20.38
C SER C 150 -17.61 4.72 -21.72
N LEU C 151 -16.30 4.66 -21.99
CA LEU C 151 -15.78 4.09 -23.24
C LEU C 151 -16.18 2.62 -23.35
N MET C 152 -16.06 1.89 -22.26
CA MET C 152 -16.41 0.48 -22.29
C MET C 152 -17.92 0.28 -22.39
N GLU C 153 -18.69 1.26 -21.95
CA GLU C 153 -20.13 1.16 -22.02
C GLU C 153 -20.62 1.71 -23.34
N GLY C 154 -19.68 2.07 -24.20
CA GLY C 154 -20.03 2.61 -25.51
C GLY C 154 -20.58 4.02 -25.55
N ASP C 155 -20.39 4.79 -24.48
CA ASP C 155 -20.87 6.15 -24.39
C ASP C 155 -19.82 7.17 -24.87
N ARG C 156 -19.92 7.59 -26.12
CA ARG C 156 -18.97 8.54 -26.69
C ARG C 156 -18.94 9.94 -26.06
N LYS C 157 -20.10 10.57 -25.91
CA LYS C 157 -20.19 11.90 -25.33
C LYS C 157 -19.60 11.97 -23.92
N HIS C 158 -20.04 11.07 -23.04
CA HIS C 158 -19.56 11.04 -21.68
C HIS C 158 -18.10 10.63 -21.53
N MET C 159 -17.59 9.84 -22.48
CA MET C 159 -16.19 9.44 -22.45
C MET C 159 -15.36 10.72 -22.72
N LEU C 160 -15.75 11.46 -23.74
CA LEU C 160 -15.07 12.70 -24.10
C LEU C 160 -15.18 13.77 -23.01
N GLN C 161 -16.34 13.86 -22.36
CA GLN C 161 -16.58 14.83 -21.30
C GLN C 161 -15.68 14.53 -20.08
N ALA C 162 -15.64 13.26 -19.65
CA ALA C 162 -14.82 12.83 -18.53
C ALA C 162 -13.31 12.94 -18.85
N LEU C 163 -12.94 12.59 -20.08
CA LEU C 163 -11.54 12.68 -20.47
C LEU C 163 -11.10 14.14 -20.49
N PHE C 164 -12.00 15.01 -20.89
CA PHE C 164 -11.73 16.44 -20.95
C PHE C 164 -11.50 16.97 -19.54
N ILE C 165 -12.38 16.61 -18.62
CA ILE C 165 -12.26 17.03 -17.23
C ILE C 165 -10.90 16.58 -16.65
N THR C 166 -10.50 15.35 -16.98
CA THR C 166 -9.26 14.76 -16.50
C THR C 166 -8.06 15.60 -16.95
N ILE C 167 -8.09 15.99 -18.22
CA ILE C 167 -7.02 16.78 -18.82
C ILE C 167 -6.92 18.19 -18.23
N THR C 168 -8.07 18.81 -18.05
CA THR C 168 -8.13 20.14 -17.48
C THR C 168 -7.51 20.11 -16.10
N LEU C 169 -7.87 19.08 -15.34
CA LEU C 169 -7.33 18.91 -14.02
C LEU C 169 -5.80 18.79 -14.07
N GLY C 170 -5.31 18.00 -15.02
CA GLY C 170 -3.88 17.81 -15.16
C GLY C 170 -3.20 19.13 -15.48
N VAL C 171 -3.85 19.91 -16.32
CA VAL C 171 -3.30 21.19 -16.69
C VAL C 171 -3.38 22.16 -15.49
N TYR C 172 -4.47 22.08 -14.74
CA TYR C 172 -4.66 22.93 -13.55
C TYR C 172 -3.49 22.65 -12.61
N PHE C 173 -3.21 21.37 -12.38
CA PHE C 173 -2.10 20.96 -11.51
C PHE C 173 -0.78 21.56 -12.00
N THR C 174 -0.52 21.46 -13.31
CA THR C 174 0.71 21.98 -13.90
C THR C 174 0.85 23.49 -13.70
N LEU C 175 -0.25 24.22 -13.84
CA LEU C 175 -0.19 25.67 -13.65
C LEU C 175 0.01 26.02 -12.18
N LEU C 176 -0.70 25.34 -11.30
CA LEU C 176 -0.57 25.59 -9.86
C LEU C 176 0.87 25.39 -9.45
N GLN C 177 1.47 24.34 -9.99
CA GLN C 177 2.83 23.98 -9.68
C GLN C 177 3.79 25.03 -10.23
N ALA C 178 3.53 25.53 -11.42
CA ALA C 178 4.42 26.53 -11.99
C ALA C 178 4.35 27.80 -11.14
N SER C 179 3.15 28.16 -10.69
CA SER C 179 2.97 29.34 -9.82
C SER C 179 3.75 29.15 -8.53
N GLU C 180 3.62 27.98 -7.91
CA GLU C 180 4.32 27.64 -6.69
C GLU C 180 5.82 27.78 -6.87
N TYR C 181 6.33 27.33 -8.02
CA TYR C 181 7.76 27.42 -8.30
C TYR C 181 8.19 28.87 -8.23
N TYR C 182 7.42 29.75 -8.84
CA TYR C 182 7.71 31.19 -8.85
C TYR C 182 7.56 31.85 -7.47
N GLU C 183 6.54 31.46 -6.70
CA GLU C 183 6.30 32.03 -5.37
C GLU C 183 7.22 31.49 -4.27
N ALA C 184 7.90 30.38 -4.53
CA ALA C 184 8.79 29.76 -3.55
C ALA C 184 9.96 30.64 -3.14
N PRO C 185 10.12 30.87 -1.82
CA PRO C 185 11.21 31.70 -1.29
C PRO C 185 12.57 31.05 -1.45
N PHE C 186 12.58 29.73 -1.70
CA PHE C 186 13.81 28.98 -1.88
C PHE C 186 13.97 28.56 -3.34
N THR C 187 15.22 28.34 -3.75
CA THR C 187 15.53 27.96 -5.10
C THR C 187 16.25 26.62 -5.16
N ILE C 188 16.55 26.19 -6.39
CA ILE C 188 17.24 24.92 -6.60
C ILE C 188 18.67 25.01 -6.05
N SER C 189 19.21 26.23 -6.00
CA SER C 189 20.56 26.44 -5.50
C SER C 189 20.62 26.56 -3.98
N ASP C 190 19.47 26.45 -3.31
CA ASP C 190 19.48 26.58 -1.86
C ASP C 190 19.75 25.27 -1.17
N GLY C 191 20.95 24.77 -1.40
CA GLY C 191 21.37 23.53 -0.77
C GLY C 191 20.67 22.27 -1.22
N VAL C 192 20.86 21.23 -0.41
CA VAL C 192 20.29 19.91 -0.66
C VAL C 192 18.76 19.93 -0.53
N TYR C 193 18.22 20.92 0.18
CA TYR C 193 16.77 21.01 0.34
C TYR C 193 16.17 21.47 -0.98
N GLY C 194 16.73 22.55 -1.52
CA GLY C 194 16.26 23.07 -2.78
C GLY C 194 16.53 22.05 -3.87
N SER C 195 17.68 21.40 -3.74
CA SER C 195 18.12 20.39 -4.70
C SER C 195 17.12 19.24 -4.82
N THR C 196 16.83 18.56 -3.70
CA THR C 196 15.90 17.45 -3.71
C THR C 196 14.49 17.92 -4.06
N PHE C 197 14.09 19.08 -3.53
CA PHE C 197 12.77 19.59 -3.80
C PHE C 197 12.42 19.80 -5.25
N PHE C 198 13.19 20.65 -5.90
CA PHE C 198 12.92 20.96 -7.29
C PHE C 198 13.22 19.85 -8.25
N VAL C 199 14.25 19.07 -7.97
CA VAL C 199 14.56 17.99 -8.89
C VAL C 199 13.50 16.89 -8.86
N ALA C 200 13.02 16.53 -7.67
CA ALA C 200 11.97 15.51 -7.55
C ALA C 200 10.62 16.00 -8.09
N THR C 201 10.16 17.15 -7.60
CA THR C 201 8.90 17.69 -8.05
C THR C 201 9.06 18.17 -9.49
N GLY C 202 10.28 18.51 -9.88
CA GLY C 202 10.54 18.96 -11.22
C GLY C 202 10.28 17.85 -12.20
N PHE C 203 10.91 16.70 -11.96
CA PHE C 203 10.73 15.52 -12.80
C PHE C 203 9.29 15.06 -12.73
N HIS C 204 8.68 15.11 -11.53
CA HIS C 204 7.29 14.72 -11.44
C HIS C 204 6.47 15.64 -12.35
N GLY C 205 6.73 16.94 -12.29
CA GLY C 205 6.01 17.90 -13.11
C GLY C 205 6.08 17.56 -14.58
N LEU C 206 7.25 17.12 -15.01
CA LEU C 206 7.49 16.72 -16.39
C LEU C 206 6.62 15.49 -16.73
N HIS C 207 6.52 14.53 -15.79
CA HIS C 207 5.70 13.34 -16.03
C HIS C 207 4.23 13.73 -16.16
N VAL C 208 3.80 14.73 -15.38
CA VAL C 208 2.42 15.21 -15.43
C VAL C 208 2.17 15.83 -16.82
N ILE C 209 3.16 16.53 -17.33
CA ILE C 209 3.03 17.15 -18.65
C ILE C 209 2.94 16.08 -19.74
N ILE C 210 3.77 15.06 -19.61
CA ILE C 210 3.76 13.96 -20.57
C ILE C 210 2.48 13.11 -20.51
N GLY C 211 2.00 12.86 -19.30
CA GLY C 211 0.78 12.08 -19.10
C GLY C 211 -0.38 12.83 -19.72
N SER C 212 -0.40 14.14 -19.50
CA SER C 212 -1.44 15.02 -20.02
C SER C 212 -1.43 14.98 -21.54
N THR C 213 -0.23 15.06 -22.11
CA THR C 213 -0.10 15.02 -23.54
C THR C 213 -0.67 13.69 -24.03
N PHE C 214 -0.34 12.61 -23.32
CA PHE C 214 -0.81 11.29 -23.69
C PHE C 214 -2.33 11.28 -23.65
N LEU C 215 -2.91 11.84 -22.59
CA LEU C 215 -4.35 11.90 -22.47
C LEU C 215 -4.96 12.69 -23.61
N ILE C 216 -4.31 13.79 -23.98
CA ILE C 216 -4.80 14.62 -25.06
C ILE C 216 -4.82 13.82 -26.36
N VAL C 217 -3.77 13.03 -26.62
CA VAL C 217 -3.72 12.20 -27.83
C VAL C 217 -4.93 11.28 -27.84
N CYS C 218 -5.21 10.65 -26.70
CA CYS C 218 -6.37 9.76 -26.56
C CYS C 218 -7.65 10.51 -26.83
N PHE C 219 -7.71 11.75 -26.36
CA PHE C 219 -8.89 12.56 -26.57
C PHE C 219 -9.22 12.72 -28.08
N PHE C 220 -8.21 13.05 -28.87
CA PHE C 220 -8.37 13.23 -30.31
C PHE C 220 -8.59 11.95 -31.07
N ARG C 221 -8.00 10.86 -30.59
CA ARG C 221 -8.21 9.59 -31.24
C ARG C 221 -9.64 9.18 -30.96
N GLN C 222 -10.19 9.58 -29.80
CA GLN C 222 -11.56 9.26 -29.44
C GLN C 222 -12.53 10.06 -30.32
N LEU C 223 -12.19 11.32 -30.56
CA LEU C 223 -12.98 12.18 -31.41
C LEU C 223 -13.10 11.61 -32.82
N LYS C 224 -12.00 11.03 -33.27
CA LYS C 224 -11.93 10.44 -34.59
C LYS C 224 -12.40 8.98 -34.60
N PHE C 225 -13.06 8.55 -33.53
CA PHE C 225 -13.59 7.19 -33.42
C PHE C 225 -12.60 6.02 -33.47
N HIS C 226 -11.34 6.25 -33.11
CA HIS C 226 -10.34 5.19 -33.15
C HIS C 226 -10.64 4.05 -32.18
N PHE C 227 -11.08 4.41 -30.99
CA PHE C 227 -11.37 3.43 -29.96
C PHE C 227 -12.73 2.72 -30.07
N THR C 228 -12.71 1.41 -29.86
CA THR C 228 -13.93 0.65 -29.86
C THR C 228 -14.20 0.41 -28.38
N SER C 229 -15.40 -0.01 -28.04
CA SER C 229 -15.73 -0.23 -26.65
C SER C 229 -14.93 -1.36 -26.01
N ASN C 230 -14.20 -2.09 -26.85
CA ASN C 230 -13.46 -3.24 -26.37
C ASN C 230 -11.96 -3.23 -26.66
N HIS C 231 -11.54 -2.42 -27.61
CA HIS C 231 -10.16 -2.34 -28.00
C HIS C 231 -9.76 -0.88 -27.93
N HIS C 232 -8.96 -0.54 -26.92
CA HIS C 232 -8.51 0.81 -26.72
C HIS C 232 -7.30 0.82 -25.79
N PHE C 233 -6.25 0.11 -26.19
CA PHE C 233 -5.05 0.04 -25.38
C PHE C 233 -4.34 1.38 -25.17
N GLY C 234 -4.35 2.24 -26.18
CA GLY C 234 -3.70 3.52 -26.03
C GLY C 234 -4.29 4.26 -24.85
N PHE C 235 -5.61 4.12 -24.67
CA PHE C 235 -6.31 4.77 -23.57
C PHE C 235 -5.93 4.12 -22.24
N GLU C 236 -5.94 2.79 -22.21
CA GLU C 236 -5.57 2.05 -21.01
C GLU C 236 -4.17 2.39 -20.53
N ALA C 237 -3.22 2.46 -21.46
CA ALA C 237 -1.84 2.80 -21.15
C ALA C 237 -1.76 4.21 -20.54
N ALA C 238 -2.45 5.16 -21.17
CA ALA C 238 -2.46 6.53 -20.71
C ALA C 238 -3.01 6.60 -19.30
N ALA C 239 -4.05 5.80 -19.04
CA ALA C 239 -4.69 5.79 -17.73
C ALA C 239 -3.82 5.12 -16.66
N TRP C 240 -3.08 4.08 -17.03
CA TRP C 240 -2.15 3.42 -16.10
C TRP C 240 -1.04 4.44 -15.78
N TYR C 241 -0.53 5.06 -16.83
CA TYR C 241 0.51 6.06 -16.67
C TYR C 241 0.01 7.19 -15.78
N TRP C 242 -1.26 7.57 -15.97
CA TRP C 242 -1.86 8.63 -15.18
C TRP C 242 -1.90 8.27 -13.70
N HIS C 243 -2.24 7.03 -13.39
CA HIS C 243 -2.30 6.58 -12.02
C HIS C 243 -0.93 6.55 -11.38
N PHE C 244 0.06 6.20 -12.19
CA PHE C 244 1.45 6.14 -11.78
C PHE C 244 1.82 7.51 -11.29
N VAL C 245 1.56 8.49 -12.16
CA VAL C 245 1.85 9.88 -11.89
C VAL C 245 1.14 10.39 -10.62
N ASP C 246 -0.10 9.98 -10.45
CA ASP C 246 -0.87 10.36 -9.29
C ASP C 246 -0.21 9.79 -8.06
N VAL C 247 0.11 8.51 -8.12
CA VAL C 247 0.73 7.85 -6.99
C VAL C 247 2.10 8.44 -6.59
N VAL C 248 2.92 8.80 -7.57
CA VAL C 248 4.20 9.41 -7.30
C VAL C 248 3.95 10.71 -6.54
N TRP C 249 2.91 11.44 -6.92
CA TRP C 249 2.61 12.68 -6.23
C TRP C 249 2.27 12.43 -4.79
N LEU C 250 1.45 11.42 -4.50
CA LEU C 250 1.08 11.13 -3.13
C LEU C 250 2.30 10.88 -2.26
N PHE C 251 3.31 10.22 -2.82
CA PHE C 251 4.56 9.97 -2.09
C PHE C 251 5.32 11.27 -1.88
N LEU C 252 5.45 12.07 -2.93
CA LEU C 252 6.11 13.36 -2.83
C LEU C 252 5.42 14.20 -1.76
N TYR C 253 4.09 14.22 -1.80
CA TYR C 253 3.32 15.00 -0.85
C TYR C 253 3.65 14.56 0.56
N VAL C 254 3.43 13.28 0.86
CA VAL C 254 3.69 12.74 2.19
C VAL C 254 5.13 12.89 2.64
N SER C 255 6.08 12.71 1.73
CA SER C 255 7.49 12.77 2.04
C SER C 255 8.08 14.16 2.14
N ILE C 256 8.20 14.79 0.98
CA ILE C 256 8.78 16.11 0.87
C ILE C 256 7.99 17.26 1.48
N TYR C 257 6.73 17.42 1.10
CA TYR C 257 5.90 18.53 1.58
C TYR C 257 5.40 18.47 3.01
N TRP C 258 5.01 17.27 3.44
CA TRP C 258 4.43 17.11 4.75
C TRP C 258 5.44 16.70 5.82
N TRP C 259 5.97 15.48 5.71
CA TRP C 259 6.94 14.98 6.67
C TRP C 259 8.26 15.78 6.60
N GLY C 260 8.69 16.15 5.39
CA GLY C 260 9.93 16.89 5.22
C GLY C 260 9.93 18.36 5.63
N SER C 261 8.83 18.85 6.19
CA SER C 261 8.74 20.25 6.62
C SER C 261 8.90 20.37 8.15
N SER D 4 25.45 -40.92 -50.10
CA SER D 4 26.87 -40.43 -50.18
C SER D 4 27.07 -38.92 -50.18
N VAL D 5 26.52 -38.21 -51.17
CA VAL D 5 26.66 -36.74 -51.28
C VAL D 5 25.54 -35.94 -50.57
N VAL D 6 25.89 -35.16 -49.55
CA VAL D 6 24.92 -34.38 -48.77
C VAL D 6 24.76 -32.93 -49.25
N LYS D 7 23.53 -32.40 -49.16
CA LYS D 7 23.24 -31.03 -49.61
C LYS D 7 22.74 -30.08 -48.51
N SER D 8 22.90 -28.78 -48.74
CA SER D 8 22.51 -27.74 -47.77
C SER D 8 21.02 -27.70 -47.41
N GLU D 9 20.17 -27.75 -48.43
CA GLU D 9 18.71 -27.70 -48.30
C GLU D 9 18.06 -28.99 -47.76
N ASP D 10 18.91 -29.94 -47.36
CA ASP D 10 18.47 -31.20 -46.79
C ASP D 10 18.62 -31.17 -45.27
N TYR D 11 18.86 -29.98 -44.73
CA TYR D 11 19.02 -29.78 -43.31
C TYR D 11 17.77 -30.24 -42.56
N ALA D 12 16.61 -30.25 -43.25
CA ALA D 12 15.35 -30.63 -42.62
C ALA D 12 15.03 -32.13 -42.61
N LEU D 13 15.82 -32.88 -43.36
CA LEU D 13 15.66 -34.32 -43.47
C LEU D 13 16.66 -35.02 -42.59
N PRO D 14 16.31 -36.25 -42.12
CA PRO D 14 17.17 -37.06 -41.26
C PRO D 14 18.50 -37.26 -41.99
N SER D 15 19.59 -37.17 -41.24
CA SER D 15 20.90 -37.31 -41.82
C SER D 15 21.73 -38.43 -41.20
N TYR D 16 22.86 -38.71 -41.84
CA TYR D 16 23.76 -39.73 -41.36
C TYR D 16 24.85 -39.14 -40.45
N VAL D 17 25.18 -39.85 -39.37
CA VAL D 17 26.24 -39.43 -38.44
C VAL D 17 26.90 -40.64 -37.81
N ASP D 18 28.21 -40.49 -37.58
CA ASP D 18 29.01 -41.51 -36.93
C ASP D 18 29.30 -41.07 -35.49
N ARG D 19 28.62 -41.68 -34.51
CA ARG D 19 28.78 -41.35 -33.12
C ARG D 19 28.72 -42.58 -32.23
N ARG D 20 29.68 -42.72 -31.32
CA ARG D 20 29.76 -43.82 -30.37
C ARG D 20 28.47 -44.03 -29.59
N ASP D 21 27.79 -42.92 -29.27
CA ASP D 21 26.54 -42.94 -28.48
C ASP D 21 25.23 -42.96 -29.30
N TYR D 22 25.37 -42.99 -30.62
CA TYR D 22 24.24 -43.09 -31.56
C TYR D 22 24.74 -44.09 -32.60
N PRO D 23 24.97 -45.36 -32.20
CA PRO D 23 25.47 -46.39 -33.10
C PRO D 23 24.70 -46.62 -34.41
N LEU D 24 23.37 -46.53 -34.36
CA LEU D 24 22.56 -46.76 -35.57
C LEU D 24 21.88 -45.46 -36.05
N PRO D 25 22.51 -44.77 -37.02
CA PRO D 25 22.00 -43.51 -37.58
C PRO D 25 20.61 -43.67 -38.17
N ASP D 26 20.00 -42.53 -38.47
CA ASP D 26 18.66 -42.45 -39.03
C ASP D 26 18.54 -42.91 -40.49
N VAL D 27 19.59 -42.78 -41.27
CA VAL D 27 19.57 -43.22 -42.66
C VAL D 27 20.83 -44.03 -42.91
N ALA D 28 20.81 -44.78 -44.01
CA ALA D 28 21.96 -45.60 -44.39
C ALA D 28 22.98 -44.68 -45.04
N HIS D 29 24.26 -45.00 -44.91
CA HIS D 29 25.32 -44.18 -45.52
C HIS D 29 25.05 -43.98 -47.03
N VAL D 30 24.77 -45.08 -47.73
CA VAL D 30 24.49 -45.03 -49.16
C VAL D 30 23.05 -45.49 -49.39
N LYS D 31 22.21 -44.61 -49.93
CA LYS D 31 20.81 -44.96 -50.19
C LYS D 31 20.56 -45.47 -51.63
N ASN D 32 21.34 -44.98 -52.60
CA ASN D 32 21.19 -45.42 -54.00
C ASN D 32 22.13 -46.53 -54.28
N LEU D 33 21.56 -47.65 -54.73
CA LEU D 33 22.31 -48.87 -55.03
C LEU D 33 22.45 -49.20 -56.49
N SER D 34 23.59 -49.75 -56.84
CA SER D 34 23.87 -50.18 -58.21
C SER D 34 23.29 -51.59 -58.38
N ALA D 35 23.41 -52.12 -59.59
CA ALA D 35 22.94 -53.48 -59.94
C ALA D 35 23.49 -54.57 -59.01
N SER D 36 24.82 -54.61 -58.85
CA SER D 36 25.44 -55.58 -57.97
C SER D 36 25.11 -55.35 -56.49
N GLN D 37 24.93 -54.08 -56.12
CA GLN D 37 24.59 -53.75 -54.76
C GLN D 37 23.16 -54.19 -54.43
N LYS D 38 22.26 -53.96 -55.37
CA LYS D 38 20.85 -54.37 -55.22
C LYS D 38 20.81 -55.88 -55.04
N ALA D 39 21.68 -56.55 -55.78
CA ALA D 39 21.80 -58.00 -55.76
C ALA D 39 22.32 -58.49 -54.42
N LEU D 40 23.30 -57.78 -53.88
CA LEU D 40 23.89 -58.09 -52.58
C LEU D 40 22.84 -57.95 -51.48
N LYS D 41 22.04 -56.88 -51.58
CA LYS D 41 20.99 -56.65 -50.60
C LYS D 41 19.98 -57.78 -50.70
N GLU D 42 19.85 -58.34 -51.90
CA GLU D 42 18.94 -59.47 -52.12
C GLU D 42 19.52 -60.72 -51.51
N LYS D 43 20.79 -60.97 -51.76
CA LYS D 43 21.48 -62.13 -51.23
C LYS D 43 21.49 -62.13 -49.68
N GLU D 44 21.48 -60.92 -49.12
CA GLU D 44 21.49 -60.67 -47.67
C GLU D 44 20.22 -61.20 -46.99
N LYS D 45 19.17 -61.40 -47.79
CA LYS D 45 17.91 -61.93 -47.26
C LYS D 45 18.03 -63.43 -46.98
N ALA D 46 19.09 -64.03 -47.54
CA ALA D 46 19.40 -65.44 -47.35
C ALA D 46 20.36 -65.59 -46.16
N SER D 47 20.76 -66.82 -45.82
CA SER D 47 21.66 -67.03 -44.70
C SER D 47 22.93 -66.20 -44.84
N TRP D 48 23.32 -65.53 -43.75
CA TRP D 48 24.52 -64.70 -43.77
C TRP D 48 25.77 -65.57 -43.81
N SER D 49 25.62 -66.84 -43.48
CA SER D 49 26.74 -67.79 -43.52
C SER D 49 27.20 -67.96 -44.98
N SER D 50 26.27 -67.77 -45.91
CA SER D 50 26.55 -67.88 -47.36
C SER D 50 27.21 -66.63 -47.92
N LEU D 51 27.25 -65.57 -47.12
CA LEU D 51 27.88 -64.31 -47.56
C LEU D 51 29.37 -64.40 -47.30
N SER D 52 30.14 -63.85 -48.23
CA SER D 52 31.60 -63.84 -48.11
C SER D 52 32.07 -62.67 -47.23
N ILE D 53 33.31 -62.75 -46.77
CA ILE D 53 33.90 -61.72 -45.95
C ILE D 53 33.75 -60.42 -46.70
N ASP D 54 34.27 -60.40 -47.93
CA ASP D 54 34.21 -59.19 -48.75
C ASP D 54 32.80 -58.66 -48.95
N GLU D 55 31.82 -59.55 -49.05
CA GLU D 55 30.44 -59.13 -49.23
C GLU D 55 29.87 -58.59 -47.94
N LYS D 56 30.33 -59.15 -46.81
CA LYS D 56 29.88 -58.71 -45.52
C LYS D 56 30.41 -57.29 -45.26
N VAL D 57 31.68 -57.07 -45.62
CA VAL D 57 32.31 -55.76 -45.47
C VAL D 57 31.60 -54.77 -46.36
N GLU D 58 31.26 -55.20 -47.57
CA GLU D 58 30.58 -54.28 -48.46
C GLU D 58 29.20 -53.89 -47.98
N LEU D 59 28.50 -54.82 -47.34
CA LEU D 59 27.18 -54.53 -46.80
C LEU D 59 27.31 -53.55 -45.63
N TYR D 60 28.41 -53.67 -44.86
CA TYR D 60 28.65 -52.80 -43.73
C TYR D 60 28.89 -51.40 -44.24
N ARG D 61 29.69 -51.32 -45.28
CA ARG D 61 30.01 -50.04 -45.91
C ARG D 61 28.83 -49.31 -46.58
N LEU D 62 27.75 -50.02 -46.90
CA LEU D 62 26.60 -49.38 -47.52
C LEU D 62 25.79 -48.73 -46.43
N LYS D 63 25.76 -49.40 -45.29
CA LYS D 63 25.03 -48.95 -44.12
C LYS D 63 25.75 -47.85 -43.32
N PHE D 64 27.06 -48.01 -43.13
CA PHE D 64 27.85 -47.09 -42.35
C PHE D 64 29.01 -46.50 -43.09
N LYS D 65 29.41 -45.29 -42.68
CA LYS D 65 30.56 -44.64 -43.32
C LYS D 65 31.87 -45.13 -42.70
N GLU D 66 32.06 -44.96 -41.39
CA GLU D 66 33.27 -45.44 -40.73
C GLU D 66 32.93 -46.42 -39.61
N SER D 67 33.91 -47.25 -39.26
CA SER D 67 33.77 -48.22 -38.17
C SER D 67 34.02 -47.49 -36.83
N PHE D 68 33.68 -48.09 -35.69
CA PHE D 68 33.95 -47.42 -34.44
C PHE D 68 35.43 -47.16 -34.30
N ALA D 69 36.26 -48.12 -34.71
CA ALA D 69 37.73 -48.00 -34.65
C ALA D 69 38.19 -46.78 -35.42
N GLU D 70 37.64 -46.62 -36.62
CA GLU D 70 37.98 -45.47 -37.48
C GLU D 70 37.48 -44.15 -36.91
N MET D 71 36.23 -44.10 -36.46
CA MET D 71 35.72 -42.85 -35.95
C MET D 71 36.31 -42.45 -34.58
N ASN D 72 36.84 -43.40 -33.82
CA ASN D 72 37.42 -43.10 -32.51
C ASN D 72 38.94 -42.96 -32.49
N ARG D 73 39.53 -42.86 -33.68
CA ARG D 73 40.97 -42.74 -33.77
C ARG D 73 41.46 -41.37 -33.30
N SER D 74 42.61 -41.36 -32.63
CA SER D 74 43.22 -40.15 -32.12
C SER D 74 44.07 -39.51 -33.24
N THR D 75 44.38 -38.21 -33.10
CA THR D 75 45.15 -37.51 -34.13
C THR D 75 46.45 -36.87 -33.64
N ASN D 76 47.21 -36.34 -34.59
CA ASN D 76 48.46 -35.65 -34.29
C ASN D 76 48.20 -34.16 -34.20
N GLU D 77 46.92 -33.78 -34.21
CA GLU D 77 46.54 -32.39 -34.16
C GLU D 77 47.18 -31.62 -33.00
N TRP D 78 47.30 -32.27 -31.86
CA TRP D 78 47.86 -31.59 -30.71
C TRP D 78 49.23 -31.00 -30.95
N LYS D 79 50.06 -31.69 -31.75
CA LYS D 79 51.42 -31.23 -32.06
C LYS D 79 51.36 -29.88 -32.75
N THR D 80 50.45 -29.78 -33.71
CA THR D 80 50.24 -28.56 -34.47
C THR D 80 49.71 -27.42 -33.58
N VAL D 81 48.74 -27.72 -32.72
CA VAL D 81 48.17 -26.71 -31.84
C VAL D 81 49.21 -26.16 -30.86
N VAL D 82 49.84 -27.06 -30.12
CA VAL D 82 50.86 -26.69 -29.16
C VAL D 82 52.06 -26.00 -29.83
N GLY D 83 52.53 -26.55 -30.95
CA GLY D 83 53.65 -25.95 -31.66
C GLY D 83 53.34 -24.55 -32.12
N ALA D 84 52.16 -24.35 -32.69
CA ALA D 84 51.75 -23.04 -33.17
C ALA D 84 51.59 -22.04 -32.02
N ALA D 85 50.90 -22.48 -30.96
CA ALA D 85 50.69 -21.64 -29.78
C ALA D 85 52.05 -21.11 -29.35
N MET D 86 53.00 -22.01 -29.16
CA MET D 86 54.34 -21.63 -28.75
C MET D 86 55.00 -20.69 -29.73
N PHE D 87 54.72 -20.87 -31.01
CA PHE D 87 55.30 -20.00 -32.00
C PHE D 87 54.76 -18.58 -31.81
N PHE D 88 53.45 -18.43 -31.61
CA PHE D 88 52.86 -17.11 -31.44
C PHE D 88 53.24 -16.45 -30.11
N ILE D 89 53.41 -17.25 -29.06
CA ILE D 89 53.82 -16.74 -27.76
C ILE D 89 55.27 -16.25 -27.93
N GLY D 90 56.02 -16.95 -28.78
CA GLY D 90 57.39 -16.58 -29.05
C GLY D 90 57.39 -15.31 -29.86
N PHE D 91 56.43 -15.18 -30.75
CA PHE D 91 56.32 -13.98 -31.56
C PHE D 91 56.04 -12.77 -30.66
N THR D 92 55.29 -13.00 -29.58
CA THR D 92 54.96 -11.94 -28.63
C THR D 92 56.24 -11.35 -28.02
N ALA D 93 57.20 -12.22 -27.74
CA ALA D 93 58.46 -11.79 -27.16
C ALA D 93 59.14 -10.85 -28.11
N LEU D 94 58.92 -11.01 -29.41
CA LEU D 94 59.52 -10.10 -30.37
C LEU D 94 58.94 -8.70 -30.19
N LEU D 95 57.65 -8.65 -29.88
CA LEU D 95 56.99 -7.36 -29.68
C LEU D 95 57.54 -6.69 -28.43
N LEU D 96 57.74 -7.48 -27.37
CA LEU D 96 58.28 -7.00 -26.12
C LEU D 96 59.70 -6.48 -26.29
N ILE D 97 60.48 -7.17 -27.12
CA ILE D 97 61.84 -6.74 -27.40
C ILE D 97 61.80 -5.37 -28.08
N TRP D 98 60.94 -5.23 -29.08
CA TRP D 98 60.80 -3.97 -29.80
C TRP D 98 60.35 -2.84 -28.84
N GLU D 99 59.43 -3.16 -27.94
CA GLU D 99 58.93 -2.18 -26.98
C GLU D 99 60.04 -1.66 -26.04
N LYS D 100 60.81 -2.56 -25.45
CA LYS D 100 61.89 -2.14 -24.54
C LYS D 100 62.91 -1.27 -25.25
N HIS D 101 63.14 -1.55 -26.53
CA HIS D 101 64.11 -0.82 -27.31
C HIS D 101 63.67 0.54 -27.82
N TYR D 102 62.48 0.60 -28.42
CA TYR D 102 62.01 1.85 -28.99
C TYR D 102 61.04 2.69 -28.19
N VAL D 103 60.44 2.10 -27.15
CA VAL D 103 59.46 2.81 -26.34
C VAL D 103 59.91 3.17 -24.92
N TYR D 104 60.41 2.18 -24.21
CA TYR D 104 60.85 2.38 -22.84
C TYR D 104 62.15 3.15 -22.73
N GLY D 105 62.14 4.16 -21.86
CA GLY D 105 63.35 4.92 -21.63
C GLY D 105 64.14 4.19 -20.57
N PRO D 106 65.11 4.85 -19.93
CA PRO D 106 65.89 4.16 -18.90
C PRO D 106 65.06 4.13 -17.61
N ILE D 107 65.27 3.10 -16.79
CA ILE D 107 64.51 3.01 -15.54
C ILE D 107 65.11 3.96 -14.52
N PRO D 108 64.35 4.27 -13.46
CA PRO D 108 64.80 5.17 -12.39
C PRO D 108 66.18 4.80 -11.83
N HIS D 109 66.94 5.82 -11.45
CA HIS D 109 68.29 5.60 -10.92
C HIS D 109 68.28 4.79 -9.62
N THR D 110 67.11 4.63 -9.01
CA THR D 110 67.00 3.88 -7.76
C THR D 110 67.21 2.38 -7.96
N PHE D 111 67.44 1.97 -9.20
CA PHE D 111 67.66 0.56 -9.50
C PHE D 111 69.15 0.21 -9.68
N GLU D 112 70.01 1.22 -9.66
CA GLU D 112 71.46 1.04 -9.78
C GLU D 112 71.92 0.20 -8.61
N GLU D 113 72.88 -0.65 -8.88
CA GLU D 113 73.45 -1.56 -7.91
C GLU D 113 73.80 -0.92 -6.58
N GLU D 114 74.51 0.20 -6.64
CA GLU D 114 74.90 0.90 -5.44
C GLU D 114 73.68 1.35 -4.64
N TRP D 115 72.72 1.99 -5.30
CA TRP D 115 71.52 2.46 -4.64
C TRP D 115 70.84 1.29 -3.93
N VAL D 116 70.64 0.23 -4.69
CA VAL D 116 70.02 -1.00 -4.18
C VAL D 116 70.73 -1.57 -2.93
N ALA D 117 72.07 -1.52 -2.92
CA ALA D 117 72.84 -2.02 -1.77
C ALA D 117 72.60 -1.15 -0.55
N LYS D 118 72.62 0.17 -0.74
CA LYS D 118 72.39 1.13 0.33
C LYS D 118 70.97 0.99 0.87
N GLN D 119 70.03 0.94 -0.08
CA GLN D 119 68.61 0.80 0.20
C GLN D 119 68.34 -0.47 0.97
N THR D 120 69.01 -1.53 0.55
CA THR D 120 68.86 -2.82 1.20
C THR D 120 69.35 -2.72 2.64
N LYS D 121 70.52 -2.09 2.86
CA LYS D 121 71.02 -1.94 4.23
C LYS D 121 70.01 -1.17 5.08
N ARG D 122 69.52 -0.06 4.52
CA ARG D 122 68.54 0.75 5.21
C ARG D 122 67.32 -0.04 5.61
N MET D 123 66.79 -0.83 4.68
CA MET D 123 65.61 -1.66 4.95
C MET D 123 65.93 -2.58 6.12
N LEU D 124 67.16 -3.08 6.13
CA LEU D 124 67.58 -3.96 7.21
C LEU D 124 67.74 -3.19 8.52
N ASP D 125 68.13 -1.92 8.44
CA ASP D 125 68.29 -1.14 9.65
C ASP D 125 66.97 -0.80 10.26
N MET D 126 65.97 -0.53 9.42
CA MET D 126 64.65 -0.20 9.93
C MET D 126 63.86 -1.45 10.21
N LYS D 127 64.52 -2.58 10.03
CA LYS D 127 63.96 -3.90 10.25
C LYS D 127 62.66 -4.21 9.49
N VAL D 128 62.68 -3.99 8.17
CA VAL D 128 61.52 -4.26 7.31
C VAL D 128 61.21 -5.76 7.32
N ALA D 129 59.95 -6.10 7.63
CA ALA D 129 59.49 -7.49 7.69
C ALA D 129 60.43 -8.34 8.52
N PRO D 130 60.51 -8.05 9.82
CA PRO D 130 61.39 -8.77 10.74
C PRO D 130 60.97 -10.16 11.18
N ILE D 131 59.67 -10.45 11.13
CA ILE D 131 59.18 -11.75 11.55
C ILE D 131 59.34 -12.88 10.50
N GLN D 132 59.15 -12.57 9.20
CA GLN D 132 59.27 -13.58 8.14
C GLN D 132 59.74 -13.07 6.77
N GLY D 133 59.16 -11.96 6.36
CA GLY D 133 59.43 -11.42 5.05
C GLY D 133 60.77 -11.07 4.48
N PHE D 134 61.49 -10.19 5.18
CA PHE D 134 62.75 -9.68 4.66
C PHE D 134 63.92 -9.74 5.67
N SER D 135 63.84 -8.91 6.71
CA SER D 135 64.85 -8.85 7.76
C SER D 135 64.99 -10.18 8.51
N ALA D 136 63.92 -10.96 8.55
CA ALA D 136 63.97 -12.24 9.23
C ALA D 136 64.94 -13.17 8.49
N LYS D 137 65.29 -12.80 7.26
CA LYS D 137 66.18 -13.62 6.46
C LYS D 137 67.63 -13.15 6.53
N TRP D 138 67.84 -12.19 7.42
CA TRP D 138 69.17 -11.66 7.65
C TRP D 138 69.66 -12.04 9.05
N ASP D 139 70.92 -12.45 9.13
CA ASP D 139 71.54 -12.82 10.40
C ASP D 139 72.23 -11.56 10.90
N TYR D 140 71.62 -10.97 11.91
CA TYR D 140 72.09 -9.75 12.48
C TYR D 140 73.38 -9.91 13.29
N ASP D 141 73.64 -11.12 13.75
CA ASP D 141 74.85 -11.40 14.51
C ASP D 141 76.04 -11.74 13.60
N LYS D 142 75.86 -12.69 12.69
CA LYS D 142 76.92 -13.09 11.76
C LYS D 142 77.06 -12.09 10.63
N ASN D 143 76.16 -11.11 10.62
CA ASN D 143 76.16 -10.05 9.61
C ASN D 143 76.21 -10.53 8.15
N GLU D 144 75.27 -11.42 7.81
CA GLU D 144 75.17 -11.99 6.48
C GLU D 144 73.75 -12.52 6.31
N TRP D 145 73.37 -12.87 5.09
CA TRP D 145 72.04 -13.45 4.86
C TRP D 145 72.03 -14.82 5.47
N LYS D 146 70.98 -15.13 6.21
CA LYS D 146 70.88 -16.44 6.85
C LYS D 146 71.11 -17.48 5.80
N LYS D 147 71.96 -18.46 6.11
CA LYS D 147 72.28 -19.53 5.17
C LYS D 147 71.01 -20.38 5.09
N HIS E 5 13.39 -47.85 -8.64
CA HIS E 5 13.50 -48.35 -10.06
C HIS E 5 13.03 -49.81 -10.23
N GLU E 6 13.98 -50.73 -10.44
CA GLU E 6 13.70 -52.16 -10.64
C GLU E 6 14.99 -52.98 -10.51
N THR E 7 14.84 -54.30 -10.42
CA THR E 7 16.01 -55.17 -10.31
C THR E 7 16.72 -55.33 -11.65
N ASP E 8 17.92 -55.90 -11.62
CA ASP E 8 18.67 -56.11 -12.85
C ASP E 8 17.98 -57.14 -13.75
N GLU E 9 17.33 -58.14 -13.14
CA GLU E 9 16.66 -59.17 -13.91
C GLU E 9 15.42 -58.66 -14.63
N GLU E 10 14.71 -57.74 -13.98
CA GLU E 10 13.51 -57.14 -14.53
C GLU E 10 13.92 -56.22 -15.70
N PHE E 11 15.04 -55.53 -15.51
CA PHE E 11 15.58 -54.63 -16.53
C PHE E 11 15.92 -55.46 -17.78
N ASP E 12 16.75 -56.48 -17.59
CA ASP E 12 17.17 -57.36 -18.67
C ASP E 12 15.99 -58.03 -19.40
N ALA E 13 15.00 -58.48 -18.65
CA ALA E 13 13.85 -59.13 -19.23
C ALA E 13 13.12 -58.16 -20.17
N ARG E 14 12.86 -56.95 -19.67
CA ARG E 14 12.18 -55.90 -20.42
C ARG E 14 12.83 -55.66 -21.77
N TRP E 15 14.16 -55.69 -21.79
CA TRP E 15 14.90 -55.45 -23.02
C TRP E 15 14.91 -56.65 -23.94
N VAL E 16 15.03 -57.84 -23.36
CA VAL E 16 15.01 -59.06 -24.16
C VAL E 16 13.64 -59.18 -24.83
N THR E 17 12.61 -58.87 -24.08
CA THR E 17 11.26 -58.88 -24.60
C THR E 17 11.10 -57.87 -25.74
N TYR E 18 11.69 -56.67 -25.58
CA TYR E 18 11.64 -55.57 -26.57
C TYR E 18 12.16 -55.99 -27.94
N PHE E 19 13.38 -56.52 -27.95
CA PHE E 19 14.04 -56.99 -29.17
C PHE E 19 13.46 -58.33 -29.73
N ASN E 20 12.77 -59.08 -28.89
CA ASN E 20 12.18 -60.33 -29.33
C ASN E 20 10.84 -60.16 -30.03
N LYS E 21 10.24 -58.97 -29.97
CA LYS E 21 8.96 -58.71 -30.66
C LYS E 21 9.17 -59.16 -32.12
N PRO E 22 8.45 -60.20 -32.55
CA PRO E 22 8.58 -60.71 -33.92
C PRO E 22 8.51 -59.69 -35.04
N ASP E 23 7.51 -58.82 -35.01
CA ASP E 23 7.31 -57.81 -36.03
C ASP E 23 7.97 -56.46 -35.71
N ILE E 24 9.06 -56.51 -34.96
CA ILE E 24 9.80 -55.30 -34.59
C ILE E 24 10.34 -54.66 -35.87
N ASP E 25 10.10 -53.36 -36.08
CA ASP E 25 10.60 -52.71 -37.30
C ASP E 25 12.00 -52.09 -37.13
N ALA E 26 12.55 -51.56 -38.21
CA ALA E 26 13.89 -50.96 -38.19
C ALA E 26 14.01 -49.78 -37.23
N TRP E 27 12.99 -48.93 -37.23
CA TRP E 27 12.98 -47.79 -36.33
C TRP E 27 13.08 -48.26 -34.90
N GLU E 28 12.24 -49.22 -34.54
CA GLU E 28 12.24 -49.76 -33.17
C GLU E 28 13.58 -50.40 -32.83
N LEU E 29 14.24 -50.96 -33.82
CA LEU E 29 15.53 -51.59 -33.60
C LEU E 29 16.53 -50.51 -33.20
N ARG E 30 16.61 -49.47 -34.01
CA ARG E 30 17.52 -48.37 -33.77
C ARG E 30 17.17 -47.64 -32.48
N LYS E 31 15.90 -47.38 -32.25
CA LYS E 31 15.49 -46.71 -31.02
C LYS E 31 15.98 -47.52 -29.81
N GLY E 32 15.78 -48.83 -29.87
CA GLY E 32 16.20 -49.68 -28.77
C GLY E 32 17.69 -49.62 -28.49
N MET E 33 18.49 -49.81 -29.53
CA MET E 33 19.94 -49.79 -29.38
C MET E 33 20.46 -48.42 -28.95
N ASN E 34 20.00 -47.39 -29.65
CA ASN E 34 20.42 -46.02 -29.36
C ASN E 34 20.05 -45.61 -27.94
N THR E 35 18.93 -46.11 -27.44
CA THR E 35 18.50 -45.79 -26.09
C THR E 35 19.30 -46.61 -25.08
N LEU E 36 19.48 -47.88 -25.38
CA LEU E 36 20.17 -48.80 -24.52
C LEU E 36 21.62 -48.39 -24.21
N VAL E 37 22.30 -47.79 -25.17
CA VAL E 37 23.69 -47.39 -24.96
C VAL E 37 23.83 -46.14 -24.11
N GLY E 38 22.71 -45.61 -23.65
CA GLY E 38 22.73 -44.42 -22.81
C GLY E 38 22.88 -44.74 -21.33
N TYR E 39 22.64 -46.00 -20.98
CA TYR E 39 22.73 -46.47 -19.60
C TYR E 39 24.16 -46.76 -19.17
N ASP E 40 24.36 -46.79 -17.85
CA ASP E 40 25.66 -47.08 -17.30
C ASP E 40 25.81 -48.56 -17.11
N LEU E 41 26.01 -49.25 -18.23
CA LEU E 41 26.21 -50.69 -18.27
C LEU E 41 26.51 -51.18 -19.66
N VAL E 42 27.12 -52.36 -19.73
CA VAL E 42 27.35 -53.05 -20.99
C VAL E 42 26.19 -54.08 -20.92
N PRO E 43 25.35 -54.11 -21.96
CA PRO E 43 24.19 -55.02 -22.02
C PRO E 43 24.54 -56.49 -21.83
N GLU E 44 23.72 -57.20 -21.07
CA GLU E 44 23.91 -58.64 -20.86
C GLU E 44 23.85 -59.37 -22.22
N PRO E 45 24.66 -60.42 -22.37
CA PRO E 45 24.61 -61.13 -23.65
C PRO E 45 23.19 -61.56 -24.08
N LYS E 46 22.29 -61.86 -23.15
CA LYS E 46 20.93 -62.23 -23.51
C LYS E 46 20.19 -61.09 -24.22
N ILE E 47 20.56 -59.85 -23.92
CA ILE E 47 19.92 -58.71 -24.57
C ILE E 47 20.48 -58.60 -25.96
N ILE E 48 21.81 -58.66 -26.04
CA ILE E 48 22.48 -58.55 -27.32
C ILE E 48 21.99 -59.64 -28.26
N ASP E 49 21.82 -60.85 -27.72
CA ASP E 49 21.33 -61.98 -28.50
C ASP E 49 19.98 -61.64 -29.14
N ALA E 50 19.02 -61.17 -28.33
CA ALA E 50 17.70 -60.81 -28.83
C ALA E 50 17.77 -59.75 -29.95
N ALA E 51 18.70 -58.80 -29.80
CA ALA E 51 18.89 -57.71 -30.78
C ALA E 51 19.52 -58.20 -32.08
N LEU E 52 20.48 -59.10 -31.98
CA LEU E 52 21.12 -59.64 -33.17
C LEU E 52 20.09 -60.40 -34.01
N ARG E 53 19.22 -61.13 -33.32
CA ARG E 53 18.18 -61.91 -33.98
C ARG E 53 17.18 -61.01 -34.66
N ALA E 54 16.93 -59.86 -34.04
CA ALA E 54 16.01 -58.87 -34.60
C ALA E 54 16.65 -58.33 -35.88
N CYS E 55 17.97 -58.25 -35.90
CA CYS E 55 18.67 -57.80 -37.10
C CYS E 55 18.43 -58.85 -38.18
N ARG E 56 18.46 -60.13 -37.78
CA ARG E 56 18.24 -61.22 -38.74
C ARG E 56 16.84 -61.11 -39.32
N ARG E 57 15.82 -60.99 -38.46
CA ARG E 57 14.46 -60.85 -38.96
C ARG E 57 14.28 -59.61 -39.83
N LEU E 58 15.14 -58.60 -39.70
CA LEU E 58 15.01 -57.39 -40.52
C LEU E 58 16.05 -57.39 -41.64
N ASN E 59 16.72 -58.52 -41.82
CA ASN E 59 17.73 -58.69 -42.88
C ASN E 59 18.78 -57.58 -42.90
N ASP E 60 19.26 -57.24 -41.71
CA ASP E 60 20.26 -56.20 -41.59
C ASP E 60 21.53 -56.74 -40.99
N PHE E 61 22.39 -57.22 -41.87
CA PHE E 61 23.64 -57.78 -41.45
C PHE E 61 24.51 -56.70 -40.82
N ALA E 62 24.63 -55.56 -41.50
CA ALA E 62 25.46 -54.45 -41.02
C ALA E 62 25.18 -54.00 -39.57
N SER E 63 23.91 -53.84 -39.22
CA SER E 63 23.53 -53.45 -37.88
C SER E 63 23.93 -54.47 -36.82
N ALA E 64 24.01 -55.74 -37.20
CA ALA E 64 24.40 -56.81 -36.29
C ALA E 64 25.85 -56.59 -35.88
N VAL E 65 26.69 -56.27 -36.87
CA VAL E 65 28.11 -56.02 -36.68
C VAL E 65 28.30 -54.73 -35.83
N ARG E 66 27.54 -53.69 -36.17
CA ARG E 66 27.57 -52.41 -35.47
C ARG E 66 27.18 -52.59 -34.01
N ILE E 67 26.25 -53.49 -33.74
CA ILE E 67 25.80 -53.75 -32.39
C ILE E 67 26.93 -54.32 -31.55
N LEU E 68 27.77 -55.13 -32.21
CA LEU E 68 28.91 -55.76 -31.56
C LEU E 68 29.93 -54.69 -31.19
N GLU E 69 30.18 -53.80 -32.14
CA GLU E 69 31.11 -52.67 -31.95
C GLU E 69 30.69 -51.81 -30.74
N VAL E 70 29.41 -51.53 -30.63
CA VAL E 70 28.91 -50.73 -29.55
C VAL E 70 29.12 -51.41 -28.18
N VAL E 71 28.98 -52.73 -28.14
CA VAL E 71 29.17 -53.47 -26.91
C VAL E 71 30.62 -53.27 -26.43
N LYS E 72 31.53 -53.30 -27.40
CA LYS E 72 32.92 -53.14 -27.10
C LYS E 72 33.18 -51.75 -26.55
N ASP E 73 32.63 -50.77 -27.25
CA ASP E 73 32.77 -49.37 -26.90
C ASP E 73 32.27 -49.06 -25.49
N LYS E 74 31.06 -49.50 -25.19
CA LYS E 74 30.46 -49.31 -23.89
C LYS E 74 31.28 -49.83 -22.69
N ALA E 75 32.20 -50.77 -22.94
CA ALA E 75 33.03 -51.36 -21.88
C ALA E 75 34.18 -50.42 -21.52
N GLY E 76 34.42 -49.47 -22.42
CA GLY E 76 35.50 -48.52 -22.24
C GLY E 76 36.83 -49.24 -22.05
N PRO E 77 37.54 -48.96 -20.94
CA PRO E 77 38.83 -49.61 -20.67
C PRO E 77 38.80 -51.00 -20.02
N HIS E 78 37.62 -51.52 -19.69
CA HIS E 78 37.49 -52.85 -19.11
C HIS E 78 37.51 -53.81 -20.29
N LYS E 79 38.72 -54.09 -20.75
CA LYS E 79 38.97 -54.96 -21.89
C LYS E 79 38.52 -56.42 -21.79
N GLU E 80 38.17 -56.87 -20.59
CA GLU E 80 37.74 -58.23 -20.40
C GLU E 80 36.22 -58.42 -20.63
N ILE E 81 35.49 -57.33 -20.84
CA ILE E 81 34.04 -57.44 -21.02
C ILE E 81 33.67 -57.98 -22.39
N TYR E 82 34.20 -57.33 -23.41
CA TYR E 82 33.93 -57.69 -24.80
C TYR E 82 34.22 -59.17 -25.10
N PRO E 83 35.48 -59.63 -24.88
CA PRO E 83 35.77 -61.03 -25.16
C PRO E 83 34.85 -62.04 -24.42
N TYR E 84 34.36 -61.70 -23.23
CA TYR E 84 33.47 -62.60 -22.53
C TYR E 84 32.11 -62.58 -23.22
N VAL E 85 31.69 -61.39 -23.66
CA VAL E 85 30.39 -61.23 -24.32
C VAL E 85 30.40 -62.01 -25.63
N ILE E 86 31.47 -61.84 -26.40
CA ILE E 86 31.61 -62.54 -27.66
C ILE E 86 31.63 -64.05 -27.43
N GLN E 87 32.28 -64.46 -26.34
CA GLN E 87 32.33 -65.86 -25.98
C GLN E 87 30.90 -66.39 -25.77
N GLU E 88 30.10 -65.66 -25.01
CA GLU E 88 28.72 -66.03 -24.74
C GLU E 88 27.80 -65.98 -25.96
N LEU E 89 28.22 -65.24 -26.98
CA LEU E 89 27.46 -65.07 -28.22
C LEU E 89 27.90 -65.99 -29.36
N ARG E 90 28.98 -66.73 -29.15
CA ARG E 90 29.49 -67.59 -30.21
C ARG E 90 28.46 -68.51 -30.85
N PRO E 91 27.59 -69.19 -30.06
CA PRO E 91 26.58 -70.06 -30.64
C PRO E 91 25.65 -69.28 -31.59
N THR E 92 25.19 -68.11 -31.14
CA THR E 92 24.31 -67.28 -31.94
C THR E 92 25.03 -66.72 -33.14
N LEU E 93 26.29 -66.33 -32.97
CA LEU E 93 27.06 -65.79 -34.09
C LEU E 93 27.21 -66.84 -35.17
N ASN E 94 27.45 -68.08 -34.75
CA ASN E 94 27.59 -69.19 -35.67
C ASN E 94 26.26 -69.54 -36.33
N GLU E 95 25.22 -69.67 -35.51
CA GLU E 95 23.90 -69.97 -36.05
C GLU E 95 23.47 -68.99 -37.14
N LEU E 96 23.67 -67.68 -36.91
CA LEU E 96 23.25 -66.67 -37.87
C LEU E 96 24.28 -66.26 -38.89
N GLY E 97 25.51 -66.70 -38.71
CA GLY E 97 26.54 -66.32 -39.65
C GLY E 97 27.00 -64.87 -39.56
N ILE E 98 26.98 -64.33 -38.34
CA ILE E 98 27.42 -62.95 -38.12
C ILE E 98 28.89 -62.98 -37.80
N SER E 99 29.69 -62.36 -38.65
CA SER E 99 31.13 -62.27 -38.42
C SER E 99 31.39 -61.11 -37.45
N THR E 100 32.34 -61.27 -36.51
CA THR E 100 32.66 -60.20 -35.56
C THR E 100 33.37 -59.06 -36.27
N PRO E 101 33.33 -57.83 -35.70
CA PRO E 101 34.00 -56.72 -36.38
C PRO E 101 35.49 -57.01 -36.57
N GLU E 102 36.09 -57.80 -35.67
CA GLU E 102 37.50 -58.15 -35.80
C GLU E 102 37.66 -59.06 -37.02
N GLU E 103 36.76 -60.04 -37.14
CA GLU E 103 36.75 -60.98 -38.27
C GLU E 103 36.65 -60.29 -39.62
N LEU E 104 35.98 -59.13 -39.64
CA LEU E 104 35.81 -58.35 -40.87
C LEU E 104 36.89 -57.30 -41.12
N GLY E 105 37.85 -57.20 -40.19
CA GLY E 105 38.92 -56.21 -40.30
C GLY E 105 38.47 -54.79 -39.99
N LEU E 106 37.29 -54.66 -39.41
CA LEU E 106 36.72 -53.36 -39.09
C LEU E 106 37.20 -52.76 -37.77
N ASP E 107 38.03 -53.50 -37.04
CA ASP E 107 38.57 -53.03 -35.77
C ASP E 107 39.92 -52.28 -35.96
N LYS E 108 40.43 -52.27 -37.18
CA LYS E 108 41.68 -51.58 -37.45
C LYS E 108 41.37 -50.19 -37.97
N VAL E 109 42.09 -49.19 -37.46
CA VAL E 109 41.89 -47.80 -37.88
C VAL E 109 42.54 -47.48 -39.22
N ALA F 1 -27.55 10.63 -18.56
CA ALA F 1 -26.78 9.62 -17.78
C ALA F 1 -26.12 8.51 -18.65
N SER F 2 -26.62 8.32 -19.88
CA SER F 2 -26.10 7.33 -20.88
C SER F 2 -26.46 7.60 -22.39
N GLY F 3 -25.75 6.95 -23.31
CA GLY F 3 -25.96 7.12 -24.75
C GLY F 3 -25.02 6.22 -25.55
N GLY F 4 -24.77 6.53 -26.82
CA GLY F 4 -23.90 5.69 -27.64
C GLY F 4 -22.81 6.38 -28.46
N GLY F 5 -22.54 5.87 -29.68
CA GLY F 5 -21.56 6.48 -30.56
C GLY F 5 -20.12 5.95 -30.58
N VAL F 6 -19.87 4.83 -29.91
CA VAL F 6 -18.52 4.25 -29.86
C VAL F 6 -18.57 2.95 -30.66
N PRO F 7 -17.72 2.84 -31.69
CA PRO F 7 -17.70 1.62 -32.52
C PRO F 7 -17.43 0.33 -31.74
N THR F 8 -17.81 -0.81 -32.34
CA THR F 8 -17.53 -2.10 -31.72
C THR F 8 -16.47 -2.80 -32.58
N ASP F 9 -15.95 -3.91 -32.05
CA ASP F 9 -14.95 -4.71 -32.78
C ASP F 9 -15.62 -5.29 -34.01
N GLU F 10 -16.86 -5.78 -33.84
CA GLU F 10 -17.64 -6.36 -34.92
C GLU F 10 -17.81 -5.38 -36.08
N GLU F 11 -18.00 -4.11 -35.74
CA GLU F 11 -18.16 -3.06 -36.75
C GLU F 11 -16.85 -2.51 -37.28
N GLN F 12 -15.83 -2.45 -36.44
CA GLN F 12 -14.60 -1.81 -36.85
C GLN F 12 -13.31 -2.61 -36.95
N ALA F 13 -13.24 -3.78 -36.34
CA ALA F 13 -11.99 -4.55 -36.39
C ALA F 13 -11.68 -4.87 -37.83
N THR F 14 -10.40 -4.80 -38.20
CA THR F 14 -10.00 -5.06 -39.56
C THR F 14 -8.78 -5.96 -39.58
N GLY F 15 -8.19 -6.16 -40.76
CA GLY F 15 -7.01 -7.00 -40.92
C GLY F 15 -6.99 -8.30 -40.13
N LEU F 16 -5.79 -8.71 -39.71
CA LEU F 16 -5.60 -9.95 -38.95
C LEU F 16 -6.40 -10.00 -37.65
N GLU F 17 -6.60 -8.83 -37.03
CA GLU F 17 -7.37 -8.80 -35.80
C GLU F 17 -8.76 -9.33 -36.08
N ARG F 18 -9.36 -8.90 -37.19
CA ARG F 18 -10.69 -9.34 -37.56
C ARG F 18 -10.73 -10.83 -37.90
N GLU F 19 -9.76 -11.30 -38.68
CA GLU F 19 -9.68 -12.72 -39.01
C GLU F 19 -9.63 -13.57 -37.76
N VAL F 20 -8.74 -13.22 -36.83
CA VAL F 20 -8.62 -13.98 -35.59
C VAL F 20 -9.98 -13.96 -34.86
N MET F 21 -10.62 -12.81 -34.85
CA MET F 21 -11.91 -12.65 -34.18
C MET F 21 -13.01 -13.51 -34.82
N LEU F 22 -13.10 -13.49 -36.15
CA LEU F 22 -14.14 -14.26 -36.84
C LEU F 22 -13.84 -15.76 -36.77
N ALA F 23 -12.57 -16.12 -36.96
CA ALA F 23 -12.15 -17.53 -36.87
C ALA F 23 -12.50 -18.06 -35.48
N ALA F 24 -12.14 -17.31 -34.45
CA ALA F 24 -12.42 -17.71 -33.09
C ALA F 24 -13.91 -17.89 -32.86
N ARG F 25 -14.73 -17.14 -33.60
CA ARG F 25 -16.18 -17.24 -33.46
C ARG F 25 -16.73 -18.56 -34.02
N LYS F 26 -16.09 -19.07 -35.07
CA LYS F 26 -16.48 -20.35 -35.70
C LYS F 26 -15.88 -21.52 -34.93
N GLY F 27 -15.03 -21.21 -33.96
CA GLY F 27 -14.39 -22.23 -33.15
C GLY F 27 -13.11 -22.72 -33.81
N GLN F 28 -12.51 -21.92 -34.69
CA GLN F 28 -11.28 -22.33 -35.37
C GLN F 28 -10.04 -21.59 -34.90
N ASP F 29 -8.88 -22.10 -35.27
CA ASP F 29 -7.62 -21.52 -34.82
C ASP F 29 -6.57 -21.53 -35.93
N PRO F 30 -6.82 -20.80 -37.03
CA PRO F 30 -5.89 -20.73 -38.16
C PRO F 30 -4.55 -20.02 -37.85
N TYR F 31 -4.53 -19.29 -36.73
CA TYR F 31 -3.34 -18.56 -36.36
C TYR F 31 -2.60 -19.12 -35.15
N ASN F 32 -2.84 -20.39 -34.89
CA ASN F 32 -2.19 -21.14 -33.83
C ASN F 32 -2.10 -20.49 -32.47
N ILE F 33 -3.19 -19.86 -32.07
CA ILE F 33 -3.24 -19.20 -30.78
C ILE F 33 -3.38 -20.21 -29.64
N LEU F 34 -3.99 -21.34 -29.93
CA LEU F 34 -4.15 -22.36 -28.90
C LEU F 34 -3.21 -23.54 -29.02
N ALA F 35 -3.04 -24.24 -27.91
CA ALA F 35 -2.18 -25.40 -27.86
C ALA F 35 -3.05 -26.58 -28.19
N PRO F 36 -2.64 -27.34 -29.21
CA PRO F 36 -3.40 -28.53 -29.63
C PRO F 36 -3.36 -29.64 -28.58
N LYS F 37 -4.51 -30.29 -28.38
CA LYS F 37 -4.63 -31.43 -27.47
C LYS F 37 -4.14 -32.69 -28.20
N ALA F 38 -3.38 -33.52 -27.50
CA ALA F 38 -2.82 -34.73 -28.08
C ALA F 38 -3.80 -35.90 -28.17
N THR F 39 -3.60 -36.73 -29.19
CA THR F 39 -4.41 -37.93 -29.38
C THR F 39 -3.64 -39.00 -28.60
N SER F 40 -3.90 -40.27 -28.86
CA SER F 40 -3.16 -41.29 -28.15
C SER F 40 -1.76 -41.47 -28.75
N GLY F 41 -1.51 -40.80 -29.88
CA GLY F 41 -0.21 -40.86 -30.51
C GLY F 41 0.26 -42.20 -31.05
N THR F 42 -0.68 -43.15 -31.16
CA THR F 42 -0.36 -44.48 -31.69
C THR F 42 -0.24 -44.46 -33.20
N LYS F 43 0.15 -45.59 -33.77
CA LYS F 43 0.29 -45.73 -35.20
C LYS F 43 -1.06 -45.49 -35.87
N GLU F 44 -2.11 -45.97 -35.20
CA GLU F 44 -3.50 -45.89 -35.66
C GLU F 44 -4.15 -44.55 -35.36
N ASP F 45 -3.77 -43.94 -34.24
CA ASP F 45 -4.32 -42.66 -33.79
C ASP F 45 -3.18 -41.61 -33.65
N PRO F 46 -2.50 -41.23 -34.77
CA PRO F 46 -1.41 -40.26 -34.69
C PRO F 46 -1.87 -38.84 -34.39
N ASN F 47 -0.95 -38.00 -33.93
CA ASN F 47 -1.28 -36.62 -33.66
C ASN F 47 -1.32 -35.98 -35.03
N LEU F 48 -2.43 -35.28 -35.30
CA LEU F 48 -2.60 -34.65 -36.59
C LEU F 48 -2.04 -33.24 -36.58
N VAL F 49 -1.01 -33.04 -37.39
CA VAL F 49 -0.33 -31.76 -37.44
C VAL F 49 -0.63 -30.94 -38.69
N PRO F 50 -1.50 -29.94 -38.56
CA PRO F 50 -1.87 -29.07 -39.68
C PRO F 50 -0.66 -28.31 -40.18
N SER F 51 -0.62 -28.01 -41.47
CA SER F 51 0.48 -27.26 -42.03
C SER F 51 0.06 -26.63 -43.34
N ILE F 52 0.80 -25.65 -43.81
CA ILE F 52 0.45 -25.02 -45.07
C ILE F 52 1.55 -25.31 -46.08
N THR F 53 2.49 -26.17 -45.70
CA THR F 53 3.59 -26.56 -46.58
C THR F 53 3.74 -28.07 -46.41
N ASN F 54 4.85 -28.63 -46.90
CA ASN F 54 5.02 -30.06 -46.78
C ASN F 54 5.90 -30.56 -45.62
N LYS F 55 6.12 -29.66 -44.65
CA LYS F 55 6.87 -29.97 -43.44
C LYS F 55 6.60 -28.91 -42.38
N ARG F 56 6.61 -29.35 -41.13
CA ARG F 56 6.39 -28.46 -40.01
C ARG F 56 7.20 -28.94 -38.83
N ILE F 57 7.90 -28.00 -38.17
CA ILE F 57 8.68 -28.35 -36.99
C ILE F 57 7.72 -28.71 -35.87
N VAL F 58 7.94 -29.88 -35.29
CA VAL F 58 7.14 -30.34 -34.17
C VAL F 58 7.99 -30.33 -32.90
N GLY F 59 7.35 -29.99 -31.80
CA GLY F 59 8.01 -29.99 -30.51
C GLY F 59 7.26 -30.98 -29.64
N CYS F 60 7.98 -31.96 -29.13
CA CYS F 60 7.35 -32.95 -28.30
C CYS F 60 7.79 -32.92 -26.86
N ILE F 61 6.82 -32.72 -25.97
CA ILE F 61 7.05 -32.73 -24.53
C ILE F 61 6.60 -34.15 -24.15
N CYS F 62 7.52 -35.10 -24.34
CA CYS F 62 7.25 -36.51 -24.09
C CYS F 62 6.39 -36.78 -22.87
N GLU F 63 6.88 -36.40 -21.71
CA GLU F 63 6.13 -36.61 -20.49
C GLU F 63 5.78 -35.26 -19.91
N GLU F 64 4.65 -35.19 -19.24
CA GLU F 64 4.18 -33.96 -18.60
C GLU F 64 5.27 -33.51 -17.64
N ASP F 65 5.49 -32.21 -17.58
CA ASP F 65 6.50 -31.66 -16.67
C ASP F 65 7.98 -31.87 -17.06
N ASN F 66 8.21 -32.33 -18.28
CA ASN F 66 9.58 -32.48 -18.76
C ASN F 66 10.03 -31.07 -19.06
N SER F 67 11.31 -30.77 -18.87
CA SER F 67 11.79 -29.43 -19.18
C SER F 67 12.41 -29.42 -20.56
N THR F 68 12.77 -30.61 -21.04
CA THR F 68 13.39 -30.78 -22.36
C THR F 68 12.32 -31.01 -23.43
N VAL F 69 12.40 -30.25 -24.53
CA VAL F 69 11.45 -30.40 -25.61
C VAL F 69 12.19 -31.00 -26.80
N ILE F 70 11.63 -32.06 -27.39
CA ILE F 70 12.22 -32.73 -28.55
C ILE F 70 11.66 -32.08 -29.82
N TRP F 71 12.56 -31.53 -30.63
CA TRP F 71 12.22 -30.83 -31.86
C TRP F 71 12.65 -31.55 -33.13
N PHE F 72 11.78 -31.57 -34.13
CA PHE F 72 12.07 -32.23 -35.41
C PHE F 72 11.09 -31.83 -36.46
N TRP F 73 11.54 -31.87 -37.70
CA TRP F 73 10.67 -31.55 -38.80
C TRP F 73 9.75 -32.73 -39.08
N LEU F 74 8.45 -32.46 -39.14
CA LEU F 74 7.45 -33.47 -39.49
C LEU F 74 7.17 -33.27 -40.98
N HIS F 75 7.55 -34.24 -41.79
CA HIS F 75 7.33 -34.18 -43.24
C HIS F 75 6.02 -34.80 -43.70
N LYS F 76 5.54 -34.30 -44.84
CA LYS F 76 4.33 -34.85 -45.45
C LYS F 76 4.62 -36.29 -45.82
N GLY F 77 3.68 -37.17 -45.54
CA GLY F 77 3.91 -38.54 -45.89
C GLY F 77 3.50 -39.46 -44.79
N GLU F 78 4.23 -40.55 -44.65
CA GLU F 78 3.88 -41.47 -43.60
C GLU F 78 4.20 -40.83 -42.24
N ALA F 79 3.37 -41.15 -41.25
CA ALA F 79 3.52 -40.65 -39.89
C ALA F 79 4.95 -40.88 -39.38
N GLN F 80 5.44 -39.94 -38.59
CA GLN F 80 6.79 -40.05 -38.01
C GLN F 80 6.66 -40.12 -36.50
N ARG F 81 7.67 -40.66 -35.84
CA ARG F 81 7.64 -40.79 -34.39
C ARG F 81 8.65 -39.92 -33.67
N CYS F 82 8.31 -39.44 -32.48
CA CYS F 82 9.23 -38.62 -31.67
C CYS F 82 10.45 -39.46 -31.43
N PRO F 83 11.64 -38.92 -31.74
CA PRO F 83 12.93 -39.60 -31.58
C PRO F 83 13.16 -40.06 -30.13
N SER F 84 12.41 -39.45 -29.23
CA SER F 84 12.53 -39.73 -27.81
C SER F 84 11.49 -40.69 -27.23
N CYS F 85 10.21 -40.38 -27.39
CA CYS F 85 9.19 -41.25 -26.83
C CYS F 85 8.45 -42.07 -27.87
N GLY F 86 8.80 -41.90 -29.15
CA GLY F 86 8.13 -42.65 -30.20
C GLY F 86 6.67 -42.33 -30.46
N THR F 87 6.05 -41.33 -29.81
CA THR F 87 4.65 -41.07 -30.15
C THR F 87 4.57 -40.59 -31.60
N HIS F 88 3.46 -40.91 -32.25
CA HIS F 88 3.26 -40.62 -33.65
C HIS F 88 2.63 -39.28 -34.00
N TYR F 89 3.11 -38.70 -35.09
CA TYR F 89 2.65 -37.42 -35.60
C TYR F 89 2.55 -37.55 -37.11
N LYS F 90 1.50 -36.98 -37.68
CA LYS F 90 1.31 -37.01 -39.13
C LYS F 90 0.87 -35.65 -39.64
N LEU F 91 1.55 -35.18 -40.67
CA LEU F 91 1.24 -33.89 -41.26
C LEU F 91 -0.06 -33.94 -42.08
N VAL F 92 -0.89 -32.89 -41.96
CA VAL F 92 -2.15 -32.78 -42.69
C VAL F 92 -2.15 -31.41 -43.39
N PRO F 93 -1.37 -31.26 -44.48
CA PRO F 93 -1.24 -30.01 -45.26
C PRO F 93 -2.38 -29.10 -45.75
N HIS F 94 -1.91 -27.90 -46.14
CA HIS F 94 -2.62 -26.76 -46.76
C HIS F 94 -3.94 -26.09 -46.28
N GLN F 95 -4.22 -25.02 -47.02
CA GLN F 95 -5.35 -24.08 -46.98
C GLN F 95 -5.38 -22.81 -46.11
N LEU F 96 -6.08 -22.82 -44.96
CA LEU F 96 -6.19 -21.65 -44.07
C LEU F 96 -6.93 -20.48 -44.75
N ALA F 97 -6.25 -19.81 -45.68
CA ALA F 97 -6.82 -18.69 -46.46
C ALA F 97 -7.49 -19.26 -47.73
N HIS F 98 -8.82 -19.19 -47.77
CA HIS F 98 -9.64 -19.71 -48.89
C HIS F 98 -9.33 -19.18 -50.31
N ALA G 1 -10.41 0.05 5.25
CA ALA G 1 -11.59 0.97 5.30
C ALA G 1 -12.67 0.61 4.27
N SER G 2 -13.84 1.24 4.42
CA SER G 2 -15.01 1.04 3.55
C SER G 2 -15.57 2.44 3.15
N ALA G 3 -14.86 3.48 3.61
CA ALA G 3 -15.17 4.91 3.37
C ALA G 3 -16.25 5.52 4.30
N ALA G 4 -17.51 5.40 3.90
CA ALA G 4 -18.69 5.89 4.63
C ALA G 4 -19.94 5.98 3.71
N LYS G 5 -19.78 5.62 2.44
CA LYS G 5 -20.87 5.65 1.43
C LYS G 5 -21.48 4.23 1.19
N GLY G 6 -21.50 3.70 -0.04
CA GLY G 6 -22.09 2.38 -0.22
C GLY G 6 -22.07 1.55 -1.51
N ASP G 7 -22.82 1.98 -2.54
CA ASP G 7 -22.98 1.29 -3.85
C ASP G 7 -22.51 -0.17 -4.02
N HIS G 8 -21.27 -0.35 -4.52
CA HIS G 8 -20.60 -1.66 -4.78
C HIS G 8 -21.32 -2.84 -5.49
N GLY G 9 -22.65 -2.75 -5.64
CA GLY G 9 -23.44 -3.79 -6.30
C GLY G 9 -23.11 -3.95 -7.77
N GLY G 10 -22.43 -2.94 -8.30
CA GLY G 10 -22.02 -2.91 -9.69
C GLY G 10 -21.42 -1.55 -9.98
N GLY G 12 -20.12 0.98 -12.22
CA GLY G 12 -20.21 1.33 -13.65
C GLY G 12 -19.98 2.81 -13.96
N ALA G 13 -20.14 3.23 -15.22
CA ALA G 13 -19.88 4.63 -15.58
C ALA G 13 -20.71 5.66 -14.86
N ARG G 14 -21.95 5.30 -14.52
CA ARG G 14 -22.83 6.23 -13.82
C ARG G 14 -22.29 6.51 -12.42
N THR G 15 -21.83 5.45 -11.76
CA THR G 15 -21.28 5.58 -10.43
C THR G 15 -20.03 6.45 -10.38
N TRP G 16 -19.11 6.27 -11.33
CA TRP G 16 -17.87 7.06 -11.35
C TRP G 16 -18.09 8.51 -11.70
N ARG G 17 -19.19 8.77 -12.39
CA ARG G 17 -19.52 10.13 -12.78
C ARG G 17 -20.13 10.78 -11.55
N PHE G 18 -20.90 9.98 -10.82
CA PHE G 18 -21.54 10.39 -9.58
C PHE G 18 -20.40 10.83 -8.65
N LEU G 19 -19.33 10.04 -8.58
CA LEU G 19 -18.19 10.35 -7.74
C LEU G 19 -17.44 11.58 -8.23
N THR G 20 -17.34 11.76 -9.56
CA THR G 20 -16.62 12.92 -10.11
C THR G 20 -17.28 14.24 -9.71
N PHE G 21 -18.60 14.31 -9.89
CA PHE G 21 -19.35 15.51 -9.57
C PHE G 21 -19.82 15.64 -8.13
N GLY G 22 -20.01 14.51 -7.44
CA GLY G 22 -20.47 14.52 -6.07
C GLY G 22 -19.38 14.50 -4.99
N LEU G 23 -18.17 14.06 -5.33
CA LEU G 23 -17.07 14.01 -4.37
C LEU G 23 -15.79 14.69 -4.84
N ALA G 24 -15.25 14.18 -5.96
CA ALA G 24 -14.02 14.70 -6.52
C ALA G 24 -14.00 16.21 -6.79
N LEU G 25 -14.85 16.70 -7.69
CA LEU G 25 -14.86 18.12 -7.99
C LEU G 25 -15.23 18.99 -6.79
N PRO G 26 -16.21 18.57 -5.97
CA PRO G 26 -16.53 19.42 -4.82
C PRO G 26 -15.30 19.59 -3.90
N SER G 27 -14.52 18.52 -3.74
CA SER G 27 -13.30 18.56 -2.91
C SER G 27 -12.29 19.50 -3.52
N VAL G 28 -12.21 19.53 -4.85
CA VAL G 28 -11.29 20.43 -5.51
C VAL G 28 -11.75 21.86 -5.31
N ALA G 29 -13.06 22.05 -5.23
CA ALA G 29 -13.60 23.39 -5.03
C ALA G 29 -13.35 23.88 -3.60
N LEU G 30 -13.45 22.99 -2.62
CA LEU G 30 -13.19 23.37 -1.24
C LEU G 30 -11.72 23.73 -1.05
N CYS G 31 -10.82 22.94 -1.62
CA CYS G 31 -9.40 23.21 -1.51
C CYS G 31 -9.04 24.45 -2.29
N THR G 32 -9.83 24.78 -3.31
CA THR G 32 -9.55 25.98 -4.10
C THR G 32 -10.01 27.16 -3.28
N LEU G 33 -11.04 26.95 -2.49
CA LEU G 33 -11.60 27.97 -1.61
C LEU G 33 -10.55 28.26 -0.54
N ASN G 34 -10.19 27.23 0.22
CA ASN G 34 -9.20 27.35 1.27
C ASN G 34 -7.91 27.99 0.79
N SER G 35 -7.35 27.49 -0.30
CA SER G 35 -6.09 28.02 -0.83
C SER G 35 -6.14 29.48 -1.22
N TRP G 36 -7.18 29.87 -1.95
CA TRP G 36 -7.32 31.26 -2.38
C TRP G 36 -8.04 31.99 -1.26
N LEU G 37 -7.46 31.86 -0.07
CA LEU G 37 -7.95 32.44 1.17
C LEU G 37 -6.76 32.57 2.13
N HIS G 38 -5.94 31.51 2.20
CA HIS G 38 -4.74 31.49 3.04
C HIS G 38 -3.52 31.96 2.27
N SER G 39 -3.72 32.38 1.01
CA SER G 39 -2.64 32.87 0.16
C SER G 39 -2.04 34.15 0.76
N GLY G 40 -1.99 35.25 -0.02
CA GLY G 40 -1.43 36.50 0.46
C GLY G 40 0.05 36.50 0.79
N HIS G 41 0.80 37.34 0.06
CA HIS G 41 2.26 37.45 0.22
C HIS G 41 2.73 37.55 1.69
N ARG G 42 3.48 36.53 2.10
CA ARG G 42 3.99 36.55 3.47
C ARG G 42 5.32 37.34 3.44
N GLU G 43 5.39 38.25 4.39
CA GLU G 43 6.54 39.17 4.57
C GLU G 43 7.86 38.39 4.42
N ARG G 44 8.60 38.70 3.36
CA ARG G 44 9.91 38.05 3.10
C ARG G 44 10.83 38.19 4.31
N PRO G 45 11.55 37.12 4.66
CA PRO G 45 12.49 37.08 5.79
C PRO G 45 13.77 37.90 5.56
N ALA G 46 14.36 38.37 6.65
CA ALA G 46 15.58 39.14 6.58
C ALA G 46 16.67 38.28 5.90
N PHE G 47 17.52 38.92 5.12
CA PHE G 47 18.58 38.22 4.41
C PHE G 47 19.79 37.96 5.31
N ILE G 48 20.28 36.71 5.28
CA ILE G 48 21.47 36.27 6.02
C ILE G 48 22.22 35.46 4.98
N PRO G 49 23.46 35.84 4.66
CA PRO G 49 24.32 35.19 3.67
C PRO G 49 24.84 33.79 4.05
N TYR G 50 23.91 32.93 4.47
CA TYR G 50 24.21 31.56 4.85
C TYR G 50 24.97 30.87 3.74
N HIS G 51 26.03 30.16 4.10
CA HIS G 51 26.87 29.49 3.13
C HIS G 51 26.31 28.23 2.45
N HIS G 52 25.31 27.61 3.06
CA HIS G 52 24.70 26.43 2.49
C HIS G 52 23.52 26.78 1.55
N LEU G 53 23.23 28.07 1.38
CA LEU G 53 22.13 28.53 0.53
C LEU G 53 22.69 29.37 -0.62
N ARG G 54 21.86 29.68 -1.61
CA ARG G 54 22.29 30.46 -2.78
C ARG G 54 23.60 29.96 -3.37
N ILE G 55 23.72 28.64 -3.52
CA ILE G 55 24.93 28.01 -4.04
C ILE G 55 25.29 28.45 -5.46
N ARG G 56 26.58 28.65 -5.71
CA ARG G 56 27.10 29.01 -7.05
C ARG G 56 28.47 28.37 -7.23
N THR G 57 28.50 27.17 -7.81
CA THR G 57 29.78 26.49 -8.10
C THR G 57 30.09 26.67 -9.60
N LYS G 58 29.07 27.06 -10.36
CA LYS G 58 29.17 27.29 -11.81
C LYS G 58 27.98 28.15 -12.18
N PRO G 59 28.22 29.18 -12.99
CA PRO G 59 27.10 30.03 -13.35
C PRO G 59 26.08 29.29 -14.20
N PHE G 60 24.82 29.68 -14.03
CA PHE G 60 23.73 29.11 -14.78
C PHE G 60 23.91 29.47 -16.23
N SER G 61 23.49 28.55 -17.10
CA SER G 61 23.64 28.73 -18.54
C SER G 61 22.64 29.68 -19.16
N TRP G 62 22.12 30.61 -18.36
CA TRP G 62 21.18 31.60 -18.82
C TRP G 62 21.33 32.93 -18.08
N GLY G 63 20.71 33.99 -18.61
CA GLY G 63 20.78 35.31 -18.00
C GLY G 63 22.21 35.74 -17.73
N ASP G 64 22.43 36.31 -16.56
CA ASP G 64 23.76 36.74 -16.12
C ASP G 64 24.49 35.62 -15.38
N GLY G 65 23.90 34.43 -15.39
CA GLY G 65 24.47 33.27 -14.73
C GLY G 65 24.36 33.29 -13.23
N ASN G 66 23.58 34.23 -12.69
CA ASN G 66 23.44 34.37 -11.24
C ASN G 66 21.99 34.27 -10.75
N HIS G 67 21.05 34.19 -11.70
CA HIS G 67 19.63 34.11 -11.36
C HIS G 67 19.07 32.71 -11.58
N THR G 68 18.38 32.17 -10.57
CA THR G 68 17.81 30.85 -10.74
C THR G 68 16.72 30.94 -11.81
N PHE G 69 16.31 29.80 -12.33
CA PHE G 69 15.33 29.76 -13.41
C PHE G 69 13.99 30.45 -13.20
N PHE G 70 13.37 30.25 -12.05
CA PHE G 70 12.10 30.89 -11.76
C PHE G 70 12.33 31.92 -10.64
N HIS G 71 13.42 32.68 -10.81
CA HIS G 71 13.82 33.74 -9.87
C HIS G 71 12.70 34.76 -9.64
N ASN G 72 12.37 34.95 -8.38
CA ASN G 72 11.35 35.91 -8.00
C ASN G 72 12.05 36.94 -7.11
N PRO G 73 12.31 38.15 -7.66
CA PRO G 73 12.98 39.26 -6.98
C PRO G 73 12.40 39.59 -5.61
N ARG G 74 11.08 39.44 -5.49
CA ARG G 74 10.36 39.71 -4.26
C ARG G 74 10.77 38.77 -3.14
N VAL G 75 11.04 37.51 -3.45
CA VAL G 75 11.41 36.55 -2.40
C VAL G 75 12.74 35.84 -2.54
N ASN G 76 13.34 35.88 -3.72
CA ASN G 76 14.60 35.19 -3.91
C ASN G 76 15.78 36.12 -3.94
N PRO G 77 16.56 36.13 -2.87
CA PRO G 77 17.73 37.00 -2.84
C PRO G 77 18.84 36.37 -3.66
N LEU G 78 19.76 37.19 -4.13
CA LEU G 78 20.91 36.70 -4.85
C LEU G 78 21.93 36.38 -3.76
N PRO G 79 23.10 35.83 -4.14
CA PRO G 79 24.14 35.50 -3.14
C PRO G 79 24.51 36.76 -2.29
N THR G 80 24.38 37.92 -2.91
CA THR G 80 24.66 39.20 -2.25
C THR G 80 23.47 39.87 -1.56
N GLY G 81 22.29 39.27 -1.63
CA GLY G 81 21.14 39.89 -0.98
C GLY G 81 20.03 40.21 -1.96
N TYR G 82 18.88 40.63 -1.45
CA TYR G 82 17.74 40.95 -2.31
C TYR G 82 18.06 42.01 -3.33
N GLU G 83 17.33 42.00 -4.43
CA GLU G 83 17.54 42.97 -5.47
C GLU G 83 16.77 44.25 -5.21
N LYS G 84 17.21 45.28 -5.94
CA LYS G 84 16.68 46.64 -5.89
C LYS G 84 15.15 46.70 -6.12
N LYS H 7 41.51 21.32 37.52
CA LYS H 7 40.44 20.88 38.47
C LYS H 7 39.49 19.86 37.85
N ILE H 8 39.65 18.60 38.27
CA ILE H 8 38.84 17.47 37.79
C ILE H 8 39.24 17.13 36.33
N LYS H 9 40.27 17.81 35.85
CA LYS H 9 40.78 17.66 34.46
C LYS H 9 41.94 16.68 34.37
N ASN H 10 43.08 17.18 33.88
CA ASN H 10 44.30 16.38 33.71
C ASN H 10 44.21 15.53 32.41
N TYR H 11 43.44 16.09 31.48
CA TYR H 11 43.10 15.60 30.14
C TYR H 11 44.21 15.12 29.21
N GLN H 12 44.07 13.89 28.68
CA GLN H 12 45.02 13.34 27.72
C GLN H 12 44.40 13.62 26.35
N THR H 13 43.24 13.00 26.09
CA THR H 13 42.49 13.22 24.85
C THR H 13 41.02 12.99 25.09
N ALA H 14 40.19 13.29 24.10
CA ALA H 14 38.74 13.11 24.23
C ALA H 14 38.41 11.64 24.47
N PRO H 15 37.70 11.32 25.57
CA PRO H 15 37.35 9.93 25.88
C PRO H 15 36.23 9.37 25.01
N PHE H 16 36.17 8.05 24.91
CA PHE H 16 35.13 7.39 24.15
C PHE H 16 33.81 7.97 24.65
N ASP H 17 32.93 8.29 23.72
CA ASP H 17 31.63 8.81 24.08
C ASP H 17 30.57 7.86 23.54
N SER H 18 29.85 7.21 24.45
CA SER H 18 28.81 6.24 24.11
C SER H 18 27.78 6.76 23.09
N ARG H 19 27.66 8.07 23.00
CA ARG H 19 26.72 8.66 22.06
C ARG H 19 27.21 8.64 20.63
N PHE H 20 28.52 8.49 20.43
CA PHE H 20 29.12 8.47 19.09
C PHE H 20 30.12 7.33 19.09
N PRO H 21 29.62 6.08 19.06
CA PRO H 21 30.42 4.85 19.09
C PRO H 21 30.91 4.29 17.77
N ASN H 22 30.58 4.97 16.68
CA ASN H 22 30.95 4.46 15.36
C ASN H 22 32.07 5.20 14.67
N GLN H 23 32.42 4.72 13.48
CA GLN H 23 33.48 5.31 12.69
C GLN H 23 33.23 6.78 12.29
N ASN H 24 31.98 7.17 12.10
CA ASN H 24 31.72 8.55 11.75
C ASN H 24 31.57 9.40 13.01
N GLN H 25 32.58 10.24 13.21
CA GLN H 25 32.71 11.12 14.36
C GLN H 25 32.36 12.57 14.06
N THR H 26 31.90 12.85 12.85
CA THR H 26 31.57 14.22 12.46
C THR H 26 30.67 14.92 13.47
N ARG H 27 29.65 14.22 13.97
CA ARG H 27 28.76 14.83 14.92
C ARG H 27 29.38 15.03 16.29
N ASN H 28 30.29 14.13 16.69
CA ASN H 28 30.97 14.22 17.99
C ASN H 28 31.68 15.59 18.06
N CYS H 29 32.49 15.86 17.05
CA CYS H 29 33.17 17.15 16.95
C CYS H 29 32.16 18.30 17.01
N TRP H 30 31.19 18.25 16.10
CA TRP H 30 30.18 19.29 16.02
C TRP H 30 29.40 19.49 17.29
N GLN H 31 28.99 18.41 17.93
CA GLN H 31 28.24 18.55 19.16
C GLN H 31 29.05 19.30 20.23
N ASN H 32 30.30 18.89 20.43
CA ASN H 32 31.18 19.54 21.42
C ASN H 32 31.53 20.98 21.11
N TYR H 33 31.59 21.29 19.83
CA TYR H 33 31.85 22.66 19.42
C TYR H 33 30.64 23.50 19.80
N LEU H 34 29.44 23.00 19.51
CA LEU H 34 28.21 23.72 19.84
C LEU H 34 28.09 23.87 21.34
N ASP H 35 28.25 22.75 22.05
CA ASP H 35 28.16 22.73 23.50
C ASP H 35 29.03 23.79 24.14
N PHE H 36 30.28 23.90 23.67
CA PHE H 36 31.17 24.89 24.25
C PHE H 36 30.70 26.31 24.02
N HIS H 37 30.32 26.66 22.80
CA HIS H 37 29.88 28.03 22.54
C HIS H 37 28.52 28.37 23.13
N ARG H 38 27.73 27.35 23.44
CA ARG H 38 26.44 27.58 24.04
C ARG H 38 26.68 27.88 25.49
N CYS H 39 27.54 27.06 26.10
CA CYS H 39 27.93 27.20 27.50
C CYS H 39 28.59 28.56 27.67
N GLU H 40 29.65 28.80 26.89
CA GLU H 40 30.35 30.07 26.97
C GLU H 40 29.39 31.24 26.88
N LYS H 41 28.31 31.09 26.13
CA LYS H 41 27.33 32.17 25.98
C LYS H 41 26.49 32.42 27.24
N ALA H 42 25.90 31.35 27.80
CA ALA H 42 25.09 31.43 29.02
C ALA H 42 25.88 31.99 30.20
N MET H 43 27.13 31.55 30.36
CA MET H 43 27.98 32.02 31.45
C MET H 43 28.35 33.49 31.25
N THR H 44 28.86 33.83 30.06
CA THR H 44 29.23 35.21 29.78
C THR H 44 27.98 36.09 29.85
N ALA H 45 26.82 35.44 29.82
CA ALA H 45 25.54 36.14 29.91
C ALA H 45 25.12 36.38 31.37
N LYS H 46 24.79 35.30 32.08
CA LYS H 46 24.34 35.35 33.48
C LYS H 46 25.41 35.69 34.54
N GLY H 47 26.51 36.32 34.11
CA GLY H 47 27.59 36.68 35.03
C GLY H 47 28.14 35.45 35.72
N GLY H 48 28.94 34.68 34.99
CA GLY H 48 29.53 33.47 35.53
C GLY H 48 30.90 33.24 34.93
N ASP H 49 31.52 32.12 35.24
CA ASP H 49 32.83 31.86 34.69
C ASP H 49 32.83 30.86 33.54
N VAL H 50 33.38 31.29 32.42
CA VAL H 50 33.50 30.48 31.21
C VAL H 50 34.33 29.21 31.46
N SER H 51 35.14 29.22 32.51
CA SER H 51 35.99 28.08 32.81
C SER H 51 35.23 26.77 33.01
N VAL H 52 33.92 26.83 33.24
CA VAL H 52 33.15 25.60 33.42
C VAL H 52 32.94 24.93 32.05
N CYS H 53 33.06 25.75 31.00
CA CYS H 53 32.91 25.34 29.61
C CYS H 53 34.14 24.68 29.05
N GLU H 54 35.23 24.73 29.81
CA GLU H 54 36.51 24.18 29.39
C GLU H 54 36.55 22.75 28.85
N TRP H 55 35.77 21.83 29.44
CA TRP H 55 35.77 20.45 28.95
C TRP H 55 35.50 20.38 27.45
N TYR H 56 34.36 20.94 27.06
CA TYR H 56 33.90 20.96 25.66
C TYR H 56 34.91 21.57 24.69
N ARG H 57 35.68 22.54 25.17
CA ARG H 57 36.66 23.19 24.31
C ARG H 57 37.82 22.24 24.06
N ARG H 58 38.23 21.50 25.09
CA ARG H 58 39.32 20.56 24.94
C ARG H 58 38.89 19.46 23.99
N VAL H 59 37.71 18.90 24.24
CA VAL H 59 37.17 17.84 23.41
C VAL H 59 37.06 18.25 21.94
N TYR H 60 36.35 19.34 21.66
CA TYR H 60 36.20 19.75 20.28
C TYR H 60 37.53 20.13 19.66
N LYS H 61 38.49 20.56 20.48
CA LYS H 61 39.80 20.94 19.96
C LYS H 61 40.58 19.69 19.54
N SER H 62 40.43 18.64 20.33
CA SER H 62 41.06 17.36 20.04
C SER H 62 40.53 16.75 18.73
N LEU H 63 39.20 16.66 18.65
CA LEU H 63 38.50 16.05 17.54
C LEU H 63 38.35 16.83 16.25
N CYS H 64 38.02 18.11 16.36
CA CYS H 64 37.77 18.90 15.18
C CYS H 64 38.93 19.35 14.35
N PRO H 65 38.81 19.18 13.03
CA PRO H 65 39.88 19.61 12.13
C PRO H 65 40.01 21.11 12.31
N ILE H 66 41.23 21.61 12.31
CA ILE H 66 41.49 23.05 12.43
C ILE H 66 40.61 23.87 11.45
N SER H 67 40.53 23.45 10.19
CA SER H 67 39.76 24.18 9.20
C SER H 67 38.26 24.22 9.46
N TRP H 68 37.70 23.22 10.13
CA TRP H 68 36.28 23.25 10.42
C TRP H 68 36.04 24.28 11.49
N VAL H 69 36.84 24.19 12.55
CA VAL H 69 36.75 25.12 13.69
C VAL H 69 36.95 26.52 13.17
N SER H 70 37.98 26.70 12.36
CA SER H 70 38.28 27.99 11.81
C SER H 70 37.09 28.57 11.03
N THR H 71 36.54 27.75 10.14
CA THR H 71 35.39 28.14 9.30
C THR H 71 34.17 28.44 10.15
N TRP H 72 33.91 27.61 11.16
CA TRP H 72 32.76 27.83 12.02
C TRP H 72 32.91 29.11 12.84
N ASP H 73 34.13 29.40 13.29
CA ASP H 73 34.44 30.61 14.07
C ASP H 73 34.18 31.84 13.21
N ASP H 74 34.69 31.82 11.98
CA ASP H 74 34.48 32.91 11.04
C ASP H 74 33.01 33.17 10.77
N ARG H 75 32.22 32.10 10.72
CA ARG H 75 30.80 32.25 10.45
C ARG H 75 30.00 32.75 11.64
N ARG H 76 30.39 32.36 12.84
CA ARG H 76 29.67 32.86 14.02
C ARG H 76 29.84 34.37 14.07
N ALA H 77 31.03 34.83 13.66
CA ALA H 77 31.39 36.25 13.61
C ALA H 77 30.60 36.97 12.53
N GLU H 78 30.52 36.35 11.37
CA GLU H 78 29.82 36.91 10.24
C GLU H 78 28.30 36.86 10.43
N GLY H 79 27.82 36.07 11.38
CA GLY H 79 26.38 35.96 11.63
C GLY H 79 25.70 34.87 10.82
N THR H 80 26.50 34.14 10.04
CA THR H 80 26.04 33.06 9.16
C THR H 80 26.21 31.64 9.71
N PHE H 81 26.46 31.49 11.00
CA PHE H 81 26.60 30.17 11.58
C PHE H 81 25.22 29.51 11.59
N PRO H 82 25.09 28.38 10.86
CA PRO H 82 23.81 27.67 10.78
C PRO H 82 23.31 27.03 12.06
N GLY H 83 24.23 26.66 12.95
CA GLY H 83 23.82 26.04 14.20
C GLY H 83 23.22 27.02 15.19
N LYS H 84 22.38 26.51 16.09
CA LYS H 84 21.76 27.38 17.08
C LYS H 84 22.58 27.46 18.35
N ILE H 85 22.99 28.68 18.66
CA ILE H 85 23.81 28.96 19.84
C ILE H 85 23.12 30.02 20.69
N THR I 2 40.12 -72.48 -22.23
CA THR I 2 39.38 -72.18 -21.03
C THR I 2 38.34 -71.07 -21.23
N ALA I 3 37.19 -71.20 -20.58
CA ALA I 3 36.16 -70.19 -20.67
C ALA I 3 36.59 -68.94 -19.89
N LEU I 4 35.89 -67.85 -20.14
CA LEU I 4 36.18 -66.60 -19.46
C LEU I 4 35.05 -66.38 -18.44
N ALA I 5 35.44 -65.92 -17.26
CA ALA I 5 34.53 -65.66 -16.13
C ALA I 5 33.69 -64.40 -16.43
N LYS I 6 32.43 -64.35 -16.00
CA LYS I 6 31.63 -63.16 -16.25
C LYS I 6 32.09 -61.98 -15.40
N PRO I 7 32.49 -60.86 -16.05
CA PRO I 7 32.93 -59.69 -15.30
C PRO I 7 31.76 -58.78 -14.90
N GLN I 8 32.10 -57.70 -14.19
CA GLN I 8 31.15 -56.71 -13.75
C GLN I 8 30.78 -55.94 -15.00
N MET I 9 29.50 -55.83 -15.33
CA MET I 9 29.14 -55.10 -16.54
C MET I 9 28.21 -53.94 -16.29
N ARG I 10 27.78 -53.76 -15.05
CA ARG I 10 26.87 -52.68 -14.74
C ARG I 10 27.49 -51.63 -13.82
N GLY I 11 27.01 -50.39 -13.93
CA GLY I 11 27.49 -49.30 -13.11
C GLY I 11 28.99 -49.07 -13.10
N LEU I 12 29.65 -49.24 -14.26
CA LEU I 12 31.09 -49.02 -14.32
C LEU I 12 31.45 -47.54 -14.16
N LEU I 13 30.65 -46.65 -14.71
CA LEU I 13 30.96 -45.24 -14.58
C LEU I 13 30.74 -44.80 -13.15
N ALA I 14 29.62 -45.18 -12.54
CA ALA I 14 29.29 -44.80 -11.17
C ALA I 14 30.30 -45.39 -10.20
N ARG I 15 30.75 -46.59 -10.54
CA ARG I 15 31.72 -47.33 -9.76
C ARG I 15 33.00 -46.51 -9.74
N ARG I 16 33.42 -46.04 -10.91
CA ARG I 16 34.63 -45.22 -11.05
C ARG I 16 34.51 -43.85 -10.32
N LEU I 17 33.32 -43.26 -10.35
CA LEU I 17 33.03 -41.99 -9.69
C LEU I 17 33.23 -42.16 -8.19
N ARG I 18 32.54 -43.15 -7.62
CA ARG I 18 32.61 -43.43 -6.19
C ARG I 18 34.07 -43.53 -5.73
N PHE I 19 34.86 -44.33 -6.44
CA PHE I 19 36.27 -44.54 -6.15
C PHE I 19 37.10 -43.25 -6.09
N HIS I 20 37.02 -42.43 -7.13
CA HIS I 20 37.80 -41.20 -7.16
C HIS I 20 37.29 -40.07 -6.31
N ILE I 21 35.98 -40.03 -6.04
CA ILE I 21 35.45 -38.96 -5.19
C ILE I 21 36.00 -39.18 -3.78
N VAL I 22 36.09 -40.44 -3.38
CA VAL I 22 36.63 -40.83 -2.06
C VAL I 22 38.12 -40.50 -1.99
N GLY I 23 38.88 -40.79 -3.04
CA GLY I 23 40.29 -40.48 -3.05
C GLY I 23 40.48 -38.97 -2.91
N ALA I 24 39.72 -38.19 -3.68
CA ALA I 24 39.77 -36.71 -3.64
C ALA I 24 39.54 -36.18 -2.22
N PHE I 25 38.61 -36.80 -1.50
CA PHE I 25 38.29 -36.45 -0.11
C PHE I 25 39.53 -36.69 0.77
N MET I 26 40.14 -37.88 0.62
CA MET I 26 41.33 -38.25 1.39
C MET I 26 42.46 -37.24 1.13
N VAL I 27 42.69 -36.90 -0.13
CA VAL I 27 43.72 -35.94 -0.50
C VAL I 27 43.44 -34.57 0.10
N SER I 28 42.16 -34.19 0.16
CA SER I 28 41.74 -32.92 0.71
C SER I 28 42.14 -32.84 2.17
N LEU I 29 41.92 -33.95 2.90
CA LEU I 29 42.26 -34.07 4.30
C LEU I 29 43.77 -34.06 4.51
N GLY I 30 44.49 -34.75 3.63
CA GLY I 30 45.94 -34.78 3.72
C GLY I 30 46.48 -33.39 3.49
N PHE I 31 45.90 -32.68 2.53
CA PHE I 31 46.30 -31.31 2.21
C PHE I 31 45.98 -30.34 3.36
N ALA I 32 44.81 -30.52 3.98
CA ALA I 32 44.40 -29.67 5.11
C ALA I 32 45.47 -29.81 6.19
N THR I 33 45.77 -31.06 6.56
CA THR I 33 46.79 -31.42 7.56
C THR I 33 48.13 -30.75 7.25
N PHE I 34 48.57 -30.87 6.00
CA PHE I 34 49.83 -30.30 5.56
C PHE I 34 49.82 -28.77 5.63
N TYR I 35 48.77 -28.14 5.12
CA TYR I 35 48.66 -26.68 5.12
C TYR I 35 48.70 -26.11 6.54
N LYS I 36 47.91 -26.71 7.44
CA LYS I 36 47.85 -26.28 8.84
C LYS I 36 49.08 -26.71 9.62
N PHE I 37 50.23 -26.68 8.95
CA PHE I 37 51.50 -27.08 9.54
C PHE I 37 52.58 -26.33 8.78
N ALA I 38 52.55 -26.41 7.46
CA ALA I 38 53.56 -25.74 6.63
C ALA I 38 53.23 -24.29 6.39
N VAL I 39 52.04 -23.86 6.78
CA VAL I 39 51.62 -22.46 6.61
C VAL I 39 50.99 -21.87 7.86
N ALA I 40 49.87 -22.44 8.30
CA ALA I 40 49.17 -21.94 9.47
C ALA I 40 50.01 -21.99 10.72
N GLU I 41 50.40 -23.20 11.16
CA GLU I 41 51.23 -23.32 12.36
C GLU I 41 52.58 -22.60 12.25
N LYS I 42 53.23 -22.69 11.08
CA LYS I 42 54.51 -22.03 10.86
C LYS I 42 54.36 -20.54 11.17
N ARG I 43 53.32 -19.93 10.60
CA ARG I 43 53.01 -18.51 10.79
C ARG I 43 52.75 -18.14 12.27
N LYS I 44 51.98 -18.96 12.97
CA LYS I 44 51.67 -18.68 14.38
C LYS I 44 52.89 -18.82 15.27
N LYS I 45 53.73 -19.79 14.97
CA LYS I 45 54.93 -19.98 15.76
C LYS I 45 55.94 -18.87 15.46
N ALA I 46 56.10 -18.48 14.21
CA ALA I 46 57.04 -17.41 13.86
C ALA I 46 56.74 -16.12 14.65
N TYR I 47 55.47 -15.77 14.74
CA TYR I 47 55.02 -14.57 15.47
C TYR I 47 55.20 -14.73 16.96
N ALA I 48 54.78 -15.88 17.46
CA ALA I 48 54.90 -16.16 18.89
C ALA I 48 56.38 -16.19 19.30
N ASP I 49 57.22 -16.82 18.48
CA ASP I 49 58.65 -16.91 18.73
C ASP I 49 59.29 -15.53 18.70
N PHE I 50 58.91 -14.73 17.71
CA PHE I 50 59.47 -13.39 17.60
C PHE I 50 59.18 -12.52 18.81
N TYR I 51 57.90 -12.41 19.17
CA TYR I 51 57.48 -11.59 20.29
C TYR I 51 57.69 -12.16 21.68
N ARG I 52 58.14 -13.40 21.78
CA ARG I 52 58.35 -14.06 23.08
C ARG I 52 59.31 -13.31 23.97
N ASN I 53 60.49 -13.03 23.43
CA ASN I 53 61.49 -12.31 24.20
C ASN I 53 61.89 -11.04 23.46
N TYR I 54 60.88 -10.40 22.86
CA TYR I 54 61.08 -9.18 22.11
C TYR I 54 61.19 -8.01 23.06
N ASP I 55 62.24 -7.21 22.87
CA ASP I 55 62.51 -6.02 23.66
C ASP I 55 62.42 -4.83 22.70
N SER I 56 61.30 -4.12 22.77
CA SER I 56 61.05 -2.99 21.88
C SER I 56 62.00 -1.81 22.04
N MET I 57 62.44 -1.57 23.27
CA MET I 57 63.36 -0.46 23.52
C MET I 57 64.68 -0.78 22.90
N LYS I 58 65.10 -2.04 23.02
CA LYS I 58 66.37 -2.45 22.43
C LYS I 58 66.29 -2.32 20.92
N ASP I 59 65.15 -2.74 20.38
CA ASP I 59 64.94 -2.68 18.94
C ASP I 59 65.01 -1.22 18.48
N PHE I 60 64.26 -0.36 19.19
CA PHE I 60 64.26 1.06 18.90
C PHE I 60 65.65 1.65 18.96
N GLU I 61 66.37 1.30 20.02
CA GLU I 61 67.73 1.81 20.22
C GLU I 61 68.63 1.49 19.02
N GLU I 62 68.54 0.25 18.54
CA GLU I 62 69.32 -0.21 17.39
C GLU I 62 68.97 0.58 16.17
N MET I 63 67.69 0.86 16.02
CA MET I 63 67.22 1.64 14.89
C MET I 63 67.72 3.09 14.96
N ARG I 64 67.68 3.66 16.17
CA ARG I 64 68.13 5.03 16.40
C ARG I 64 69.62 5.16 16.10
N LYS I 65 70.39 4.20 16.61
CA LYS I 65 71.84 4.17 16.39
C LYS I 65 72.17 4.05 14.92
N ALA I 66 71.30 3.40 14.17
CA ALA I 66 71.48 3.24 12.71
C ALA I 66 71.14 4.55 11.99
N GLY I 67 70.44 5.45 12.69
CA GLY I 67 70.09 6.74 12.11
C GLY I 67 68.89 6.79 11.17
N ILE I 68 67.89 5.91 11.37
CA ILE I 68 66.72 5.89 10.50
C ILE I 68 65.66 6.93 10.88
N PHE I 69 65.64 7.31 12.15
CA PHE I 69 64.65 8.26 12.67
C PHE I 69 64.89 9.77 12.46
N GLN I 70 63.77 10.48 12.34
CA GLN I 70 63.76 11.93 12.17
C GLN I 70 63.64 12.60 13.55
N SER I 71 62.92 11.96 14.45
CA SER I 71 62.67 12.49 15.78
C SER I 71 63.62 12.03 16.87
N ALA I 72 64.38 10.98 16.58
CA ALA I 72 65.32 10.44 17.53
C ALA I 72 66.66 10.21 16.86
N LYS I 73 67.64 11.06 17.20
CA LYS I 73 68.97 10.93 16.64
C LYS I 73 69.94 10.16 17.54
N PHE J 1 -18.93 15.37 -35.30
CA PHE J 1 -17.99 14.60 -36.18
C PHE J 1 -18.58 13.25 -36.62
N GLU J 2 -18.03 12.72 -37.72
CA GLU J 2 -18.44 11.43 -38.28
C GLU J 2 -17.27 10.44 -38.31
N ASN J 3 -17.60 9.15 -38.20
CA ASN J 3 -16.61 8.06 -38.20
C ASN J 3 -16.05 7.81 -39.59
N ARG J 4 -14.80 8.19 -39.84
CA ARG J 4 -14.19 7.94 -41.15
C ARG J 4 -13.03 6.97 -41.07
N VAL J 5 -13.10 6.05 -40.10
CA VAL J 5 -12.06 5.03 -39.89
C VAL J 5 -11.96 4.11 -41.13
N ALA J 6 -13.12 3.68 -41.65
CA ALA J 6 -13.18 2.77 -42.80
C ALA J 6 -12.46 3.31 -44.02
N GLU J 7 -12.49 4.62 -44.23
CA GLU J 7 -11.79 5.23 -45.36
C GLU J 7 -10.30 5.08 -45.12
N LYS J 8 -9.86 5.38 -43.90
CA LYS J 8 -8.46 5.30 -43.51
C LYS J 8 -7.94 3.84 -43.58
N GLN J 9 -8.81 2.90 -43.20
CA GLN J 9 -8.44 1.48 -43.25
C GLN J 9 -8.22 1.08 -44.70
N LYS J 10 -9.05 1.59 -45.61
CA LYS J 10 -8.93 1.25 -47.02
C LYS J 10 -7.64 1.81 -47.58
N LEU J 11 -7.34 3.06 -47.24
CA LEU J 11 -6.14 3.73 -47.70
C LEU J 11 -4.88 3.02 -47.23
N PHE J 12 -4.87 2.61 -45.97
CA PHE J 12 -3.70 1.97 -45.40
C PHE J 12 -3.54 0.50 -45.70
N GLN J 13 -4.60 -0.13 -46.20
CA GLN J 13 -4.54 -1.54 -46.58
C GLN J 13 -4.34 -1.66 -48.09
N GLU J 14 -4.45 -0.54 -48.79
CA GLU J 14 -4.26 -0.47 -50.23
C GLU J 14 -2.94 -1.14 -50.56
N ASP J 15 -2.99 -2.17 -51.40
CA ASP J 15 -1.80 -2.93 -51.79
C ASP J 15 -0.85 -2.22 -52.78
N ASN J 16 -0.03 -1.30 -52.30
CA ASN J 16 0.89 -0.54 -53.14
C ASN J 16 2.33 -0.82 -52.79
N GLY J 17 2.54 -1.77 -51.90
CA GLY J 17 3.90 -2.11 -51.44
C GLY J 17 4.62 -1.03 -50.64
N LEU J 18 3.91 0.01 -50.20
CA LEU J 18 4.51 1.10 -49.44
C LEU J 18 4.59 0.77 -47.98
N PRO J 19 5.73 1.09 -47.33
CA PRO J 19 5.91 0.84 -45.91
C PRO J 19 5.03 1.82 -45.20
N VAL J 20 4.43 1.37 -44.10
CA VAL J 20 3.51 2.15 -43.30
C VAL J 20 3.87 3.61 -43.07
N HIS J 21 5.16 3.94 -42.99
CA HIS J 21 5.55 5.32 -42.75
C HIS J 21 5.45 6.26 -43.94
N LEU J 22 5.05 5.72 -45.09
CA LEU J 22 4.93 6.51 -46.32
C LEU J 22 3.59 6.26 -47.01
N LYS J 23 2.86 5.29 -46.48
CA LYS J 23 1.58 4.84 -47.00
C LYS J 23 0.43 5.85 -46.92
N GLY J 24 0.66 6.96 -46.24
CA GLY J 24 -0.37 7.98 -46.10
C GLY J 24 -0.32 9.00 -47.22
N GLY J 25 0.71 8.93 -48.05
CA GLY J 25 0.83 9.87 -49.13
C GLY J 25 2.10 10.70 -49.11
N ALA J 26 2.14 11.64 -50.03
CA ALA J 26 3.25 12.57 -50.25
C ALA J 26 3.72 13.36 -49.04
N THR J 27 2.80 13.64 -48.12
CA THR J 27 3.16 14.38 -46.91
C THR J 27 4.14 13.54 -46.08
N ASP J 28 3.87 12.24 -46.00
CA ASP J 28 4.71 11.32 -45.26
C ASP J 28 6.13 11.46 -45.75
N ASN J 29 6.26 11.50 -47.07
CA ASN J 29 7.57 11.61 -47.69
C ASN J 29 8.28 12.91 -47.32
N ILE J 30 7.52 13.99 -47.31
CA ILE J 30 8.07 15.30 -46.96
C ILE J 30 8.58 15.29 -45.51
N LEU J 31 7.68 14.99 -44.58
CA LEU J 31 7.95 14.93 -43.14
C LEU J 31 9.19 14.09 -42.87
N TYR J 32 9.28 12.97 -43.57
CA TYR J 32 10.39 12.05 -43.45
C TYR J 32 11.71 12.71 -43.85
N ARG J 33 11.70 13.35 -45.02
CA ARG J 33 12.88 14.02 -45.55
C ARG J 33 13.31 15.17 -44.64
N VAL J 34 12.34 15.82 -44.02
CA VAL J 34 12.59 16.93 -43.12
C VAL J 34 13.30 16.36 -41.89
N THR J 35 12.68 15.34 -41.29
CA THR J 35 13.20 14.66 -40.10
C THR J 35 14.62 14.14 -40.34
N MET J 36 14.79 13.39 -41.41
CA MET J 36 16.08 12.80 -41.73
C MET J 36 17.17 13.83 -42.03
N THR J 37 16.78 14.93 -42.67
CA THR J 37 17.72 15.99 -42.98
C THR J 37 18.21 16.66 -41.69
N LEU J 38 17.28 16.96 -40.77
CA LEU J 38 17.63 17.57 -39.49
C LEU J 38 18.54 16.63 -38.70
N CYS J 39 18.17 15.35 -38.65
CA CYS J 39 18.95 14.35 -37.95
C CYS J 39 20.37 14.24 -38.49
N LEU J 40 20.49 14.05 -39.80
CA LEU J 40 21.81 13.90 -40.42
C LEU J 40 22.60 15.19 -40.44
N GLY J 41 21.92 16.30 -40.64
CA GLY J 41 22.58 17.58 -40.63
C GLY J 41 23.08 17.91 -39.23
N GLY J 42 22.18 17.80 -38.24
CA GLY J 42 22.52 18.07 -36.86
C GLY J 42 23.65 17.19 -36.36
N THR J 43 23.70 15.96 -36.88
CA THR J 43 24.73 15.01 -36.48
C THR J 43 26.06 15.50 -36.99
N LEU J 44 26.06 15.97 -38.22
CA LEU J 44 27.26 16.48 -38.83
C LEU J 44 27.70 17.72 -38.08
N TYR J 45 26.72 18.54 -37.69
CA TYR J 45 27.01 19.76 -36.94
C TYR J 45 27.62 19.36 -35.60
N SER J 46 27.10 18.30 -35.01
CA SER J 46 27.60 17.83 -33.72
C SER J 46 29.06 17.37 -33.83
N LEU J 47 29.41 16.70 -34.92
CA LEU J 47 30.79 16.25 -35.11
C LEU J 47 31.72 17.43 -35.22
N TYR J 48 31.24 18.48 -35.89
CA TYR J 48 32.02 19.69 -36.02
C TYR J 48 32.26 20.33 -34.65
N CYS J 49 31.19 20.41 -33.85
CA CYS J 49 31.25 20.96 -32.49
C CYS J 49 32.23 20.20 -31.61
N LEU J 50 32.30 18.89 -31.80
CA LEU J 50 33.22 18.03 -31.06
C LEU J 50 34.65 18.36 -31.51
N GLY J 51 34.85 18.48 -32.82
CA GLY J 51 36.18 18.80 -33.32
C GLY J 51 36.65 20.14 -32.78
N TRP J 52 35.71 21.07 -32.66
CA TRP J 52 36.00 22.39 -32.17
C TRP J 52 36.44 22.35 -30.72
N ALA J 53 35.64 21.68 -29.89
CA ALA J 53 35.90 21.58 -28.46
C ALA J 53 37.09 20.70 -28.10
N SER J 54 37.55 19.92 -29.06
CA SER J 54 38.68 19.02 -28.88
C SER J 54 40.00 19.76 -28.74
N PHE J 55 40.06 20.95 -29.31
CA PHE J 55 41.26 21.76 -29.27
C PHE J 55 41.16 22.97 -28.36
N PRO J 56 42.25 23.28 -27.66
CA PRO J 56 42.28 24.42 -26.76
C PRO J 56 42.36 25.71 -27.55
N HIS J 57 41.61 26.70 -27.08
CA HIS J 57 41.60 28.02 -27.68
C HIS J 57 42.29 28.95 -26.66
N LYS J 58 43.31 28.35 -26.01
CA LYS J 58 44.17 28.91 -24.95
C LYS J 58 43.58 29.98 -24.01
N ALA K 6 45.00 -41.98 -45.57
CA ALA K 6 45.79 -40.86 -46.18
C ALA K 6 46.16 -39.76 -45.15
N PRO K 7 47.48 -39.51 -44.93
CA PRO K 7 48.07 -38.55 -43.99
C PRO K 7 47.66 -37.08 -44.15
N ASP K 8 47.20 -36.47 -43.05
CA ASP K 8 46.76 -35.07 -43.09
C ASP K 8 47.91 -34.14 -42.73
N PHE K 9 47.58 -32.86 -42.56
CA PHE K 9 48.55 -31.84 -42.20
C PHE K 9 49.34 -32.16 -40.92
N HIS K 10 48.64 -32.66 -39.90
CA HIS K 10 49.25 -33.00 -38.63
C HIS K 10 50.25 -34.15 -38.71
N ASP K 11 49.95 -35.14 -39.56
CA ASP K 11 50.85 -36.29 -39.73
C ASP K 11 52.10 -35.80 -40.49
N LYS K 12 51.88 -35.02 -41.53
CA LYS K 12 52.98 -34.51 -42.32
C LYS K 12 53.83 -33.49 -41.59
N TYR K 13 53.19 -32.50 -40.98
CA TYR K 13 53.90 -31.41 -40.32
C TYR K 13 53.84 -31.26 -38.82
N GLY K 14 52.96 -31.98 -38.16
CA GLY K 14 52.85 -31.87 -36.72
C GLY K 14 54.16 -31.82 -35.95
N ASN K 15 55.00 -32.82 -36.16
CA ASN K 15 56.27 -32.90 -35.46
C ASN K 15 57.14 -31.69 -35.68
N ALA K 16 57.18 -31.21 -36.92
CA ALA K 16 57.99 -30.05 -37.27
C ALA K 16 57.47 -28.81 -36.55
N VAL K 17 56.18 -28.55 -36.70
CA VAL K 17 55.54 -27.40 -36.06
C VAL K 17 55.79 -27.42 -34.55
N LEU K 18 55.62 -28.58 -33.94
CA LEU K 18 55.84 -28.70 -32.51
C LEU K 18 57.29 -28.37 -32.13
N ALA K 19 58.23 -29.00 -32.81
CA ALA K 19 59.63 -28.81 -32.51
C ALA K 19 60.14 -27.40 -32.72
N SER K 20 60.01 -26.89 -33.93
CA SER K 20 60.51 -25.55 -34.20
C SER K 20 59.75 -24.45 -33.47
N GLY K 21 58.47 -24.70 -33.16
CA GLY K 21 57.64 -23.74 -32.45
C GLY K 21 58.15 -23.62 -31.03
N ALA K 22 58.40 -24.76 -30.39
CA ALA K 22 58.92 -24.80 -29.04
C ALA K 22 60.32 -24.18 -28.93
N THR K 23 61.17 -24.48 -29.91
CA THR K 23 62.53 -23.97 -29.94
C THR K 23 62.56 -22.47 -30.07
N PHE K 24 61.80 -21.95 -31.03
CA PHE K 24 61.72 -20.53 -31.27
C PHE K 24 61.22 -19.78 -30.02
N CYS K 25 60.11 -20.24 -29.47
CA CYS K 25 59.53 -19.65 -28.28
C CYS K 25 60.56 -19.47 -27.18
N VAL K 26 61.20 -20.58 -26.80
CA VAL K 26 62.21 -20.62 -25.75
C VAL K 26 63.39 -19.74 -26.03
N ALA K 27 63.89 -19.80 -27.26
CA ALA K 27 65.02 -19.00 -27.68
C ALA K 27 64.74 -17.51 -27.54
N VAL K 28 63.66 -17.06 -28.16
CA VAL K 28 63.30 -15.65 -28.14
C VAL K 28 62.91 -15.13 -26.75
N TRP K 29 62.29 -15.97 -25.92
CA TRP K 29 61.91 -15.52 -24.57
C TRP K 29 63.13 -15.38 -23.69
N VAL K 30 64.04 -16.35 -23.80
CA VAL K 30 65.27 -16.32 -23.03
C VAL K 30 66.09 -15.11 -23.45
N TYR K 31 66.15 -14.83 -24.75
CA TYR K 31 66.90 -13.67 -25.21
C TYR K 31 66.30 -12.38 -24.63
N MET K 32 64.98 -12.25 -24.68
CA MET K 32 64.32 -11.07 -24.18
C MET K 32 64.50 -10.88 -22.67
N ALA K 33 64.42 -11.97 -21.94
CA ALA K 33 64.53 -11.91 -20.50
C ALA K 33 65.89 -11.55 -19.96
N THR K 34 66.93 -11.92 -20.70
CA THR K 34 68.29 -11.68 -20.24
C THR K 34 69.21 -10.80 -21.07
N GLN K 35 68.83 -10.44 -22.29
CA GLN K 35 69.77 -9.67 -23.10
C GLN K 35 69.39 -8.28 -23.49
N ILE K 36 68.25 -7.76 -23.05
CA ILE K 36 67.89 -6.42 -23.49
C ILE K 36 67.83 -5.33 -22.42
N GLY K 37 68.27 -5.66 -21.21
CA GLY K 37 68.28 -4.67 -20.14
C GLY K 37 66.98 -4.46 -19.39
N ILE K 38 66.19 -5.53 -19.28
CA ILE K 38 64.92 -5.48 -18.55
C ILE K 38 65.24 -5.57 -17.06
N GLU K 39 64.65 -4.69 -16.26
CA GLU K 39 64.88 -4.75 -14.82
C GLU K 39 63.81 -5.60 -14.17
N TRP K 40 64.21 -6.76 -13.71
CA TRP K 40 63.28 -7.67 -13.06
C TRP K 40 63.09 -7.33 -11.60
N ASN K 41 64.11 -6.75 -10.99
CA ASN K 41 64.06 -6.41 -9.58
C ASN K 41 63.85 -7.61 -8.66
N PRO K 42 64.77 -8.60 -8.69
CA PRO K 42 64.62 -9.77 -7.84
C PRO K 42 64.92 -9.41 -6.37
N SER K 43 64.65 -10.35 -5.47
CA SER K 43 64.89 -10.12 -4.04
C SER K 43 66.37 -9.98 -3.77
N PRO K 44 66.75 -9.03 -2.90
CA PRO K 44 68.15 -8.78 -2.53
C PRO K 44 68.63 -9.93 -1.63
N VAL K 45 67.67 -10.61 -0.98
CA VAL K 45 67.95 -11.74 -0.09
C VAL K 45 68.87 -12.73 -0.76
N GLY K 46 70.06 -12.91 -0.20
CA GLY K 46 71.01 -13.83 -0.78
C GLY K 46 71.83 -13.31 -1.95
N ARG K 47 71.47 -12.17 -2.54
CA ARG K 47 72.24 -11.66 -3.67
C ARG K 47 72.95 -10.31 -3.45
N VAL K 48 72.32 -9.40 -2.71
CA VAL K 48 72.91 -8.08 -2.49
C VAL K 48 73.69 -7.99 -1.19
N THR K 49 74.85 -7.33 -1.27
CA THR K 49 75.67 -7.11 -0.08
C THR K 49 75.34 -5.69 0.35
N PRO K 50 74.67 -5.56 1.50
CA PRO K 50 74.26 -4.26 2.07
C PRO K 50 75.44 -3.30 2.20
N LYS K 51 75.27 -2.07 1.71
CA LYS K 51 76.32 -1.06 1.77
C LYS K 51 75.86 0.15 2.59
N GLU K 52 76.80 0.73 3.34
CA GLU K 52 76.55 1.91 4.17
C GLU K 52 75.82 2.98 3.39
N TRP K 53 74.77 3.53 3.99
CA TRP K 53 73.96 4.57 3.34
C TRP K 53 73.95 5.88 4.09
N ARG K 54 74.05 5.81 5.42
CA ARG K 54 74.02 6.99 6.30
C ARG K 54 75.22 7.93 6.11
N HIS L 2 12.15 -8.08 -51.58
CA HIS L 2 12.82 -8.79 -50.46
C HIS L 2 14.34 -8.93 -50.60
N TYR L 3 14.99 -9.38 -49.52
CA TYR L 3 16.44 -9.47 -49.49
C TYR L 3 17.07 -10.81 -49.84
N GLU L 4 18.37 -10.74 -50.08
CA GLU L 4 19.19 -11.89 -50.38
C GLU L 4 19.34 -12.73 -49.11
N GLU L 5 19.28 -14.05 -49.28
CA GLU L 5 19.41 -14.96 -48.16
C GLU L 5 20.48 -16.01 -48.37
N GLY L 6 21.02 -16.54 -47.26
CA GLY L 6 22.05 -17.57 -47.35
C GLY L 6 23.45 -17.13 -46.98
N PRO L 7 24.42 -18.05 -46.94
CA PRO L 7 25.81 -17.75 -46.60
C PRO L 7 26.33 -16.54 -47.34
N GLY L 8 26.97 -15.63 -46.60
CA GLY L 8 27.56 -14.44 -47.19
C GLY L 8 26.61 -13.38 -47.70
N LYS L 9 25.32 -13.53 -47.41
CA LYS L 9 24.32 -12.59 -47.87
C LYS L 9 23.52 -11.98 -46.72
N ASN L 10 23.62 -12.58 -45.55
CA ASN L 10 22.91 -12.06 -44.38
C ASN L 10 23.78 -11.11 -43.56
N ILE L 11 24.72 -10.45 -44.23
CA ILE L 11 25.65 -9.53 -43.56
C ILE L 11 25.76 -8.21 -44.30
N PRO L 12 26.14 -7.13 -43.60
CA PRO L 12 26.28 -5.79 -44.16
C PRO L 12 27.56 -5.52 -44.94
N PHE L 13 28.46 -6.49 -44.95
CA PHE L 13 29.70 -6.34 -45.71
C PHE L 13 29.75 -7.47 -46.73
N SER L 14 30.54 -7.27 -47.76
CA SER L 14 30.65 -8.28 -48.81
C SER L 14 31.81 -9.24 -48.55
N VAL L 15 31.58 -10.51 -48.85
CA VAL L 15 32.63 -11.54 -48.73
C VAL L 15 32.85 -12.19 -50.09
N GLU L 16 32.52 -11.46 -51.16
CA GLU L 16 32.67 -11.98 -52.50
C GLU L 16 34.16 -12.13 -52.89
N ASN L 17 34.99 -11.18 -52.46
CA ASN L 17 36.43 -11.26 -52.73
C ASN L 17 37.15 -11.27 -51.38
N LYS L 18 37.88 -12.34 -51.11
CA LYS L 18 38.58 -12.48 -49.82
C LYS L 18 39.61 -11.41 -49.54
N TRP L 19 40.12 -10.80 -50.61
CA TRP L 19 41.12 -9.76 -50.49
C TRP L 19 40.50 -8.39 -50.23
N ARG L 20 39.39 -8.10 -50.89
CA ARG L 20 38.69 -6.86 -50.64
C ARG L 20 38.18 -6.98 -49.18
N LEU L 21 37.70 -8.17 -48.82
CA LEU L 21 37.23 -8.45 -47.46
C LEU L 21 38.35 -8.24 -46.43
N LEU L 22 39.54 -8.75 -46.73
CA LEU L 22 40.68 -8.59 -45.83
C LEU L 22 40.89 -7.10 -45.54
N ALA L 23 40.85 -6.30 -46.59
CA ALA L 23 41.01 -4.87 -46.48
C ALA L 23 39.92 -4.25 -45.61
N MET L 24 38.67 -4.67 -45.79
CA MET L 24 37.56 -4.15 -45.00
C MET L 24 37.80 -4.43 -43.52
N MET L 25 38.06 -5.70 -43.23
CA MET L 25 38.28 -6.19 -41.88
C MET L 25 39.48 -5.50 -41.19
N THR L 26 40.51 -5.26 -41.99
CA THR L 26 41.71 -4.59 -41.55
C THR L 26 41.36 -3.16 -41.14
N LEU L 27 40.57 -2.46 -41.94
CA LEU L 27 40.17 -1.12 -41.61
C LEU L 27 39.25 -1.14 -40.42
N PHE L 28 38.30 -2.05 -40.45
CA PHE L 28 37.33 -2.15 -39.38
C PHE L 28 37.99 -2.34 -38.00
N PHE L 29 38.66 -3.47 -37.80
CA PHE L 29 39.31 -3.73 -36.53
C PHE L 29 40.53 -2.86 -36.32
N GLY L 30 41.25 -2.54 -37.40
CA GLY L 30 42.41 -1.70 -37.29
C GLY L 30 42.04 -0.31 -36.79
N SER L 31 40.91 0.22 -37.26
CA SER L 31 40.48 1.55 -36.82
C SER L 31 40.15 1.52 -35.33
N GLY L 32 39.43 0.48 -34.89
CA GLY L 32 39.08 0.37 -33.49
C GLY L 32 40.30 0.29 -32.58
N PHE L 33 41.25 -0.54 -32.95
CA PHE L 33 42.44 -0.69 -32.13
C PHE L 33 43.32 0.55 -32.09
N ALA L 34 43.42 1.26 -33.20
CA ALA L 34 44.27 2.45 -33.28
C ALA L 34 43.72 3.66 -32.56
N ALA L 35 42.40 3.79 -32.53
CA ALA L 35 41.77 4.93 -31.90
C ALA L 35 42.36 5.42 -30.58
N PRO L 36 42.44 4.56 -29.54
CA PRO L 36 43.00 5.03 -28.26
C PRO L 36 44.42 5.62 -28.40
N PHE L 37 45.26 4.99 -29.22
CA PHE L 37 46.62 5.49 -29.39
C PHE L 37 46.67 6.90 -29.92
N PHE L 38 45.77 7.23 -30.84
CA PHE L 38 45.77 8.56 -31.41
C PHE L 38 45.13 9.61 -30.55
N ILE L 39 44.23 9.17 -29.67
CA ILE L 39 43.55 10.06 -28.74
C ILE L 39 44.60 10.44 -27.67
N VAL L 40 45.44 9.46 -27.33
CA VAL L 40 46.52 9.67 -26.37
C VAL L 40 47.47 10.71 -26.97
N ARG L 41 47.88 10.49 -28.22
CA ARG L 41 48.76 11.40 -28.90
C ARG L 41 48.10 12.78 -28.93
N HIS L 42 46.81 12.83 -29.21
CA HIS L 42 46.05 14.08 -29.22
C HIS L 42 46.16 14.81 -27.88
N GLN L 43 45.93 14.09 -26.78
CA GLN L 43 46.00 14.68 -25.46
C GLN L 43 47.40 15.15 -25.10
N LEU L 44 48.42 14.45 -25.56
CA LEU L 44 49.80 14.84 -25.29
C LEU L 44 50.21 16.06 -26.10
N LEU L 45 49.61 16.22 -27.27
CA LEU L 45 49.94 17.36 -28.13
C LEU L 45 49.13 18.64 -27.91
N LYS L 46 48.34 18.66 -26.83
CA LYS L 46 47.55 19.84 -26.48
C LYS L 46 48.38 20.56 -25.42
N LYS L 47 48.98 19.75 -24.54
CA LYS L 47 49.83 20.20 -23.45
C LYS L 47 50.26 19.00 -22.61
N ILE M 1 29.56 -31.35 -36.35
CA ILE M 1 29.06 -30.59 -37.53
C ILE M 1 29.78 -31.05 -38.78
N THR M 2 29.10 -31.13 -39.92
CA THR M 2 29.77 -31.48 -41.16
C THR M 2 29.61 -30.30 -42.10
N ALA M 3 30.56 -30.16 -43.02
CA ALA M 3 30.50 -29.04 -43.94
C ALA M 3 31.10 -29.46 -45.25
N LYS M 4 30.86 -28.67 -46.29
CA LYS M 4 31.44 -29.03 -47.55
C LYS M 4 32.79 -28.40 -47.69
N PRO M 5 33.62 -28.93 -48.62
CA PRO M 5 34.94 -28.35 -48.81
C PRO M 5 34.83 -26.90 -49.17
N ALA M 6 35.89 -26.16 -48.85
CA ALA M 6 35.96 -24.73 -49.09
C ALA M 6 35.58 -24.39 -50.53
N LYS M 7 34.63 -23.49 -50.72
CA LYS M 7 34.28 -23.10 -52.07
C LYS M 7 35.42 -22.32 -52.71
N THR M 8 36.16 -21.55 -51.90
CA THR M 8 37.32 -20.78 -52.38
C THR M 8 38.47 -21.00 -51.40
N PRO M 9 39.11 -22.18 -51.50
CA PRO M 9 40.24 -22.63 -50.67
C PRO M 9 41.27 -21.55 -50.43
N THR M 10 41.70 -21.44 -49.17
CA THR M 10 42.70 -20.46 -48.78
C THR M 10 43.99 -21.23 -48.52
N SER M 11 44.90 -21.19 -49.49
CA SER M 11 46.16 -21.91 -49.39
C SER M 11 47.04 -21.35 -48.27
N PRO M 12 48.03 -22.14 -47.82
CA PRO M 12 48.93 -21.70 -46.76
C PRO M 12 49.56 -20.33 -47.07
N LYS M 13 49.92 -20.12 -48.33
CA LYS M 13 50.51 -18.87 -48.77
C LYS M 13 49.48 -17.74 -48.52
N GLU M 14 48.24 -17.99 -48.93
CA GLU M 14 47.17 -17.01 -48.77
C GLU M 14 46.96 -16.68 -47.31
N GLN M 15 47.00 -17.69 -46.45
CA GLN M 15 46.83 -17.48 -45.01
C GLN M 15 47.95 -16.67 -44.39
N ALA M 16 49.18 -16.86 -44.87
CA ALA M 16 50.33 -16.11 -44.38
C ALA M 16 50.12 -14.65 -44.71
N ILE M 17 49.53 -14.38 -45.87
CA ILE M 17 49.26 -13.02 -46.28
C ILE M 17 48.20 -12.40 -45.39
N GLY M 18 47.10 -13.12 -45.15
CA GLY M 18 46.04 -12.60 -44.31
C GLY M 18 46.51 -12.38 -42.87
N LEU M 19 47.27 -13.34 -42.34
CA LEU M 19 47.80 -13.25 -40.98
C LEU M 19 48.74 -12.03 -40.88
N SER M 20 49.69 -11.93 -41.81
CA SER M 20 50.62 -10.85 -41.83
C SER M 20 49.95 -9.50 -41.94
N VAL M 21 49.00 -9.37 -42.87
CA VAL M 21 48.28 -8.10 -43.04
C VAL M 21 47.53 -7.76 -41.76
N THR M 22 46.87 -8.76 -41.20
CA THR M 22 46.12 -8.58 -39.96
C THR M 22 47.01 -8.07 -38.84
N PHE M 23 48.07 -8.80 -38.53
CA PHE M 23 48.99 -8.40 -37.48
C PHE M 23 49.51 -6.99 -37.69
N LEU M 24 49.91 -6.67 -38.91
CA LEU M 24 50.41 -5.34 -39.21
C LEU M 24 49.39 -4.23 -39.03
N SER M 25 48.13 -4.48 -39.35
CA SER M 25 47.11 -3.45 -39.19
C SER M 25 46.96 -3.04 -37.72
N PHE M 26 47.27 -3.96 -36.82
CA PHE M 26 47.18 -3.68 -35.39
C PHE M 26 48.48 -3.04 -34.90
N LEU M 27 49.59 -3.69 -35.27
CA LEU M 27 50.92 -3.26 -34.84
C LEU M 27 51.48 -1.98 -35.40
N LEU M 28 51.28 -1.68 -36.66
CA LEU M 28 51.90 -0.47 -37.20
C LEU M 28 51.46 0.91 -36.67
N PRO M 29 50.14 1.22 -36.71
CA PRO M 29 49.64 2.52 -36.24
C PRO M 29 50.09 2.79 -34.80
N ALA M 30 49.80 1.82 -33.94
CA ALA M 30 50.16 1.88 -32.51
C ALA M 30 51.67 2.05 -32.33
N GLY M 31 52.43 1.24 -33.06
CA GLY M 31 53.89 1.32 -32.99
C GLY M 31 54.38 2.70 -33.37
N TRP M 32 53.80 3.29 -34.41
CA TRP M 32 54.19 4.61 -34.84
C TRP M 32 53.92 5.63 -33.73
N VAL M 33 52.72 5.60 -33.13
CA VAL M 33 52.40 6.52 -32.04
C VAL M 33 53.37 6.31 -30.89
N LEU M 34 53.48 5.06 -30.43
CA LEU M 34 54.37 4.70 -29.33
C LEU M 34 55.84 5.09 -29.56
N TYR M 35 56.27 4.96 -30.79
CA TYR M 35 57.64 5.28 -31.16
C TYR M 35 57.93 6.76 -30.99
N HIS M 36 57.00 7.60 -31.45
CA HIS M 36 57.17 9.05 -31.37
C HIS M 36 56.63 9.63 -30.08
N LEU M 37 56.42 8.79 -29.07
CA LEU M 37 55.91 9.26 -27.80
C LEU M 37 56.72 10.38 -27.16
N ASP M 38 58.05 10.33 -27.32
CA ASP M 38 58.89 11.37 -26.75
C ASP M 38 58.78 12.67 -27.54
N ASN M 39 58.53 12.54 -28.84
CA ASN M 39 58.37 13.68 -29.74
C ASN M 39 57.03 14.37 -29.43
N TYR M 40 56.15 13.66 -28.71
CA TYR M 40 54.83 14.15 -28.31
C TYR M 40 54.85 14.76 -26.90
N LYS M 41 55.36 13.98 -25.95
CA LYS M 41 55.47 14.36 -24.54
C LYS M 41 55.96 15.79 -24.39
N LYS M 42 57.03 16.14 -25.12
CA LYS M 42 57.56 17.49 -25.08
C LYS M 42 57.65 18.10 -26.49
N SER M 43 56.56 18.76 -26.90
CA SER M 43 56.40 19.44 -28.19
C SER M 43 55.12 20.31 -28.18
N PHE N 2 -44.00 -22.61 18.91
CA PHE N 2 -43.86 -21.26 19.41
C PHE N 2 -42.36 -20.93 19.60
N ILE N 3 -41.62 -21.88 20.15
CA ILE N 3 -40.19 -21.71 20.37
C ILE N 3 -39.44 -21.68 19.03
N ASN N 4 -39.85 -22.57 18.12
CA ASN N 4 -39.24 -22.62 16.80
C ASN N 4 -39.42 -21.31 16.05
N ARG N 5 -40.56 -20.69 16.29
CA ARG N 5 -40.86 -19.45 15.59
C ARG N 5 -40.25 -18.21 16.23
N TRP N 6 -40.39 -18.09 17.54
CA TRP N 6 -39.91 -16.90 18.22
C TRP N 6 -38.52 -16.94 18.85
N LEU N 7 -37.98 -18.15 19.00
CA LEU N 7 -36.66 -18.33 19.57
C LEU N 7 -35.65 -18.85 18.55
N PHE N 8 -36.14 -19.58 17.55
CA PHE N 8 -35.24 -20.13 16.55
C PHE N 8 -35.51 -19.52 15.20
N SER N 9 -36.09 -18.34 15.20
CA SER N 9 -36.44 -17.67 13.95
C SER N 9 -35.31 -17.49 12.94
N THR N 10 -35.69 -17.46 11.68
CA THR N 10 -34.77 -17.24 10.57
C THR N 10 -35.57 -16.47 9.53
N ASN N 11 -36.64 -15.82 10.00
CA ASN N 11 -37.56 -15.04 9.15
C ASN N 11 -37.39 -13.55 9.46
N HIS N 12 -37.09 -12.75 8.43
CA HIS N 12 -36.89 -11.31 8.61
C HIS N 12 -38.03 -10.54 9.25
N LYS N 13 -39.27 -10.88 8.93
CA LYS N 13 -40.46 -10.22 9.48
C LYS N 13 -40.56 -10.49 11.00
N ASP N 14 -40.54 -11.77 11.39
CA ASP N 14 -40.61 -12.15 12.80
C ASP N 14 -39.46 -11.55 13.62
N ILE N 15 -38.24 -11.54 13.06
CA ILE N 15 -37.09 -10.93 13.74
C ILE N 15 -37.33 -9.41 13.88
N GLY N 16 -37.85 -8.77 12.83
CA GLY N 16 -38.17 -7.34 12.91
C GLY N 16 -39.19 -7.08 14.02
N THR N 17 -40.16 -7.98 14.16
CA THR N 17 -41.21 -7.88 15.17
C THR N 17 -40.60 -7.95 16.58
N LEU N 18 -39.71 -8.92 16.76
CA LEU N 18 -39.05 -9.08 18.05
C LEU N 18 -38.33 -7.78 18.42
N TYR N 19 -37.66 -7.19 17.42
CA TYR N 19 -36.94 -5.93 17.59
C TYR N 19 -37.86 -4.80 18.02
N LEU N 20 -39.04 -4.73 17.41
CA LEU N 20 -40.02 -3.69 17.73
C LEU N 20 -40.50 -3.82 19.17
N LEU N 21 -40.77 -5.05 19.57
CA LEU N 21 -41.24 -5.35 20.91
C LEU N 21 -40.20 -4.96 21.93
N PHE N 22 -38.95 -5.31 21.64
CA PHE N 22 -37.85 -5.01 22.52
C PHE N 22 -37.69 -3.50 22.68
N GLY N 23 -37.62 -2.82 21.54
CA GLY N 23 -37.48 -1.36 21.50
C GLY N 23 -38.60 -0.66 22.24
N ALA N 24 -39.82 -1.16 22.09
CA ALA N 24 -41.00 -0.59 22.76
C ALA N 24 -40.84 -0.71 24.28
N TRP N 25 -40.44 -1.89 24.74
CA TRP N 25 -40.22 -2.13 26.15
C TRP N 25 -39.08 -1.22 26.64
N ALA N 26 -37.97 -1.19 25.89
CA ALA N 26 -36.82 -0.35 26.23
C ALA N 26 -37.22 1.12 26.35
N GLY N 27 -38.08 1.55 25.43
CA GLY N 27 -38.55 2.94 25.44
C GLY N 27 -39.27 3.27 26.73
N MET N 28 -39.94 2.28 27.31
CA MET N 28 -40.65 2.49 28.58
C MET N 28 -39.61 2.72 29.68
N VAL N 29 -38.56 1.91 29.65
CA VAL N 29 -37.48 2.03 30.63
C VAL N 29 -36.84 3.41 30.51
N GLY N 30 -36.53 3.84 29.29
CA GLY N 30 -35.91 5.14 29.09
C GLY N 30 -36.79 6.31 29.48
N THR N 31 -38.10 6.14 29.36
CA THR N 31 -39.03 7.20 29.69
C THR N 31 -39.06 7.34 31.21
N ALA N 32 -39.15 6.20 31.89
CA ALA N 32 -39.14 6.13 33.35
C ALA N 32 -37.89 6.85 33.87
N LEU N 33 -36.75 6.54 33.23
CA LEU N 33 -35.46 7.12 33.59
C LEU N 33 -35.48 8.64 33.37
N SER N 34 -36.07 9.09 32.27
CA SER N 34 -36.14 10.52 31.98
C SER N 34 -37.02 11.25 32.98
N LEU N 35 -38.06 10.58 33.44
CA LEU N 35 -38.98 11.19 34.40
C LEU N 35 -38.29 11.36 35.73
N LEU N 36 -37.42 10.41 36.08
CA LEU N 36 -36.68 10.48 37.35
C LEU N 36 -35.71 11.67 37.33
N ILE N 37 -35.18 11.98 36.14
CA ILE N 37 -34.28 13.11 35.98
C ILE N 37 -35.04 14.40 36.19
N ARG N 38 -36.16 14.54 35.48
CA ARG N 38 -36.92 15.77 35.59
C ARG N 38 -37.63 15.96 36.93
N ALA N 39 -37.85 14.85 37.64
CA ALA N 39 -38.45 14.89 38.97
C ALA N 39 -37.43 15.51 39.92
N GLU N 40 -36.17 15.07 39.82
CA GLU N 40 -35.11 15.59 40.65
C GLU N 40 -34.85 17.09 40.38
N LEU N 41 -34.99 17.49 39.12
CA LEU N 41 -34.75 18.88 38.74
C LEU N 41 -35.99 19.77 38.79
N GLY N 42 -37.12 19.16 39.12
CA GLY N 42 -38.41 19.84 39.17
C GLY N 42 -38.52 20.98 40.16
N GLN N 43 -37.78 20.88 41.26
CA GLN N 43 -37.72 21.94 42.28
C GLN N 43 -36.32 21.94 42.88
N PRO N 44 -35.81 23.11 43.28
CA PRO N 44 -34.48 23.23 43.86
C PRO N 44 -34.37 22.34 45.08
N GLY N 45 -33.18 21.82 45.33
CA GLY N 45 -33.00 20.94 46.47
C GLY N 45 -32.68 19.56 45.96
N THR N 46 -32.52 18.61 46.86
CA THR N 46 -32.18 17.25 46.49
C THR N 46 -33.34 16.31 46.74
N LEU N 47 -33.72 15.52 45.74
CA LEU N 47 -34.82 14.58 45.94
C LEU N 47 -34.34 13.12 46.16
N LEU N 48 -33.54 12.61 45.23
CA LEU N 48 -33.05 11.23 45.31
C LEU N 48 -31.83 11.02 46.22
N GLY N 49 -30.81 11.87 46.05
CA GLY N 49 -29.60 11.78 46.85
C GLY N 49 -28.59 12.69 46.19
N ASP N 50 -27.30 12.42 46.35
CA ASP N 50 -26.25 13.26 45.73
C ASP N 50 -26.14 12.96 44.25
N ASP N 51 -25.09 13.48 43.64
CA ASP N 51 -24.86 13.27 42.20
C ASP N 51 -24.64 11.82 41.73
N GLN N 52 -24.22 10.93 42.62
CA GLN N 52 -23.98 9.56 42.18
C GLN N 52 -25.21 8.83 41.67
N ILE N 53 -26.23 8.68 42.51
CA ILE N 53 -27.42 7.97 42.03
C ILE N 53 -28.06 8.73 40.87
N TYR N 54 -28.03 10.06 40.95
CA TYR N 54 -28.60 10.87 39.89
C TYR N 54 -27.94 10.56 38.54
N ASN N 55 -26.61 10.55 38.52
CA ASN N 55 -25.89 10.27 37.30
C ASN N 55 -25.88 8.83 36.83
N VAL N 56 -26.30 7.93 37.69
CA VAL N 56 -26.43 6.55 37.31
C VAL N 56 -27.71 6.54 36.46
N VAL N 57 -28.69 7.35 36.87
CA VAL N 57 -29.96 7.47 36.15
C VAL N 57 -29.74 8.15 34.79
N VAL N 58 -29.05 9.30 34.79
CA VAL N 58 -28.76 10.04 33.56
C VAL N 58 -28.04 9.15 32.54
N THR N 59 -27.07 8.37 33.01
CA THR N 59 -26.25 7.47 32.19
C THR N 59 -27.07 6.35 31.58
N ALA N 60 -27.92 5.74 32.40
CA ALA N 60 -28.79 4.64 31.97
C ALA N 60 -29.83 5.15 30.96
N HIS N 61 -30.43 6.32 31.25
CA HIS N 61 -31.41 6.95 30.37
C HIS N 61 -30.86 6.99 28.95
N ALA N 62 -29.63 7.47 28.82
CA ALA N 62 -28.92 7.56 27.53
C ALA N 62 -28.66 6.22 26.83
N PHE N 63 -28.08 5.27 27.54
CA PHE N 63 -27.79 3.96 26.94
C PHE N 63 -29.05 3.28 26.47
N VAL N 64 -30.08 3.32 27.31
CA VAL N 64 -31.36 2.69 27.01
C VAL N 64 -32.04 3.33 25.78
N MET N 65 -32.16 4.66 25.78
CA MET N 65 -32.78 5.35 24.66
C MET N 65 -32.02 5.14 23.35
N ILE N 66 -30.70 5.20 23.43
CA ILE N 66 -29.85 5.04 22.25
C ILE N 66 -29.68 3.61 21.75
N PHE N 67 -29.14 2.76 22.61
CA PHE N 67 -28.86 1.39 22.24
C PHE N 67 -29.97 0.39 22.31
N PHE N 68 -30.97 0.68 23.12
CA PHE N 68 -32.04 -0.29 23.25
C PHE N 68 -33.38 0.14 22.66
N MET N 69 -33.58 1.44 22.50
CA MET N 69 -34.82 1.95 21.95
C MET N 69 -34.68 2.37 20.49
N VAL N 70 -33.90 3.41 20.23
CA VAL N 70 -33.77 3.90 18.88
C VAL N 70 -33.16 2.92 17.87
N MET N 71 -31.99 2.38 18.15
CA MET N 71 -31.37 1.49 17.18
C MET N 71 -32.15 0.21 16.92
N PRO N 72 -32.64 -0.46 17.99
CA PRO N 72 -33.40 -1.69 17.74
C PRO N 72 -34.66 -1.44 16.91
N ILE N 73 -35.35 -0.33 17.18
CA ILE N 73 -36.57 -0.02 16.47
C ILE N 73 -36.33 0.34 15.00
N MET N 74 -35.46 1.31 14.75
CA MET N 74 -35.17 1.76 13.39
C MET N 74 -34.43 0.79 12.53
N ILE N 75 -33.35 0.24 13.08
CA ILE N 75 -32.52 -0.68 12.32
C ILE N 75 -33.00 -2.11 12.43
N GLY N 76 -33.12 -2.62 13.64
CA GLY N 76 -33.58 -3.98 13.76
C GLY N 76 -35.04 -4.15 13.40
N GLY N 77 -35.89 -3.22 13.85
CA GLY N 77 -37.32 -3.29 13.58
C GLY N 77 -37.71 -2.95 12.14
N PHE N 78 -37.79 -1.67 11.84
CA PHE N 78 -38.14 -1.25 10.51
C PHE N 78 -37.19 -1.79 9.45
N GLY N 79 -35.90 -1.85 9.78
CA GLY N 79 -34.92 -2.34 8.82
C GLY N 79 -35.22 -3.75 8.34
N ASN N 80 -35.31 -4.69 9.27
CA ASN N 80 -35.56 -6.09 8.95
C ASN N 80 -36.91 -6.32 8.31
N TRP N 81 -37.93 -5.59 8.75
CA TRP N 81 -39.30 -5.72 8.22
C TRP N 81 -39.40 -5.23 6.79
N LEU N 82 -38.95 -4.00 6.57
CA LEU N 82 -39.05 -3.36 5.28
C LEU N 82 -38.00 -3.59 4.22
N VAL N 83 -36.73 -3.70 4.61
CA VAL N 83 -35.68 -3.81 3.57
C VAL N 83 -35.88 -4.93 2.57
N PRO N 84 -36.09 -6.18 3.05
CA PRO N 84 -36.30 -7.31 2.13
C PRO N 84 -37.52 -7.05 1.22
N LEU N 85 -38.64 -6.67 1.83
CA LEU N 85 -39.86 -6.37 1.07
C LEU N 85 -39.66 -5.27 0.00
N MET N 86 -38.87 -4.25 0.31
CA MET N 86 -38.64 -3.15 -0.61
C MET N 86 -37.76 -3.46 -1.81
N ILE N 87 -36.97 -4.52 -1.73
CA ILE N 87 -36.13 -4.91 -2.86
C ILE N 87 -36.60 -6.22 -3.46
N GLY N 88 -37.74 -6.70 -2.96
CA GLY N 88 -38.34 -7.94 -3.44
C GLY N 88 -37.59 -9.21 -3.11
N ALA N 89 -36.86 -9.20 -1.98
CA ALA N 89 -36.06 -10.34 -1.51
C ALA N 89 -36.88 -11.31 -0.68
N PRO N 90 -36.53 -12.60 -0.74
CA PRO N 90 -37.25 -13.64 0.01
C PRO N 90 -36.98 -13.59 1.51
N ASP N 91 -35.83 -13.02 1.86
CA ASP N 91 -35.40 -12.82 3.24
C ASP N 91 -34.04 -12.11 3.19
N MET N 92 -33.32 -12.11 4.31
CA MET N 92 -32.01 -11.48 4.46
C MET N 92 -30.92 -12.50 4.08
N ALA N 93 -29.73 -12.02 3.73
CA ALA N 93 -28.63 -12.91 3.32
C ALA N 93 -28.22 -13.94 4.35
N PHE N 94 -28.11 -13.52 5.61
CA PHE N 94 -27.71 -14.42 6.69
C PHE N 94 -28.81 -14.40 7.73
N PRO N 95 -29.93 -15.09 7.45
CA PRO N 95 -31.07 -15.15 8.35
C PRO N 95 -30.82 -15.68 9.75
N ARG N 96 -29.78 -16.48 9.90
CA ARG N 96 -29.45 -17.06 11.19
C ARG N 96 -28.63 -16.07 12.01
N MET N 97 -27.67 -15.45 11.36
CA MET N 97 -26.84 -14.45 12.01
C MET N 97 -27.72 -13.28 12.44
N ASN N 98 -28.77 -13.03 11.66
CA ASN N 98 -29.71 -11.96 11.92
C ASN N 98 -30.42 -12.23 13.24
N ASN N 99 -30.76 -13.50 13.46
CA ASN N 99 -31.46 -13.91 14.67
C ASN N 99 -30.54 -13.68 15.87
N MET N 100 -29.23 -13.88 15.69
CA MET N 100 -28.31 -13.66 16.79
C MET N 100 -28.17 -12.16 17.14
N SER N 101 -28.21 -11.28 16.14
CA SER N 101 -28.14 -9.84 16.35
C SER N 101 -29.24 -9.48 17.32
N PHE N 102 -30.39 -10.15 17.19
CA PHE N 102 -31.47 -9.84 18.09
C PHE N 102 -31.24 -10.37 19.48
N TRP N 103 -30.92 -11.65 19.57
CA TRP N 103 -30.76 -12.27 20.89
C TRP N 103 -29.60 -11.76 21.73
N LEU N 104 -28.70 -10.97 21.14
CA LEU N 104 -27.61 -10.40 21.92
C LEU N 104 -28.12 -9.21 22.75
N LEU N 105 -29.26 -8.64 22.36
CA LEU N 105 -29.81 -7.49 23.06
C LEU N 105 -30.37 -7.75 24.47
N PRO N 106 -31.20 -8.79 24.65
CA PRO N 106 -31.69 -8.99 26.02
C PRO N 106 -30.52 -9.16 27.02
N PRO N 107 -29.48 -9.95 26.67
CA PRO N 107 -28.30 -10.16 27.52
C PRO N 107 -27.62 -8.82 27.78
N SER N 108 -27.42 -8.08 26.70
CA SER N 108 -26.81 -6.77 26.77
C SER N 108 -27.61 -5.85 27.70
N PHE N 109 -28.93 -5.94 27.63
CA PHE N 109 -29.78 -5.10 28.47
C PHE N 109 -29.67 -5.58 29.92
N LEU N 110 -29.58 -6.89 30.09
CA LEU N 110 -29.43 -7.47 31.41
C LEU N 110 -28.17 -6.96 32.12
N LEU N 111 -27.06 -6.88 31.39
CA LEU N 111 -25.79 -6.39 31.93
C LEU N 111 -25.93 -4.96 32.37
N LEU N 112 -26.73 -4.19 31.65
CA LEU N 112 -26.98 -2.80 31.99
C LEU N 112 -27.76 -2.71 33.30
N LEU N 113 -28.82 -3.51 33.43
CA LEU N 113 -29.60 -3.49 34.66
C LEU N 113 -28.74 -3.95 35.83
N ALA N 114 -27.88 -4.94 35.59
CA ALA N 114 -26.96 -5.46 36.60
C ALA N 114 -26.05 -4.38 37.11
N SER N 115 -25.40 -3.71 36.17
CA SER N 115 -24.49 -2.62 36.47
C SER N 115 -25.05 -1.60 37.45
N SER N 116 -26.34 -1.33 37.35
CA SER N 116 -27.00 -0.35 38.21
C SER N 116 -27.44 -0.95 39.53
N MET N 117 -27.50 -2.29 39.56
CA MET N 117 -27.94 -3.04 40.74
C MET N 117 -26.81 -3.22 41.73
N VAL N 118 -25.64 -3.60 41.20
CA VAL N 118 -24.46 -3.83 42.01
C VAL N 118 -23.76 -2.54 42.40
N GLU N 119 -23.09 -2.59 43.53
CA GLU N 119 -22.35 -1.43 44.04
C GLU N 119 -23.21 -0.18 44.08
N ALA N 120 -22.66 0.93 43.61
CA ALA N 120 -23.38 2.18 43.59
C ALA N 120 -23.75 2.53 42.16
N GLY N 121 -23.67 1.53 41.28
CA GLY N 121 -23.96 1.71 39.87
C GLY N 121 -22.82 2.46 39.17
N ALA N 122 -22.99 2.69 37.87
CA ALA N 122 -22.01 3.43 37.07
C ALA N 122 -22.53 4.86 36.78
N GLY N 123 -22.18 5.82 37.63
CA GLY N 123 -22.63 7.20 37.43
C GLY N 123 -21.55 7.97 36.70
N THR N 124 -21.30 7.56 35.45
CA THR N 124 -20.22 8.14 34.64
C THR N 124 -20.60 9.02 33.45
N GLY N 125 -21.87 9.00 33.05
CA GLY N 125 -22.30 9.70 31.86
C GLY N 125 -22.18 8.62 30.78
N TRP N 126 -22.99 8.66 29.72
CA TRP N 126 -22.92 7.63 28.68
C TRP N 126 -21.57 7.60 27.92
N THR N 127 -20.74 8.63 28.13
CA THR N 127 -19.43 8.74 27.50
C THR N 127 -18.40 7.90 28.24
N VAL N 128 -18.71 7.54 29.49
CA VAL N 128 -17.83 6.68 30.33
C VAL N 128 -16.34 7.10 30.41
N TYR N 129 -16.08 8.39 30.50
CA TYR N 129 -14.72 8.92 30.60
C TYR N 129 -13.88 8.53 31.84
N PRO N 130 -12.60 8.20 31.62
CA PRO N 130 -11.73 7.85 32.75
C PRO N 130 -11.17 9.26 33.13
N PRO N 131 -10.64 9.46 34.37
CA PRO N 131 -10.46 8.51 35.44
C PRO N 131 -11.74 8.25 36.23
N LEU N 132 -12.75 9.10 36.10
CA LEU N 132 -13.98 8.84 36.85
C LEU N 132 -14.50 7.41 36.66
N ALA N 133 -14.30 6.86 35.46
CA ALA N 133 -14.73 5.50 35.14
C ALA N 133 -13.70 4.44 35.53
N GLY N 134 -12.52 4.88 35.96
CA GLY N 134 -11.46 3.98 36.37
C GLY N 134 -11.73 3.14 37.62
N ASN N 135 -10.86 2.17 37.88
CA ASN N 135 -11.00 1.28 39.04
C ASN N 135 -10.79 1.95 40.39
N LEU N 136 -10.40 3.22 40.39
CA LEU N 136 -10.20 3.96 41.64
C LEU N 136 -11.41 4.85 41.96
N ALA N 137 -11.89 5.64 41.01
CA ALA N 137 -13.05 6.50 41.27
C ALA N 137 -14.38 5.76 41.07
N HIS N 138 -14.30 4.56 40.50
CA HIS N 138 -15.48 3.74 40.27
C HIS N 138 -15.08 2.30 40.42
N ALA N 139 -14.63 1.99 41.62
CA ALA N 139 -14.19 0.64 41.96
C ALA N 139 -15.39 -0.27 41.97
N GLY N 140 -15.19 -1.52 41.58
CA GLY N 140 -16.30 -2.45 41.59
C GLY N 140 -16.70 -2.90 40.21
N ALA N 141 -17.70 -3.77 40.17
CA ALA N 141 -18.20 -4.34 38.94
C ALA N 141 -19.03 -3.45 38.02
N SER N 142 -19.67 -2.42 38.58
CA SER N 142 -20.56 -1.56 37.80
C SER N 142 -20.06 -1.14 36.44
N VAL N 143 -18.96 -0.42 36.41
CA VAL N 143 -18.40 0.03 35.14
C VAL N 143 -18.00 -1.15 34.24
N ASP N 144 -17.53 -2.23 34.83
CA ASP N 144 -17.16 -3.35 33.99
C ASP N 144 -18.39 -4.01 33.34
N LEU N 145 -19.51 -4.02 34.04
CA LEU N 145 -20.73 -4.61 33.50
C LEU N 145 -21.28 -3.71 32.38
N THR N 146 -21.07 -2.41 32.53
CA THR N 146 -21.51 -1.43 31.54
C THR N 146 -20.73 -1.60 30.24
N ILE N 147 -19.42 -1.87 30.35
CA ILE N 147 -18.56 -2.06 29.19
C ILE N 147 -19.00 -3.33 28.45
N PHE N 148 -19.29 -4.37 29.22
CA PHE N 148 -19.72 -5.64 28.65
C PHE N 148 -21.04 -5.50 27.90
N SER N 149 -21.93 -4.67 28.44
CA SER N 149 -23.23 -4.40 27.83
C SER N 149 -23.01 -3.75 26.46
N LEU N 150 -22.09 -2.79 26.38
CA LEU N 150 -21.75 -2.11 25.13
C LEU N 150 -21.14 -3.08 24.15
N HIS N 151 -20.25 -3.95 24.62
CA HIS N 151 -19.65 -4.96 23.75
C HIS N 151 -20.71 -5.83 23.08
N LEU N 152 -21.68 -6.30 23.84
CA LEU N 152 -22.72 -7.15 23.29
C LEU N 152 -23.58 -6.41 22.31
N ALA N 153 -23.94 -5.17 22.67
CA ALA N 153 -24.76 -4.31 21.80
C ALA N 153 -23.99 -4.03 20.52
N GLY N 154 -22.67 -3.90 20.65
CA GLY N 154 -21.83 -3.61 19.50
C GLY N 154 -21.73 -4.76 18.51
N VAL N 155 -21.57 -5.98 19.04
CA VAL N 155 -21.47 -7.16 18.18
C VAL N 155 -22.83 -7.34 17.47
N SER N 156 -23.92 -7.18 18.21
CA SER N 156 -25.25 -7.28 17.66
C SER N 156 -25.39 -6.34 16.44
N SER N 157 -24.96 -5.08 16.60
CA SER N 157 -25.01 -4.10 15.51
C SER N 157 -24.08 -4.41 14.34
N ILE N 158 -22.86 -4.84 14.64
CA ILE N 158 -21.90 -5.16 13.59
C ILE N 158 -22.42 -6.33 12.79
N LEU N 159 -22.98 -7.31 13.48
CA LEU N 159 -23.53 -8.47 12.79
C LEU N 159 -24.70 -8.02 11.92
N GLY N 160 -25.55 -7.15 12.47
CA GLY N 160 -26.68 -6.63 11.70
C GLY N 160 -26.23 -5.81 10.49
N ALA N 161 -25.15 -5.06 10.63
CA ALA N 161 -24.65 -4.25 9.54
C ALA N 161 -24.15 -5.11 8.39
N ILE N 162 -23.46 -6.19 8.73
CA ILE N 162 -22.91 -7.11 7.73
C ILE N 162 -24.04 -7.73 6.92
N ASN N 163 -25.11 -8.07 7.62
CA ASN N 163 -26.29 -8.65 7.03
C ASN N 163 -27.01 -7.65 6.10
N PHE N 164 -27.30 -6.44 6.60
CA PHE N 164 -27.97 -5.41 5.80
C PHE N 164 -27.18 -5.04 4.55
N ILE N 165 -25.90 -4.74 4.70
CA ILE N 165 -25.11 -4.38 3.53
C ILE N 165 -25.06 -5.50 2.50
N THR N 166 -24.88 -6.74 2.95
CA THR N 166 -24.82 -7.87 2.04
C THR N 166 -26.15 -8.08 1.31
N THR N 167 -27.24 -8.00 2.07
CA THR N 167 -28.58 -8.17 1.51
C THR N 167 -28.89 -7.09 0.47
N ILE N 168 -28.59 -5.83 0.79
CA ILE N 168 -28.88 -4.73 -0.10
C ILE N 168 -28.00 -4.71 -1.34
N ILE N 169 -26.79 -5.23 -1.24
CA ILE N 169 -25.90 -5.25 -2.40
C ILE N 169 -26.16 -6.45 -3.30
N ASN N 170 -26.34 -7.60 -2.65
CA ASN N 170 -26.50 -8.88 -3.32
C ASN N 170 -27.88 -9.43 -3.62
N MET N 171 -28.91 -8.93 -2.95
CA MET N 171 -30.22 -9.53 -3.17
C MET N 171 -31.35 -8.72 -3.80
N LYS N 172 -31.00 -7.80 -4.69
CA LYS N 172 -31.99 -7.00 -5.39
C LYS N 172 -32.29 -7.75 -6.69
N PRO N 173 -33.45 -7.44 -7.33
CA PRO N 173 -33.83 -8.07 -8.60
C PRO N 173 -32.68 -7.78 -9.55
N PRO N 174 -32.30 -8.76 -10.37
CA PRO N 174 -31.20 -8.62 -11.33
C PRO N 174 -31.16 -7.34 -12.14
N ALA N 175 -32.33 -6.77 -12.43
CA ALA N 175 -32.39 -5.56 -13.25
C ALA N 175 -32.36 -4.24 -12.45
N MET N 176 -32.57 -4.34 -11.15
CA MET N 176 -32.58 -3.18 -10.28
C MET N 176 -31.14 -2.73 -9.91
N SER N 177 -30.76 -1.52 -10.29
CA SER N 177 -29.43 -1.02 -9.92
C SER N 177 -29.60 -0.41 -8.52
N GLN N 178 -28.50 0.05 -7.95
CA GLN N 178 -28.55 0.65 -6.62
C GLN N 178 -29.33 1.95 -6.71
N TYR N 179 -29.33 2.55 -7.91
CA TYR N 179 -30.01 3.80 -8.15
C TYR N 179 -31.48 3.62 -8.47
N GLN N 180 -32.02 2.45 -8.09
CA GLN N 180 -33.43 2.13 -8.28
C GLN N 180 -34.00 1.59 -7.00
N THR N 181 -33.23 1.66 -5.93
CA THR N 181 -33.68 1.15 -4.64
C THR N 181 -34.27 2.33 -3.88
N PRO N 182 -35.29 2.08 -3.03
CA PRO N 182 -35.93 3.14 -2.26
C PRO N 182 -34.95 3.83 -1.29
N LEU N 183 -35.20 5.11 -1.03
CA LEU N 183 -34.35 5.89 -0.13
C LEU N 183 -34.21 5.25 1.26
N PHE N 184 -35.24 4.59 1.76
CA PHE N 184 -35.11 3.97 3.07
C PHE N 184 -34.08 2.87 2.99
N VAL N 185 -34.06 2.13 1.87
CA VAL N 185 -33.06 1.06 1.70
C VAL N 185 -31.64 1.69 1.71
N TRP N 186 -31.49 2.80 0.98
CA TRP N 186 -30.24 3.53 0.92
C TRP N 186 -29.84 3.99 2.33
N SER N 187 -30.80 4.49 3.10
CA SER N 187 -30.52 4.98 4.45
C SER N 187 -30.01 3.87 5.36
N VAL N 188 -30.62 2.70 5.22
CA VAL N 188 -30.23 1.54 6.04
C VAL N 188 -28.83 1.08 5.68
N MET N 189 -28.49 1.03 4.40
CA MET N 189 -27.16 0.60 4.02
C MET N 189 -26.07 1.54 4.51
N ILE N 190 -26.29 2.84 4.34
CA ILE N 190 -25.33 3.86 4.75
C ILE N 190 -25.09 3.79 6.25
N THR N 191 -26.19 3.60 6.99
CA THR N 191 -26.12 3.48 8.44
C THR N 191 -25.26 2.28 8.79
N ALA N 192 -25.46 1.18 8.06
CA ALA N 192 -24.73 -0.08 8.27
C ALA N 192 -23.24 0.10 8.06
N VAL N 193 -22.87 0.80 6.99
CA VAL N 193 -21.45 1.06 6.76
C VAL N 193 -20.88 1.89 7.93
N LEU N 194 -21.62 2.88 8.40
CA LEU N 194 -21.15 3.70 9.51
C LEU N 194 -20.92 2.85 10.76
N LEU N 195 -21.84 1.93 11.01
CA LEU N 195 -21.74 1.02 12.15
C LEU N 195 -20.52 0.11 12.04
N LEU N 196 -20.33 -0.44 10.86
CA LEU N 196 -19.24 -1.33 10.60
C LEU N 196 -17.88 -0.68 10.86
N LEU N 197 -17.74 0.58 10.49
CA LEU N 197 -16.50 1.30 10.65
C LEU N 197 -16.30 1.97 12.02
N SER N 198 -17.39 2.40 12.65
CA SER N 198 -17.28 3.09 13.94
C SER N 198 -17.27 2.23 15.21
N LEU N 199 -18.18 1.27 15.32
CA LEU N 199 -18.26 0.44 16.50
C LEU N 199 -16.99 -0.25 16.89
N PRO N 200 -16.19 -0.73 15.91
CA PRO N 200 -14.93 -1.41 16.22
C PRO N 200 -13.94 -0.48 16.97
N VAL N 201 -13.96 0.79 16.64
CA VAL N 201 -13.08 1.73 17.32
C VAL N 201 -13.59 1.89 18.75
N LEU N 202 -14.92 1.96 18.92
CA LEU N 202 -15.52 2.09 20.25
C LEU N 202 -15.09 0.88 21.06
N ALA N 203 -15.25 -0.29 20.44
CA ALA N 203 -14.89 -1.53 21.10
C ALA N 203 -13.41 -1.50 21.53
N ALA N 204 -12.52 -1.02 20.67
CA ALA N 204 -11.10 -0.92 21.00
C ALA N 204 -10.95 -0.08 22.27
N GLY N 205 -11.56 1.10 22.26
CA GLY N 205 -11.50 2.02 23.38
C GLY N 205 -12.06 1.51 24.72
N ILE N 206 -13.23 0.89 24.72
CA ILE N 206 -13.79 0.40 25.97
C ILE N 206 -13.07 -0.86 26.45
N THR N 207 -12.29 -1.47 25.57
CA THR N 207 -11.54 -2.66 25.97
C THR N 207 -10.30 -2.15 26.73
N MET N 208 -9.69 -1.10 26.19
CA MET N 208 -8.55 -0.51 26.84
C MET N 208 -8.95 -0.02 28.24
N LEU N 209 -10.18 0.47 28.38
CA LEU N 209 -10.67 0.93 29.68
C LEU N 209 -10.84 -0.29 30.60
N LEU N 210 -11.31 -1.38 30.02
CA LEU N 210 -11.51 -2.61 30.77
C LEU N 210 -10.18 -3.14 31.33
N THR N 211 -9.15 -3.14 30.48
CA THR N 211 -7.84 -3.63 30.90
C THR N 211 -7.16 -2.68 31.91
N ASP N 212 -7.39 -1.38 31.79
CA ASP N 212 -6.85 -0.40 32.72
C ASP N 212 -7.48 -0.64 34.09
N ARG N 213 -8.76 -1.03 34.07
CA ARG N 213 -9.49 -1.30 35.28
C ARG N 213 -9.23 -2.69 35.86
N ASN N 214 -8.78 -3.62 35.02
CA ASN N 214 -8.60 -4.98 35.50
C ASN N 214 -7.29 -5.72 35.26
N LEU N 215 -6.49 -5.25 34.31
CA LEU N 215 -5.22 -5.90 33.98
C LEU N 215 -3.99 -5.05 34.19
N ASN N 216 -4.17 -3.92 34.88
CA ASN N 216 -3.10 -2.98 35.19
C ASN N 216 -2.42 -2.31 34.00
N THR N 217 -3.18 -2.17 32.92
CA THR N 217 -2.65 -1.45 31.76
C THR N 217 -2.85 0.01 32.15
N THR N 218 -2.21 0.91 31.41
CA THR N 218 -2.30 2.33 31.70
C THR N 218 -2.48 3.16 30.44
N PHE N 219 -3.43 2.77 29.62
CA PHE N 219 -3.73 3.50 28.38
C PHE N 219 -4.16 4.93 28.66
N PHE N 220 -5.00 5.11 29.68
CA PHE N 220 -5.55 6.41 30.01
C PHE N 220 -5.07 6.93 31.35
N ASP N 221 -4.07 6.25 31.91
CA ASP N 221 -3.50 6.59 33.22
C ASP N 221 -2.13 7.31 33.07
N PRO N 222 -2.06 8.61 33.41
CA PRO N 222 -0.80 9.36 33.29
C PRO N 222 0.36 8.70 34.03
N ALA N 223 0.07 8.11 35.20
CA ALA N 223 1.11 7.44 36.00
C ALA N 223 1.91 6.42 35.18
N GLY N 224 1.25 5.79 34.21
CA GLY N 224 1.93 4.83 33.36
C GLY N 224 2.32 5.47 32.03
N GLY N 225 2.04 6.76 31.90
CA GLY N 225 2.36 7.45 30.67
C GLY N 225 1.14 7.46 29.75
N GLY N 226 -0.02 7.12 30.30
CA GLY N 226 -1.26 7.08 29.52
C GLY N 226 -1.86 8.48 29.42
N ASP N 227 -3.05 8.59 28.82
CA ASP N 227 -3.70 9.89 28.62
C ASP N 227 -5.21 9.76 28.59
N PRO N 228 -5.92 10.39 29.55
CA PRO N 228 -7.38 10.33 29.64
C PRO N 228 -8.02 10.86 28.36
N ILE N 229 -7.32 11.76 27.68
CA ILE N 229 -7.81 12.36 26.43
C ILE N 229 -7.76 11.36 25.24
N LEU N 230 -6.90 10.36 25.31
CA LEU N 230 -6.83 9.35 24.25
C LEU N 230 -8.21 8.68 24.19
N TYR N 231 -8.76 8.35 25.35
CA TYR N 231 -10.07 7.72 25.41
C TYR N 231 -11.14 8.55 24.71
N GLN N 232 -11.14 9.86 24.96
CA GLN N 232 -12.11 10.76 24.35
C GLN N 232 -12.08 10.69 22.84
N HIS N 233 -10.87 10.63 22.27
CA HIS N 233 -10.73 10.53 20.83
C HIS N 233 -11.33 9.23 20.28
N LEU N 234 -11.01 8.13 20.93
CA LEU N 234 -11.49 6.83 20.50
C LEU N 234 -13.00 6.73 20.64
N PHE N 235 -13.53 7.30 21.75
CA PHE N 235 -14.97 7.30 21.99
C PHE N 235 -15.73 8.09 20.94
N TRP N 236 -15.31 9.34 20.77
CA TRP N 236 -15.96 10.24 19.84
C TRP N 236 -15.76 9.93 18.38
N PHE N 237 -14.70 9.20 18.05
CA PHE N 237 -14.49 8.83 16.67
C PHE N 237 -15.68 7.94 16.31
N PHE N 238 -16.21 7.21 17.28
CA PHE N 238 -17.39 6.37 17.09
C PHE N 238 -18.64 7.20 17.39
N GLY N 239 -18.58 7.98 18.46
CA GLY N 239 -19.69 8.80 18.90
C GLY N 239 -20.30 9.77 17.92
N HIS N 240 -19.49 10.46 17.11
CA HIS N 240 -20.14 11.33 16.16
C HIS N 240 -20.87 10.46 15.10
N PRO N 241 -20.15 9.54 14.41
CA PRO N 241 -20.85 8.69 13.42
C PRO N 241 -22.14 8.08 13.99
N GLU N 242 -22.13 7.84 15.29
CA GLU N 242 -23.26 7.25 16.00
C GLU N 242 -24.49 8.14 15.98
N VAL N 243 -24.29 9.45 16.06
CA VAL N 243 -25.46 10.32 16.06
C VAL N 243 -26.07 10.33 14.67
N TYR N 244 -25.22 10.17 13.64
CA TYR N 244 -25.70 10.10 12.27
C TYR N 244 -26.35 8.73 12.02
N ILE N 245 -25.85 7.72 12.73
CA ILE N 245 -26.40 6.38 12.66
C ILE N 245 -27.82 6.43 13.25
N LEU N 246 -27.99 7.25 14.28
CA LEU N 246 -29.28 7.40 14.94
C LEU N 246 -30.32 8.18 14.13
N ILE N 247 -29.88 9.03 13.21
CA ILE N 247 -30.81 9.85 12.42
C ILE N 247 -31.02 9.44 10.95
N LEU N 248 -30.02 8.82 10.31
CA LEU N 248 -30.14 8.42 8.90
C LEU N 248 -31.35 7.55 8.55
N PRO N 249 -31.61 6.50 9.32
CA PRO N 249 -32.79 5.66 9.00
C PRO N 249 -34.09 6.49 9.14
N GLY N 250 -34.04 7.48 10.03
CA GLY N 250 -35.18 8.37 10.24
C GLY N 250 -35.37 9.21 9.01
N PHE N 251 -34.27 9.66 8.41
CA PHE N 251 -34.28 10.45 7.19
C PHE N 251 -34.94 9.61 6.11
N GLY N 252 -34.56 8.33 6.06
CA GLY N 252 -35.10 7.42 5.09
C GLY N 252 -36.60 7.25 5.25
N MET N 253 -37.08 7.09 6.48
CA MET N 253 -38.51 6.93 6.70
C MET N 253 -39.28 8.19 6.36
N ILE N 254 -38.70 9.33 6.72
CA ILE N 254 -39.33 10.62 6.47
C ILE N 254 -39.53 10.83 4.97
N SER N 255 -38.54 10.42 4.18
CA SER N 255 -38.65 10.55 2.74
C SER N 255 -39.83 9.74 2.21
N HIS N 256 -40.04 8.56 2.77
CA HIS N 256 -41.15 7.70 2.35
C HIS N 256 -42.49 8.23 2.84
N ILE N 257 -42.55 8.68 4.08
CA ILE N 257 -43.79 9.21 4.65
C ILE N 257 -44.23 10.51 3.96
N VAL N 258 -43.27 11.41 3.72
CA VAL N 258 -43.57 12.67 3.07
C VAL N 258 -44.05 12.46 1.63
N THR N 259 -43.37 11.59 0.89
CA THR N 259 -43.72 11.28 -0.51
C THR N 259 -45.10 10.64 -0.56
N TYR N 260 -45.31 9.69 0.32
CA TYR N 260 -46.55 8.97 0.40
C TYR N 260 -47.75 9.85 0.68
N TYR N 261 -47.74 10.57 1.79
CA TYR N 261 -48.87 11.45 2.14
C TYR N 261 -49.00 12.74 1.33
N SER N 262 -48.04 12.98 0.43
CA SER N 262 -48.09 14.13 -0.46
C SER N 262 -48.78 13.62 -1.73
N GLY N 263 -49.11 12.32 -1.75
CA GLY N 263 -49.75 11.70 -2.88
C GLY N 263 -48.83 11.69 -4.08
N LYS N 264 -47.53 11.69 -3.84
CA LYS N 264 -46.56 11.69 -4.93
C LYS N 264 -46.01 10.29 -5.20
N LYS N 265 -45.59 10.02 -6.44
CA LYS N 265 -45.08 8.69 -6.75
C LYS N 265 -43.58 8.55 -6.46
N GLU N 266 -42.95 9.66 -6.11
CA GLU N 266 -41.52 9.67 -5.85
C GLU N 266 -41.14 10.92 -5.09
N PRO N 267 -39.99 10.86 -4.39
CA PRO N 267 -39.50 11.99 -3.62
C PRO N 267 -38.76 12.91 -4.60
N PHE N 268 -38.76 14.20 -4.30
CA PHE N 268 -38.08 15.17 -5.14
C PHE N 268 -36.55 14.96 -5.08
N GLY N 269 -35.91 15.00 -6.24
CA GLY N 269 -34.47 14.89 -6.32
C GLY N 269 -33.88 13.66 -5.66
N TYR N 270 -34.31 12.49 -6.12
CA TYR N 270 -33.84 11.21 -5.61
C TYR N 270 -32.33 11.14 -5.53
N MET N 271 -31.66 11.43 -6.64
CA MET N 271 -30.22 11.34 -6.63
C MET N 271 -29.58 12.35 -5.69
N GLY N 272 -30.26 13.47 -5.50
CA GLY N 272 -29.74 14.49 -4.59
C GLY N 272 -29.85 14.00 -3.15
N MET N 273 -30.88 13.20 -2.88
CA MET N 273 -31.11 12.63 -1.55
C MET N 273 -30.08 11.55 -1.24
N VAL N 274 -29.69 10.79 -2.25
CA VAL N 274 -28.69 9.74 -2.10
C VAL N 274 -27.35 10.38 -1.84
N TRP N 275 -26.99 11.35 -2.67
CA TRP N 275 -25.73 12.05 -2.53
C TRP N 275 -25.62 12.66 -1.13
N ALA N 276 -26.73 13.22 -0.65
CA ALA N 276 -26.78 13.87 0.65
C ALA N 276 -26.54 12.93 1.81
N MET N 277 -27.09 11.73 1.73
CA MET N 277 -26.90 10.75 2.80
C MET N 277 -25.49 10.22 2.80
N MET N 278 -24.92 10.09 1.62
CA MET N 278 -23.55 9.61 1.55
C MET N 278 -22.55 10.65 2.08
N SER N 279 -22.76 11.91 1.71
CA SER N 279 -21.89 13.01 2.14
C SER N 279 -21.93 13.17 3.64
N ILE N 280 -23.13 13.16 4.21
CA ILE N 280 -23.34 13.25 5.64
C ILE N 280 -22.58 12.11 6.32
N GLY N 281 -22.78 10.90 5.81
CA GLY N 281 -22.13 9.73 6.35
C GLY N 281 -20.63 9.85 6.33
N PHE N 282 -20.09 10.42 5.26
CA PHE N 282 -18.66 10.59 5.13
C PHE N 282 -18.12 11.68 6.07
N LEU N 283 -18.68 12.88 5.96
CA LEU N 283 -18.30 13.98 6.80
C LEU N 283 -18.37 13.62 8.29
N GLY N 284 -19.32 12.76 8.62
CA GLY N 284 -19.51 12.35 10.01
C GLY N 284 -18.35 11.62 10.65
N PHE N 285 -17.37 11.22 9.85
CA PHE N 285 -16.18 10.49 10.32
C PHE N 285 -14.97 11.38 10.58
N ILE N 286 -15.03 12.60 10.06
CA ILE N 286 -13.94 13.55 10.18
C ILE N 286 -14.23 14.82 11.02
N VAL N 287 -15.19 14.73 11.96
CA VAL N 287 -15.57 15.89 12.77
C VAL N 287 -15.68 15.68 14.30
N TRP N 288 -15.33 14.47 14.77
CA TRP N 288 -15.48 14.10 16.19
C TRP N 288 -14.95 15.02 17.30
N ALA N 289 -13.85 15.71 17.05
CA ALA N 289 -13.27 16.59 18.04
C ALA N 289 -14.12 17.80 18.43
N HIS N 290 -15.27 17.98 17.79
CA HIS N 290 -16.16 19.08 18.16
C HIS N 290 -16.80 18.76 19.53
N HIS N 291 -16.48 17.59 20.07
CA HIS N 291 -16.96 17.17 21.39
C HIS N 291 -15.83 17.34 22.39
N MET N 292 -14.75 17.97 21.96
CA MET N 292 -13.59 18.14 22.80
C MET N 292 -13.01 19.52 22.67
N PHE N 293 -13.85 20.50 22.37
CA PHE N 293 -13.39 21.87 22.18
C PHE N 293 -12.77 22.54 23.42
N THR N 294 -13.03 21.98 24.63
CA THR N 294 -12.46 22.55 25.86
C THR N 294 -11.34 21.73 26.51
N VAL N 295 -10.97 20.60 25.92
CA VAL N 295 -9.91 19.76 26.48
C VAL N 295 -8.52 20.38 26.34
N GLY N 296 -8.42 21.42 25.52
CA GLY N 296 -7.16 22.10 25.32
C GLY N 296 -6.41 21.72 24.06
N MET N 297 -7.01 21.93 22.89
CA MET N 297 -6.34 21.58 21.63
C MET N 297 -5.80 22.81 20.92
N ASP N 298 -4.83 22.58 20.03
CA ASP N 298 -4.18 23.62 19.24
C ASP N 298 -5.28 24.40 18.55
N VAL N 299 -5.05 25.70 18.35
CA VAL N 299 -6.06 26.55 17.71
C VAL N 299 -6.35 26.15 16.26
N ASP N 300 -5.33 25.72 15.52
CA ASP N 300 -5.50 25.29 14.13
C ASP N 300 -6.43 24.08 14.07
N THR N 301 -6.20 23.13 14.98
CA THR N 301 -7.02 21.95 15.04
C THR N 301 -8.49 22.33 15.29
N ARG N 302 -8.70 23.23 16.22
CA ARG N 302 -10.04 23.68 16.56
C ARG N 302 -10.70 24.46 15.41
N ALA N 303 -9.88 25.12 14.59
CA ALA N 303 -10.40 25.86 13.45
C ALA N 303 -10.84 24.86 12.37
N TYR N 304 -10.07 23.79 12.20
CA TYR N 304 -10.40 22.77 11.23
C TYR N 304 -11.72 22.11 11.63
N PHE N 305 -11.82 21.63 12.86
CA PHE N 305 -13.05 20.99 13.32
C PHE N 305 -14.30 21.83 13.30
N THR N 306 -14.15 23.14 13.39
CA THR N 306 -15.31 24.02 13.36
C THR N 306 -15.83 24.03 11.94
N SER N 307 -14.89 24.14 10.99
CA SER N 307 -15.20 24.20 9.57
C SER N 307 -15.77 22.92 9.03
N ALA N 308 -15.06 21.81 9.27
CA ALA N 308 -15.53 20.51 8.81
C ALA N 308 -16.92 20.21 9.35
N THR N 309 -17.17 20.57 10.60
CA THR N 309 -18.47 20.30 11.19
C THR N 309 -19.60 21.09 10.54
N MET N 310 -19.34 22.35 10.20
CA MET N 310 -20.37 23.18 9.59
C MET N 310 -20.78 22.77 8.19
N ILE N 311 -19.83 22.22 7.44
CA ILE N 311 -20.10 21.76 6.08
C ILE N 311 -21.28 20.77 5.98
N ILE N 312 -21.47 19.98 7.02
CA ILE N 312 -22.54 19.00 7.04
C ILE N 312 -23.91 19.62 6.83
N ALA N 313 -24.01 20.92 7.08
CA ALA N 313 -25.29 21.63 6.91
C ALA N 313 -25.72 21.68 5.45
N ILE N 314 -24.75 21.68 4.54
CA ILE N 314 -25.04 21.73 3.09
C ILE N 314 -25.82 20.49 2.65
N PRO N 315 -25.21 19.28 2.75
CA PRO N 315 -26.01 18.12 2.33
C PRO N 315 -27.30 18.00 3.14
N THR N 316 -27.27 18.32 4.43
CA THR N 316 -28.49 18.20 5.24
C THR N 316 -29.53 19.19 4.73
N GLY N 317 -29.06 20.33 4.24
CA GLY N 317 -29.97 21.33 3.71
C GLY N 317 -30.70 20.80 2.48
N VAL N 318 -29.95 20.16 1.58
CA VAL N 318 -30.52 19.59 0.37
C VAL N 318 -31.66 18.65 0.73
N LYS N 319 -31.49 17.86 1.77
CA LYS N 319 -32.55 16.94 2.16
C LYS N 319 -33.79 17.66 2.67
N VAL N 320 -33.59 18.66 3.51
CA VAL N 320 -34.70 19.41 4.09
C VAL N 320 -35.51 20.08 2.99
N PHE N 321 -34.82 20.77 2.10
CA PHE N 321 -35.51 21.45 1.03
C PHE N 321 -36.19 20.48 0.06
N SER N 322 -35.62 19.29 -0.11
CA SER N 322 -36.20 18.28 -0.99
C SER N 322 -37.49 17.70 -0.42
N TRP N 323 -37.59 17.60 0.90
CA TRP N 323 -38.82 17.10 1.49
C TRP N 323 -39.90 18.14 1.28
N LEU N 324 -39.51 19.40 1.31
CA LEU N 324 -40.44 20.48 1.13
C LEU N 324 -40.89 20.46 -0.33
N ALA N 325 -39.95 20.21 -1.24
CA ALA N 325 -40.24 20.16 -2.66
C ALA N 325 -41.10 18.94 -2.97
N THR N 326 -41.06 17.94 -2.10
CA THR N 326 -41.88 16.74 -2.30
C THR N 326 -43.31 17.08 -1.88
N LEU N 327 -43.47 17.93 -0.87
CA LEU N 327 -44.81 18.35 -0.42
C LEU N 327 -45.42 19.28 -1.46
N HIS N 328 -44.56 20.03 -2.15
CA HIS N 328 -44.95 20.99 -3.18
C HIS N 328 -45.83 20.42 -4.28
N GLY N 329 -47.05 20.93 -4.37
CA GLY N 329 -47.98 20.50 -5.39
C GLY N 329 -48.65 19.15 -5.14
N GLY N 330 -48.51 18.65 -3.92
CA GLY N 330 -49.12 17.38 -3.62
C GLY N 330 -50.55 17.52 -3.12
N ASN N 331 -51.29 16.43 -3.18
CA ASN N 331 -52.65 16.39 -2.67
C ASN N 331 -52.36 15.88 -1.24
N ILE N 332 -52.16 16.81 -0.31
CA ILE N 332 -51.80 16.43 1.05
C ILE N 332 -52.85 15.71 1.86
N LYS N 333 -52.46 14.55 2.39
CA LYS N 333 -53.34 13.76 3.25
C LYS N 333 -52.88 14.02 4.68
N TRP N 334 -53.70 14.71 5.45
CA TRP N 334 -53.37 15.08 6.81
C TRP N 334 -53.46 13.93 7.78
N SER N 335 -52.74 12.87 7.49
CA SER N 335 -52.73 11.71 8.37
C SER N 335 -51.82 11.95 9.58
N PRO N 336 -51.97 11.12 10.62
CA PRO N 336 -51.15 11.22 11.83
C PRO N 336 -49.67 11.12 11.44
N ALA N 337 -49.35 10.18 10.55
CA ALA N 337 -47.97 9.98 10.08
C ALA N 337 -47.42 11.23 9.41
N MET N 338 -48.23 11.86 8.58
CA MET N 338 -47.79 13.07 7.91
C MET N 338 -47.49 14.11 8.99
N MET N 339 -48.33 14.18 10.01
CA MET N 339 -48.13 15.12 11.08
C MET N 339 -46.78 14.93 11.77
N TRP N 340 -46.45 13.69 12.10
CA TRP N 340 -45.16 13.42 12.72
C TRP N 340 -44.03 13.85 11.78
N ALA N 341 -44.20 13.61 10.48
CA ALA N 341 -43.18 13.94 9.48
C ALA N 341 -43.01 15.42 9.31
N LEU N 342 -44.08 16.17 9.45
CA LEU N 342 -43.98 17.61 9.31
C LEU N 342 -43.33 18.20 10.58
N GLY N 343 -43.70 17.68 11.75
CA GLY N 343 -43.10 18.13 12.99
C GLY N 343 -41.61 17.82 12.95
N PHE N 344 -41.27 16.67 12.35
CA PHE N 344 -39.89 16.26 12.23
C PHE N 344 -39.10 17.28 11.38
N ILE N 345 -39.60 17.60 10.20
CA ILE N 345 -38.91 18.52 9.33
C ILE N 345 -38.59 19.83 10.05
N PHE N 346 -39.53 20.32 10.85
CA PHE N 346 -39.33 21.59 11.58
C PHE N 346 -38.41 21.46 12.80
N LEU N 347 -38.80 20.58 13.73
CA LEU N 347 -38.03 20.36 14.95
C LEU N 347 -36.58 19.93 14.71
N PHE N 348 -36.36 19.10 13.69
CA PHE N 348 -35.02 18.64 13.38
C PHE N 348 -34.15 19.79 12.91
N THR N 349 -34.72 20.66 12.07
CA THR N 349 -34.01 21.81 11.53
C THR N 349 -33.52 22.71 12.67
N VAL N 350 -34.38 22.92 13.66
CA VAL N 350 -34.07 23.72 14.85
C VAL N 350 -32.85 23.11 15.55
N GLY N 351 -32.95 21.81 15.88
CA GLY N 351 -31.88 21.10 16.55
C GLY N 351 -30.62 21.06 15.71
N GLY N 352 -30.77 21.00 14.41
CA GLY N 352 -29.60 20.99 13.57
C GLY N 352 -28.93 22.34 13.59
N LEU N 353 -29.75 23.39 13.53
CA LEU N 353 -29.24 24.74 13.54
C LEU N 353 -28.51 25.08 14.84
N THR N 354 -29.01 24.61 15.98
CA THR N 354 -28.33 24.88 17.24
C THR N 354 -27.07 24.01 17.27
N GLY N 355 -27.07 22.92 16.48
CA GLY N 355 -25.88 22.08 16.38
C GLY N 355 -24.83 22.92 15.67
N ILE N 356 -25.24 23.70 14.67
CA ILE N 356 -24.33 24.58 13.94
C ILE N 356 -23.76 25.72 14.83
N VAL N 357 -24.52 26.12 15.85
CA VAL N 357 -24.11 27.16 16.77
C VAL N 357 -22.94 26.57 17.57
N LEU N 358 -23.15 25.35 18.07
CA LEU N 358 -22.15 24.64 18.86
C LEU N 358 -20.89 24.29 18.09
N ALA N 359 -20.96 24.23 16.76
CA ALA N 359 -19.80 23.87 15.95
C ALA N 359 -18.71 24.94 16.02
N ASN N 360 -19.07 26.13 16.47
CA ASN N 360 -18.11 27.22 16.59
C ASN N 360 -17.33 27.08 17.91
N SER N 361 -16.08 26.61 17.82
CA SER N 361 -15.26 26.40 19.01
C SER N 361 -15.25 27.58 19.97
N SER N 362 -15.23 28.78 19.41
CA SER N 362 -15.23 30.02 20.17
C SER N 362 -16.40 30.04 21.13
N LEU N 363 -17.60 29.92 20.56
CA LEU N 363 -18.81 29.94 21.33
C LEU N 363 -18.95 28.70 22.19
N ASP N 364 -18.44 27.58 21.68
CA ASP N 364 -18.57 26.31 22.40
C ASP N 364 -17.92 26.34 23.77
N ILE N 365 -16.87 27.15 23.91
CA ILE N 365 -16.18 27.27 25.20
C ILE N 365 -17.23 27.53 26.27
N VAL N 366 -18.10 28.47 25.98
CA VAL N 366 -19.13 28.86 26.91
C VAL N 366 -20.33 27.93 26.93
N LEU N 367 -20.65 27.32 25.79
CA LEU N 367 -21.81 26.44 25.73
C LEU N 367 -21.52 24.99 26.09
N HIS N 368 -20.28 24.56 25.94
CA HIS N 368 -19.93 23.20 26.25
C HIS N 368 -20.34 22.77 27.66
N ASP N 369 -20.76 21.52 27.81
CA ASP N 369 -21.16 20.96 29.12
C ASP N 369 -22.24 21.79 29.84
N THR N 370 -23.11 22.43 29.08
CA THR N 370 -24.22 23.19 29.63
C THR N 370 -25.49 22.63 29.00
N TYR N 371 -26.63 23.10 29.47
CA TYR N 371 -27.86 22.60 28.96
C TYR N 371 -28.17 23.03 27.52
N TYR N 372 -27.34 23.86 26.92
CA TYR N 372 -27.58 24.27 25.53
C TYR N 372 -27.37 23.03 24.66
N VAL N 373 -26.38 22.22 25.03
CA VAL N 373 -26.05 21.01 24.31
C VAL N 373 -27.18 20.01 24.48
N VAL N 374 -27.71 19.93 25.69
CA VAL N 374 -28.81 19.02 26.00
C VAL N 374 -30.05 19.41 25.16
N ALA N 375 -30.22 20.71 24.93
CA ALA N 375 -31.33 21.21 24.14
C ALA N 375 -31.12 20.86 22.68
N HIS N 376 -29.88 21.00 22.21
CA HIS N 376 -29.54 20.65 20.84
C HIS N 376 -29.86 19.21 20.56
N PHE N 377 -29.27 18.30 21.31
CA PHE N 377 -29.50 16.91 21.03
C PHE N 377 -30.86 16.33 21.30
N HIS N 378 -31.66 16.99 22.12
CA HIS N 378 -33.00 16.47 22.39
C HIS N 378 -33.98 16.89 21.32
N TYR N 379 -33.65 17.96 20.61
CA TYR N 379 -34.47 18.41 19.52
C TYR N 379 -34.27 17.42 18.37
N VAL N 380 -33.02 17.06 18.10
CA VAL N 380 -32.71 16.11 17.03
C VAL N 380 -33.06 14.68 17.37
N LEU N 381 -32.97 14.31 18.65
CA LEU N 381 -33.28 12.95 19.08
C LEU N 381 -34.67 12.74 19.64
N SER N 382 -35.03 13.56 20.62
CA SER N 382 -36.35 13.41 21.23
C SER N 382 -37.47 13.98 20.37
N MET N 383 -37.08 14.70 19.32
CA MET N 383 -38.05 15.28 18.43
C MET N 383 -37.74 14.74 17.06
N GLY N 384 -36.49 14.81 16.63
CA GLY N 384 -36.15 14.27 15.32
C GLY N 384 -36.31 12.76 15.25
N ALA N 385 -35.35 12.04 15.83
CA ALA N 385 -35.36 10.57 15.86
C ALA N 385 -36.70 9.97 16.28
N VAL N 386 -37.19 10.43 17.41
CA VAL N 386 -38.45 9.93 17.96
C VAL N 386 -39.62 10.20 17.03
N PHE N 387 -39.69 11.40 16.44
CA PHE N 387 -40.80 11.70 15.54
C PHE N 387 -40.75 10.83 14.29
N ALA N 388 -39.54 10.52 13.80
CA ALA N 388 -39.42 9.65 12.64
C ALA N 388 -39.91 8.23 13.00
N ILE N 389 -39.58 7.77 14.19
CA ILE N 389 -40.03 6.46 14.65
C ILE N 389 -41.56 6.42 14.80
N MET N 390 -42.14 7.45 15.41
CA MET N 390 -43.59 7.48 15.58
C MET N 390 -44.33 7.57 14.25
N GLY N 391 -43.82 8.38 13.32
CA GLY N 391 -44.44 8.51 12.01
C GLY N 391 -44.35 7.19 11.26
N GLY N 392 -43.18 6.57 11.32
CA GLY N 392 -43.01 5.29 10.68
C GLY N 392 -43.87 4.23 11.32
N PHE N 393 -44.00 4.30 12.64
CA PHE N 393 -44.81 3.33 13.36
C PHE N 393 -46.28 3.38 12.96
N VAL N 394 -46.91 4.56 13.03
CA VAL N 394 -48.31 4.67 12.65
C VAL N 394 -48.53 4.41 11.15
N HIS N 395 -47.58 4.81 10.32
CA HIS N 395 -47.73 4.57 8.90
C HIS N 395 -47.74 3.08 8.53
N TRP N 396 -46.78 2.33 9.09
CA TRP N 396 -46.65 0.91 8.79
C TRP N 396 -47.30 -0.08 9.73
N PHE N 397 -47.87 0.39 10.83
CA PHE N 397 -48.53 -0.53 11.76
C PHE N 397 -49.53 -1.45 11.02
N PRO N 398 -50.40 -0.89 10.17
CA PRO N 398 -51.37 -1.71 9.44
C PRO N 398 -50.70 -2.77 8.59
N LEU N 399 -49.51 -2.47 8.09
CA LEU N 399 -48.76 -3.43 7.27
C LEU N 399 -48.25 -4.57 8.14
N PHE N 400 -47.75 -4.21 9.31
CA PHE N 400 -47.20 -5.22 10.19
C PHE N 400 -48.27 -6.04 10.86
N SER N 401 -49.33 -5.38 11.32
CA SER N 401 -50.37 -6.10 12.03
C SER N 401 -51.57 -6.59 11.25
N GLY N 402 -51.95 -5.89 10.17
CA GLY N 402 -53.13 -6.24 9.41
C GLY N 402 -54.31 -5.40 9.89
N TYR N 403 -54.12 -4.71 11.01
CA TYR N 403 -55.14 -3.84 11.61
C TYR N 403 -54.84 -2.37 11.46
N THR N 404 -55.89 -1.55 11.57
CA THR N 404 -55.74 -0.12 11.47
C THR N 404 -55.89 0.52 12.84
N LEU N 405 -55.28 1.68 13.00
CA LEU N 405 -55.35 2.39 14.25
C LEU N 405 -56.51 3.35 14.15
N ASN N 406 -56.94 3.91 15.27
CA ASN N 406 -57.97 4.91 15.26
C ASN N 406 -57.22 6.24 14.94
N ASP N 407 -57.40 6.79 13.74
CA ASP N 407 -56.73 8.03 13.34
C ASP N 407 -56.87 9.23 14.26
N THR N 408 -58.05 9.43 14.79
CA THR N 408 -58.29 10.56 15.68
C THR N 408 -57.46 10.44 16.96
N TRP N 409 -57.41 9.24 17.53
CA TRP N 409 -56.61 9.02 18.73
C TRP N 409 -55.13 9.30 18.44
N ALA N 410 -54.66 8.85 17.29
CA ALA N 410 -53.28 9.08 16.88
C ALA N 410 -52.97 10.57 16.75
N LYS N 411 -53.96 11.34 16.29
CA LYS N 411 -53.76 12.79 16.10
C LYS N 411 -53.67 13.47 17.47
N ILE N 412 -54.47 12.98 18.40
CA ILE N 412 -54.49 13.50 19.77
C ILE N 412 -53.10 13.24 20.40
N HIS N 413 -52.62 12.00 20.24
CA HIS N 413 -51.31 11.60 20.75
C HIS N 413 -50.22 12.53 20.21
N PHE N 414 -50.23 12.75 18.90
CA PHE N 414 -49.26 13.64 18.29
C PHE N 414 -49.24 15.01 18.97
N ALA N 415 -50.42 15.60 19.12
CA ALA N 415 -50.58 16.92 19.74
C ALA N 415 -50.05 17.00 21.17
N ILE N 416 -50.34 15.97 21.97
CA ILE N 416 -49.87 15.94 23.36
C ILE N 416 -48.35 15.90 23.42
N MET N 417 -47.77 15.00 22.63
CA MET N 417 -46.31 14.82 22.55
C MET N 417 -45.61 16.08 22.07
N PHE N 418 -46.21 16.73 21.07
CA PHE N 418 -45.67 17.96 20.49
C PHE N 418 -45.53 19.03 21.57
N VAL N 419 -46.58 19.21 22.36
CA VAL N 419 -46.58 20.19 23.43
C VAL N 419 -45.54 19.76 24.48
N GLY N 420 -45.63 18.50 24.89
CA GLY N 420 -44.74 17.95 25.88
C GLY N 420 -43.27 18.16 25.61
N VAL N 421 -42.79 17.66 24.47
CA VAL N 421 -41.37 17.79 24.16
C VAL N 421 -40.88 19.22 23.99
N ASN N 422 -41.72 20.08 23.45
CA ASN N 422 -41.29 21.46 23.28
C ASN N 422 -41.24 22.19 24.60
N MET N 423 -42.18 21.86 25.48
CA MET N 423 -42.22 22.48 26.79
C MET N 423 -41.04 21.98 27.61
N THR N 424 -40.64 20.73 27.38
CA THR N 424 -39.54 20.17 28.12
C THR N 424 -38.19 20.75 27.69
N PHE N 425 -37.93 20.73 26.39
CA PHE N 425 -36.64 21.16 25.89
C PHE N 425 -36.40 22.59 25.46
N PHE N 426 -37.44 23.31 25.05
CA PHE N 426 -37.19 24.68 24.63
C PHE N 426 -36.54 25.55 25.69
N PRO N 427 -37.09 25.54 26.93
CA PRO N 427 -36.51 26.37 27.99
C PRO N 427 -35.06 26.03 28.31
N GLN N 428 -34.62 24.82 27.95
CA GLN N 428 -33.26 24.40 28.23
C GLN N 428 -32.21 25.18 27.45
N HIS N 429 -32.62 25.91 26.42
CA HIS N 429 -31.71 26.74 25.63
C HIS N 429 -31.28 27.89 26.57
N PHE N 430 -32.28 28.41 27.30
CA PHE N 430 -32.13 29.50 28.28
C PHE N 430 -31.18 29.09 29.37
N LEU N 431 -31.49 27.95 30.00
CA LEU N 431 -30.65 27.41 31.06
C LEU N 431 -29.21 27.25 30.56
N GLY N 432 -29.07 26.93 29.28
CA GLY N 432 -27.76 26.74 28.69
C GLY N 432 -27.01 28.03 28.54
N LEU N 433 -27.62 29.02 27.88
CA LEU N 433 -26.97 30.32 27.68
C LEU N 433 -26.59 30.95 29.03
N SER N 434 -27.48 30.80 30.01
CA SER N 434 -27.25 31.35 31.33
C SER N 434 -26.29 30.53 32.21
N GLY N 435 -25.69 29.49 31.64
CA GLY N 435 -24.72 28.69 32.38
C GLY N 435 -25.04 27.47 33.23
N MET N 436 -26.24 26.89 33.14
CA MET N 436 -26.50 25.72 33.97
C MET N 436 -25.73 24.51 33.39
N PRO N 437 -24.80 23.92 34.18
CA PRO N 437 -24.00 22.77 33.72
C PRO N 437 -24.83 21.49 33.58
N ARG N 438 -24.32 20.55 32.78
CA ARG N 438 -24.98 19.26 32.58
C ARG N 438 -24.57 18.36 33.72
N ARG N 439 -25.37 17.33 33.94
CA ARG N 439 -25.11 16.32 34.94
C ARG N 439 -25.13 16.78 36.40
N TYR N 440 -25.96 17.79 36.69
CA TYR N 440 -26.14 18.35 38.02
C TYR N 440 -27.47 17.89 38.61
N SER N 441 -27.45 17.42 39.86
CA SER N 441 -28.66 16.96 40.57
C SER N 441 -29.38 18.15 41.17
N ASP N 442 -28.65 19.27 41.31
CA ASP N 442 -29.20 20.48 41.84
C ASP N 442 -28.52 21.66 41.17
N TYR N 443 -29.17 22.81 41.23
CA TYR N 443 -28.65 23.99 40.58
C TYR N 443 -28.88 25.21 41.42
N PRO N 444 -28.13 26.27 41.12
CA PRO N 444 -28.26 27.53 41.85
C PRO N 444 -29.71 28.02 41.69
N ASP N 445 -30.20 28.76 42.68
CA ASP N 445 -31.57 29.26 42.68
C ASP N 445 -32.12 29.98 41.43
N ALA N 446 -31.27 30.76 40.76
CA ALA N 446 -31.68 31.50 39.56
C ALA N 446 -32.24 30.66 38.38
N TYR N 447 -31.89 29.38 38.36
CA TYR N 447 -32.30 28.47 37.28
C TYR N 447 -33.62 27.78 37.56
N THR N 448 -34.28 28.19 38.63
CA THR N 448 -35.51 27.55 39.04
C THR N 448 -36.71 27.55 38.10
N MET N 449 -37.04 28.69 37.50
CA MET N 449 -38.20 28.71 36.63
C MET N 449 -38.15 27.80 35.43
N TRP N 450 -37.10 27.93 34.62
CA TRP N 450 -36.97 27.10 33.44
C TRP N 450 -36.90 25.61 33.77
N ASN N 451 -36.24 25.24 34.87
CA ASN N 451 -36.17 23.83 35.25
C ASN N 451 -37.53 23.29 35.66
N THR N 452 -38.35 24.16 36.23
CA THR N 452 -39.70 23.78 36.66
C THR N 452 -40.59 23.53 35.43
N ILE N 453 -40.58 24.45 34.48
CA ILE N 453 -41.37 24.31 33.26
C ILE N 453 -40.95 23.07 32.47
N SER N 454 -39.64 22.87 32.36
CA SER N 454 -39.09 21.73 31.62
C SER N 454 -39.62 20.39 32.16
N SER N 455 -39.63 20.27 33.48
CA SER N 455 -40.11 19.05 34.14
C SER N 455 -41.61 18.85 33.95
N MET N 456 -42.36 19.95 33.90
CA MET N 456 -43.79 19.87 33.66
C MET N 456 -43.98 19.35 32.23
N GLY N 457 -43.20 19.91 31.30
CA GLY N 457 -43.27 19.47 29.91
C GLY N 457 -43.03 17.98 29.82
N SER N 458 -42.09 17.46 30.61
CA SER N 458 -41.78 16.04 30.58
C SER N 458 -42.92 15.15 31.04
N PHE N 459 -43.77 15.68 31.92
CA PHE N 459 -44.93 14.93 32.40
C PHE N 459 -45.99 14.82 31.33
N ILE N 460 -46.07 15.86 30.50
CA ILE N 460 -47.01 15.90 29.38
C ILE N 460 -46.59 14.80 28.44
N SER N 461 -45.26 14.73 28.18
CA SER N 461 -44.68 13.70 27.31
C SER N 461 -45.04 12.32 27.86
N LEU N 462 -45.02 12.16 29.18
CA LEU N 462 -45.37 10.90 29.81
C LEU N 462 -46.82 10.55 29.49
N THR N 463 -47.71 11.54 29.60
CA THR N 463 -49.13 11.31 29.32
C THR N 463 -49.27 10.77 27.90
N ALA N 464 -48.49 11.35 26.99
CA ALA N 464 -48.47 10.92 25.60
C ALA N 464 -48.01 9.47 25.43
N VAL N 465 -46.94 9.10 26.15
CA VAL N 465 -46.43 7.73 26.08
C VAL N 465 -47.47 6.71 26.58
N MET N 466 -48.15 7.04 27.68
CA MET N 466 -49.18 6.14 28.21
C MET N 466 -50.33 6.03 27.26
N LEU N 467 -50.71 7.15 26.66
CA LEU N 467 -51.82 7.13 25.69
C LEU N 467 -51.49 6.20 24.52
N MET N 468 -50.28 6.32 23.99
CA MET N 468 -49.88 5.48 22.86
C MET N 468 -50.02 3.99 23.13
N VAL N 469 -49.74 3.57 24.37
CA VAL N 469 -49.83 2.17 24.74
C VAL N 469 -51.28 1.72 24.58
N PHE N 470 -52.19 2.57 25.08
CA PHE N 470 -53.62 2.31 25.00
C PHE N 470 -54.07 2.25 23.54
N ILE N 471 -53.64 3.21 22.73
CA ILE N 471 -54.01 3.27 21.33
C ILE N 471 -53.62 1.97 20.60
N ILE N 472 -52.46 1.41 20.96
CA ILE N 472 -52.01 0.17 20.34
C ILE N 472 -52.93 -0.95 20.80
N TRP N 473 -53.38 -0.86 22.05
CA TRP N 473 -54.30 -1.87 22.58
C TRP N 473 -55.62 -1.80 21.81
N GLU N 474 -56.17 -0.59 21.67
CA GLU N 474 -57.44 -0.41 20.98
C GLU N 474 -57.42 -0.97 19.56
N ALA N 475 -56.30 -0.80 18.85
CA ALA N 475 -56.19 -1.30 17.48
C ALA N 475 -56.35 -2.82 17.48
N PHE N 476 -55.59 -3.48 18.34
CA PHE N 476 -55.60 -4.94 18.47
C PHE N 476 -56.92 -5.46 19.06
N ALA N 477 -57.54 -4.63 19.89
CA ALA N 477 -58.80 -4.97 20.53
C ALA N 477 -60.02 -4.86 19.61
N SER N 478 -60.03 -3.87 18.72
CA SER N 478 -61.15 -3.68 17.82
C SER N 478 -61.07 -4.58 16.58
N LYS N 479 -59.85 -4.77 16.06
CA LYS N 479 -59.60 -5.63 14.88
C LYS N 479 -60.22 -5.19 13.57
N ARG N 480 -59.92 -3.96 13.17
CA ARG N 480 -60.40 -3.42 11.91
C ARG N 480 -59.37 -3.89 10.89
N GLU N 481 -59.68 -4.94 10.16
CA GLU N 481 -58.75 -5.46 9.16
C GLU N 481 -58.64 -4.62 7.92
N VAL N 482 -57.40 -4.49 7.45
CA VAL N 482 -57.10 -3.69 6.27
C VAL N 482 -57.68 -4.34 5.01
N LEU N 483 -58.14 -3.49 4.09
CA LEU N 483 -58.70 -3.94 2.82
C LEU N 483 -57.82 -3.49 1.69
N THR N 484 -57.79 -2.18 1.50
CA THR N 484 -57.01 -1.61 0.44
C THR N 484 -56.10 -0.48 0.88
N VAL N 485 -54.98 -0.37 0.18
CA VAL N 485 -54.01 0.66 0.46
C VAL N 485 -53.67 1.34 -0.84
N ASP N 486 -53.59 2.67 -0.78
CA ASP N 486 -53.28 3.46 -1.95
C ASP N 486 -51.77 3.52 -2.28
N LEU N 487 -51.45 3.90 -3.51
CA LEU N 487 -50.08 4.06 -3.94
C LEU N 487 -49.17 2.83 -3.90
N THR N 488 -49.73 1.63 -4.00
CA THR N 488 -48.91 0.41 -4.00
C THR N 488 -47.94 0.34 -5.17
N THR N 489 -48.20 1.06 -6.25
CA THR N 489 -47.31 0.97 -7.41
C THR N 489 -45.90 1.54 -7.11
N THR N 490 -45.79 2.33 -6.05
CA THR N 490 -44.51 2.92 -5.69
C THR N 490 -44.23 2.70 -4.20
N ASN N 491 -44.79 1.62 -3.69
CA ASN N 491 -44.60 1.25 -2.29
C ASN N 491 -44.75 -0.27 -2.21
N LEU N 492 -43.78 -0.96 -2.83
CA LEU N 492 -43.73 -2.42 -2.91
C LEU N 492 -43.97 -3.21 -1.64
N GLU N 493 -43.57 -2.66 -0.50
CA GLU N 493 -43.74 -3.36 0.77
C GLU N 493 -45.18 -3.67 1.11
N TRP N 494 -46.12 -2.91 0.53
CA TRP N 494 -47.56 -3.11 0.79
C TRP N 494 -48.22 -4.10 -0.19
N LEU N 495 -47.54 -4.37 -1.29
CA LEU N 495 -48.08 -5.23 -2.34
C LEU N 495 -48.45 -6.68 -2.00
N ASN N 496 -47.97 -7.19 -0.88
CA ASN N 496 -48.28 -8.56 -0.51
C ASN N 496 -49.37 -8.67 0.54
N GLY N 497 -50.12 -7.59 0.75
CA GLY N 497 -51.18 -7.64 1.73
C GLY N 497 -50.78 -7.29 3.17
N CYS N 498 -51.77 -7.25 4.06
CA CYS N 498 -51.54 -6.90 5.46
C CYS N 498 -52.14 -7.87 6.48
N PRO N 499 -51.29 -8.63 7.19
CA PRO N 499 -49.83 -8.62 7.08
C PRO N 499 -49.41 -9.54 5.93
N PRO N 500 -48.20 -9.33 5.37
CA PRO N 500 -47.80 -10.20 4.27
C PRO N 500 -47.58 -11.61 4.80
N PRO N 501 -47.65 -12.64 3.93
CA PRO N 501 -47.45 -13.98 4.45
C PRO N 501 -46.01 -14.19 4.98
N TYR N 502 -45.88 -15.18 5.85
CA TYR N 502 -44.59 -15.53 6.44
C TYR N 502 -43.49 -15.56 5.36
N HIS N 503 -43.76 -16.20 4.23
CA HIS N 503 -42.82 -16.23 3.12
C HIS N 503 -43.36 -15.36 1.99
N THR N 504 -42.60 -14.33 1.60
CA THR N 504 -42.99 -13.47 0.49
C THR N 504 -41.86 -13.55 -0.51
N PHE N 505 -42.20 -13.33 -1.77
CA PHE N 505 -41.25 -13.41 -2.87
C PHE N 505 -40.61 -14.78 -3.12
N GLU N 506 -41.37 -15.84 -2.84
CA GLU N 506 -40.90 -17.22 -3.13
C GLU N 506 -40.63 -17.24 -4.64
N GLU N 507 -41.47 -16.52 -5.38
CA GLU N 507 -41.29 -16.35 -6.80
C GLU N 507 -40.88 -14.87 -6.89
N PRO N 508 -39.62 -14.59 -7.25
CA PRO N 508 -39.20 -13.19 -7.33
C PRO N 508 -40.03 -12.35 -8.31
N THR N 509 -39.90 -11.03 -8.19
CA THR N 509 -40.62 -10.13 -9.08
C THR N 509 -40.00 -10.21 -10.46
N TYR N 510 -40.73 -9.73 -11.47
CA TYR N 510 -40.28 -9.71 -12.85
C TYR N 510 -39.87 -8.28 -13.18
N VAL N 511 -38.63 -8.07 -13.63
CA VAL N 511 -38.18 -6.73 -13.96
C VAL N 511 -37.34 -6.78 -15.24
N ASN N 512 -37.84 -6.17 -16.30
CA ASN N 512 -37.14 -6.13 -17.58
C ASN N 512 -35.94 -5.24 -17.50
N LEU N 513 -34.94 -5.59 -18.28
CA LEU N 513 -33.74 -4.79 -18.32
C LEU N 513 -33.88 -3.80 -19.46
N LYS N 514 -34.66 -4.19 -20.48
CA LYS N 514 -34.90 -3.35 -21.66
C LYS N 514 -33.61 -3.18 -22.47
N ALA O 2 -26.04 34.15 37.22
CA ALA O 2 -27.31 34.18 36.51
C ALA O 2 -28.39 34.74 37.45
N TYR O 3 -29.35 35.46 36.89
CA TYR O 3 -30.48 36.02 37.64
C TYR O 3 -31.72 35.21 37.30
N PRO O 4 -32.76 35.29 38.15
CA PRO O 4 -33.98 34.54 37.85
C PRO O 4 -34.59 34.92 36.49
N MET O 5 -35.09 33.89 35.80
CA MET O 5 -35.72 34.05 34.49
C MET O 5 -34.82 34.57 33.39
N GLN O 6 -33.53 34.24 33.45
CA GLN O 6 -32.58 34.70 32.45
C GLN O 6 -32.77 33.94 31.14
N LEU O 7 -32.70 34.68 30.02
CA LEU O 7 -32.87 34.11 28.70
C LEU O 7 -31.57 33.92 27.96
N GLY O 8 -30.67 34.90 28.05
CA GLY O 8 -29.41 34.79 27.34
C GLY O 8 -28.19 34.63 28.22
N PHE O 9 -27.05 35.08 27.70
CA PHE O 9 -25.78 35.01 28.39
C PHE O 9 -25.66 35.99 29.55
N GLN O 10 -24.89 35.60 30.55
CA GLN O 10 -24.61 36.47 31.69
C GLN O 10 -23.78 37.63 31.10
N ASP O 11 -23.96 38.83 31.65
CA ASP O 11 -23.26 40.02 31.15
C ASP O 11 -21.74 39.85 31.00
N ALA O 12 -21.21 40.28 29.87
CA ALA O 12 -19.79 40.19 29.58
C ALA O 12 -18.95 40.96 30.58
N THR O 13 -17.96 40.29 31.15
CA THR O 13 -17.05 40.92 32.10
C THR O 13 -15.64 41.08 31.52
N SER O 14 -15.40 40.44 30.37
CA SER O 14 -14.11 40.55 29.68
C SER O 14 -14.39 40.98 28.25
N PRO O 15 -13.38 41.49 27.53
CA PRO O 15 -13.52 41.94 26.15
C PRO O 15 -13.92 40.77 25.26
N ILE O 16 -13.32 39.61 25.52
CA ILE O 16 -13.62 38.42 24.73
C ILE O 16 -15.08 38.00 24.88
N MET O 17 -15.60 37.92 26.10
CA MET O 17 -17.00 37.53 26.27
C MET O 17 -17.94 38.49 25.54
N GLU O 18 -17.57 39.77 25.50
CA GLU O 18 -18.35 40.77 24.80
C GLU O 18 -18.36 40.37 23.32
N GLU O 19 -17.18 40.06 22.79
CA GLU O 19 -17.02 39.65 21.40
C GLU O 19 -17.95 38.48 21.05
N LEU O 20 -18.05 37.53 21.98
CA LEU O 20 -18.89 36.37 21.82
C LEU O 20 -20.38 36.72 21.86
N LEU O 21 -20.77 37.69 22.66
CA LEU O 21 -22.18 38.06 22.71
C LEU O 21 -22.60 38.56 21.34
N HIS O 22 -21.75 39.38 20.73
CA HIS O 22 -22.04 39.91 19.42
C HIS O 22 -22.06 38.83 18.37
N PHE O 23 -21.12 37.89 18.45
CA PHE O 23 -21.09 36.81 17.49
C PHE O 23 -22.31 35.94 17.66
N HIS O 24 -22.71 35.68 18.91
CA HIS O 24 -23.89 34.86 19.13
C HIS O 24 -25.15 35.56 18.60
N ASP O 25 -25.20 36.88 18.72
CA ASP O 25 -26.37 37.59 18.23
C ASP O 25 -26.48 37.39 16.73
N HIS O 26 -25.34 37.52 16.05
CA HIS O 26 -25.23 37.36 14.60
C HIS O 26 -25.72 35.98 14.19
N THR O 27 -25.20 34.97 14.86
CA THR O 27 -25.55 33.59 14.60
C THR O 27 -27.02 33.33 14.85
N LEU O 28 -27.52 33.79 16.00
CA LEU O 28 -28.93 33.56 16.34
C LEU O 28 -29.92 34.15 15.34
N MET O 29 -29.53 35.24 14.70
CA MET O 29 -30.41 35.84 13.72
C MET O 29 -30.62 34.88 12.53
N ILE O 30 -29.50 34.32 12.05
CA ILE O 30 -29.49 33.36 10.95
C ILE O 30 -30.31 32.13 11.32
N VAL O 31 -30.11 31.64 12.53
CA VAL O 31 -30.84 30.48 13.02
C VAL O 31 -32.33 30.78 13.01
N PHE O 32 -32.71 31.95 13.54
CA PHE O 32 -34.12 32.36 13.56
C PHE O 32 -34.69 32.49 12.16
N LEU O 33 -33.94 33.14 11.28
CA LEU O 33 -34.36 33.32 9.90
C LEU O 33 -34.62 31.99 9.23
N ILE O 34 -33.59 31.15 9.19
CA ILE O 34 -33.69 29.84 8.55
C ILE O 34 -34.80 28.99 9.12
N SER O 35 -34.92 28.96 10.44
CA SER O 35 -35.95 28.11 11.03
C SER O 35 -37.36 28.61 10.73
N SER O 36 -37.52 29.93 10.75
CA SER O 36 -38.84 30.49 10.49
C SER O 36 -39.13 30.39 8.98
N LEU O 37 -38.08 30.47 8.15
CA LEU O 37 -38.23 30.33 6.70
C LEU O 37 -38.79 28.93 6.42
N VAL O 38 -38.19 27.93 7.05
CA VAL O 38 -38.61 26.55 6.88
C VAL O 38 -40.03 26.32 7.36
N LEU O 39 -40.39 26.90 8.51
CA LEU O 39 -41.74 26.74 9.05
C LEU O 39 -42.72 27.42 8.13
N TYR O 40 -42.34 28.58 7.60
CA TYR O 40 -43.20 29.29 6.66
C TYR O 40 -43.45 28.43 5.43
N ILE O 41 -42.35 28.00 4.80
CA ILE O 41 -42.47 27.16 3.61
C ILE O 41 -43.34 25.93 3.86
N ILE O 42 -43.23 25.34 5.04
CA ILE O 42 -44.07 24.18 5.32
C ILE O 42 -45.53 24.56 5.21
N SER O 43 -45.92 25.67 5.83
CA SER O 43 -47.31 26.11 5.79
C SER O 43 -47.75 26.52 4.38
N LEU O 44 -46.83 27.06 3.59
CA LEU O 44 -47.17 27.44 2.23
C LEU O 44 -47.51 26.19 1.41
N MET O 45 -46.70 25.13 1.52
CA MET O 45 -46.90 23.88 0.77
C MET O 45 -48.20 23.21 1.15
N LEU O 46 -48.65 23.42 2.38
CA LEU O 46 -49.87 22.78 2.89
C LEU O 46 -51.17 23.60 2.84
N THR O 47 -51.11 24.78 2.24
CA THR O 47 -52.28 25.67 2.17
C THR O 47 -52.88 25.99 0.78
N THR O 48 -52.76 25.07 -0.15
CA THR O 48 -53.31 25.28 -1.49
C THR O 48 -53.93 24.01 -2.03
N LYS O 49 -55.05 24.16 -2.73
CA LYS O 49 -55.73 23.03 -3.35
C LYS O 49 -55.11 22.71 -4.70
N LEU O 50 -54.33 23.66 -5.23
CA LEU O 50 -53.65 23.46 -6.50
C LEU O 50 -52.67 22.33 -6.36
N THR O 51 -52.47 21.57 -7.42
CA THR O 51 -51.57 20.43 -7.39
C THR O 51 -50.72 20.33 -8.64
N HIS O 52 -49.60 19.64 -8.50
CA HIS O 52 -48.64 19.37 -9.57
C HIS O 52 -47.92 18.12 -9.05
N THR O 53 -48.42 16.95 -9.49
CA THR O 53 -47.89 15.67 -9.07
C THR O 53 -46.98 15.00 -10.09
N SER O 54 -46.75 15.64 -11.24
CA SER O 54 -45.88 15.07 -12.28
C SER O 54 -44.41 15.25 -11.85
N THR O 55 -43.49 14.60 -12.55
CA THR O 55 -42.07 14.69 -12.22
C THR O 55 -41.52 16.11 -12.38
N MET O 56 -40.91 16.58 -11.29
CA MET O 56 -40.29 17.90 -11.17
C MET O 56 -38.78 17.76 -11.35
N ASP O 57 -38.16 18.68 -12.09
CA ASP O 57 -36.72 18.62 -12.31
C ASP O 57 -35.93 19.28 -11.16
N ALA O 58 -34.89 18.59 -10.68
CA ALA O 58 -34.07 19.06 -9.56
C ALA O 58 -32.72 19.76 -9.86
N GLN O 59 -32.02 19.35 -10.91
CA GLN O 59 -30.72 19.96 -11.24
C GLN O 59 -30.86 21.41 -11.70
N GLU O 60 -31.18 22.30 -10.75
CA GLU O 60 -31.36 23.74 -11.00
C GLU O 60 -31.58 24.45 -9.68
N VAL O 61 -32.55 23.94 -8.94
CA VAL O 61 -32.92 24.48 -7.64
C VAL O 61 -31.91 23.99 -6.58
N GLU O 62 -31.24 22.87 -6.87
CA GLU O 62 -30.23 22.31 -5.97
C GLU O 62 -28.99 23.19 -5.95
N THR O 63 -28.84 24.01 -7.00
CA THR O 63 -27.75 24.96 -7.13
C THR O 63 -28.05 26.04 -6.11
N ILE O 64 -29.30 26.51 -6.13
CA ILE O 64 -29.77 27.54 -5.21
C ILE O 64 -29.52 27.08 -3.80
N TRP O 65 -30.19 25.98 -3.42
CA TRP O 65 -30.03 25.50 -2.07
C TRP O 65 -28.79 24.69 -1.70
N THR O 66 -27.70 25.05 -2.34
CA THR O 66 -26.37 24.48 -2.10
C THR O 66 -25.47 25.70 -1.93
N ILE O 67 -25.55 26.64 -2.88
CA ILE O 67 -24.76 27.87 -2.84
C ILE O 67 -25.18 28.84 -1.72
N LEU O 68 -26.48 28.97 -1.48
CA LEU O 68 -26.99 29.83 -0.43
C LEU O 68 -26.50 29.40 0.96
N PRO O 69 -26.75 28.13 1.34
CA PRO O 69 -26.29 27.66 2.64
C PRO O 69 -24.80 27.79 2.79
N ALA O 70 -24.06 27.52 1.71
CA ALA O 70 -22.61 27.61 1.72
C ALA O 70 -22.16 29.04 2.05
N ILE O 71 -22.86 30.00 1.48
CA ILE O 71 -22.55 31.39 1.73
C ILE O 71 -22.81 31.70 3.20
N ILE O 72 -24.00 31.30 3.68
CA ILE O 72 -24.41 31.53 5.06
C ILE O 72 -23.41 30.96 6.05
N LEU O 73 -22.86 29.80 5.74
CA LEU O 73 -21.89 29.18 6.63
C LEU O 73 -20.63 30.03 6.66
N ILE O 74 -20.22 30.56 5.53
CA ILE O 74 -19.02 31.39 5.48
C ILE O 74 -19.23 32.68 6.27
N LEU O 75 -20.47 33.13 6.30
CA LEU O 75 -20.83 34.33 7.03
C LEU O 75 -20.80 34.10 8.53
N ILE O 76 -20.85 32.82 8.93
CA ILE O 76 -20.80 32.48 10.34
C ILE O 76 -19.34 32.16 10.68
N ALA O 77 -18.67 31.40 9.83
CA ALA O 77 -17.29 30.99 10.07
C ALA O 77 -16.26 32.13 10.19
N LEU O 78 -16.37 33.15 9.33
CA LEU O 78 -15.45 34.28 9.37
C LEU O 78 -15.28 34.92 10.75
N PRO O 79 -16.37 35.50 11.31
CA PRO O 79 -16.25 36.14 12.64
C PRO O 79 -15.95 35.12 13.74
N SER O 80 -16.35 33.87 13.52
CA SER O 80 -16.12 32.80 14.47
C SER O 80 -14.62 32.51 14.56
N LEU O 81 -13.97 32.41 13.41
CA LEU O 81 -12.54 32.14 13.36
C LEU O 81 -11.71 33.36 13.78
N ARG O 82 -12.20 34.55 13.45
CA ARG O 82 -11.52 35.78 13.84
C ARG O 82 -11.46 35.79 15.38
N ILE O 83 -12.58 35.48 16.02
CA ILE O 83 -12.62 35.43 17.49
C ILE O 83 -11.79 34.27 18.04
N LEU O 84 -11.78 33.14 17.33
CA LEU O 84 -11.01 31.98 17.79
C LEU O 84 -9.53 32.31 17.89
N TYR O 85 -9.00 32.92 16.85
CA TYR O 85 -7.60 33.31 16.78
C TYR O 85 -7.25 34.43 17.74
N MET O 86 -8.25 35.25 18.03
CA MET O 86 -8.15 36.38 18.94
C MET O 86 -7.91 35.81 20.35
N MET O 87 -8.60 34.71 20.66
CA MET O 87 -8.46 34.05 21.94
C MET O 87 -7.07 33.40 22.08
N ASP O 88 -6.41 33.15 20.94
CA ASP O 88 -5.10 32.50 20.96
C ASP O 88 -3.92 33.49 20.91
N GLU O 89 -4.22 34.77 20.75
CA GLU O 89 -3.19 35.80 20.70
C GLU O 89 -2.25 35.76 21.88
N ILE O 90 -0.98 36.03 21.59
CA ILE O 90 0.08 36.09 22.59
C ILE O 90 -0.19 37.38 23.37
N ASN O 91 -0.23 37.31 24.70
CA ASN O 91 -0.55 38.50 25.50
C ASN O 91 0.43 38.93 26.58
N ASN O 92 1.24 37.99 27.05
CA ASN O 92 2.19 38.28 28.12
C ASN O 92 1.53 38.81 29.39
N PRO O 93 1.16 37.87 30.26
CA PRO O 93 0.50 38.09 31.54
C PRO O 93 1.43 38.71 32.61
N SER O 94 0.81 39.36 33.59
CA SER O 94 1.50 40.03 34.70
C SER O 94 1.55 39.09 35.92
N LEU O 95 0.70 38.07 35.89
CA LEU O 95 0.55 37.08 36.97
C LEU O 95 0.14 35.70 36.45
N THR O 96 0.58 34.65 37.14
CA THR O 96 0.21 33.30 36.77
C THR O 96 -0.37 32.63 38.01
N VAL O 97 -1.57 32.06 37.87
CA VAL O 97 -2.23 31.35 38.95
C VAL O 97 -2.62 29.97 38.45
N LYS O 98 -2.48 28.97 39.33
CA LYS O 98 -2.83 27.59 38.98
C LYS O 98 -4.00 27.17 39.82
N THR O 99 -4.81 26.25 39.28
CA THR O 99 -5.95 25.73 40.00
C THR O 99 -5.98 24.24 39.75
N MET O 100 -6.15 23.48 40.80
CA MET O 100 -6.19 22.04 40.68
C MET O 100 -7.56 21.61 41.08
N GLY O 101 -8.16 20.76 40.26
CA GLY O 101 -9.48 20.27 40.58
C GLY O 101 -9.32 19.07 41.51
N HIS O 102 -10.25 18.91 42.45
CA HIS O 102 -10.23 17.79 43.38
C HIS O 102 -11.67 17.40 43.62
N GLN O 103 -11.84 16.17 44.09
CA GLN O 103 -13.21 15.66 44.42
C GLN O 103 -13.41 16.05 45.92
N TRP O 104 -14.17 17.08 46.30
CA TRP O 104 -14.89 17.98 45.35
C TRP O 104 -14.71 19.41 45.79
N TYR O 105 -13.61 20.04 45.32
CA TYR O 105 -13.25 21.37 45.61
C TYR O 105 -12.09 21.79 44.68
N TRP O 106 -11.76 23.07 44.69
CA TRP O 106 -10.69 23.56 43.87
C TRP O 106 -9.60 24.07 44.78
N SER O 107 -8.34 23.90 44.37
CA SER O 107 -7.21 24.41 45.13
C SER O 107 -6.52 25.43 44.22
N TYR O 108 -5.97 26.49 44.80
CA TYR O 108 -5.31 27.53 44.02
C TYR O 108 -3.86 27.75 44.47
N GLU O 109 -3.01 28.09 43.52
CA GLU O 109 -1.60 28.29 43.79
C GLU O 109 -1.09 29.52 43.08
N TYR O 110 -0.64 30.50 43.86
CA TYR O 110 -0.05 31.73 43.31
C TYR O 110 1.39 31.57 43.75
N THR O 111 2.22 31.03 42.85
CA THR O 111 3.60 30.76 43.18
C THR O 111 4.64 31.49 42.38
N ASP O 112 4.29 32.67 41.87
CA ASP O 112 5.24 33.47 41.10
C ASP O 112 6.42 33.92 41.96
N TYR O 113 6.13 34.39 43.18
CA TYR O 113 7.15 34.86 44.11
C TYR O 113 7.09 34.00 45.37
N GLU O 114 6.03 34.15 46.15
CA GLU O 114 5.86 33.39 47.39
C GLU O 114 5.20 32.05 47.07
N ASP O 115 5.22 31.12 48.00
CA ASP O 115 4.53 29.87 47.73
C ASP O 115 3.17 29.89 48.44
N LEU O 116 2.24 30.60 47.83
CA LEU O 116 0.88 30.78 48.32
C LEU O 116 -0.10 29.77 47.70
N SER O 117 -0.88 29.09 48.53
CA SER O 117 -1.86 28.12 48.05
C SER O 117 -2.96 27.83 49.11
N PHE O 118 -4.17 27.52 48.65
CA PHE O 118 -5.30 27.26 49.54
C PHE O 118 -6.42 26.50 48.84
N ASP O 119 -7.26 25.83 49.64
CA ASP O 119 -8.39 25.10 49.08
C ASP O 119 -9.60 26.03 49.07
N SER O 120 -10.53 25.76 48.16
CA SER O 120 -11.74 26.57 48.02
C SER O 120 -12.95 25.63 47.99
N TYR O 121 -13.71 25.61 49.09
CA TYR O 121 -14.90 24.78 49.22
C TYR O 121 -16.20 25.56 49.15
N MET O 122 -17.26 24.87 48.72
CA MET O 122 -18.59 25.45 48.62
C MET O 122 -19.11 25.65 50.04
N ILE O 123 -19.76 26.79 50.31
CA ILE O 123 -20.36 27.05 51.61
C ILE O 123 -21.68 26.27 51.68
N PRO O 124 -21.80 25.34 52.63
CA PRO O 124 -23.00 24.52 52.81
C PRO O 124 -24.23 25.40 52.92
N THR O 125 -25.35 24.90 52.43
CA THR O 125 -26.60 25.65 52.46
C THR O 125 -26.91 26.09 53.86
N SER O 126 -26.76 25.15 54.79
CA SER O 126 -27.00 25.41 56.22
C SER O 126 -26.10 26.46 56.87
N GLU O 127 -24.92 26.72 56.32
CA GLU O 127 -24.01 27.73 56.89
C GLU O 127 -23.93 29.01 56.10
N LEU O 128 -24.90 29.26 55.21
CA LEU O 128 -24.90 30.48 54.40
C LEU O 128 -25.28 31.69 55.25
N LYS O 129 -24.61 32.81 55.01
CA LYS O 129 -24.91 34.06 55.72
C LYS O 129 -26.04 34.71 54.90
N PRO O 130 -26.97 35.45 55.54
CA PRO O 130 -28.07 36.10 54.83
C PRO O 130 -27.69 36.89 53.58
N GLY O 131 -28.38 36.58 52.47
CA GLY O 131 -28.11 37.24 51.20
C GLY O 131 -27.12 36.49 50.31
N GLU O 132 -26.53 35.43 50.85
CA GLU O 132 -25.56 34.60 50.13
C GLU O 132 -26.25 33.56 49.23
N LEU O 133 -25.63 33.33 48.08
CA LEU O 133 -26.18 32.43 47.08
C LEU O 133 -26.00 30.96 47.32
N ARG O 134 -27.12 30.24 47.36
CA ARG O 134 -27.09 28.79 47.57
C ARG O 134 -26.35 28.07 46.44
N LEU O 135 -25.44 27.19 46.84
CA LEU O 135 -24.60 26.37 45.94
C LEU O 135 -23.46 27.12 45.27
N LEU O 136 -23.42 28.44 45.42
CA LEU O 136 -22.40 29.22 44.76
C LEU O 136 -21.30 29.86 45.56
N GLU O 137 -21.52 30.03 46.86
CA GLU O 137 -20.48 30.66 47.69
C GLU O 137 -19.40 29.68 48.09
N VAL O 138 -18.16 30.16 48.18
CA VAL O 138 -17.04 29.33 48.62
C VAL O 138 -16.40 30.03 49.82
N ASP O 139 -15.73 29.28 50.68
CA ASP O 139 -15.06 29.86 51.85
C ASP O 139 -13.91 30.80 51.46
N ASN O 140 -13.04 30.34 50.57
CA ASN O 140 -11.89 31.12 50.09
C ASN O 140 -12.04 31.48 48.62
N ARG O 141 -12.16 32.76 48.33
CA ARG O 141 -12.30 33.20 46.96
C ARG O 141 -10.95 33.37 46.26
N VAL O 142 -11.00 33.42 44.92
CA VAL O 142 -9.81 33.58 44.11
C VAL O 142 -9.65 35.07 43.87
N VAL O 143 -8.89 35.69 44.77
CA VAL O 143 -8.61 37.12 44.71
C VAL O 143 -7.67 37.35 43.53
N LEU O 144 -8.04 38.28 42.66
CA LEU O 144 -7.23 38.55 41.48
C LEU O 144 -7.28 40.03 41.19
N PRO O 145 -6.25 40.56 40.51
CA PRO O 145 -6.19 41.98 40.17
C PRO O 145 -7.07 42.29 38.95
N MET O 146 -7.91 43.32 39.04
CA MET O 146 -8.76 43.68 37.90
C MET O 146 -7.94 44.38 36.84
N GLU O 147 -8.48 44.41 35.61
CA GLU O 147 -7.85 45.05 34.46
C GLU O 147 -6.41 44.64 34.19
N MET O 148 -6.10 43.38 34.47
CA MET O 148 -4.75 42.84 34.24
C MET O 148 -4.84 41.50 33.51
N THR O 149 -3.86 41.21 32.65
CA THR O 149 -3.82 39.95 31.91
C THR O 149 -3.20 38.85 32.79
N ILE O 150 -4.03 37.92 33.23
CA ILE O 150 -3.62 36.83 34.11
C ILE O 150 -3.57 35.50 33.34
N ARG O 151 -2.57 34.67 33.62
CA ARG O 151 -2.48 33.35 33.00
C ARG O 151 -3.00 32.32 34.00
N MET O 152 -4.07 31.63 33.63
CA MET O 152 -4.64 30.61 34.48
C MET O 152 -4.19 29.24 33.99
N LEU O 153 -3.65 28.41 34.88
CA LEU O 153 -3.25 27.08 34.49
C LEU O 153 -4.18 26.15 35.24
N VAL O 154 -4.75 25.18 34.52
CA VAL O 154 -5.70 24.23 35.11
C VAL O 154 -5.25 22.78 34.95
N SER O 155 -5.50 22.02 36.02
CA SER O 155 -5.17 20.63 36.07
C SER O 155 -6.03 20.01 37.15
N SER O 156 -5.84 18.73 37.39
CA SER O 156 -6.60 18.06 38.42
C SER O 156 -5.69 17.05 39.10
N GLU O 157 -6.09 16.65 40.30
CA GLU O 157 -5.32 15.68 41.04
C GLU O 157 -6.02 14.36 41.19
N ASP O 158 -7.21 14.25 40.57
CA ASP O 158 -7.94 12.99 40.60
C ASP O 158 -8.65 12.71 39.27
N VAL O 159 -9.98 12.84 39.24
CA VAL O 159 -10.78 12.60 38.04
C VAL O 159 -10.79 13.90 37.21
N LEU O 160 -11.54 13.94 36.11
CA LEU O 160 -11.60 15.18 35.33
C LEU O 160 -12.57 16.14 36.00
N HIS O 161 -12.30 17.43 35.82
CA HIS O 161 -13.12 18.52 36.31
C HIS O 161 -12.99 19.53 35.16
N SER O 162 -13.69 20.64 35.26
CA SER O 162 -13.59 21.67 34.25
C SER O 162 -13.83 22.98 34.97
N TRP O 163 -12.88 23.89 34.83
CA TRP O 163 -12.91 25.18 35.49
C TRP O 163 -13.60 26.20 34.59
N ALA O 164 -14.76 26.66 35.05
CA ALA O 164 -15.52 27.60 34.26
C ALA O 164 -15.96 28.86 34.98
N VAL O 165 -15.97 29.96 34.23
CA VAL O 165 -16.44 31.24 34.71
C VAL O 165 -17.11 31.88 33.50
N PRO O 166 -18.42 31.66 33.37
CA PRO O 166 -19.24 32.19 32.27
C PRO O 166 -19.10 33.68 31.95
N SER O 167 -19.21 34.56 32.97
CA SER O 167 -19.13 36.01 32.71
C SER O 167 -17.86 36.45 32.03
N LEU O 168 -16.82 35.61 32.08
CA LEU O 168 -15.52 35.92 31.46
C LEU O 168 -15.29 35.10 30.19
N GLY O 169 -16.22 34.17 29.92
CA GLY O 169 -16.15 33.32 28.74
C GLY O 169 -15.07 32.28 28.88
N LEU O 170 -14.99 31.68 30.06
CA LEU O 170 -13.96 30.70 30.32
C LEU O 170 -14.48 29.34 30.70
N LYS O 171 -13.78 28.31 30.23
CA LYS O 171 -14.07 26.92 30.53
C LYS O 171 -12.89 26.12 30.01
N THR O 172 -12.09 25.63 30.94
CA THR O 172 -10.88 24.88 30.65
C THR O 172 -10.93 23.61 31.49
N ASP O 173 -10.87 22.46 30.82
CA ASP O 173 -10.92 21.20 31.53
C ASP O 173 -9.72 20.95 32.42
N ALA O 174 -9.97 20.34 33.57
CA ALA O 174 -8.94 20.02 34.55
C ALA O 174 -8.65 18.53 34.38
N ILE O 175 -7.58 18.24 33.67
CA ILE O 175 -7.21 16.87 33.40
C ILE O 175 -5.92 16.49 34.13
N PRO O 176 -5.96 15.42 34.92
CA PRO O 176 -4.81 14.94 35.68
C PRO O 176 -3.63 14.66 34.76
N GLY O 177 -2.44 15.09 35.15
CA GLY O 177 -1.25 14.87 34.35
C GLY O 177 -1.09 15.89 33.22
N ARG O 178 -2.03 16.82 33.12
CA ARG O 178 -1.99 17.81 32.07
C ARG O 178 -2.13 19.24 32.63
N LEU O 179 -1.47 20.19 31.99
CA LEU O 179 -1.51 21.58 32.42
C LEU O 179 -2.12 22.48 31.34
N ASN O 180 -3.42 22.75 31.43
CA ASN O 180 -4.09 23.61 30.44
C ASN O 180 -4.02 25.06 30.78
N GLN O 181 -3.81 25.85 29.74
CA GLN O 181 -3.68 27.29 29.90
C GLN O 181 -4.84 28.05 29.29
N THR O 182 -5.13 29.19 29.88
CA THR O 182 -6.17 30.11 29.41
C THR O 182 -5.86 31.49 30.01
N THR O 183 -6.23 32.57 29.33
CA THR O 183 -5.97 33.89 29.88
C THR O 183 -7.24 34.54 30.42
N LEU O 184 -7.09 35.20 31.56
CA LEU O 184 -8.19 35.87 32.24
C LEU O 184 -7.93 37.38 32.31
N MET O 185 -8.96 38.18 32.05
CA MET O 185 -8.80 39.62 32.09
C MET O 185 -10.16 40.24 32.36
N SER O 186 -10.40 40.61 33.63
CA SER O 186 -11.66 41.24 33.99
C SER O 186 -11.62 42.75 33.82
N SER O 187 -12.59 43.27 33.09
CA SER O 187 -12.73 44.69 32.81
C SER O 187 -13.25 45.43 34.02
N ARG O 188 -13.81 44.69 34.98
CA ARG O 188 -14.40 45.32 36.16
C ARG O 188 -14.10 44.61 37.47
N PRO O 189 -14.23 45.34 38.58
CA PRO O 189 -13.99 44.73 39.90
C PRO O 189 -15.28 43.99 40.25
N GLY O 190 -15.22 43.04 41.16
CA GLY O 190 -16.43 42.35 41.53
C GLY O 190 -16.24 40.89 41.88
N LEU O 191 -17.37 40.20 42.03
CA LEU O 191 -17.41 38.77 42.33
C LEU O 191 -17.98 38.06 41.09
N TYR O 192 -17.24 37.10 40.56
CA TYR O 192 -17.67 36.40 39.36
C TYR O 192 -17.71 34.91 39.61
N TYR O 193 -18.87 34.32 39.34
CA TYR O 193 -19.11 32.90 39.58
C TYR O 193 -19.04 31.89 38.42
N GLY O 194 -18.83 30.62 38.81
CA GLY O 194 -18.74 29.50 37.88
C GLY O 194 -18.89 28.20 38.63
N GLN O 195 -19.11 27.09 37.91
CA GLN O 195 -19.29 25.80 38.55
C GLN O 195 -18.51 24.69 37.82
N CYS O 196 -18.15 23.63 38.54
CA CYS O 196 -17.39 22.53 37.93
C CYS O 196 -18.14 22.05 36.70
N SER O 197 -17.48 22.11 35.54
CA SER O 197 -18.12 21.73 34.29
C SER O 197 -17.73 20.39 33.64
N GLU O 198 -17.47 19.37 34.45
CA GLU O 198 -17.16 18.04 33.95
C GLU O 198 -17.51 17.09 35.06
N ILE O 199 -18.36 16.13 34.73
CA ILE O 199 -18.84 15.15 35.69
C ILE O 199 -17.66 14.52 36.46
N CYS O 200 -17.72 14.62 37.79
CA CYS O 200 -16.63 14.17 38.64
C CYS O 200 -17.04 13.38 39.86
N GLY O 201 -18.26 12.86 39.85
CA GLY O 201 -18.73 12.08 40.99
C GLY O 201 -19.76 12.73 41.89
N SER O 202 -19.94 12.11 43.05
CA SER O 202 -20.89 12.53 44.08
C SER O 202 -21.22 13.99 44.27
N ASN O 203 -20.22 14.86 44.22
CA ASN O 203 -20.44 16.30 44.45
C ASN O 203 -20.03 17.23 43.33
N HIS O 204 -20.20 16.74 42.12
CA HIS O 204 -19.91 17.49 40.91
C HIS O 204 -20.71 18.83 40.90
N SER O 205 -21.94 18.80 41.43
CA SER O 205 -22.81 19.99 41.45
C SER O 205 -22.47 20.98 42.54
N PHE O 206 -21.56 20.57 43.41
CA PHE O 206 -21.23 21.39 44.56
C PHE O 206 -19.76 21.76 44.77
N MET O 207 -19.14 22.33 43.75
CA MET O 207 -17.76 22.74 43.88
C MET O 207 -17.57 23.92 42.96
N PRO O 208 -18.20 25.04 43.33
CA PRO O 208 -18.15 26.29 42.58
C PRO O 208 -16.81 26.98 42.59
N ILE O 209 -16.75 28.01 41.78
CA ILE O 209 -15.58 28.81 41.59
C ILE O 209 -16.07 30.23 41.78
N VAL O 210 -15.39 31.02 42.62
CA VAL O 210 -15.77 32.42 42.85
C VAL O 210 -14.51 33.27 42.75
N LEU O 211 -14.50 34.21 41.81
CA LEU O 211 -13.37 35.10 41.60
C LEU O 211 -13.71 36.42 42.23
N GLU O 212 -12.70 37.01 42.86
CA GLU O 212 -12.87 38.32 43.50
C GLU O 212 -11.89 39.27 42.82
N LEU O 213 -12.43 40.16 42.01
CA LEU O 213 -11.60 41.09 41.28
C LEU O 213 -11.50 42.44 41.98
N VAL O 214 -10.28 42.78 42.36
CA VAL O 214 -10.00 44.01 43.09
C VAL O 214 -8.78 44.72 42.47
N PRO O 215 -8.57 46.02 42.81
CA PRO O 215 -7.42 46.74 42.25
C PRO O 215 -6.11 46.11 42.70
N LEU O 216 -5.12 46.21 41.81
CA LEU O 216 -3.80 45.65 42.04
C LEU O 216 -3.33 45.80 43.51
N LYS O 217 -3.39 47.03 44.01
CA LYS O 217 -3.00 47.36 45.38
C LYS O 217 -3.57 46.42 46.46
N TYR O 218 -4.88 46.22 46.41
CA TYR O 218 -5.56 45.36 47.38
C TYR O 218 -5.17 43.91 47.17
N PHE O 219 -4.84 43.58 45.92
CA PHE O 219 -4.46 42.22 45.56
C PHE O 219 -3.15 41.88 46.28
N GLU O 220 -2.24 42.84 46.27
CA GLU O 220 -0.93 42.72 46.91
C GLU O 220 -1.02 42.46 48.43
N LYS O 221 -1.74 43.35 49.12
CA LYS O 221 -1.93 43.24 50.57
C LYS O 221 -2.54 41.88 50.85
N TRP O 222 -3.52 41.51 50.02
CA TRP O 222 -4.17 40.24 50.19
C TRP O 222 -3.15 39.11 50.11
N SER O 223 -2.27 39.17 49.10
CA SER O 223 -1.20 38.17 48.89
C SER O 223 -0.46 37.98 50.20
N ALA O 224 0.14 39.09 50.63
CA ALA O 224 0.91 39.16 51.87
C ALA O 224 0.20 38.47 53.06
N SER O 225 -0.97 38.97 53.40
CA SER O 225 -1.72 38.40 54.50
C SER O 225 -2.14 36.92 54.34
N MET O 226 -2.13 36.40 53.12
CA MET O 226 -2.53 35.01 52.86
C MET O 226 -1.36 34.01 52.96
N LEU O 227 -0.17 34.54 53.29
CA LEU O 227 1.07 33.77 53.47
C LEU O 227 0.91 32.60 54.46
N HIS P 3 -42.95 -24.13 -3.93
CA HIS P 3 -41.52 -24.11 -4.39
C HIS P 3 -41.06 -22.66 -4.59
N GLN P 4 -39.75 -22.43 -4.45
CA GLN P 4 -39.15 -21.11 -4.62
C GLN P 4 -38.56 -21.08 -6.03
N THR P 5 -38.65 -19.93 -6.71
CA THR P 5 -38.07 -19.82 -8.03
C THR P 5 -36.91 -18.83 -8.02
N HIS P 6 -36.31 -18.63 -6.85
CA HIS P 6 -35.13 -17.77 -6.67
C HIS P 6 -33.98 -18.68 -6.20
N ALA P 7 -32.74 -18.21 -6.30
CA ALA P 7 -31.56 -18.98 -5.91
C ALA P 7 -31.10 -18.83 -4.45
N TYR P 8 -31.88 -18.14 -3.63
CA TYR P 8 -31.52 -17.88 -2.24
C TYR P 8 -31.86 -18.94 -1.24
N HIS P 9 -31.08 -18.97 -0.17
CA HIS P 9 -31.20 -19.95 0.86
C HIS P 9 -32.10 -19.56 2.03
N MET P 10 -33.15 -20.37 2.22
CA MET P 10 -34.11 -20.20 3.31
C MET P 10 -33.65 -21.17 4.41
N VAL P 11 -33.00 -20.64 5.44
CA VAL P 11 -32.46 -21.46 6.52
C VAL P 11 -33.48 -22.00 7.51
N ASN P 12 -33.30 -23.27 7.89
CA ASN P 12 -34.16 -23.96 8.84
C ASN P 12 -34.05 -23.26 10.17
N PRO P 13 -35.16 -23.10 10.90
CA PRO P 13 -35.11 -22.42 12.21
C PRO P 13 -33.98 -23.06 13.01
N SER P 14 -33.11 -22.24 13.59
CA SER P 14 -31.98 -22.78 14.34
C SER P 14 -31.85 -22.24 15.74
N PRO P 15 -31.39 -23.08 16.66
CA PRO P 15 -31.21 -22.68 18.07
C PRO P 15 -29.84 -22.06 18.36
N TRP P 16 -28.92 -22.19 17.40
CA TRP P 16 -27.55 -21.68 17.57
C TRP P 16 -27.46 -20.20 17.86
N PRO P 17 -28.27 -19.37 17.17
CA PRO P 17 -28.21 -17.93 17.47
C PRO P 17 -28.51 -17.68 18.96
N LEU P 18 -29.50 -18.38 19.52
CA LEU P 18 -29.84 -18.19 20.91
C LEU P 18 -28.73 -18.70 21.84
N THR P 19 -28.25 -19.90 21.59
CA THR P 19 -27.20 -20.44 22.44
C THR P 19 -25.95 -19.56 22.36
N GLY P 20 -25.66 -19.05 21.17
CA GLY P 20 -24.50 -18.18 21.00
C GLY P 20 -24.68 -16.91 21.80
N ALA P 21 -25.88 -16.35 21.73
CA ALA P 21 -26.21 -15.13 22.46
C ALA P 21 -26.01 -15.35 23.95
N LEU P 22 -26.56 -16.46 24.44
CA LEU P 22 -26.46 -16.81 25.84
C LEU P 22 -25.02 -17.08 26.26
N SER P 23 -24.24 -17.72 25.39
CA SER P 23 -22.86 -18.01 25.69
C SER P 23 -22.10 -16.68 25.86
N ALA P 24 -22.52 -15.67 25.09
CA ALA P 24 -21.94 -14.32 25.15
C ALA P 24 -22.20 -13.71 26.52
N LEU P 25 -23.41 -13.93 27.03
CA LEU P 25 -23.83 -13.44 28.35
C LEU P 25 -23.05 -14.17 29.44
N LEU P 26 -22.87 -15.46 29.28
CA LEU P 26 -22.13 -16.26 30.25
C LEU P 26 -20.66 -15.85 30.30
N MET P 27 -20.05 -15.53 29.16
CA MET P 27 -18.63 -15.14 29.15
C MET P 27 -18.37 -13.75 29.73
N THR P 28 -19.23 -12.79 29.41
CA THR P 28 -19.06 -11.43 29.91
C THR P 28 -19.34 -11.42 31.41
N SER P 29 -20.42 -12.09 31.80
CA SER P 29 -20.84 -12.26 33.17
C SER P 29 -19.67 -12.99 33.86
N GLY P 30 -19.18 -14.03 33.18
CA GLY P 30 -18.08 -14.84 33.66
C GLY P 30 -16.83 -14.06 33.96
N LEU P 31 -16.45 -13.16 33.05
CA LEU P 31 -15.26 -12.34 33.24
C LEU P 31 -15.43 -11.42 34.42
N THR P 32 -16.64 -10.89 34.57
CA THR P 32 -16.93 -10.00 35.68
C THR P 32 -16.78 -10.78 36.99
N MET P 33 -17.33 -12.00 37.01
CA MET P 33 -17.25 -12.86 38.18
C MET P 33 -15.79 -13.14 38.49
N TRP P 34 -15.01 -13.37 37.44
CA TRP P 34 -13.61 -13.66 37.60
C TRP P 34 -12.82 -12.45 38.12
N PHE P 35 -13.02 -11.30 37.48
CA PHE P 35 -12.36 -10.04 37.83
C PHE P 35 -12.70 -9.47 39.20
N HIS P 36 -13.91 -9.75 39.69
CA HIS P 36 -14.36 -9.17 40.95
C HIS P 36 -14.82 -10.08 42.07
N PHE P 37 -15.26 -11.28 41.73
CA PHE P 37 -15.75 -12.17 42.77
C PHE P 37 -14.98 -13.45 42.76
N ASN P 38 -13.77 -13.35 42.23
CA ASN P 38 -12.82 -14.45 42.13
C ASN P 38 -13.41 -15.83 41.87
N SER P 39 -14.05 -16.01 40.72
CA SER P 39 -14.64 -17.28 40.35
C SER P 39 -14.65 -17.43 38.84
N MET P 40 -14.30 -18.62 38.36
CA MET P 40 -14.26 -18.87 36.93
C MET P 40 -15.35 -19.74 36.40
N THR P 41 -16.22 -20.19 37.28
CA THR P 41 -17.31 -21.07 36.89
C THR P 41 -18.13 -20.54 35.72
N LEU P 42 -18.70 -19.34 35.86
CA LEU P 42 -19.49 -18.76 34.78
C LEU P 42 -18.68 -18.66 33.50
N LEU P 43 -17.47 -18.13 33.61
CA LEU P 43 -16.61 -17.99 32.45
C LEU P 43 -16.35 -19.33 31.75
N MET P 44 -16.22 -20.38 32.55
CA MET P 44 -15.98 -21.74 32.06
C MET P 44 -17.14 -22.24 31.21
N ILE P 45 -18.33 -22.13 31.78
CA ILE P 45 -19.55 -22.55 31.12
C ILE P 45 -19.72 -21.72 29.83
N GLY P 46 -19.51 -20.41 29.94
CA GLY P 46 -19.65 -19.53 28.79
C GLY P 46 -18.79 -19.95 27.61
N LEU P 47 -17.50 -20.18 27.90
CA LEU P 47 -16.55 -20.60 26.87
C LEU P 47 -16.99 -21.91 26.25
N THR P 48 -17.47 -22.82 27.09
CA THR P 48 -17.92 -24.13 26.64
C THR P 48 -19.11 -24.08 25.68
N THR P 49 -20.18 -23.39 26.09
CA THR P 49 -21.38 -23.25 25.27
C THR P 49 -21.04 -22.51 23.98
N ASN P 50 -20.06 -21.63 24.08
CA ASN P 50 -19.63 -20.88 22.93
C ASN P 50 -18.98 -21.80 21.91
N MET P 51 -18.08 -22.65 22.37
CA MET P 51 -17.38 -23.60 21.50
C MET P 51 -18.41 -24.51 20.87
N LEU P 52 -19.34 -24.99 21.71
CA LEU P 52 -20.43 -25.88 21.30
C LEU P 52 -21.29 -25.23 20.21
N THR P 53 -21.62 -23.95 20.41
CA THR P 53 -22.43 -23.17 19.48
C THR P 53 -21.74 -23.03 18.14
N MET P 54 -20.50 -22.56 18.17
CA MET P 54 -19.72 -22.37 16.94
C MET P 54 -19.59 -23.67 16.18
N TYR P 55 -19.24 -24.74 16.89
CA TYR P 55 -19.07 -26.05 16.25
C TYR P 55 -20.32 -26.49 15.48
N GLN P 56 -21.45 -26.50 16.19
CA GLN P 56 -22.73 -26.93 15.61
C GLN P 56 -23.24 -26.02 14.51
N TRP P 57 -23.10 -24.71 14.71
CA TRP P 57 -23.51 -23.72 13.73
C TRP P 57 -22.74 -23.91 12.40
N TRP P 58 -21.41 -23.96 12.46
CA TRP P 58 -20.61 -24.16 11.24
C TRP P 58 -20.80 -25.56 10.63
N ARG P 59 -21.07 -26.54 11.49
CA ARG P 59 -21.32 -27.92 11.07
C ARG P 59 -22.51 -27.86 10.12
N ASP P 60 -23.57 -27.21 10.60
CA ASP P 60 -24.81 -27.04 9.82
C ASP P 60 -24.51 -26.34 8.50
N VAL P 61 -23.62 -25.35 8.54
CA VAL P 61 -23.28 -24.63 7.33
C VAL P 61 -22.64 -25.56 6.32
N ILE P 62 -21.83 -26.50 6.82
CA ILE P 62 -21.20 -27.48 5.93
C ILE P 62 -22.26 -28.48 5.43
N ARG P 63 -23.22 -28.80 6.29
CA ARG P 63 -24.30 -29.70 5.89
C ARG P 63 -25.18 -29.08 4.79
N GLU P 64 -25.50 -27.79 4.95
CA GLU P 64 -26.32 -27.04 4.02
C GLU P 64 -25.65 -26.83 2.68
N SER P 65 -24.33 -26.84 2.68
CA SER P 65 -23.58 -26.57 1.44
C SER P 65 -23.06 -27.77 0.71
N THR P 66 -22.13 -28.47 1.36
CA THR P 66 -21.48 -29.65 0.81
C THR P 66 -22.46 -30.79 0.65
N PHE P 67 -23.35 -30.97 1.64
CA PHE P 67 -24.31 -32.04 1.63
C PHE P 67 -25.67 -31.76 0.99
N GLN P 68 -26.23 -30.57 1.22
CA GLN P 68 -27.55 -30.22 0.69
C GLN P 68 -27.57 -29.40 -0.61
N GLY P 69 -26.44 -28.86 -1.03
CA GLY P 69 -26.39 -28.08 -2.27
C GLY P 69 -27.07 -26.71 -2.27
N HIS P 70 -27.32 -26.14 -1.10
CA HIS P 70 -27.97 -24.84 -0.96
C HIS P 70 -27.12 -23.63 -1.39
N HIS P 71 -25.81 -23.83 -1.54
CA HIS P 71 -24.93 -22.75 -1.94
C HIS P 71 -24.81 -22.54 -3.42
N THR P 72 -25.82 -21.88 -4.00
CA THR P 72 -25.85 -21.56 -5.42
C THR P 72 -24.88 -20.38 -5.58
N PRO P 73 -24.51 -20.04 -6.83
CA PRO P 73 -23.57 -18.93 -7.05
C PRO P 73 -23.94 -17.62 -6.34
N ALA P 74 -25.25 -17.35 -6.24
CA ALA P 74 -25.76 -16.15 -5.58
C ALA P 74 -25.51 -16.18 -4.06
N VAL P 75 -25.81 -17.32 -3.45
CA VAL P 75 -25.60 -17.50 -2.01
C VAL P 75 -24.11 -17.34 -1.71
N GLN P 76 -23.28 -17.90 -2.59
CA GLN P 76 -21.85 -17.82 -2.40
C GLN P 76 -21.32 -16.38 -2.53
N LYS P 77 -21.90 -15.63 -3.46
CA LYS P 77 -21.51 -14.24 -3.74
C LYS P 77 -21.73 -13.40 -2.48
N GLY P 78 -22.86 -13.69 -1.80
CA GLY P 78 -23.21 -13.00 -0.58
C GLY P 78 -22.25 -13.29 0.56
N LEU P 79 -21.84 -14.55 0.66
CA LEU P 79 -20.88 -14.98 1.67
C LEU P 79 -19.54 -14.25 1.46
N ARG P 80 -19.15 -13.99 0.21
CA ARG P 80 -17.92 -13.27 -0.06
C ARG P 80 -17.99 -11.87 0.55
N TYR P 81 -19.11 -11.19 0.31
CA TYR P 81 -19.34 -9.86 0.83
C TYR P 81 -19.28 -9.89 2.35
N GLY P 82 -19.99 -10.85 2.95
CA GLY P 82 -20.00 -10.99 4.40
C GLY P 82 -18.61 -11.13 5.03
N MET P 83 -17.76 -11.92 4.39
CA MET P 83 -16.41 -12.14 4.88
C MET P 83 -15.58 -10.88 4.73
N ILE P 84 -15.71 -10.21 3.61
CA ILE P 84 -14.96 -8.97 3.40
C ILE P 84 -15.37 -7.94 4.43
N LEU P 85 -16.68 -7.80 4.67
CA LEU P 85 -17.17 -6.86 5.65
C LEU P 85 -16.69 -7.22 7.07
N PHE P 86 -16.64 -8.50 7.38
CA PHE P 86 -16.17 -8.96 8.70
C PHE P 86 -14.70 -8.57 8.94
N ILE P 87 -13.86 -8.86 7.96
CA ILE P 87 -12.44 -8.54 8.03
C ILE P 87 -12.24 -7.02 8.23
N ILE P 88 -13.06 -6.23 7.53
CA ILE P 88 -13.00 -4.78 7.63
C ILE P 88 -13.21 -4.34 9.06
N SER P 89 -14.21 -4.90 9.72
CA SER P 89 -14.48 -4.48 11.08
C SER P 89 -13.35 -4.93 12.00
N GLU P 90 -12.73 -6.07 11.68
CA GLU P 90 -11.62 -6.53 12.49
C GLU P 90 -10.43 -5.61 12.33
N VAL P 91 -10.28 -5.06 11.13
CA VAL P 91 -9.19 -4.12 10.84
C VAL P 91 -9.38 -2.83 11.64
N LEU P 92 -10.60 -2.33 11.66
CA LEU P 92 -10.92 -1.10 12.35
C LEU P 92 -10.69 -1.24 13.84
N PHE P 93 -10.91 -2.44 14.33
CA PHE P 93 -10.70 -2.72 15.75
C PHE P 93 -9.21 -2.51 16.04
N PHE P 94 -8.35 -3.04 15.18
CA PHE P 94 -6.92 -2.88 15.34
C PHE P 94 -6.52 -1.43 15.24
N THR P 95 -7.22 -0.72 14.36
CA THR P 95 -6.99 0.69 14.14
C THR P 95 -6.96 1.43 15.47
N GLY P 96 -7.90 1.11 16.35
CA GLY P 96 -7.96 1.76 17.64
C GLY P 96 -6.69 1.52 18.44
N PHE P 97 -6.17 0.29 18.36
CA PHE P 97 -4.95 -0.04 19.08
C PHE P 97 -3.73 0.67 18.51
N PHE P 98 -3.64 0.74 17.19
CA PHE P 98 -2.51 1.44 16.57
C PHE P 98 -2.62 2.92 16.89
N TRP P 99 -3.85 3.41 17.01
CA TRP P 99 -4.07 4.81 17.34
C TRP P 99 -3.53 5.05 18.76
N ALA P 100 -3.84 4.13 19.69
CA ALA P 100 -3.38 4.22 21.08
C ALA P 100 -1.84 4.20 21.13
N PHE P 101 -1.24 3.32 20.35
CA PHE P 101 0.21 3.19 20.31
C PHE P 101 0.87 4.49 19.86
N TYR P 102 0.40 5.00 18.73
CA TYR P 102 0.97 6.22 18.17
C TYR P 102 0.73 7.46 19.04
N HIS P 103 -0.40 7.48 19.70
CA HIS P 103 -0.74 8.59 20.56
C HIS P 103 0.27 8.69 21.71
N SER P 104 0.53 7.54 22.34
CA SER P 104 1.43 7.43 23.48
C SER P 104 2.91 7.54 23.10
N SER P 105 3.30 6.90 22.00
CA SER P 105 4.68 6.92 21.55
C SER P 105 5.19 8.21 20.90
N LEU P 106 4.31 8.97 20.27
CA LEU P 106 4.69 10.22 19.59
C LEU P 106 4.77 11.45 20.49
N ALA P 107 4.15 11.38 21.66
CA ALA P 107 4.17 12.48 22.63
C ALA P 107 4.35 11.84 24.02
N PRO P 108 5.56 11.30 24.32
CA PRO P 108 5.84 10.64 25.62
C PRO P 108 5.66 11.61 26.79
N THR P 109 4.82 11.23 27.75
CA THR P 109 4.57 12.08 28.91
C THR P 109 5.75 12.16 29.87
N PRO P 110 5.74 13.17 30.77
CA PRO P 110 6.82 13.34 31.75
C PRO P 110 7.05 12.08 32.59
N GLU P 111 5.98 11.36 32.91
CA GLU P 111 6.06 10.12 33.71
C GLU P 111 6.91 9.02 33.11
N LEU P 112 7.07 9.04 31.79
CA LEU P 112 7.88 8.05 31.09
C LEU P 112 9.30 8.60 31.04
N GLY P 113 9.41 9.88 31.36
CA GLY P 113 10.68 10.57 31.31
C GLY P 113 10.72 11.34 30.02
N GLY P 114 9.54 11.62 29.46
CA GLY P 114 9.44 12.34 28.20
C GLY P 114 10.21 11.74 27.04
N CYS P 115 10.23 10.40 26.94
CA CYS P 115 10.99 9.74 25.86
C CYS P 115 10.40 8.37 25.49
N TRP P 116 10.76 7.88 24.30
CA TRP P 116 10.30 6.57 23.81
C TRP P 116 11.39 5.75 23.13
N PRO P 117 11.60 4.49 23.58
CA PRO P 117 10.84 3.89 24.68
C PRO P 117 11.06 4.58 26.02
N PRO P 118 10.13 4.40 26.96
CA PRO P 118 10.20 5.00 28.29
C PRO P 118 11.48 4.56 29.02
N THR P 119 11.83 5.34 30.04
CA THR P 119 12.97 5.04 30.86
C THR P 119 12.69 3.75 31.63
N GLY P 120 13.63 2.81 31.57
CA GLY P 120 13.50 1.54 32.27
C GLY P 120 12.92 0.43 31.42
N ILE P 121 12.70 0.73 30.14
CA ILE P 121 12.16 -0.23 29.18
C ILE P 121 13.27 -0.59 28.19
N HIS P 122 13.53 -1.89 28.02
CA HIS P 122 14.56 -2.36 27.10
C HIS P 122 13.82 -3.22 26.07
N PRO P 123 13.58 -2.64 24.88
CA PRO P 123 12.87 -3.27 23.77
C PRO P 123 13.58 -4.50 23.24
N LEU P 124 12.78 -5.45 22.75
CA LEU P 124 13.32 -6.67 22.14
C LEU P 124 14.02 -6.20 20.86
N ASN P 125 14.93 -7.00 20.34
CA ASN P 125 15.61 -6.62 19.13
C ASN P 125 14.72 -7.07 17.98
N PRO P 126 14.32 -6.11 17.11
CA PRO P 126 13.46 -6.46 15.97
C PRO P 126 14.14 -7.40 14.95
N LEU P 127 15.48 -7.50 14.99
CA LEU P 127 16.21 -8.38 14.07
C LEU P 127 16.36 -9.80 14.58
N GLU P 128 15.79 -10.10 15.74
CA GLU P 128 15.87 -11.45 16.30
C GLU P 128 14.58 -12.26 16.14
N VAL P 129 13.94 -12.71 17.22
CA VAL P 129 12.70 -13.49 17.02
C VAL P 129 11.62 -12.75 16.21
N PRO P 130 11.51 -11.40 16.37
CA PRO P 130 10.51 -10.64 15.59
C PRO P 130 10.69 -10.77 14.07
N LEU P 131 11.94 -10.80 13.62
CA LEU P 131 12.24 -10.96 12.20
C LEU P 131 11.90 -12.38 11.80
N LEU P 132 12.19 -13.34 12.69
CA LEU P 132 11.88 -14.73 12.42
C LEU P 132 10.37 -14.86 12.25
N ASN P 133 9.62 -14.34 13.23
CA ASN P 133 8.16 -14.35 13.19
C ASN P 133 7.66 -13.78 11.88
N THR P 134 8.35 -12.77 11.38
CA THR P 134 7.98 -12.12 10.14
C THR P 134 8.22 -13.01 8.94
N SER P 135 9.35 -13.70 8.90
CA SER P 135 9.60 -14.58 7.76
C SER P 135 8.66 -15.78 7.81
N VAL P 136 8.28 -16.19 9.01
CA VAL P 136 7.35 -17.31 9.19
C VAL P 136 5.98 -16.96 8.61
N LEU P 137 5.40 -15.82 8.99
CA LEU P 137 4.09 -15.46 8.45
C LEU P 137 4.12 -15.20 6.96
N LEU P 138 5.18 -14.56 6.48
CA LEU P 138 5.28 -14.29 5.05
C LEU P 138 5.38 -15.59 4.27
N ALA P 139 6.13 -16.54 4.82
CA ALA P 139 6.30 -17.83 4.16
C ALA P 139 4.96 -18.58 4.13
N SER P 140 4.17 -18.50 5.20
CA SER P 140 2.88 -19.18 5.22
C SER P 140 1.93 -18.55 4.18
N GLY P 141 2.20 -17.29 3.83
CA GLY P 141 1.39 -16.63 2.83
C GLY P 141 1.69 -17.24 1.48
N VAL P 142 2.95 -17.59 1.24
CA VAL P 142 3.34 -18.21 -0.03
C VAL P 142 2.82 -19.63 -0.12
N SER P 143 2.90 -20.37 0.99
CA SER P 143 2.47 -21.74 1.00
C SER P 143 0.97 -21.86 0.91
N ILE P 144 0.24 -20.91 1.47
CA ILE P 144 -1.22 -21.01 1.37
C ILE P 144 -1.66 -20.70 -0.05
N THR P 145 -0.88 -19.86 -0.75
CA THR P 145 -1.20 -19.56 -2.14
C THR P 145 -0.94 -20.82 -2.98
N TRP P 146 0.12 -21.57 -2.67
CA TRP P 146 0.39 -22.79 -3.41
C TRP P 146 -0.75 -23.78 -3.14
N ALA P 147 -1.23 -23.84 -1.91
CA ALA P 147 -2.35 -24.72 -1.57
C ALA P 147 -3.59 -24.37 -2.42
N HIS P 148 -3.88 -23.08 -2.54
CA HIS P 148 -5.03 -22.61 -3.32
C HIS P 148 -4.94 -23.02 -4.78
N HIS P 149 -3.79 -22.78 -5.41
CA HIS P 149 -3.61 -23.14 -6.81
C HIS P 149 -3.66 -24.65 -7.01
N SER P 150 -3.18 -25.40 -6.02
CA SER P 150 -3.20 -26.86 -6.09
C SER P 150 -4.66 -27.32 -6.08
N LEU P 151 -5.45 -26.76 -5.16
CA LEU P 151 -6.85 -27.11 -5.06
C LEU P 151 -7.59 -26.76 -6.34
N MET P 152 -7.27 -25.61 -6.94
CA MET P 152 -7.93 -25.20 -8.19
C MET P 152 -7.46 -26.04 -9.36
N GLU P 153 -6.25 -26.57 -9.26
CA GLU P 153 -5.75 -27.39 -10.32
C GLU P 153 -6.15 -28.86 -10.11
N GLY P 154 -6.93 -29.11 -9.06
CA GLY P 154 -7.40 -30.47 -8.74
C GLY P 154 -6.40 -31.42 -8.11
N ASP P 155 -5.32 -30.89 -7.55
CA ASP P 155 -4.30 -31.70 -6.93
C ASP P 155 -4.53 -31.85 -5.43
N ARG P 156 -5.08 -33.00 -5.06
CA ARG P 156 -5.39 -33.31 -3.69
C ARG P 156 -4.19 -33.42 -2.74
N LYS P 157 -3.20 -34.19 -3.17
CA LYS P 157 -1.99 -34.44 -2.38
C LYS P 157 -1.23 -33.14 -2.07
N HIS P 158 -0.93 -32.37 -3.10
CA HIS P 158 -0.22 -31.12 -2.96
C HIS P 158 -0.99 -30.00 -2.25
N MET P 159 -2.32 -30.04 -2.33
CA MET P 159 -3.15 -29.06 -1.65
C MET P 159 -2.99 -29.36 -0.15
N LEU P 160 -3.10 -30.63 0.20
CA LEU P 160 -2.96 -31.06 1.60
C LEU P 160 -1.58 -30.78 2.16
N GLN P 161 -0.57 -31.01 1.33
CA GLN P 161 0.84 -30.81 1.67
C GLN P 161 1.10 -29.32 1.99
N ALA P 162 0.69 -28.46 1.06
CA ALA P 162 0.83 -27.02 1.20
C ALA P 162 0.03 -26.45 2.39
N LEU P 163 -1.18 -26.95 2.57
CA LEU P 163 -2.03 -26.46 3.64
C LEU P 163 -1.43 -26.86 4.98
N PHE P 164 -0.83 -28.04 5.01
CA PHE P 164 -0.22 -28.54 6.22
C PHE P 164 0.99 -27.65 6.58
N ILE P 165 1.79 -27.31 5.58
CA ILE P 165 2.95 -26.46 5.80
C ILE P 165 2.54 -25.09 6.38
N THR P 166 1.46 -24.55 5.83
CA THR P 166 0.90 -23.27 6.24
C THR P 166 0.51 -23.27 7.71
N ILE P 167 -0.17 -24.35 8.11
CA ILE P 167 -0.63 -24.52 9.49
C ILE P 167 0.55 -24.64 10.47
N THR P 168 1.53 -25.44 10.08
CA THR P 168 2.74 -25.65 10.88
C THR P 168 3.40 -24.30 11.13
N LEU P 169 3.53 -23.53 10.07
CA LEU P 169 4.11 -22.21 10.18
C LEU P 169 3.31 -21.33 11.16
N GLY P 170 1.97 -21.35 11.04
CA GLY P 170 1.12 -20.58 11.94
C GLY P 170 1.34 -21.00 13.39
N VAL P 171 1.48 -22.30 13.61
CA VAL P 171 1.73 -22.84 14.94
C VAL P 171 3.13 -22.44 15.42
N TYR P 172 4.10 -22.51 14.50
CA TYR P 172 5.47 -22.14 14.79
C TYR P 172 5.48 -20.70 15.30
N PHE P 173 4.79 -19.81 14.57
CA PHE P 173 4.68 -18.37 14.95
C PHE P 173 4.09 -18.24 16.34
N THR P 174 3.00 -18.99 16.60
CA THR P 174 2.33 -18.95 17.88
C THR P 174 3.26 -19.36 19.01
N LEU P 175 4.05 -20.42 18.79
CA LEU P 175 4.99 -20.89 19.83
C LEU P 175 6.10 -19.88 20.05
N LEU P 176 6.65 -19.35 18.97
CA LEU P 176 7.72 -18.38 19.04
C LEU P 176 7.27 -17.17 19.86
N GLN P 177 6.04 -16.75 19.61
CA GLN P 177 5.48 -15.60 20.28
C GLN P 177 5.23 -15.88 21.76
N ALA P 178 4.78 -17.09 22.10
CA ALA P 178 4.55 -17.41 23.51
C ALA P 178 5.89 -17.39 24.26
N SER P 179 6.94 -17.91 23.60
CA SER P 179 8.29 -17.94 24.13
C SER P 179 8.74 -16.50 24.41
N GLU P 180 8.58 -15.63 23.42
CA GLU P 180 8.93 -14.22 23.54
C GLU P 180 8.20 -13.57 24.70
N TYR P 181 6.93 -13.91 24.89
CA TYR P 181 6.15 -13.32 25.99
C TYR P 181 6.82 -13.64 27.30
N TYR P 182 7.25 -14.90 27.43
CA TYR P 182 7.92 -15.34 28.65
C TYR P 182 9.31 -14.73 28.84
N GLU P 183 10.08 -14.59 27.76
CA GLU P 183 11.44 -14.03 27.80
C GLU P 183 11.50 -12.53 27.95
N ALA P 184 10.38 -11.88 27.67
CA ALA P 184 10.30 -10.44 27.74
C ALA P 184 10.57 -9.86 29.13
N PRO P 185 11.57 -8.96 29.23
CA PRO P 185 11.92 -8.32 30.51
C PRO P 185 10.83 -7.36 31.02
N PHE P 186 9.91 -6.97 30.13
CA PHE P 186 8.81 -6.07 30.48
C PHE P 186 7.48 -6.81 30.48
N THR P 187 6.53 -6.30 31.25
CA THR P 187 5.22 -6.92 31.38
C THR P 187 4.10 -6.00 30.90
N ILE P 188 2.87 -6.49 30.93
CA ILE P 188 1.73 -5.69 30.54
C ILE P 188 1.54 -4.56 31.55
N SER P 189 2.02 -4.76 32.77
CA SER P 189 1.90 -3.74 33.83
C SER P 189 2.97 -2.67 33.77
N ASP P 190 3.89 -2.80 32.81
CA ASP P 190 4.97 -1.83 32.69
C ASP P 190 4.58 -0.62 31.89
N GLY P 191 3.62 0.12 32.40
CA GLY P 191 3.16 1.32 31.74
C GLY P 191 2.46 1.17 30.39
N VAL P 192 2.35 2.30 29.71
CA VAL P 192 1.71 2.37 28.42
C VAL P 192 2.48 1.60 27.33
N TYR P 193 3.78 1.37 27.55
CA TYR P 193 4.57 0.61 26.59
C TYR P 193 4.18 -0.86 26.69
N GLY P 194 4.17 -1.38 27.91
CA GLY P 194 3.79 -2.75 28.12
C GLY P 194 2.35 -2.93 27.70
N SER P 195 1.53 -1.93 28.02
CA SER P 195 0.10 -1.90 27.71
C SER P 195 -0.17 -2.06 26.22
N THR P 196 0.39 -1.16 25.41
CA THR P 196 0.19 -1.19 23.97
C THR P 196 0.81 -2.42 23.37
N PHE P 197 2.01 -2.77 23.83
CA PHE P 197 2.68 -3.95 23.28
C PHE P 197 1.93 -5.27 23.41
N PHE P 198 1.59 -5.64 24.62
CA PHE P 198 0.91 -6.90 24.83
C PHE P 198 -0.51 -6.93 24.39
N VAL P 199 -1.21 -5.81 24.51
CA VAL P 199 -2.61 -5.82 24.10
C VAL P 199 -2.71 -5.94 22.58
N ALA P 200 -1.86 -5.23 21.84
CA ALA P 200 -1.85 -5.29 20.37
C ALA P 200 -1.35 -6.63 19.84
N THR P 201 -0.17 -7.05 20.27
CA THR P 201 0.40 -8.32 19.85
C THR P 201 -0.41 -9.46 20.47
N GLY P 202 -1.06 -9.17 21.60
CA GLY P 202 -1.88 -10.15 22.28
C GLY P 202 -3.05 -10.52 21.41
N PHE P 203 -3.82 -9.50 21.02
CA PHE P 203 -4.97 -9.69 20.16
C PHE P 203 -4.54 -10.25 18.81
N HIS P 204 -3.41 -9.79 18.29
CA HIS P 204 -2.98 -10.35 17.02
C HIS P 204 -2.69 -11.84 17.21
N GLY P 205 -2.07 -12.20 18.34
CA GLY P 205 -1.74 -13.59 18.66
C GLY P 205 -3.00 -14.45 18.63
N LEU P 206 -4.08 -13.90 19.19
CA LEU P 206 -5.37 -14.56 19.23
C LEU P 206 -5.92 -14.77 17.79
N HIS P 207 -5.78 -13.76 16.92
CA HIS P 207 -6.22 -13.86 15.52
C HIS P 207 -5.44 -14.95 14.80
N VAL P 208 -4.15 -15.06 15.10
CA VAL P 208 -3.33 -16.09 14.49
C VAL P 208 -3.85 -17.47 14.92
N ILE P 209 -4.22 -17.60 16.19
CA ILE P 209 -4.71 -18.87 16.69
C ILE P 209 -6.03 -19.24 16.00
N ILE P 210 -6.89 -18.24 15.82
CA ILE P 210 -8.19 -18.42 15.16
C ILE P 210 -8.05 -18.75 13.69
N GLY P 211 -7.11 -18.06 13.02
CA GLY P 211 -6.87 -18.28 11.61
C GLY P 211 -6.37 -19.68 11.39
N SER P 212 -5.48 -20.11 12.28
CA SER P 212 -4.88 -21.44 12.25
C SER P 212 -5.98 -22.48 12.39
N THR P 213 -6.85 -22.26 13.36
CA THR P 213 -7.94 -23.18 13.59
C THR P 213 -8.80 -23.25 12.33
N PHE P 214 -9.03 -22.11 11.71
CA PHE P 214 -9.83 -22.08 10.50
C PHE P 214 -9.15 -22.90 9.43
N LEU P 215 -7.84 -22.71 9.30
CA LEU P 215 -7.07 -23.48 8.33
C LEU P 215 -7.17 -24.98 8.60
N ILE P 216 -7.08 -25.34 9.87
CA ILE P 216 -7.17 -26.75 10.28
C ILE P 216 -8.53 -27.31 9.85
N VAL P 217 -9.60 -26.56 10.06
CA VAL P 217 -10.92 -27.01 9.65
C VAL P 217 -10.87 -27.29 8.14
N CYS P 218 -10.32 -26.37 7.36
CA CYS P 218 -10.23 -26.57 5.92
C CYS P 218 -9.43 -27.81 5.59
N PHE P 219 -8.39 -28.05 6.38
CA PHE P 219 -7.54 -29.21 6.16
C PHE P 219 -8.35 -30.51 6.20
N PHE P 220 -9.13 -30.64 7.27
CA PHE P 220 -9.96 -31.80 7.48
C PHE P 220 -11.13 -31.93 6.54
N ARG P 221 -11.64 -30.80 6.07
CA ARG P 221 -12.72 -30.81 5.13
C ARG P 221 -12.11 -31.25 3.78
N GLN P 222 -10.85 -30.92 3.58
CA GLN P 222 -10.14 -31.30 2.36
C GLN P 222 -9.93 -32.80 2.35
N LEU P 223 -9.51 -33.32 3.49
CA LEU P 223 -9.28 -34.75 3.62
C LEU P 223 -10.54 -35.55 3.31
N LYS P 224 -11.68 -34.99 3.76
CA LYS P 224 -12.97 -35.62 3.56
C LYS P 224 -13.60 -35.28 2.22
N PHE P 225 -12.80 -34.71 1.32
CA PHE P 225 -13.22 -34.36 -0.04
C PHE P 225 -14.37 -33.34 -0.18
N HIS P 226 -14.54 -32.47 0.82
CA HIS P 226 -15.60 -31.46 0.77
C HIS P 226 -15.45 -30.46 -0.36
N PHE P 227 -14.21 -30.05 -0.59
CA PHE P 227 -13.88 -29.07 -1.61
C PHE P 227 -13.78 -29.61 -3.03
N THR P 228 -14.38 -28.89 -3.97
CA THR P 228 -14.26 -29.26 -5.37
C THR P 228 -13.26 -28.23 -5.91
N SER P 229 -12.70 -28.47 -7.08
CA SER P 229 -11.71 -27.55 -7.65
C SER P 229 -12.25 -26.17 -7.97
N ASN P 230 -13.56 -26.04 -7.86
CA ASN P 230 -14.21 -24.79 -8.20
C ASN P 230 -15.08 -24.18 -7.12
N HIS P 231 -15.48 -24.98 -6.15
CA HIS P 231 -16.32 -24.49 -5.07
C HIS P 231 -15.64 -24.85 -3.76
N HIS P 232 -15.13 -23.85 -3.07
CA HIS P 232 -14.40 -24.05 -1.81
C HIS P 232 -14.29 -22.71 -1.09
N PHE P 233 -15.43 -22.09 -0.85
CA PHE P 233 -15.41 -20.81 -0.19
C PHE P 233 -14.84 -20.84 1.22
N GLY P 234 -15.10 -21.91 1.96
CA GLY P 234 -14.55 -22.02 3.31
C GLY P 234 -13.04 -21.82 3.28
N PHE P 235 -12.40 -22.39 2.25
CA PHE P 235 -10.96 -22.28 2.07
C PHE P 235 -10.57 -20.85 1.73
N GLU P 236 -11.29 -20.26 0.77
CA GLU P 236 -11.04 -18.88 0.35
C GLU P 236 -11.15 -17.89 1.50
N ALA P 237 -12.16 -18.04 2.33
CA ALA P 237 -12.33 -17.17 3.46
C ALA P 237 -11.17 -17.35 4.43
N ALA P 238 -10.80 -18.60 4.70
CA ALA P 238 -9.71 -18.89 5.63
C ALA P 238 -8.42 -18.25 5.12
N ALA P 239 -8.24 -18.25 3.79
CA ALA P 239 -7.04 -17.68 3.16
C ALA P 239 -7.03 -16.14 3.20
N TRP P 240 -8.21 -15.52 3.02
CA TRP P 240 -8.35 -14.04 3.07
C TRP P 240 -8.07 -13.65 4.51
N TYR P 241 -8.66 -14.39 5.45
CA TYR P 241 -8.45 -14.11 6.85
C TYR P 241 -6.95 -14.26 7.20
N TRP P 242 -6.31 -15.26 6.60
CA TRP P 242 -4.90 -15.49 6.84
C TRP P 242 -4.06 -14.33 6.35
N HIS P 243 -4.40 -13.78 5.19
CA HIS P 243 -3.67 -12.64 4.66
C HIS P 243 -3.84 -11.41 5.50
N PHE P 244 -5.05 -11.25 6.01
CA PHE P 244 -5.38 -10.13 6.88
C PHE P 244 -4.45 -10.17 8.11
N VAL P 245 -4.40 -11.36 8.73
CA VAL P 245 -3.57 -11.61 9.90
C VAL P 245 -2.07 -11.34 9.60
N ASP P 246 -1.64 -11.78 8.43
CA ASP P 246 -0.29 -11.58 7.99
C ASP P 246 -0.03 -10.07 7.88
N VAL P 247 -0.92 -9.36 7.21
CA VAL P 247 -0.78 -7.91 7.03
C VAL P 247 -0.77 -7.13 8.36
N VAL P 248 -1.63 -7.51 9.31
CA VAL P 248 -1.65 -6.83 10.61
C VAL P 248 -0.28 -7.00 11.30
N TRP P 249 0.33 -8.18 11.12
CA TRP P 249 1.64 -8.43 11.71
C TRP P 249 2.67 -7.48 11.10
N LEU P 250 2.65 -7.32 9.78
CA LEU P 250 3.60 -6.42 9.13
C LEU P 250 3.54 -5.03 9.72
N PHE P 251 2.34 -4.56 10.00
CA PHE P 251 2.17 -3.24 10.59
C PHE P 251 2.69 -3.23 12.02
N LEU P 252 2.37 -4.25 12.80
CA LEU P 252 2.86 -4.35 14.18
C LEU P 252 4.38 -4.37 14.15
N TYR P 253 4.93 -5.13 13.21
CA TYR P 253 6.36 -5.25 13.09
C TYR P 253 6.98 -3.89 12.87
N VAL P 254 6.55 -3.24 11.81
CA VAL P 254 7.08 -1.94 11.45
C VAL P 254 6.84 -0.83 12.48
N SER P 255 5.67 -0.83 13.11
CA SER P 255 5.33 0.18 14.11
C SER P 255 5.86 -0.07 15.51
N ILE P 256 5.36 -1.09 16.17
CA ILE P 256 5.76 -1.39 17.53
C ILE P 256 7.19 -1.93 17.72
N TYR P 257 7.54 -2.98 16.99
CA TYR P 257 8.85 -3.61 17.12
C TYR P 257 10.07 -2.88 16.56
N TRP P 258 9.89 -2.27 15.40
CA TRP P 258 10.97 -1.60 14.71
C TRP P 258 11.04 -0.09 14.99
N TRP P 259 10.04 0.64 14.54
CA TRP P 259 9.96 2.08 14.72
C TRP P 259 9.80 2.45 16.21
N GLY P 260 9.01 1.66 16.94
CA GLY P 260 8.75 1.93 18.36
C GLY P 260 9.85 1.58 19.36
N SER P 261 10.99 1.12 18.86
CA SER P 261 12.13 0.78 19.72
C SER P 261 13.19 1.90 19.73
N SER Q 4 -69.15 -3.39 -4.98
CA SER Q 4 -69.50 -2.74 -3.67
C SER Q 4 -68.80 -3.30 -2.43
N VAL Q 5 -68.87 -4.63 -2.19
CA VAL Q 5 -68.21 -5.26 -1.01
C VAL Q 5 -66.75 -5.75 -1.33
N VAL Q 6 -65.73 -5.14 -0.70
CA VAL Q 6 -64.31 -5.52 -0.93
C VAL Q 6 -63.79 -6.56 0.09
N LYS Q 7 -62.92 -7.47 -0.37
CA LYS Q 7 -62.34 -8.50 0.49
C LYS Q 7 -60.80 -8.41 0.65
N SER Q 8 -60.30 -9.02 1.73
CA SER Q 8 -58.86 -9.02 2.08
C SER Q 8 -57.91 -9.63 1.02
N GLU Q 9 -58.25 -10.83 0.51
CA GLU Q 9 -57.45 -11.55 -0.50
C GLU Q 9 -57.55 -11.00 -1.96
N ASP Q 10 -58.16 -9.82 -2.06
CA ASP Q 10 -58.36 -9.11 -3.32
C ASP Q 10 -57.32 -7.98 -3.38
N TYR Q 11 -56.40 -7.96 -2.41
CA TYR Q 11 -55.35 -6.92 -2.35
C TYR Q 11 -54.49 -6.94 -3.61
N ALA Q 12 -54.47 -8.06 -4.33
CA ALA Q 12 -53.70 -8.23 -5.56
C ALA Q 12 -54.39 -7.74 -6.85
N LEU Q 13 -55.68 -7.44 -6.74
CA LEU Q 13 -56.48 -6.99 -7.86
C LEU Q 13 -56.72 -5.48 -7.79
N PRO Q 14 -56.91 -4.84 -8.95
CA PRO Q 14 -57.16 -3.40 -9.02
C PRO Q 14 -58.37 -3.09 -8.14
N SER Q 15 -58.26 -1.99 -7.40
CA SER Q 15 -59.30 -1.58 -6.49
C SER Q 15 -59.86 -0.18 -6.80
N TYR Q 16 -60.97 0.15 -6.15
CA TYR Q 16 -61.58 1.45 -6.36
C TYR Q 16 -61.10 2.39 -5.29
N VAL Q 17 -60.88 3.64 -5.71
CA VAL Q 17 -60.43 4.72 -4.82
C VAL Q 17 -60.99 6.09 -5.26
N ASP Q 18 -61.35 6.92 -4.28
CA ASP Q 18 -61.86 8.28 -4.54
C ASP Q 18 -60.73 9.24 -4.22
N ARG Q 19 -60.09 9.78 -5.24
CA ARG Q 19 -58.98 10.70 -5.03
C ARG Q 19 -59.02 11.84 -6.07
N ARG Q 20 -58.88 13.09 -5.60
CA ARG Q 20 -58.87 14.29 -6.48
C ARG Q 20 -57.86 14.19 -7.62
N ASP Q 21 -56.70 13.60 -7.34
CA ASP Q 21 -55.65 13.43 -8.33
C ASP Q 21 -55.64 12.11 -9.14
N TYR Q 22 -56.66 11.27 -8.91
CA TYR Q 22 -56.83 10.02 -9.66
C TYR Q 22 -58.36 9.99 -9.84
N PRO Q 23 -58.88 10.92 -10.67
CA PRO Q 23 -60.31 11.06 -10.97
C PRO Q 23 -61.03 9.82 -11.48
N LEU Q 24 -60.35 9.07 -12.33
CA LEU Q 24 -60.91 7.87 -12.94
C LEU Q 24 -60.25 6.57 -12.40
N PRO Q 25 -60.81 5.97 -11.33
CA PRO Q 25 -60.28 4.74 -10.73
C PRO Q 25 -60.22 3.57 -11.71
N ASP Q 26 -59.48 2.53 -11.31
CA ASP Q 26 -59.25 1.32 -12.11
C ASP Q 26 -60.47 0.41 -12.34
N VAL Q 27 -61.40 0.42 -11.40
CA VAL Q 27 -62.61 -0.40 -11.47
C VAL Q 27 -63.84 0.49 -11.19
N ALA Q 28 -65.01 0.08 -11.65
CA ALA Q 28 -66.21 0.85 -11.37
C ALA Q 28 -66.62 0.53 -9.93
N HIS Q 29 -67.25 1.49 -9.27
CA HIS Q 29 -67.72 1.31 -7.90
C HIS Q 29 -68.55 0.01 -7.73
N VAL Q 30 -69.53 -0.21 -8.63
CA VAL Q 30 -70.37 -1.40 -8.60
C VAL Q 30 -70.11 -2.19 -9.89
N LYS Q 31 -69.64 -3.44 -9.78
CA LYS Q 31 -69.41 -4.22 -11.00
C LYS Q 31 -70.56 -5.18 -11.37
N ASN Q 32 -71.31 -5.63 -10.35
CA ASN Q 32 -72.43 -6.54 -10.56
C ASN Q 32 -73.73 -5.74 -10.65
N LEU Q 33 -74.37 -5.84 -11.81
CA LEU Q 33 -75.59 -5.09 -12.06
C LEU Q 33 -76.89 -5.89 -12.11
N SER Q 34 -77.95 -5.26 -11.62
CA SER Q 34 -79.29 -5.85 -11.57
C SER Q 34 -79.95 -5.72 -12.96
N ALA Q 35 -81.14 -6.30 -13.09
CA ALA Q 35 -81.91 -6.25 -14.35
C ALA Q 35 -82.12 -4.81 -14.85
N SER Q 36 -82.57 -3.92 -13.95
CA SER Q 36 -82.83 -2.49 -14.23
C SER Q 36 -81.54 -1.74 -14.58
N GLN Q 37 -80.48 -2.10 -13.84
CA GLN Q 37 -79.16 -1.48 -14.04
C GLN Q 37 -78.55 -1.89 -15.37
N LYS Q 38 -78.61 -3.17 -15.71
CA LYS Q 38 -78.06 -3.60 -16.99
C LYS Q 38 -78.86 -2.92 -18.13
N ALA Q 39 -80.14 -2.65 -17.87
CA ALA Q 39 -81.04 -1.99 -18.83
C ALA Q 39 -80.61 -0.53 -19.00
N LEU Q 40 -80.27 0.11 -17.88
CA LEU Q 40 -79.82 1.50 -17.90
C LEU Q 40 -78.49 1.61 -18.64
N LYS Q 41 -77.58 0.67 -18.40
CA LYS Q 41 -76.30 0.70 -19.10
C LYS Q 41 -76.56 0.48 -20.59
N GLU Q 42 -77.67 -0.17 -20.93
CA GLU Q 42 -78.02 -0.37 -22.35
C GLU Q 42 -78.60 0.90 -22.91
N LYS Q 43 -79.45 1.56 -22.13
CA LYS Q 43 -80.06 2.81 -22.54
C LYS Q 43 -78.99 3.90 -22.74
N GLU Q 44 -77.92 3.80 -21.95
CA GLU Q 44 -76.77 4.72 -21.99
C GLU Q 44 -76.01 4.70 -23.33
N LYS Q 45 -76.19 3.64 -24.10
CA LYS Q 45 -75.52 3.53 -25.39
C LYS Q 45 -76.25 4.41 -26.40
N ALA Q 46 -77.44 4.87 -26.00
CA ALA Q 46 -78.27 5.76 -26.82
C ALA Q 46 -77.94 7.20 -26.41
N SER Q 47 -78.55 8.20 -27.07
CA SER Q 47 -78.29 9.60 -26.74
C SER Q 47 -78.51 9.89 -25.26
N TRP Q 48 -77.55 10.61 -24.67
CA TRP Q 48 -77.59 10.95 -23.25
C TRP Q 48 -78.68 11.96 -22.97
N SER Q 49 -79.12 12.64 -24.02
CA SER Q 49 -80.18 13.63 -23.88
C SER Q 49 -81.50 12.93 -23.50
N SER Q 50 -81.65 11.67 -23.93
CA SER Q 50 -82.85 10.88 -23.64
C SER Q 50 -82.83 10.32 -22.22
N LEU Q 51 -81.71 10.52 -21.53
CA LEU Q 51 -81.50 10.05 -20.17
C LEU Q 51 -82.08 11.07 -19.21
N SER Q 52 -82.78 10.62 -18.17
CA SER Q 52 -83.32 11.56 -17.20
C SER Q 52 -82.29 11.90 -16.13
N ILE Q 53 -82.54 12.97 -15.41
CA ILE Q 53 -81.64 13.39 -14.35
C ILE Q 53 -81.35 12.22 -13.42
N ASP Q 54 -82.40 11.66 -12.86
CA ASP Q 54 -82.28 10.56 -11.93
C ASP Q 54 -81.55 9.34 -12.52
N GLU Q 55 -81.67 9.15 -13.84
CA GLU Q 55 -81.00 8.05 -14.52
C GLU Q 55 -79.52 8.39 -14.68
N LYS Q 56 -79.24 9.68 -14.87
CA LYS Q 56 -77.88 10.18 -15.02
C LYS Q 56 -77.12 10.02 -13.71
N VAL Q 57 -77.78 10.41 -12.63
CA VAL Q 57 -77.18 10.28 -11.32
C VAL Q 57 -77.01 8.81 -10.93
N GLU Q 58 -77.96 7.95 -11.34
CA GLU Q 58 -77.85 6.53 -11.04
C GLU Q 58 -76.63 5.95 -11.76
N LEU Q 59 -76.40 6.43 -12.99
CA LEU Q 59 -75.27 6.00 -13.84
C LEU Q 59 -73.94 6.38 -13.20
N TYR Q 60 -73.96 7.58 -12.61
CA TYR Q 60 -72.79 8.14 -11.94
C TYR Q 60 -72.46 7.34 -10.69
N ARG Q 61 -73.49 6.97 -9.93
CA ARG Q 61 -73.25 6.19 -8.72
C ARG Q 61 -72.88 4.72 -8.95
N LEU Q 62 -73.01 4.24 -10.18
CA LEU Q 62 -72.64 2.87 -10.50
C LEU Q 62 -71.12 2.88 -10.68
N LYS Q 63 -70.66 3.95 -11.32
CA LYS Q 63 -69.25 4.16 -11.62
C LYS Q 63 -68.42 4.69 -10.45
N PHE Q 64 -68.97 5.66 -9.72
CA PHE Q 64 -68.27 6.29 -8.62
C PHE Q 64 -68.98 6.17 -7.29
N LYS Q 65 -68.19 6.12 -6.22
CA LYS Q 65 -68.73 6.03 -4.88
C LYS Q 65 -69.22 7.40 -4.44
N GLU Q 66 -68.28 8.32 -4.30
CA GLU Q 66 -68.55 9.71 -3.88
C GLU Q 66 -68.20 10.71 -4.97
N SER Q 67 -68.82 11.88 -4.91
CA SER Q 67 -68.53 12.96 -5.87
C SER Q 67 -67.34 13.72 -5.32
N PHE Q 68 -66.78 14.63 -6.12
CA PHE Q 68 -65.65 15.43 -5.68
C PHE Q 68 -66.03 16.24 -4.45
N ALA Q 69 -67.23 16.84 -4.47
CA ALA Q 69 -67.70 17.65 -3.34
C ALA Q 69 -67.83 16.81 -2.07
N GLU Q 70 -68.33 15.58 -2.20
CA GLU Q 70 -68.46 14.71 -1.04
C GLU Q 70 -67.10 14.24 -0.52
N MET Q 71 -66.18 13.85 -1.41
CA MET Q 71 -64.85 13.36 -1.01
C MET Q 71 -63.99 14.47 -0.41
N ASN Q 72 -64.22 15.70 -0.85
CA ASN Q 72 -63.46 16.88 -0.39
C ASN Q 72 -64.04 17.64 0.79
N ARG Q 73 -65.10 17.11 1.42
CA ARG Q 73 -65.71 17.81 2.55
C ARG Q 73 -64.79 17.81 3.78
N SER Q 74 -64.85 18.90 4.53
CA SER Q 74 -64.07 19.04 5.76
C SER Q 74 -64.86 18.45 6.92
N THR Q 75 -64.18 18.24 8.04
CA THR Q 75 -64.83 17.62 9.20
C THR Q 75 -64.72 18.42 10.50
N ASN Q 76 -65.44 17.97 11.52
CA ASN Q 76 -65.36 18.63 12.82
C ASN Q 76 -64.37 17.86 13.70
N GLU Q 77 -63.61 16.97 13.07
CA GLU Q 77 -62.64 16.16 13.77
C GLU Q 77 -61.69 16.98 14.61
N TRP Q 78 -61.27 18.12 14.09
CA TRP Q 78 -60.33 18.94 14.83
C TRP Q 78 -60.79 19.33 16.22
N LYS Q 79 -62.09 19.53 16.41
CA LYS Q 79 -62.66 19.89 17.70
C LYS Q 79 -62.37 18.79 18.70
N THR Q 80 -62.57 17.55 18.26
CA THR Q 80 -62.34 16.38 19.09
C THR Q 80 -60.86 16.24 19.46
N VAL Q 81 -59.99 16.36 18.45
CA VAL Q 81 -58.57 16.23 18.66
C VAL Q 81 -58.05 17.29 19.63
N VAL Q 82 -58.33 18.54 19.33
CA VAL Q 82 -57.88 19.62 20.18
C VAL Q 82 -58.49 19.53 21.58
N GLY Q 83 -59.78 19.23 21.67
CA GLY Q 83 -60.45 19.12 22.95
C GLY Q 83 -59.87 18.01 23.78
N ALA Q 84 -59.62 16.86 23.15
CA ALA Q 84 -59.03 15.70 23.86
C ALA Q 84 -57.61 16.00 24.34
N ALA Q 85 -56.81 16.58 23.45
CA ALA Q 85 -55.43 16.93 23.75
C ALA Q 85 -55.42 17.75 25.01
N MET Q 86 -56.21 18.83 25.02
CA MET Q 86 -56.28 19.70 26.18
C MET Q 86 -56.77 18.99 27.43
N PHE Q 87 -57.63 17.99 27.24
CA PHE Q 87 -58.11 17.25 28.37
C PHE Q 87 -56.93 16.48 28.99
N PHE Q 88 -56.14 15.81 28.14
CA PHE Q 88 -55.00 15.07 28.65
C PHE Q 88 -53.90 15.93 29.23
N ILE Q 89 -53.71 17.09 28.63
CA ILE Q 89 -52.71 18.01 29.11
C ILE Q 89 -53.19 18.49 30.49
N GLY Q 90 -54.50 18.63 30.62
CA GLY Q 90 -55.07 19.06 31.89
C GLY Q 90 -54.90 17.95 32.90
N PHE Q 91 -55.05 16.71 32.45
CA PHE Q 91 -54.90 15.53 33.30
C PHE Q 91 -53.47 15.50 33.87
N THR Q 92 -52.50 15.89 33.04
CA THR Q 92 -51.10 15.93 33.43
C THR Q 92 -50.93 16.86 34.64
N ALA Q 93 -51.65 17.98 34.65
CA ALA Q 93 -51.57 18.92 35.77
C ALA Q 93 -52.00 18.21 37.05
N LEU Q 94 -52.91 17.24 36.94
CA LEU Q 94 -53.34 16.51 38.12
C LEU Q 94 -52.18 15.69 38.69
N LEU Q 95 -51.34 15.15 37.81
CA LEU Q 95 -50.18 14.36 38.23
C LEU Q 95 -49.16 15.26 38.94
N LEU Q 96 -48.95 16.44 38.36
CA LEU Q 96 -48.03 17.43 38.90
C LEU Q 96 -48.51 17.91 40.28
N ILE Q 97 -49.83 18.06 40.46
CA ILE Q 97 -50.39 18.47 41.75
C ILE Q 97 -50.10 17.36 42.77
N TRP Q 98 -50.31 16.11 42.37
CA TRP Q 98 -50.04 14.95 43.23
C TRP Q 98 -48.57 14.94 43.63
N GLU Q 99 -47.71 15.18 42.66
CA GLU Q 99 -46.27 15.17 42.88
C GLU Q 99 -45.83 16.21 43.92
N LYS Q 100 -46.25 17.46 43.75
CA LYS Q 100 -45.84 18.51 44.69
C LYS Q 100 -46.32 18.24 46.10
N HIS Q 101 -47.47 17.59 46.21
CA HIS Q 101 -48.07 17.28 47.50
C HIS Q 101 -47.47 16.07 48.23
N TYR Q 102 -47.33 14.95 47.53
CA TYR Q 102 -46.80 13.72 48.13
C TYR Q 102 -45.31 13.40 47.97
N VAL Q 103 -44.65 14.03 47.01
CA VAL Q 103 -43.24 13.74 46.74
C VAL Q 103 -42.26 14.84 47.09
N TYR Q 104 -42.54 16.06 46.65
CA TYR Q 104 -41.64 17.15 46.94
C TYR Q 104 -41.72 17.65 48.38
N GLY Q 105 -40.55 17.84 48.99
CA GLY Q 105 -40.52 18.36 50.35
C GLY Q 105 -40.54 19.88 50.25
N PRO Q 106 -40.16 20.59 51.32
CA PRO Q 106 -40.16 22.06 51.24
C PRO Q 106 -38.91 22.51 50.47
N ILE Q 107 -38.99 23.64 49.79
CA ILE Q 107 -37.84 24.12 49.04
C ILE Q 107 -36.84 24.79 50.00
N PRO Q 108 -35.57 24.94 49.58
CA PRO Q 108 -34.54 25.57 50.43
C PRO Q 108 -34.96 26.91 51.03
N HIS Q 109 -34.48 27.17 52.24
CA HIS Q 109 -34.78 28.39 52.97
C HIS Q 109 -34.35 29.64 52.22
N THR Q 110 -33.50 29.46 51.20
CA THR Q 110 -33.00 30.59 50.41
C THR Q 110 -34.07 31.23 49.53
N PHE Q 111 -35.26 30.64 49.58
CA PHE Q 111 -36.38 31.14 48.78
C PHE Q 111 -37.36 32.03 49.56
N GLU Q 112 -37.20 32.10 50.89
CA GLU Q 112 -38.02 32.93 51.75
C GLU Q 112 -37.86 34.39 51.38
N GLU Q 113 -38.98 35.11 51.42
CA GLU Q 113 -39.03 36.52 51.06
C GLU Q 113 -37.89 37.37 51.60
N GLU Q 114 -37.61 37.23 52.90
CA GLU Q 114 -36.55 37.99 53.55
C GLU Q 114 -35.19 37.69 52.91
N TRP Q 115 -34.87 36.41 52.80
CA TRP Q 115 -33.62 35.98 52.20
C TRP Q 115 -33.48 36.60 50.80
N VAL Q 116 -34.53 36.45 49.99
CA VAL Q 116 -34.57 36.98 48.63
C VAL Q 116 -34.31 38.50 48.58
N ALA Q 117 -34.88 39.22 49.53
CA ALA Q 117 -34.71 40.68 49.59
C ALA Q 117 -33.26 41.05 49.85
N LYS Q 118 -32.68 40.37 50.83
CA LYS Q 118 -31.28 40.59 51.20
C LYS Q 118 -30.34 40.20 50.06
N GLN Q 119 -30.58 39.00 49.54
CA GLN Q 119 -29.83 38.46 48.42
C GLN Q 119 -29.92 39.42 47.23
N THR Q 120 -31.12 39.95 47.00
CA THR Q 120 -31.34 40.88 45.91
C THR Q 120 -30.47 42.13 46.14
N LYS Q 121 -30.48 42.69 47.35
CA LYS Q 121 -29.66 43.88 47.64
C LYS Q 121 -28.20 43.55 47.38
N ARG Q 122 -27.77 42.40 47.92
CA ARG Q 122 -26.40 41.97 47.74
C ARG Q 122 -25.99 41.89 46.26
N MET Q 123 -26.85 41.29 45.43
CA MET Q 123 -26.59 41.17 44.01
C MET Q 123 -26.45 42.57 43.41
N LEU Q 124 -27.26 43.50 43.93
CA LEU Q 124 -27.22 44.87 43.44
C LEU Q 124 -25.95 45.56 43.92
N ASP Q 125 -25.48 45.19 45.11
CA ASP Q 125 -24.26 45.76 45.68
C ASP Q 125 -23.00 45.30 44.92
N MET Q 126 -22.98 44.03 44.50
CA MET Q 126 -21.85 43.50 43.73
C MET Q 126 -22.04 43.79 42.24
N LYS Q 127 -23.10 44.52 41.93
CA LYS Q 127 -23.46 44.93 40.59
C LYS Q 127 -23.55 43.79 39.56
N VAL Q 128 -24.38 42.79 39.88
CA VAL Q 128 -24.62 41.63 39.02
C VAL Q 128 -25.30 42.11 37.73
N ALA Q 129 -24.72 41.79 36.58
CA ALA Q 129 -25.28 42.18 35.28
C ALA Q 129 -25.56 43.68 35.25
N PRO Q 130 -24.52 44.49 35.33
CA PRO Q 130 -24.71 45.94 35.31
C PRO Q 130 -24.98 46.59 33.95
N ILE Q 131 -24.59 45.94 32.87
CA ILE Q 131 -24.80 46.52 31.55
C ILE Q 131 -26.22 46.39 30.99
N GLN Q 132 -26.87 45.26 31.24
CA GLN Q 132 -28.25 45.02 30.74
C GLN Q 132 -29.12 44.09 31.60
N GLY Q 133 -28.53 43.00 32.03
CA GLY Q 133 -29.26 41.99 32.76
C GLY Q 133 -30.07 42.19 34.01
N PHE Q 134 -29.42 42.65 35.08
CA PHE Q 134 -30.06 42.81 36.39
C PHE Q 134 -29.88 44.21 37.01
N SER Q 135 -28.65 44.55 37.39
CA SER Q 135 -28.35 45.84 38.00
C SER Q 135 -28.62 47.04 37.09
N ALA Q 136 -28.56 46.82 35.78
CA ALA Q 136 -28.82 47.89 34.82
C ALA Q 136 -30.29 48.28 34.93
N LYS Q 137 -31.07 47.42 35.57
CA LYS Q 137 -32.50 47.64 35.77
C LYS Q 137 -32.81 48.35 37.08
N TRP Q 138 -31.75 48.69 37.79
CA TRP Q 138 -31.88 49.39 39.07
C TRP Q 138 -31.31 50.81 38.94
N ASP Q 139 -32.07 51.75 39.50
CA ASP Q 139 -31.70 53.17 39.52
C ASP Q 139 -30.93 53.35 40.81
N TYR Q 140 -29.62 53.48 40.69
CA TYR Q 140 -28.76 53.64 41.85
C TYR Q 140 -28.87 54.99 42.53
N ASP Q 141 -29.31 55.99 41.77
CA ASP Q 141 -29.46 57.33 42.31
C ASP Q 141 -30.81 57.50 43.01
N LYS Q 142 -31.90 57.17 42.32
CA LYS Q 142 -33.25 57.27 42.90
C LYS Q 142 -33.55 56.12 43.86
N ASN Q 143 -32.61 55.17 43.94
CA ASN Q 143 -32.73 54.00 44.80
C ASN Q 143 -34.04 53.21 44.69
N GLU Q 144 -34.35 52.79 43.47
CA GLU Q 144 -35.56 52.05 43.16
C GLU Q 144 -35.35 51.39 41.81
N TRP Q 145 -36.22 50.47 41.44
CA TRP Q 145 -36.13 49.81 40.14
C TRP Q 145 -36.46 50.83 39.07
N LYS Q 146 -35.62 50.91 38.03
CA LYS Q 146 -35.85 51.87 36.96
C LYS Q 146 -37.30 51.70 36.49
N LYS Q 147 -37.98 52.83 36.36
CA LYS Q 147 -39.38 52.79 35.94
C LYS Q 147 -39.46 52.48 34.44
N HIS R 5 -38.74 22.07 -23.41
CA HIS R 5 -40.02 21.30 -23.49
C HIS R 5 -40.76 21.54 -24.82
N GLU R 6 -41.84 22.34 -24.78
CA GLU R 6 -42.66 22.63 -25.95
C GLU R 6 -43.59 23.79 -25.67
N THR R 7 -44.19 24.34 -26.72
CA THR R 7 -45.13 25.45 -26.60
C THR R 7 -46.47 25.00 -26.04
N ASP R 8 -47.29 25.94 -25.62
CA ASP R 8 -48.59 25.59 -25.08
C ASP R 8 -49.50 25.02 -26.17
N GLU R 9 -49.29 25.47 -27.41
CA GLU R 9 -50.10 25.03 -28.56
C GLU R 9 -49.81 23.59 -28.89
N GLU R 10 -48.53 23.24 -28.85
CA GLU R 10 -48.08 21.88 -29.14
C GLU R 10 -48.54 20.92 -28.07
N PHE R 11 -48.49 21.38 -26.82
CA PHE R 11 -48.94 20.53 -25.72
C PHE R 11 -50.43 20.28 -25.89
N ASP R 12 -51.22 21.33 -26.10
CA ASP R 12 -52.67 21.23 -26.30
C ASP R 12 -53.01 20.31 -27.48
N ALA R 13 -52.28 20.46 -28.59
CA ALA R 13 -52.52 19.66 -29.78
C ALA R 13 -52.35 18.18 -29.47
N ARG R 14 -51.21 17.85 -28.87
CA ARG R 14 -50.87 16.47 -28.49
C ARG R 14 -51.97 15.77 -27.70
N TRP R 15 -52.58 16.50 -26.77
CA TRP R 15 -53.61 15.94 -25.94
C TRP R 15 -54.95 15.87 -26.67
N VAL R 16 -55.23 16.85 -27.53
CA VAL R 16 -56.47 16.87 -28.31
C VAL R 16 -56.40 15.66 -29.23
N THR R 17 -55.23 15.45 -29.83
CA THR R 17 -54.98 14.30 -30.72
C THR R 17 -55.19 12.97 -29.98
N TYR R 18 -54.66 12.89 -28.75
CA TYR R 18 -54.75 11.70 -27.91
C TYR R 18 -56.19 11.25 -27.63
N PHE R 19 -57.02 12.16 -27.15
CA PHE R 19 -58.42 11.84 -26.85
C PHE R 19 -59.30 11.71 -28.11
N ASN R 20 -58.82 12.23 -29.23
CA ASN R 20 -59.54 12.16 -30.48
C ASN R 20 -59.34 10.84 -31.22
N LYS R 21 -58.38 10.02 -30.81
CA LYS R 21 -58.18 8.71 -31.47
C LYS R 21 -59.53 7.99 -31.43
N PRO R 22 -60.10 7.70 -32.61
CA PRO R 22 -61.39 7.02 -32.78
C PRO R 22 -61.60 5.79 -31.91
N ASP R 23 -60.67 4.83 -32.01
CA ASP R 23 -60.74 3.58 -31.25
C ASP R 23 -60.01 3.59 -29.90
N ILE R 24 -60.02 4.74 -29.22
CA ILE R 24 -59.38 4.87 -27.91
C ILE R 24 -60.19 4.03 -26.93
N ASP R 25 -59.51 3.21 -26.13
CA ASP R 25 -60.24 2.38 -25.17
C ASP R 25 -60.38 3.03 -23.79
N ALA R 26 -61.09 2.35 -22.89
CA ALA R 26 -61.31 2.88 -21.55
C ALA R 26 -60.03 3.11 -20.75
N TRP R 27 -59.11 2.16 -20.83
CA TRP R 27 -57.85 2.29 -20.12
C TRP R 27 -57.14 3.56 -20.59
N GLU R 28 -57.05 3.74 -21.91
CA GLU R 28 -56.40 4.90 -22.48
C GLU R 28 -57.10 6.20 -22.06
N LEU R 29 -58.42 6.11 -21.86
CA LEU R 29 -59.18 7.28 -21.44
C LEU R 29 -58.74 7.64 -20.02
N ARG R 30 -58.78 6.65 -19.12
CA ARG R 30 -58.38 6.87 -17.73
C ARG R 30 -56.91 7.30 -17.62
N LYS R 31 -56.02 6.62 -18.35
CA LYS R 31 -54.61 6.98 -18.33
C LYS R 31 -54.42 8.44 -18.70
N GLY R 32 -55.08 8.87 -19.78
CA GLY R 32 -54.97 10.25 -20.24
C GLY R 32 -55.44 11.28 -19.22
N MET R 33 -56.61 11.09 -18.66
CA MET R 33 -57.10 12.05 -17.68
C MET R 33 -56.32 12.00 -16.37
N ASN R 34 -56.01 10.81 -15.87
CA ASN R 34 -55.27 10.68 -14.63
C ASN R 34 -53.87 11.28 -14.77
N THR R 35 -53.30 11.18 -15.97
CA THR R 35 -51.99 11.74 -16.26
C THR R 35 -52.10 13.26 -16.41
N LEU R 36 -53.11 13.70 -17.16
CA LEU R 36 -53.28 15.12 -17.41
C LEU R 36 -53.49 15.99 -16.17
N VAL R 37 -54.16 15.45 -15.15
CA VAL R 37 -54.38 16.25 -13.95
C VAL R 37 -53.17 16.33 -13.04
N GLY R 38 -52.06 15.79 -13.52
CA GLY R 38 -50.82 15.84 -12.76
C GLY R 38 -50.03 17.11 -13.07
N TYR R 39 -50.38 17.75 -14.18
CA TYR R 39 -49.71 18.97 -14.59
C TYR R 39 -50.20 20.22 -13.86
N ASP R 40 -49.37 21.26 -13.94
CA ASP R 40 -49.66 22.54 -13.31
C ASP R 40 -50.48 23.38 -14.29
N LEU R 41 -51.73 22.97 -14.50
CA LEU R 41 -52.64 23.66 -15.40
C LEU R 41 -54.04 23.06 -15.36
N VAL R 42 -55.02 23.88 -15.77
CA VAL R 42 -56.41 23.46 -15.92
C VAL R 42 -56.37 23.27 -17.43
N PRO R 43 -56.75 22.06 -17.92
CA PRO R 43 -56.70 21.85 -19.36
C PRO R 43 -57.62 22.74 -20.17
N GLU R 44 -57.15 23.09 -21.36
CA GLU R 44 -57.88 23.93 -22.31
C GLU R 44 -59.24 23.29 -22.66
N PRO R 45 -60.27 24.13 -22.86
CA PRO R 45 -61.58 23.58 -23.20
C PRO R 45 -61.48 22.60 -24.38
N LYS R 46 -60.57 22.89 -25.32
CA LYS R 46 -60.41 22.02 -26.48
C LYS R 46 -59.95 20.61 -26.13
N ILE R 47 -59.19 20.46 -25.04
CA ILE R 47 -58.77 19.13 -24.64
C ILE R 47 -59.92 18.46 -23.93
N ILE R 48 -60.61 19.20 -23.07
CA ILE R 48 -61.75 18.67 -22.34
C ILE R 48 -62.80 18.18 -23.34
N ASP R 49 -62.97 18.98 -24.39
CA ASP R 49 -63.90 18.71 -25.49
C ASP R 49 -63.64 17.31 -26.07
N ALA R 50 -62.41 17.10 -26.55
CA ALA R 50 -61.98 15.85 -27.13
C ALA R 50 -62.17 14.64 -26.17
N ALA R 51 -61.95 14.87 -24.88
CA ALA R 51 -62.07 13.86 -23.84
C ALA R 51 -63.53 13.49 -23.55
N LEU R 52 -64.42 14.49 -23.60
CA LEU R 52 -65.84 14.28 -23.37
C LEU R 52 -66.39 13.42 -24.51
N ARG R 53 -65.93 13.72 -25.72
CA ARG R 53 -66.33 13.01 -26.91
C ARG R 53 -65.90 11.56 -26.85
N ALA R 54 -64.70 11.35 -26.31
CA ALA R 54 -64.18 10.00 -26.17
C ALA R 54 -65.06 9.24 -25.18
N CYS R 55 -65.60 9.93 -24.17
CA CYS R 55 -66.50 9.30 -23.20
C CYS R 55 -67.75 8.84 -23.96
N ARG R 56 -68.19 9.68 -24.90
CA ARG R 56 -69.35 9.38 -25.73
C ARG R 56 -69.08 8.11 -26.53
N ARG R 57 -67.96 8.10 -27.27
CA ARG R 57 -67.61 6.92 -28.05
C ARG R 57 -67.48 5.65 -27.20
N LEU R 58 -67.23 5.83 -25.91
CA LEU R 58 -67.07 4.71 -24.97
C LEU R 58 -68.32 4.50 -24.15
N ASN R 59 -69.39 5.21 -24.48
CA ASN R 59 -70.68 5.09 -23.78
C ASN R 59 -70.51 5.20 -22.28
N ASP R 60 -69.69 6.15 -21.88
CA ASP R 60 -69.38 6.37 -20.49
C ASP R 60 -69.90 7.72 -20.05
N PHE R 61 -71.17 7.81 -19.69
CA PHE R 61 -71.66 9.11 -19.25
C PHE R 61 -71.00 9.55 -17.95
N ALA R 62 -70.93 8.63 -16.97
CA ALA R 62 -70.37 8.95 -15.66
C ALA R 62 -68.99 9.63 -15.74
N SER R 63 -68.08 9.07 -16.53
CA SER R 63 -66.75 9.65 -16.65
C SER R 63 -66.76 11.05 -17.25
N ALA R 64 -67.76 11.37 -18.06
CA ALA R 64 -67.85 12.70 -18.65
C ALA R 64 -68.15 13.74 -17.54
N VAL R 65 -69.01 13.35 -16.59
CA VAL R 65 -69.34 14.25 -15.48
C VAL R 65 -68.14 14.34 -14.55
N ARG R 66 -67.47 13.21 -14.31
CA ARG R 66 -66.27 13.18 -13.44
C ARG R 66 -65.20 14.08 -14.04
N ILE R 67 -65.06 14.08 -15.35
CA ILE R 67 -64.06 14.92 -15.99
C ILE R 67 -64.35 16.39 -15.72
N LEU R 68 -65.62 16.77 -15.69
CA LEU R 68 -65.92 18.17 -15.43
C LEU R 68 -65.61 18.51 -13.96
N GLU R 69 -65.88 17.59 -13.05
CA GLU R 69 -65.58 17.83 -11.64
C GLU R 69 -64.09 18.07 -11.47
N VAL R 70 -63.27 17.27 -12.16
CA VAL R 70 -61.83 17.40 -12.05
C VAL R 70 -61.33 18.75 -12.58
N VAL R 71 -61.94 19.24 -13.65
CA VAL R 71 -61.52 20.54 -14.16
C VAL R 71 -61.83 21.62 -13.12
N LYS R 72 -62.92 21.49 -12.39
CA LYS R 72 -63.21 22.48 -11.38
C LYS R 72 -62.17 22.36 -10.26
N ASP R 73 -61.87 21.12 -9.84
CA ASP R 73 -60.90 20.87 -8.77
C ASP R 73 -59.53 21.46 -9.10
N LYS R 74 -59.06 21.16 -10.30
CA LYS R 74 -57.77 21.65 -10.76
C LYS R 74 -57.58 23.16 -10.68
N ALA R 75 -58.67 23.92 -10.71
CA ALA R 75 -58.54 25.37 -10.64
C ALA R 75 -58.33 25.86 -9.22
N GLY R 76 -58.57 24.96 -8.25
CA GLY R 76 -58.41 25.31 -6.86
C GLY R 76 -59.26 26.51 -6.46
N PRO R 77 -58.61 27.58 -5.99
CA PRO R 77 -59.21 28.83 -5.53
C PRO R 77 -59.65 29.81 -6.62
N HIS R 78 -59.13 29.65 -7.84
CA HIS R 78 -59.48 30.53 -8.97
C HIS R 78 -60.87 30.15 -9.51
N LYS R 79 -61.89 30.62 -8.79
CA LYS R 79 -63.31 30.35 -9.04
C LYS R 79 -63.85 30.74 -10.42
N GLU R 80 -63.09 31.57 -11.14
CA GLU R 80 -63.51 31.99 -12.46
C GLU R 80 -63.06 31.10 -13.60
N ILE R 81 -62.28 30.06 -13.31
CA ILE R 81 -61.87 29.21 -14.42
C ILE R 81 -62.94 28.22 -14.84
N TYR R 82 -63.54 27.50 -13.89
CA TYR R 82 -64.58 26.54 -14.23
C TYR R 82 -65.75 27.17 -15.01
N PRO R 83 -66.36 28.27 -14.49
CA PRO R 83 -67.48 28.95 -15.16
C PRO R 83 -67.17 29.24 -16.63
N TYR R 84 -65.95 29.70 -16.89
CA TYR R 84 -65.56 30.00 -18.27
C TYR R 84 -65.41 28.75 -19.12
N VAL R 85 -64.85 27.69 -18.53
CA VAL R 85 -64.65 26.46 -19.27
C VAL R 85 -66.02 25.87 -19.59
N ILE R 86 -66.91 25.86 -18.60
CA ILE R 86 -68.26 25.34 -18.81
C ILE R 86 -68.91 26.16 -19.91
N GLN R 87 -68.66 27.47 -19.89
CA GLN R 87 -69.18 28.38 -20.91
C GLN R 87 -68.74 27.88 -22.28
N GLU R 88 -67.45 27.69 -22.43
CA GLU R 88 -66.89 27.22 -23.69
C GLU R 88 -67.32 25.83 -24.11
N LEU R 89 -67.81 25.03 -23.16
CA LEU R 89 -68.20 23.67 -23.49
C LEU R 89 -69.71 23.49 -23.65
N ARG R 90 -70.45 24.58 -23.49
CA ARG R 90 -71.92 24.59 -23.58
C ARG R 90 -72.43 23.90 -24.86
N PRO R 91 -71.86 24.21 -26.04
CA PRO R 91 -72.29 23.57 -27.29
C PRO R 91 -72.14 22.05 -27.24
N THR R 92 -70.97 21.61 -26.82
CA THR R 92 -70.65 20.18 -26.71
C THR R 92 -71.51 19.51 -25.66
N LEU R 93 -71.73 20.19 -24.54
CA LEU R 93 -72.54 19.65 -23.45
C LEU R 93 -73.98 19.40 -23.92
N ASN R 94 -74.48 20.35 -24.73
CA ASN R 94 -75.84 20.30 -25.31
C ASN R 94 -75.90 19.19 -26.37
N GLU R 95 -74.93 19.20 -27.28
CA GLU R 95 -74.84 18.21 -28.35
C GLU R 95 -74.87 16.77 -27.83
N LEU R 96 -74.08 16.50 -26.79
CA LEU R 96 -73.97 15.15 -26.21
C LEU R 96 -74.94 14.83 -25.08
N GLY R 97 -75.59 15.86 -24.53
CA GLY R 97 -76.54 15.63 -23.46
C GLY R 97 -75.89 15.35 -22.12
N ILE R 98 -74.73 15.98 -21.91
CA ILE R 98 -73.91 15.87 -20.71
C ILE R 98 -74.40 16.89 -19.69
N SER R 99 -75.01 16.46 -18.60
CA SER R 99 -75.45 17.42 -17.60
C SER R 99 -74.23 17.73 -16.73
N THR R 100 -74.08 18.98 -16.32
CA THR R 100 -72.95 19.34 -15.46
C THR R 100 -73.17 18.80 -14.04
N PRO R 101 -72.08 18.66 -13.27
CA PRO R 101 -72.10 18.17 -11.89
C PRO R 101 -73.15 18.91 -11.07
N GLU R 102 -73.23 20.21 -11.31
CA GLU R 102 -74.19 21.10 -10.64
C GLU R 102 -75.61 20.66 -10.97
N GLU R 103 -75.86 20.54 -12.28
CA GLU R 103 -77.16 20.13 -12.80
C GLU R 103 -77.65 18.78 -12.25
N LEU R 104 -76.71 17.93 -11.83
CA LEU R 104 -77.05 16.61 -11.30
C LEU R 104 -77.09 16.58 -9.75
N GLY R 105 -76.84 17.73 -9.12
CA GLY R 105 -76.85 17.84 -7.66
C GLY R 105 -75.64 17.18 -7.00
N LEU R 106 -74.62 16.90 -7.82
CA LEU R 106 -73.37 16.24 -7.44
C LEU R 106 -72.38 17.16 -6.74
N ASP R 107 -72.63 18.47 -6.82
CA ASP R 107 -71.76 19.47 -6.20
C ASP R 107 -72.09 19.81 -4.73
N LYS R 108 -73.15 19.21 -4.20
CA LYS R 108 -73.52 19.42 -2.80
C LYS R 108 -72.98 18.25 -1.97
N VAL R 109 -72.38 18.58 -0.82
CA VAL R 109 -71.79 17.60 0.09
C VAL R 109 -72.80 16.83 0.94
N ALA S 1 5.29 -33.28 -9.16
CA ALA S 1 4.94 -31.87 -9.43
C ALA S 1 3.43 -31.62 -9.66
N SER S 2 2.68 -32.70 -9.99
CA SER S 2 1.20 -32.71 -10.25
C SER S 2 0.44 -34.08 -10.07
N GLY S 3 -0.89 -34.02 -9.95
CA GLY S 3 -1.73 -35.21 -9.77
C GLY S 3 -3.21 -34.84 -9.66
N GLY S 4 -4.04 -35.74 -9.13
CA GLY S 4 -5.47 -35.45 -9.02
C GLY S 4 -6.15 -35.70 -7.68
N GLY S 5 -7.39 -36.19 -7.71
CA GLY S 5 -8.09 -36.53 -6.48
C GLY S 5 -9.03 -35.52 -5.85
N VAL S 6 -9.30 -34.42 -6.53
CA VAL S 6 -10.21 -33.41 -6.00
C VAL S 6 -11.48 -33.44 -6.87
N PRO S 7 -12.66 -33.65 -6.24
CA PRO S 7 -13.90 -33.68 -7.03
C PRO S 7 -14.21 -32.42 -7.83
N THR S 8 -15.08 -32.57 -8.84
CA THR S 8 -15.50 -31.43 -9.65
C THR S 8 -16.95 -31.12 -9.26
N ASP S 9 -17.44 -29.97 -9.73
CA ASP S 9 -18.82 -29.59 -9.47
C ASP S 9 -19.73 -30.58 -10.21
N GLU S 10 -19.36 -30.93 -11.45
CA GLU S 10 -20.11 -31.86 -12.28
C GLU S 10 -20.27 -33.22 -11.57
N GLU S 11 -19.25 -33.64 -10.83
CA GLU S 11 -19.32 -34.89 -10.09
C GLU S 11 -19.95 -34.77 -8.71
N GLN S 12 -19.75 -33.63 -8.05
CA GLN S 12 -20.23 -33.51 -6.69
C GLN S 12 -21.30 -32.47 -6.33
N ALA S 13 -21.54 -31.48 -7.19
CA ALA S 13 -22.57 -30.49 -6.84
C ALA S 13 -23.92 -31.20 -6.68
N THR S 14 -24.67 -30.79 -5.67
CA THR S 14 -25.95 -31.39 -5.39
C THR S 14 -27.01 -30.31 -5.20
N GLY S 15 -28.21 -30.73 -4.78
CA GLY S 15 -29.31 -29.80 -4.55
C GLY S 15 -29.52 -28.69 -5.58
N LEU S 16 -29.96 -27.54 -5.08
CA LEU S 16 -30.24 -26.38 -5.92
C LEU S 16 -29.01 -25.93 -6.69
N GLU S 17 -27.85 -26.07 -6.08
CA GLU S 17 -26.62 -25.66 -6.73
C GLU S 17 -26.48 -26.40 -8.04
N ARG S 18 -26.79 -27.69 -8.00
CA ARG S 18 -26.71 -28.56 -9.18
C ARG S 18 -27.75 -28.16 -10.26
N GLU S 19 -28.99 -27.94 -9.84
CA GLU S 19 -30.03 -27.54 -10.76
C GLU S 19 -29.65 -26.26 -11.50
N VAL S 20 -29.19 -25.26 -10.77
CA VAL S 20 -28.81 -23.98 -11.36
C VAL S 20 -27.73 -24.22 -12.36
N MET S 21 -26.81 -25.10 -11.99
CA MET S 21 -25.70 -25.43 -12.84
C MET S 21 -26.13 -26.14 -14.14
N LEU S 22 -27.02 -27.12 -14.01
CA LEU S 22 -27.50 -27.85 -15.17
C LEU S 22 -28.35 -26.96 -16.07
N ALA S 23 -29.27 -26.22 -15.44
CA ALA S 23 -30.17 -25.30 -16.13
C ALA S 23 -29.34 -24.30 -16.93
N ALA S 24 -28.35 -23.72 -16.26
CA ALA S 24 -27.45 -22.76 -16.87
C ALA S 24 -26.79 -23.34 -18.12
N ARG S 25 -26.47 -24.65 -18.05
CA ARG S 25 -25.83 -25.40 -19.14
C ARG S 25 -26.71 -25.47 -20.40
N LYS S 26 -28.01 -25.65 -20.20
CA LYS S 26 -28.99 -25.73 -21.27
C LYS S 26 -29.35 -24.34 -21.79
N GLY S 27 -28.88 -23.31 -21.09
CA GLY S 27 -29.18 -21.95 -21.49
C GLY S 27 -30.50 -21.49 -20.89
N GLN S 28 -30.93 -22.12 -19.80
CA GLN S 28 -32.18 -21.74 -19.11
C GLN S 28 -31.96 -21.01 -17.78
N ASP S 29 -33.03 -20.43 -17.28
CA ASP S 29 -32.93 -19.64 -16.08
C ASP S 29 -34.19 -19.76 -15.24
N PRO S 30 -34.45 -20.97 -14.75
CA PRO S 30 -35.61 -21.31 -13.91
C PRO S 30 -35.59 -20.65 -12.52
N TYR S 31 -34.42 -20.15 -12.12
CA TYR S 31 -34.31 -19.54 -10.82
C TYR S 31 -34.11 -18.04 -10.82
N ASN S 32 -34.53 -17.43 -11.92
CA ASN S 32 -34.49 -15.99 -12.08
C ASN S 32 -33.19 -15.28 -11.73
N ILE S 33 -32.07 -15.88 -12.09
CA ILE S 33 -30.76 -15.29 -11.84
C ILE S 33 -30.45 -14.14 -12.82
N LEU S 34 -31.05 -14.19 -14.00
CA LEU S 34 -30.82 -13.17 -15.02
C LEU S 34 -31.98 -12.18 -15.14
N ALA S 35 -31.69 -11.01 -15.67
CA ALA S 35 -32.72 -10.01 -15.86
C ALA S 35 -33.20 -10.20 -17.27
N PRO S 36 -34.51 -10.37 -17.44
CA PRO S 36 -35.12 -10.57 -18.75
C PRO S 36 -35.07 -9.33 -19.64
N LYS S 37 -34.76 -9.54 -20.92
CA LYS S 37 -34.71 -8.46 -21.91
C LYS S 37 -36.12 -8.16 -22.38
N ALA S 38 -36.43 -6.88 -22.51
CA ALA S 38 -37.76 -6.49 -22.91
C ALA S 38 -38.03 -6.60 -24.41
N THR S 39 -39.31 -6.85 -24.73
CA THR S 39 -39.82 -6.92 -26.09
C THR S 39 -40.18 -5.47 -26.43
N SER S 40 -40.99 -5.27 -27.46
CA SER S 40 -41.40 -3.92 -27.83
C SER S 40 -42.49 -3.45 -26.87
N GLY S 41 -43.03 -4.38 -26.09
CA GLY S 41 -44.05 -4.02 -25.13
C GLY S 41 -45.40 -3.60 -25.71
N THR S 42 -45.56 -3.79 -27.01
CA THR S 42 -46.81 -3.44 -27.70
C THR S 42 -47.92 -4.43 -27.39
N LYS S 43 -49.12 -4.12 -27.86
CA LYS S 43 -50.29 -4.96 -27.68
C LYS S 43 -50.01 -6.31 -28.35
N GLU S 44 -49.35 -6.22 -29.51
CA GLU S 44 -48.99 -7.36 -30.36
C GLU S 44 -47.74 -8.12 -29.89
N ASP S 45 -46.77 -7.39 -29.33
CA ASP S 45 -45.54 -8.01 -28.84
C ASP S 45 -45.32 -7.68 -27.36
N PRO S 46 -46.19 -8.21 -26.49
CA PRO S 46 -46.11 -7.96 -25.05
C PRO S 46 -44.89 -8.64 -24.40
N ASN S 47 -44.51 -8.16 -23.23
CA ASN S 47 -43.42 -8.75 -22.50
C ASN S 47 -43.98 -10.00 -21.90
N LEU S 48 -43.30 -11.13 -22.14
CA LEU S 48 -43.77 -12.41 -21.62
C LEU S 48 -43.22 -12.65 -20.23
N VAL S 49 -44.14 -12.72 -19.27
CA VAL S 49 -43.78 -12.91 -17.89
C VAL S 49 -44.03 -14.33 -17.39
N PRO S 50 -42.96 -15.13 -17.26
CA PRO S 50 -43.10 -16.52 -16.79
C PRO S 50 -43.59 -16.52 -15.35
N SER S 51 -44.39 -17.50 -14.98
CA SER S 51 -44.87 -17.61 -13.61
C SER S 51 -45.21 -19.05 -13.30
N ILE S 52 -45.33 -19.39 -12.02
CA ILE S 52 -45.68 -20.74 -11.59
C ILE S 52 -47.07 -20.73 -10.98
N THR S 53 -47.69 -19.55 -10.95
CA THR S 53 -49.05 -19.40 -10.43
C THR S 53 -49.82 -18.56 -11.43
N ASN S 54 -50.94 -18.02 -10.98
CA ASN S 54 -51.78 -17.22 -11.83
C ASN S 54 -51.55 -15.71 -11.75
N LYS S 55 -50.52 -15.30 -11.03
CA LYS S 55 -50.16 -13.88 -10.90
C LYS S 55 -48.71 -13.71 -10.45
N ARG S 56 -48.08 -12.65 -10.95
CA ARG S 56 -46.70 -12.38 -10.59
C ARG S 56 -46.50 -10.88 -10.51
N ILE S 57 -45.84 -10.43 -9.44
CA ILE S 57 -45.57 -9.01 -9.30
C ILE S 57 -44.56 -8.59 -10.37
N VAL S 58 -44.90 -7.55 -11.11
CA VAL S 58 -44.03 -7.00 -12.15
C VAL S 58 -43.49 -5.65 -11.69
N GLY S 59 -42.23 -5.38 -12.04
CA GLY S 59 -41.61 -4.11 -11.73
C GLY S 59 -41.26 -3.51 -13.07
N CYS S 60 -41.76 -2.30 -13.33
CA CYS S 60 -41.49 -1.65 -14.61
C CYS S 60 -40.63 -0.40 -14.44
N ILE S 61 -39.48 -0.43 -15.08
CA ILE S 61 -38.54 0.69 -15.09
C ILE S 61 -38.89 1.30 -16.44
N CYS S 62 -39.96 2.08 -16.47
CA CYS S 62 -40.48 2.72 -17.67
C CYS S 62 -39.39 3.25 -18.63
N GLU S 63 -38.57 4.18 -18.17
CA GLU S 63 -37.50 4.70 -19.00
C GLU S 63 -36.17 4.35 -18.35
N GLU S 64 -35.16 4.15 -19.17
CA GLU S 64 -33.84 3.81 -18.67
C GLU S 64 -33.38 4.90 -17.71
N ASP S 65 -32.71 4.49 -16.66
CA ASP S 65 -32.20 5.42 -15.68
C ASP S 65 -33.22 6.13 -14.79
N ASN S 66 -34.44 5.59 -14.77
CA ASN S 66 -35.50 6.09 -13.89
C ASN S 66 -35.15 5.52 -12.52
N SER S 67 -35.42 6.25 -11.44
CA SER S 67 -35.11 5.75 -10.12
C SER S 67 -36.35 5.13 -9.51
N THR S 68 -37.51 5.55 -10.01
CA THR S 68 -38.79 5.00 -9.54
C THR S 68 -39.15 3.73 -10.33
N VAL S 69 -39.56 2.69 -9.62
CA VAL S 69 -39.97 1.45 -10.27
C VAL S 69 -41.47 1.30 -10.03
N ILE S 70 -42.21 1.00 -11.10
CA ILE S 70 -43.66 0.81 -11.02
C ILE S 70 -43.95 -0.67 -10.78
N TRP S 71 -44.59 -0.96 -9.64
CA TRP S 71 -44.94 -2.32 -9.21
C TRP S 71 -46.41 -2.67 -9.28
N PHE S 72 -46.71 -3.86 -9.76
CA PHE S 72 -48.10 -4.29 -9.87
C PHE S 72 -48.18 -5.78 -10.16
N TRP S 73 -49.27 -6.38 -9.69
CA TRP S 73 -49.51 -7.78 -9.94
C TRP S 73 -49.96 -7.98 -11.38
N LEU S 74 -49.29 -8.87 -12.10
CA LEU S 74 -49.69 -9.20 -13.45
C LEU S 74 -50.45 -10.51 -13.33
N HIS S 75 -51.74 -10.45 -13.65
CA HIS S 75 -52.61 -11.61 -13.60
C HIS S 75 -52.68 -12.40 -14.89
N LYS S 76 -53.00 -13.69 -14.73
CA LYS S 76 -53.17 -14.64 -15.82
C LYS S 76 -54.36 -14.11 -16.64
N GLY S 77 -54.21 -14.08 -17.97
CA GLY S 77 -55.31 -13.62 -18.79
C GLY S 77 -54.87 -12.65 -19.84
N GLU S 78 -55.72 -11.68 -20.10
CA GLU S 78 -55.44 -10.64 -21.07
C GLU S 78 -54.22 -9.81 -20.62
N ALA S 79 -53.34 -9.49 -21.56
CA ALA S 79 -52.17 -8.66 -21.26
C ALA S 79 -52.58 -7.40 -20.48
N GLN S 80 -51.72 -6.96 -19.58
CA GLN S 80 -51.98 -5.75 -18.82
C GLN S 80 -50.90 -4.71 -19.14
N ARG S 81 -51.17 -3.43 -18.88
CA ARG S 81 -50.20 -2.40 -19.18
C ARG S 81 -49.69 -1.70 -17.94
N CYS S 82 -48.43 -1.26 -18.00
CA CYS S 82 -47.82 -0.53 -16.88
C CYS S 82 -48.67 0.73 -16.63
N PRO S 83 -49.16 0.91 -15.40
CA PRO S 83 -50.00 2.09 -15.08
C PRO S 83 -49.29 3.41 -15.37
N SER S 84 -47.99 3.36 -15.58
CA SER S 84 -47.23 4.56 -15.84
C SER S 84 -46.85 4.79 -17.31
N CYS S 85 -46.27 3.80 -17.97
CA CYS S 85 -45.84 3.99 -19.35
C CYS S 85 -46.72 3.21 -20.31
N GLY S 86 -47.65 2.43 -19.78
CA GLY S 86 -48.51 1.65 -20.64
C GLY S 86 -47.88 0.49 -21.40
N THR S 87 -46.60 0.15 -21.21
CA THR S 87 -46.07 -0.99 -21.97
C THR S 87 -46.81 -2.24 -21.52
N HIS S 88 -46.93 -3.18 -22.45
CA HIS S 88 -47.67 -4.44 -22.22
C HIS S 88 -46.87 -5.61 -21.64
N TYR S 89 -47.56 -6.33 -20.75
CA TYR S 89 -47.00 -7.50 -20.06
C TYR S 89 -48.07 -8.59 -20.05
N LYS S 90 -47.67 -9.84 -20.33
CA LYS S 90 -48.60 -10.97 -20.29
C LYS S 90 -48.00 -12.16 -19.57
N LEU S 91 -48.76 -12.68 -18.62
CA LEU S 91 -48.32 -13.83 -17.84
C LEU S 91 -48.35 -15.12 -18.68
N VAL S 92 -47.29 -15.93 -18.55
CA VAL S 92 -47.19 -17.21 -19.27
C VAL S 92 -46.90 -18.32 -18.25
N PRO S 93 -47.93 -18.72 -17.48
CA PRO S 93 -47.90 -19.76 -16.42
C PRO S 93 -47.08 -21.08 -16.47
N HIS S 94 -46.91 -21.59 -15.23
CA HIS S 94 -46.19 -22.78 -14.69
C HIS S 94 -45.11 -23.64 -15.39
N GLN S 95 -44.83 -24.76 -14.71
CA GLN S 95 -43.85 -25.83 -14.97
C GLN S 95 -42.57 -25.75 -14.08
N LEU S 96 -41.44 -25.34 -14.68
CA LEU S 96 -40.12 -25.25 -14.01
C LEU S 96 -39.61 -26.65 -13.64
N ALA S 97 -40.19 -27.23 -12.56
CA ALA S 97 -39.85 -28.58 -12.07
C ALA S 97 -40.75 -29.62 -12.77
N HIS S 98 -40.14 -30.43 -13.63
CA HIS S 98 -40.82 -31.48 -14.41
C HIS S 98 -41.73 -32.45 -13.61
N ALA T 1 8.40 -2.28 -7.72
CA ALA T 1 9.50 -3.28 -7.96
C ALA T 1 9.06 -4.47 -8.81
N SER T 2 10.03 -5.31 -9.17
CA SER T 2 9.81 -6.52 -9.99
C SER T 2 10.56 -7.72 -9.35
N ALA T 3 11.15 -7.46 -8.16
CA ALA T 3 11.92 -8.43 -7.35
C ALA T 3 13.40 -8.61 -7.78
N ALA T 4 13.61 -9.54 -8.71
CA ALA T 4 14.91 -9.89 -9.29
C ALA T 4 14.87 -11.27 -9.96
N LYS T 5 13.70 -11.92 -9.94
CA LYS T 5 13.49 -13.26 -10.54
C LYS T 5 12.83 -13.17 -11.94
N GLY T 6 11.67 -13.82 -12.17
CA GLY T 6 11.07 -13.70 -13.51
C GLY T 6 9.70 -14.24 -13.93
N ASP T 7 9.56 -15.57 -14.00
CA ASP T 7 8.34 -16.29 -14.44
C ASP T 7 7.17 -15.53 -15.12
N HIS T 8 6.17 -15.12 -14.33
CA HIS T 8 4.96 -14.37 -14.77
C HIS T 8 4.12 -14.75 -16.02
N GLY T 9 4.65 -15.65 -16.87
CA GLY T 9 3.96 -16.09 -18.08
C GLY T 9 2.70 -16.87 -17.77
N GLY T 10 2.60 -17.29 -16.51
CA GLY T 10 1.47 -18.06 -16.02
C GLY T 10 1.75 -18.51 -14.60
N GLY T 12 1.04 -20.42 -11.63
CA GLY T 12 0.26 -21.63 -11.26
C GLY T 12 0.78 -22.37 -10.02
N ALA T 13 0.21 -23.53 -9.72
CA ALA T 13 0.60 -24.27 -8.53
C ALA T 13 2.05 -24.67 -8.45
N ARG T 14 2.64 -24.98 -9.60
CA ARG T 14 4.03 -25.39 -9.59
C ARG T 14 4.91 -24.22 -9.20
N THR T 15 4.56 -23.05 -9.71
CA THR T 15 5.30 -21.83 -9.43
C THR T 15 5.30 -21.44 -7.96
N TRP T 16 4.13 -21.54 -7.31
CA TRP T 16 4.03 -21.18 -5.92
C TRP T 16 4.69 -22.16 -4.99
N ARG T 17 4.83 -23.39 -5.46
CA ARG T 17 5.46 -24.46 -4.71
C ARG T 17 6.96 -24.20 -4.80
N PHE T 18 7.37 -23.79 -5.99
CA PHE T 18 8.75 -23.46 -6.28
C PHE T 18 9.14 -22.32 -5.32
N LEU T 19 8.28 -21.31 -5.16
CA LEU T 19 8.53 -20.21 -4.24
C LEU T 19 8.55 -20.65 -2.78
N THR T 20 7.71 -21.63 -2.44
CA THR T 20 7.63 -22.12 -1.05
C THR T 20 8.96 -22.75 -0.63
N PHE T 21 9.43 -23.68 -1.45
CA PHE T 21 10.66 -24.41 -1.18
C PHE T 21 11.95 -23.70 -1.57
N GLY T 22 11.89 -22.87 -2.59
CA GLY T 22 13.07 -22.17 -3.07
C GLY T 22 13.32 -20.79 -2.50
N LEU T 23 12.29 -20.17 -1.90
CA LEU T 23 12.43 -18.83 -1.32
C LEU T 23 11.92 -18.73 0.12
N ALA T 24 10.64 -19.01 0.29
CA ALA T 24 10.00 -18.91 1.58
C ALA T 24 10.65 -19.72 2.70
N LEU T 25 10.68 -21.05 2.55
CA LEU T 25 11.26 -21.90 3.59
C LEU T 25 12.73 -21.62 3.82
N PRO T 26 13.53 -21.42 2.75
CA PRO T 26 14.95 -21.13 3.00
C PRO T 26 15.11 -19.85 3.85
N SER T 27 14.25 -18.85 3.60
CA SER T 27 14.28 -17.61 4.37
C SER T 27 13.98 -17.88 5.83
N VAL T 28 13.03 -18.76 6.08
CA VAL T 28 12.67 -19.10 7.43
C VAL T 28 13.82 -19.84 8.11
N ALA T 29 14.55 -20.63 7.32
CA ALA T 29 15.69 -21.39 7.85
C ALA T 29 16.85 -20.45 8.22
N LEU T 30 17.08 -19.43 7.40
CA LEU T 30 18.12 -18.43 7.67
C LEU T 30 17.82 -17.60 8.92
N CYS T 31 16.57 -17.16 9.06
CA CYS T 31 16.18 -16.38 10.22
C CYS T 31 16.14 -17.27 11.45
N THR T 32 15.98 -18.58 11.25
CA THR T 32 15.97 -19.53 12.37
C THR T 32 17.41 -19.73 12.82
N LEU T 33 18.33 -19.68 11.85
CA LEU T 33 19.77 -19.81 12.08
C LEU T 33 20.22 -18.57 12.86
N ASN T 34 19.99 -17.40 12.29
CA ASN T 34 20.34 -16.14 12.92
C ASN T 34 19.79 -16.00 14.35
N SER T 35 18.49 -16.25 14.52
CA SER T 35 17.86 -16.13 15.83
C SER T 35 18.40 -17.06 16.88
N TRP T 36 18.57 -18.32 16.53
CA TRP T 36 19.11 -19.29 17.47
C TRP T 36 20.63 -19.26 17.34
N LEU T 37 21.14 -18.04 17.49
CA LEU T 37 22.57 -17.70 17.41
C LEU T 37 22.75 -16.42 18.22
N HIS T 38 21.84 -15.47 18.04
CA HIS T 38 21.88 -14.19 18.74
C HIS T 38 21.07 -14.23 20.02
N SER T 39 20.54 -15.41 20.35
CA SER T 39 19.74 -15.59 21.57
C SER T 39 20.61 -15.41 22.82
N GLY T 40 20.65 -16.40 23.72
CA GLY T 40 21.45 -16.29 24.94
C GLY T 40 21.00 -15.21 25.92
N HIS T 41 20.62 -15.66 27.11
CA HIS T 41 20.14 -14.75 28.15
C HIS T 41 21.03 -13.52 28.42
N ARG T 42 20.42 -12.36 28.17
CA ARG T 42 21.15 -11.09 28.38
C ARG T 42 21.00 -10.72 29.86
N GLU T 43 22.15 -10.41 30.44
CA GLU T 43 22.24 -10.04 31.87
C GLU T 43 21.12 -9.08 32.24
N ARG T 44 20.22 -9.51 33.12
CA ARG T 44 19.09 -8.67 33.57
C ARG T 44 19.61 -7.36 34.17
N PRO T 45 18.94 -6.23 33.86
CA PRO T 45 19.35 -4.90 34.36
C PRO T 45 19.02 -4.68 35.82
N ALA T 46 19.80 -3.80 36.45
CA ALA T 46 19.62 -3.48 37.86
C ALA T 46 18.17 -2.99 38.10
N PHE T 47 17.58 -3.34 39.23
CA PHE T 47 16.23 -2.90 39.53
C PHE T 47 16.17 -1.47 40.10
N ILE T 48 15.25 -0.67 39.55
CA ILE T 48 14.99 0.71 39.98
C ILE T 48 13.48 0.73 40.05
N PRO T 49 12.93 1.08 41.23
CA PRO T 49 11.49 1.16 41.54
C PRO T 49 10.73 2.28 40.81
N TYR T 50 10.98 2.40 39.50
CA TYR T 50 10.34 3.42 38.65
C TYR T 50 8.83 3.38 38.83
N HIS T 51 8.22 4.54 39.04
CA HIS T 51 6.78 4.61 39.28
C HIS T 51 5.87 4.37 38.08
N HIS T 52 6.42 4.49 36.88
CA HIS T 52 5.65 4.24 35.66
C HIS T 52 5.70 2.76 35.21
N LEU T 53 6.44 1.92 35.94
CA LEU T 53 6.51 0.50 35.60
C LEU T 53 5.94 -0.34 36.74
N ARG T 54 5.75 -1.64 36.50
CA ARG T 54 5.21 -2.56 37.50
C ARG T 54 3.94 -1.99 38.16
N ILE T 55 3.04 -1.48 37.33
CA ILE T 55 1.79 -0.89 37.78
C ILE T 55 0.89 -1.88 38.53
N ARG T 56 0.25 -1.41 39.60
CA ARG T 56 -0.67 -2.22 40.40
C ARG T 56 -1.79 -1.30 40.92
N THR T 57 -2.87 -1.19 40.14
CA THR T 57 -4.03 -0.38 40.54
C THR T 57 -5.12 -1.32 41.08
N LYS T 58 -4.99 -2.60 40.76
CA LYS T 58 -5.91 -3.66 41.19
C LYS T 58 -5.15 -4.96 41.04
N PRO T 59 -5.25 -5.84 42.03
CA PRO T 59 -4.53 -7.10 41.89
C PRO T 59 -5.07 -7.97 40.77
N PHE T 60 -4.16 -8.69 40.12
CA PHE T 60 -4.53 -9.60 39.04
C PHE T 60 -5.43 -10.68 39.63
N SER T 61 -6.37 -11.14 38.80
CA SER T 61 -7.36 -12.14 39.18
C SER T 61 -6.80 -13.56 39.26
N TRP T 62 -5.50 -13.67 39.51
CA TRP T 62 -4.85 -14.97 39.58
C TRP T 62 -3.65 -14.95 40.53
N GLY T 63 -3.18 -16.12 40.92
CA GLY T 63 -2.04 -16.23 41.83
C GLY T 63 -2.25 -15.41 43.08
N ASP T 64 -1.21 -14.68 43.47
CA ASP T 64 -1.26 -13.81 44.66
C ASP T 64 -1.67 -12.39 44.29
N GLY T 65 -2.11 -12.24 43.03
CA GLY T 65 -2.54 -10.95 42.51
C GLY T 65 -1.42 -9.94 42.27
N ASN T 66 -0.17 -10.40 42.33
CA ASN T 66 0.97 -9.49 42.13
C ASN T 66 1.91 -9.96 41.02
N HIS T 67 1.60 -11.11 40.42
CA HIS T 67 2.44 -11.63 39.35
C HIS T 67 1.76 -11.50 38.00
N THR T 68 2.48 -10.95 37.02
CA THR T 68 1.91 -10.85 35.67
C THR T 68 1.68 -12.26 35.12
N PHE T 69 0.82 -12.38 34.12
CA PHE T 69 0.49 -13.68 33.57
C PHE T 69 1.62 -14.58 33.10
N PHE T 70 2.59 -14.01 32.40
CA PHE T 70 3.73 -14.76 31.89
C PHE T 70 4.98 -14.31 32.65
N HIS T 71 4.79 -14.13 33.95
CA HIS T 71 5.87 -13.70 34.84
C HIS T 71 7.07 -14.66 34.77
N ASN T 72 8.24 -14.05 34.51
CA ASN T 72 9.52 -14.74 34.41
C ASN T 72 10.41 -14.20 35.53
N PRO T 73 10.59 -14.97 36.64
CA PRO T 73 11.38 -14.60 37.82
C PRO T 73 12.77 -14.07 37.48
N ARG T 74 13.38 -14.68 36.47
CA ARG T 74 14.70 -14.32 35.97
C ARG T 74 14.78 -12.89 35.44
N VAL T 75 13.74 -12.41 34.76
CA VAL T 75 13.75 -11.05 34.20
C VAL T 75 12.65 -10.09 34.65
N ASN T 76 11.57 -10.59 35.23
CA ASN T 76 10.50 -9.69 35.66
C ASN T 76 10.47 -9.45 37.15
N PRO T 77 10.91 -8.28 37.59
CA PRO T 77 10.88 -8.01 39.02
C PRO T 77 9.47 -7.66 39.44
N LEU T 78 9.21 -7.80 40.73
CA LEU T 78 7.91 -7.46 41.26
C LEU T 78 8.01 -5.97 41.59
N PRO T 79 6.90 -5.34 42.05
CA PRO T 79 7.00 -3.91 42.37
C PRO T 79 8.12 -3.66 43.41
N THR T 80 8.39 -4.67 44.24
CA THR T 80 9.42 -4.58 45.27
C THR T 80 10.82 -5.05 44.86
N GLY T 81 10.97 -5.53 43.63
CA GLY T 81 12.28 -5.99 43.17
C GLY T 81 12.26 -7.43 42.74
N TYR T 82 13.38 -7.91 42.19
CA TYR T 82 13.47 -9.30 41.74
C TYR T 82 13.19 -10.30 42.85
N GLU T 83 12.75 -11.50 42.46
CA GLU T 83 12.46 -12.55 43.40
C GLU T 83 13.70 -13.34 43.80
N LYS T 84 13.57 -14.06 44.91
CA LYS T 84 14.62 -14.90 45.49
C LYS T 84 15.19 -15.91 44.48
N LYS U 7 19.68 40.62 39.41
CA LYS U 7 20.66 40.82 38.29
C LYS U 7 20.06 40.31 36.95
N ILE U 8 19.59 41.27 36.13
CA ILE U 8 18.95 41.03 34.82
C ILE U 8 17.58 40.33 35.02
N LYS U 9 17.16 40.27 36.29
CA LYS U 9 15.92 39.65 36.73
C LYS U 9 14.76 40.65 36.85
N ASN U 10 14.18 40.71 38.06
CA ASN U 10 13.03 41.56 38.43
C ASN U 10 11.71 41.01 37.85
N TYR U 11 11.71 39.68 37.84
CA TYR U 11 10.67 38.78 37.35
C TYR U 11 9.28 38.95 37.94
N GLN U 12 8.29 39.02 37.03
CA GLN U 12 6.88 39.10 37.42
C GLN U 12 6.32 37.68 37.35
N THR U 13 6.30 37.12 36.15
CA THR U 13 5.86 35.75 35.92
C THR U 13 6.55 35.19 34.67
N ALA U 14 6.44 33.87 34.46
CA ALA U 14 7.07 33.22 33.30
C ALA U 14 6.56 33.86 32.01
N PRO U 15 7.46 34.38 31.18
CA PRO U 15 7.01 34.99 29.93
C PRO U 15 6.64 33.98 28.85
N PHE U 16 5.85 34.44 27.88
CA PHE U 16 5.43 33.61 26.75
C PHE U 16 6.70 32.96 26.19
N ASP U 17 6.63 31.65 25.94
CA ASP U 17 7.77 30.93 25.38
C ASP U 17 7.30 30.38 24.01
N SER U 18 7.87 30.92 22.92
CA SER U 18 7.49 30.49 21.57
C SER U 18 7.57 28.98 21.33
N ARG U 19 8.31 28.26 22.18
CA ARG U 19 8.44 26.81 22.06
C ARG U 19 7.19 26.07 22.56
N PHE U 20 6.39 26.73 23.40
CA PHE U 20 5.16 26.15 23.96
C PHE U 20 4.08 27.23 23.86
N PRO U 21 3.58 27.46 22.64
CA PRO U 21 2.55 28.47 22.32
C PRO U 21 1.10 28.06 22.44
N ASN U 22 0.86 26.80 22.81
CA ASN U 22 -0.51 26.35 22.90
C ASN U 22 -1.05 26.14 24.29
N GLN U 23 -2.32 25.75 24.35
CA GLN U 23 -3.00 25.52 25.62
C GLN U 23 -2.40 24.45 26.52
N ASN U 24 -1.70 23.47 25.94
CA ASN U 24 -1.06 22.43 26.72
C ASN U 24 0.36 22.88 27.10
N GLN U 25 0.53 23.22 28.37
CA GLN U 25 1.79 23.73 28.94
C GLN U 25 2.55 22.70 29.76
N THR U 26 2.04 21.47 29.78
CA THR U 26 2.66 20.40 30.54
C THR U 26 4.16 20.34 30.31
N ARG U 27 4.55 20.43 29.04
CA ARG U 27 5.95 20.33 28.68
C ARG U 27 6.75 21.55 29.12
N ASN U 28 6.13 22.72 29.05
CA ASN U 28 6.79 23.97 29.44
C ASN U 28 7.27 23.86 30.91
N CYS U 29 6.37 23.43 31.79
CA CYS U 29 6.70 23.26 33.17
C CYS U 29 7.83 22.22 33.30
N TRP U 30 7.63 21.07 32.68
CA TRP U 30 8.57 19.96 32.68
C TRP U 30 9.96 20.36 32.21
N GLN U 31 10.00 21.00 31.07
CA GLN U 31 11.27 21.42 30.49
C GLN U 31 12.07 22.28 31.46
N ASN U 32 11.42 23.29 32.03
CA ASN U 32 12.05 24.22 32.95
C ASN U 32 12.50 23.58 34.26
N TYR U 33 11.76 22.56 34.68
CA TYR U 33 12.12 21.85 35.88
C TYR U 33 13.39 21.07 35.59
N LEU U 34 13.43 20.42 34.43
CA LEU U 34 14.58 19.66 33.98
C LEU U 34 15.79 20.57 33.86
N ASP U 35 15.63 21.61 33.07
CA ASP U 35 16.67 22.58 32.83
C ASP U 35 17.32 23.09 34.11
N PHE U 36 16.51 23.39 35.12
CA PHE U 36 17.05 23.88 36.37
C PHE U 36 17.92 22.84 37.07
N HIS U 37 17.42 21.62 37.20
CA HIS U 37 18.17 20.58 37.88
C HIS U 37 19.38 20.08 37.13
N ARG U 38 19.42 20.32 35.82
CA ARG U 38 20.53 19.93 34.97
C ARG U 38 21.62 20.94 35.19
N CYS U 39 21.21 22.21 35.14
CA CYS U 39 22.10 23.33 35.34
C CYS U 39 22.67 23.25 36.76
N GLU U 40 21.80 23.21 37.77
CA GLU U 40 22.23 23.14 39.16
C GLU U 40 23.26 22.02 39.36
N LYS U 41 23.14 20.93 38.58
CA LYS U 41 24.06 19.80 38.65
C LYS U 41 25.46 20.11 38.10
N ALA U 42 25.51 20.60 36.87
CA ALA U 42 26.78 20.95 36.24
C ALA U 42 27.57 22.02 37.02
N MET U 43 26.87 23.01 37.57
CA MET U 43 27.52 24.05 38.34
C MET U 43 28.03 23.50 39.67
N THR U 44 27.16 22.79 40.40
CA THR U 44 27.55 22.21 41.67
C THR U 44 28.67 21.19 41.42
N ALA U 45 28.81 20.79 40.15
CA ALA U 45 29.84 19.84 39.72
C ALA U 45 31.17 20.52 39.43
N LYS U 46 31.22 21.30 38.36
CA LYS U 46 32.43 22.02 37.93
C LYS U 46 32.87 23.21 38.79
N GLY U 47 32.44 23.27 40.05
CA GLY U 47 32.80 24.37 40.92
C GLY U 47 32.34 25.69 40.33
N GLY U 48 31.04 25.95 40.41
CA GLY U 48 30.47 27.18 39.89
C GLY U 48 29.33 27.63 40.77
N ASP U 49 28.64 28.69 40.37
CA ASP U 49 27.54 29.21 41.17
C ASP U 49 26.19 28.82 40.60
N VAL U 50 25.38 28.14 41.42
CA VAL U 50 24.04 27.69 41.03
C VAL U 50 23.12 28.89 40.74
N SER U 51 23.53 30.08 41.15
CA SER U 51 22.73 31.28 40.93
C SER U 51 22.44 31.53 39.45
N VAL U 52 23.24 30.94 38.55
CA VAL U 52 22.99 31.13 37.12
C VAL U 52 21.76 30.36 36.68
N CYS U 53 21.44 29.31 37.44
CA CYS U 53 20.29 28.47 37.15
C CYS U 53 18.98 29.04 37.67
N GLU U 54 19.07 30.18 38.36
CA GLU U 54 17.92 30.88 38.95
C GLU U 54 16.69 31.09 38.05
N TRP U 55 16.92 31.48 36.80
CA TRP U 55 15.81 31.71 35.89
C TRP U 55 14.83 30.52 35.82
N TYR U 56 15.38 29.36 35.47
CA TYR U 56 14.60 28.13 35.33
C TYR U 56 13.84 27.74 36.58
N ARG U 57 14.37 28.11 37.74
CA ARG U 57 13.70 27.78 39.00
C ARG U 57 12.47 28.68 39.14
N ARG U 58 12.63 29.95 38.78
CA ARG U 58 11.52 30.89 38.87
C ARG U 58 10.42 30.42 37.94
N VAL U 59 10.78 30.20 36.67
CA VAL U 59 9.81 29.73 35.66
C VAL U 59 9.10 28.41 36.08
N TYR U 60 9.83 27.35 36.37
CA TYR U 60 9.15 26.12 36.74
C TYR U 60 8.35 26.29 38.02
N LYS U 61 8.75 27.24 38.86
CA LYS U 61 8.03 27.51 40.11
C LYS U 61 6.66 28.08 39.82
N SER U 62 6.66 29.04 38.88
CA SER U 62 5.45 29.73 38.41
C SER U 62 4.45 28.79 37.77
N LEU U 63 4.95 28.02 36.80
CA LEU U 63 4.13 27.11 36.02
C LEU U 63 3.80 25.77 36.63
N CYS U 64 4.74 25.16 37.33
CA CYS U 64 4.46 23.84 37.87
C CYS U 64 3.60 23.71 39.11
N PRO U 65 2.62 22.79 39.06
CA PRO U 65 1.75 22.57 40.20
C PRO U 65 2.64 22.08 41.32
N ILE U 66 2.38 22.55 42.54
CA ILE U 66 3.18 22.16 43.70
C ILE U 66 3.36 20.64 43.82
N SER U 67 2.27 19.90 43.63
CA SER U 67 2.32 18.45 43.74
C SER U 67 3.21 17.77 42.71
N TRP U 68 3.37 18.37 41.53
CA TRP U 68 4.21 17.79 40.49
C TRP U 68 5.65 17.97 40.93
N VAL U 69 5.98 19.20 41.30
CA VAL U 69 7.33 19.51 41.76
C VAL U 69 7.68 18.65 42.97
N SER U 70 6.76 18.57 43.92
CA SER U 70 7.00 17.78 45.12
C SER U 70 7.28 16.34 44.78
N THR U 71 6.44 15.78 43.91
CA THR U 71 6.55 14.40 43.46
C THR U 71 7.87 14.15 42.73
N TRP U 72 8.24 15.09 41.86
CA TRP U 72 9.47 14.98 41.09
C TRP U 72 10.69 15.06 42.00
N ASP U 73 10.63 15.96 42.99
CA ASP U 73 11.71 16.14 43.94
C ASP U 73 11.91 14.84 44.74
N ASP U 74 10.79 14.27 45.24
CA ASP U 74 10.81 13.03 46.01
C ASP U 74 11.42 11.88 45.22
N ARG U 75 11.18 11.87 43.92
CA ARG U 75 11.70 10.83 43.06
C ARG U 75 13.17 10.98 42.69
N ARG U 76 13.63 12.21 42.55
CA ARG U 76 15.04 12.41 42.26
C ARG U 76 15.85 11.89 43.44
N ALA U 77 15.32 12.09 44.65
CA ALA U 77 15.93 11.65 45.90
C ALA U 77 15.91 10.13 46.00
N GLU U 78 14.76 9.54 45.63
CA GLU U 78 14.59 8.09 45.66
C GLU U 78 15.41 7.38 44.58
N GLY U 79 15.83 8.13 43.58
CA GLY U 79 16.61 7.55 42.49
C GLY U 79 15.72 7.07 41.35
N THR U 80 14.41 7.29 41.48
CA THR U 80 13.43 6.86 40.48
C THR U 80 12.91 7.94 39.55
N PHE U 81 13.63 9.05 39.45
CA PHE U 81 13.22 10.11 38.54
C PHE U 81 13.44 9.61 37.11
N PRO U 82 12.37 9.52 36.28
CA PRO U 82 12.48 9.06 34.89
C PRO U 82 13.25 9.95 33.94
N GLY U 83 13.23 11.26 34.21
CA GLY U 83 13.95 12.21 33.37
C GLY U 83 15.46 12.10 33.52
N LYS U 84 16.16 12.50 32.46
CA LYS U 84 17.62 12.47 32.39
C LYS U 84 18.19 13.78 32.96
N ILE U 85 18.92 13.70 34.06
CA ILE U 85 19.51 14.89 34.66
C ILE U 85 21.00 14.66 34.89
N THR V 2 -73.88 38.20 -20.53
CA THR V 2 -72.51 38.50 -20.98
C THR V 2 -71.58 37.28 -20.92
N ALA V 3 -70.66 37.22 -21.90
CA ALA V 3 -69.65 36.17 -22.00
C ALA V 3 -68.61 36.36 -20.89
N LEU V 4 -67.86 35.30 -20.59
CA LEU V 4 -66.82 35.35 -19.59
C LEU V 4 -65.51 35.41 -20.37
N ALA V 5 -64.58 36.26 -19.94
CA ALA V 5 -63.28 36.35 -20.62
C ALA V 5 -62.35 35.22 -20.14
N LYS V 6 -61.47 34.78 -21.03
CA LYS V 6 -60.54 33.69 -20.74
C LYS V 6 -59.56 33.97 -19.62
N PRO V 7 -59.58 33.21 -18.52
CA PRO V 7 -58.64 33.49 -17.44
C PRO V 7 -57.31 32.77 -17.68
N GLN V 8 -56.34 32.99 -16.80
CA GLN V 8 -55.05 32.28 -16.90
C GLN V 8 -55.27 30.88 -16.31
N MET V 9 -54.92 29.88 -17.10
CA MET V 9 -55.16 28.49 -16.72
C MET V 9 -53.93 27.65 -16.50
N ARG V 10 -52.78 28.17 -16.89
CA ARG V 10 -51.51 27.46 -16.76
C ARG V 10 -50.60 27.99 -15.66
N GLY V 11 -49.78 27.09 -15.11
CA GLY V 11 -48.83 27.44 -14.06
C GLY V 11 -49.37 28.20 -12.87
N LEU V 12 -50.54 27.83 -12.38
CA LEU V 12 -51.11 28.53 -11.25
C LEU V 12 -50.35 28.23 -9.98
N LEU V 13 -49.89 26.99 -9.83
CA LEU V 13 -49.16 26.60 -8.64
C LEU V 13 -47.80 27.33 -8.64
N ALA V 14 -47.11 27.30 -9.77
CA ALA V 14 -45.80 27.94 -9.87
C ALA V 14 -45.91 29.45 -9.70
N ARG V 15 -47.01 30.00 -10.22
CA ARG V 15 -47.23 31.43 -10.12
C ARG V 15 -47.35 31.79 -8.65
N ARG V 16 -48.09 30.98 -7.89
CA ARG V 16 -48.29 31.19 -6.45
C ARG V 16 -46.98 31.07 -5.67
N LEU V 17 -46.17 30.09 -6.06
CA LEU V 17 -44.89 29.86 -5.42
C LEU V 17 -44.01 31.09 -5.63
N ARG V 18 -43.87 31.54 -6.87
CA ARG V 18 -43.05 32.71 -7.15
C ARG V 18 -43.45 33.92 -6.30
N PHE V 19 -44.75 34.15 -6.20
CA PHE V 19 -45.25 35.26 -5.43
C PHE V 19 -44.86 35.20 -3.96
N HIS V 20 -45.09 34.06 -3.32
CA HIS V 20 -44.79 33.92 -1.90
C HIS V 20 -43.34 33.79 -1.55
N ILE V 21 -42.55 33.21 -2.44
CA ILE V 21 -41.13 33.07 -2.21
C ILE V 21 -40.52 34.47 -2.14
N VAL V 22 -40.97 35.35 -3.02
CA VAL V 22 -40.53 36.75 -3.08
C VAL V 22 -40.93 37.49 -1.80
N GLY V 23 -42.17 37.29 -1.36
CA GLY V 23 -42.64 37.95 -0.15
C GLY V 23 -41.79 37.53 1.02
N ALA V 24 -41.53 36.22 1.12
CA ALA V 24 -40.71 35.66 2.21
C ALA V 24 -39.32 36.30 2.26
N PHE V 25 -38.75 36.55 1.09
CA PHE V 25 -37.44 37.17 0.99
C PHE V 25 -37.52 38.60 1.55
N MET V 26 -38.54 39.35 1.13
CA MET V 26 -38.74 40.73 1.61
C MET V 26 -38.84 40.73 3.13
N VAL V 27 -39.63 39.81 3.69
CA VAL V 27 -39.80 39.70 5.13
C VAL V 27 -38.48 39.40 5.83
N SER V 28 -37.67 38.55 5.21
CA SER V 28 -36.37 38.18 5.75
C SER V 28 -35.53 39.43 5.90
N LEU V 29 -35.55 40.25 4.86
CA LEU V 29 -34.83 41.52 4.81
C LEU V 29 -35.30 42.49 5.89
N GLY V 30 -36.63 42.60 6.00
CA GLY V 30 -37.23 43.47 6.99
C GLY V 30 -36.85 43.02 8.37
N PHE V 31 -36.87 41.70 8.57
CA PHE V 31 -36.51 41.12 9.86
C PHE V 31 -35.02 41.33 10.16
N ALA V 32 -34.16 41.19 9.15
CA ALA V 32 -32.73 41.39 9.35
C ALA V 32 -32.52 42.81 9.85
N THR V 33 -33.08 43.78 9.13
CA THR V 33 -33.01 45.21 9.48
C THR V 33 -33.47 45.47 10.92
N PHE V 34 -34.62 44.90 11.29
CA PHE V 34 -35.17 45.03 12.64
C PHE V 34 -34.25 44.43 13.71
N TYR V 35 -33.82 43.19 13.51
CA TYR V 35 -32.94 42.52 14.48
C TYR V 35 -31.65 43.30 14.70
N LYS V 36 -30.99 43.73 13.61
CA LYS V 36 -29.75 44.49 13.70
C LYS V 36 -29.99 45.94 14.14
N PHE V 37 -30.94 46.11 15.04
CA PHE V 37 -31.31 47.41 15.58
C PHE V 37 -31.91 47.17 16.95
N ALA V 38 -32.88 46.26 17.02
CA ALA V 38 -33.55 45.93 18.28
C ALA V 38 -32.75 44.96 19.16
N VAL V 39 -31.70 44.37 18.58
CA VAL V 39 -30.86 43.43 19.31
C VAL V 39 -29.37 43.70 19.12
N ALA V 40 -28.90 43.62 17.87
CA ALA V 40 -27.50 43.84 17.57
C ALA V 40 -27.03 45.22 18.00
N GLU V 41 -27.57 46.27 17.36
CA GLU V 41 -27.20 47.64 17.69
C GLU V 41 -27.43 48.00 19.15
N LYS V 42 -28.58 47.62 19.68
CA LYS V 42 -28.94 47.86 21.08
C LYS V 42 -27.81 47.35 22.00
N ARG V 43 -27.42 46.10 21.79
CA ARG V 43 -26.35 45.45 22.55
C ARG V 43 -24.99 46.18 22.45
N LYS V 44 -24.61 46.57 21.24
CA LYS V 44 -23.33 47.26 21.02
C LYS V 44 -23.33 48.63 21.70
N LYS V 45 -24.48 49.30 21.65
CA LYS V 45 -24.63 50.63 22.25
C LYS V 45 -24.60 50.51 23.76
N ALA V 46 -25.33 49.55 24.30
CA ALA V 46 -25.38 49.35 25.76
C ALA V 46 -23.97 49.22 26.36
N TYR V 47 -23.14 48.41 25.72
CA TYR V 47 -21.79 48.17 26.18
C TYR V 47 -20.91 49.38 25.98
N ALA V 48 -21.05 50.02 24.82
CA ALA V 48 -20.27 51.20 24.50
C ALA V 48 -20.63 52.32 25.48
N ASP V 49 -21.93 52.49 25.73
CA ASP V 49 -22.41 53.51 26.65
C ASP V 49 -21.97 53.26 28.06
N PHE V 50 -22.02 52.01 28.47
CA PHE V 50 -21.60 51.66 29.82
C PHE V 50 -20.12 51.97 30.08
N TYR V 51 -19.24 51.44 29.23
CA TYR V 51 -17.81 51.64 29.38
C TYR V 51 -17.23 52.99 28.93
N ARG V 52 -18.07 53.85 28.35
CA ARG V 52 -17.62 55.16 27.86
C ARG V 52 -17.01 56.02 28.96
N ASN V 53 -17.76 56.19 30.04
CA ASN V 53 -17.32 56.99 31.17
C ASN V 53 -17.27 56.13 32.42
N TYR V 54 -16.91 54.87 32.23
CA TYR V 54 -16.82 53.95 33.34
C TYR V 54 -15.54 54.20 34.14
N ASP V 55 -15.70 54.26 35.45
CA ASP V 55 -14.62 54.49 36.40
C ASP V 55 -14.57 53.22 37.26
N SER V 56 -13.61 52.34 36.99
CA SER V 56 -13.50 51.08 37.72
C SER V 56 -13.14 51.23 39.20
N MET V 57 -12.30 52.22 39.52
CA MET V 57 -11.92 52.45 40.91
C MET V 57 -13.15 52.89 41.70
N LYS V 58 -13.95 53.78 41.10
CA LYS V 58 -15.15 54.26 41.76
C LYS V 58 -16.12 53.10 41.96
N ASP V 59 -16.23 52.25 40.94
CA ASP V 59 -17.11 51.08 41.01
C ASP V 59 -16.65 50.18 42.14
N PHE V 60 -15.34 49.89 42.16
CA PHE V 60 -14.74 49.07 43.19
C PHE V 60 -14.97 49.65 44.58
N GLU V 61 -14.73 50.95 44.72
CA GLU V 61 -14.89 51.62 46.00
C GLU V 61 -16.31 51.46 46.54
N GLU V 62 -17.30 51.61 45.66
CA GLU V 62 -18.71 51.45 46.03
C GLU V 62 -18.99 50.05 46.51
N MET V 63 -18.37 49.06 45.83
CA MET V 63 -18.54 47.65 46.20
C MET V 63 -17.89 47.35 47.55
N ARG V 64 -16.73 47.95 47.80
CA ARG V 64 -16.00 47.77 49.06
C ARG V 64 -16.80 48.36 50.21
N LYS V 65 -17.30 49.58 50.02
CA LYS V 65 -18.11 50.27 51.03
C LYS V 65 -19.34 49.44 51.36
N ALA V 66 -19.88 48.72 50.38
CA ALA V 66 -21.06 47.88 50.63
C ALA V 66 -20.68 46.60 51.36
N GLY V 67 -19.37 46.31 51.42
CA GLY V 67 -18.88 45.13 52.11
C GLY V 67 -19.00 43.76 51.43
N ILE V 68 -18.92 43.70 50.10
CA ILE V 68 -19.02 42.40 49.40
C ILE V 68 -17.70 41.64 49.35
N PHE V 69 -16.59 42.37 49.44
CA PHE V 69 -15.26 41.79 49.38
C PHE V 69 -14.68 41.13 50.63
N GLN V 70 -13.86 40.12 50.38
CA GLN V 70 -13.19 39.33 51.40
C GLN V 70 -11.76 39.89 51.63
N SER V 71 -11.16 40.46 50.58
CA SER V 71 -9.80 41.00 50.67
C SER V 71 -9.71 42.53 50.82
N ALA V 72 -10.85 43.19 50.69
CA ALA V 72 -10.90 44.64 50.80
C ALA V 72 -12.10 45.05 51.63
N LYS V 73 -11.83 45.43 52.87
CA LYS V 73 -12.88 45.85 53.78
C LYS V 73 -13.09 47.38 53.82
N PHE W 1 -7.59 -42.23 2.29
CA PHE W 1 -9.04 -41.93 2.45
C PHE W 1 -9.85 -42.04 1.15
N GLU W 2 -11.17 -42.26 1.31
CA GLU W 2 -12.10 -42.34 0.18
C GLU W 2 -13.20 -41.30 0.27
N ASN W 3 -13.70 -40.86 -0.88
CA ASN W 3 -14.74 -39.84 -0.95
C ASN W 3 -16.12 -40.38 -0.56
N ARG W 4 -16.63 -39.99 0.62
CA ARG W 4 -17.95 -40.46 1.08
C ARG W 4 -18.97 -39.32 1.14
N VAL W 5 -18.78 -38.28 0.33
CA VAL W 5 -19.69 -37.14 0.33
C VAL W 5 -21.09 -37.55 -0.12
N ALA W 6 -21.15 -38.37 -1.16
CA ALA W 6 -22.41 -38.88 -1.73
C ALA W 6 -23.30 -39.51 -0.66
N GLU W 7 -22.70 -40.27 0.23
CA GLU W 7 -23.44 -40.90 1.33
C GLU W 7 -24.04 -39.84 2.22
N LYS W 8 -23.21 -38.86 2.60
CA LYS W 8 -23.62 -37.75 3.46
C LYS W 8 -24.71 -36.87 2.78
N GLN W 9 -24.62 -36.73 1.46
CA GLN W 9 -25.58 -35.96 0.70
C GLN W 9 -26.94 -36.65 0.77
N LYS W 10 -26.91 -37.97 0.63
CA LYS W 10 -28.10 -38.79 0.67
C LYS W 10 -28.78 -38.69 2.04
N LEU W 11 -27.97 -38.81 3.08
CA LEU W 11 -28.43 -38.73 4.47
C LEU W 11 -29.07 -37.38 4.80
N PHE W 12 -28.42 -36.31 4.35
CA PHE W 12 -28.91 -34.97 4.63
C PHE W 12 -30.02 -34.44 3.75
N GLN W 13 -30.28 -35.15 2.65
CA GLN W 13 -31.35 -34.80 1.73
C GLN W 13 -32.57 -35.67 1.95
N GLU W 14 -32.37 -36.71 2.76
CA GLU W 14 -33.42 -37.67 3.10
C GLU W 14 -34.63 -36.88 3.58
N ASP W 15 -35.77 -37.02 2.91
CA ASP W 15 -36.94 -36.27 3.34
C ASP W 15 -37.67 -36.79 4.57
N ASN W 16 -37.17 -36.41 5.74
CA ASN W 16 -37.78 -36.80 7.01
C ASN W 16 -38.30 -35.59 7.80
N GLY W 17 -38.33 -34.42 7.15
CA GLY W 17 -38.80 -33.20 7.80
C GLY W 17 -37.99 -32.69 8.99
N LEU W 18 -36.79 -33.26 9.19
CA LEU W 18 -35.92 -32.84 10.28
C LEU W 18 -35.09 -31.62 9.90
N PRO W 19 -34.98 -30.66 10.83
CA PRO W 19 -34.21 -29.43 10.63
C PRO W 19 -32.73 -29.84 10.57
N VAL W 20 -31.95 -29.21 9.70
CA VAL W 20 -30.53 -29.53 9.52
C VAL W 20 -29.72 -29.75 10.79
N HIS W 21 -30.06 -29.09 11.89
CA HIS W 21 -29.30 -29.30 13.10
C HIS W 21 -29.57 -30.61 13.83
N LEU W 22 -30.50 -31.41 13.32
CA LEU W 22 -30.80 -32.70 13.96
C LEU W 22 -30.86 -33.82 12.92
N LYS W 23 -30.69 -33.45 11.65
CA LYS W 23 -30.76 -34.38 10.52
C LYS W 23 -29.64 -35.38 10.43
N GLY W 24 -28.66 -35.24 11.30
CA GLY W 24 -27.53 -36.16 11.28
C GLY W 24 -27.78 -37.37 12.17
N GLY W 25 -28.85 -37.34 12.93
CA GLY W 25 -29.12 -38.45 13.80
C GLY W 25 -29.20 -38.08 15.27
N ALA W 26 -29.32 -39.12 16.09
CA ALA W 26 -29.47 -39.02 17.55
C ALA W 26 -28.40 -38.25 18.29
N THR W 27 -27.21 -38.23 17.73
CA THR W 27 -26.10 -37.51 18.33
C THR W 27 -26.42 -36.01 18.37
N ASP W 28 -26.94 -35.50 17.24
CA ASP W 28 -27.31 -34.09 17.11
C ASP W 28 -28.22 -33.74 18.26
N ASN W 29 -29.18 -34.62 18.52
CA ASN W 29 -30.15 -34.42 19.60
C ASN W 29 -29.47 -34.24 20.93
N ILE W 30 -28.52 -35.14 21.19
CA ILE W 30 -27.77 -35.14 22.44
C ILE W 30 -26.99 -33.83 22.62
N LEU W 31 -26.10 -33.57 21.68
CA LEU W 31 -25.25 -32.37 21.68
C LEU W 31 -26.10 -31.12 21.88
N TYR W 32 -27.24 -31.07 21.19
CA TYR W 32 -28.18 -29.96 21.30
C TYR W 32 -28.69 -29.80 22.74
N ARG W 33 -29.15 -30.91 23.31
CA ARG W 33 -29.67 -30.90 24.68
C ARG W 33 -28.60 -30.53 25.70
N VAL W 34 -27.35 -30.91 25.42
CA VAL W 34 -26.22 -30.57 26.29
C VAL W 34 -25.98 -29.08 26.21
N THR W 35 -25.87 -28.57 24.98
CA THR W 35 -25.64 -27.15 24.71
C THR W 35 -26.73 -26.30 25.34
N MET W 36 -27.97 -26.65 25.03
CA MET W 36 -29.11 -25.92 25.55
C MET W 36 -29.22 -25.94 27.07
N THR W 37 -28.86 -27.07 27.67
CA THR W 37 -28.91 -27.19 29.13
C THR W 37 -27.86 -26.29 29.77
N LEU W 38 -26.65 -26.31 29.21
CA LEU W 38 -25.58 -25.48 29.74
C LEU W 38 -25.94 -24.00 29.62
N CYS W 39 -26.46 -23.61 28.45
CA CYS W 39 -26.86 -22.22 28.23
C CYS W 39 -27.94 -21.76 29.19
N LEU W 40 -29.02 -22.53 29.28
CA LEU W 40 -30.12 -22.19 30.16
C LEU W 40 -29.75 -22.29 31.63
N GLY W 41 -28.96 -23.31 31.97
CA GLY W 41 -28.53 -23.49 33.34
C GLY W 41 -27.59 -22.36 33.76
N GLY W 42 -26.57 -22.12 32.93
CA GLY W 42 -25.61 -21.08 33.19
C GLY W 42 -26.26 -19.71 33.28
N THR W 43 -27.32 -19.53 32.51
CA THR W 43 -28.02 -18.26 32.52
C THR W 43 -28.72 -18.09 33.83
N LEU W 44 -29.33 -19.18 34.31
CA LEU W 44 -30.02 -19.15 35.60
C LEU W 44 -28.96 -18.88 36.66
N TYR W 45 -27.81 -19.54 36.52
CA TYR W 45 -26.74 -19.37 37.46
C TYR W 45 -26.33 -17.93 37.45
N SER W 46 -26.25 -17.34 36.26
CA SER W 46 -25.83 -15.94 36.15
C SER W 46 -26.81 -14.97 36.83
N LEU W 47 -28.10 -15.27 36.76
CA LEU W 47 -29.11 -14.43 37.40
C LEU W 47 -28.93 -14.48 38.91
N TYR W 48 -28.59 -15.67 39.40
CA TYR W 48 -28.36 -15.85 40.82
C TYR W 48 -27.14 -15.01 41.26
N CYS W 49 -26.06 -15.06 40.47
CA CYS W 49 -24.84 -14.31 40.76
C CYS W 49 -25.10 -12.81 40.81
N LEU W 50 -25.99 -12.33 39.93
CA LEU W 50 -26.38 -10.92 39.87
C LEU W 50 -27.11 -10.57 41.17
N GLY W 51 -28.05 -11.43 41.55
CA GLY W 51 -28.82 -11.21 42.76
C GLY W 51 -27.90 -11.13 43.96
N TRP W 52 -26.89 -11.99 43.96
CA TRP W 52 -25.93 -12.01 45.05
C TRP W 52 -25.13 -10.71 45.13
N ALA W 53 -24.56 -10.31 44.00
CA ALA W 53 -23.75 -9.11 43.93
C ALA W 53 -24.52 -7.80 44.11
N SER W 54 -25.84 -7.89 43.96
CA SER W 54 -26.71 -6.72 44.09
C SER W 54 -26.81 -6.21 45.51
N PHE W 55 -26.56 -7.10 46.47
CA PHE W 55 -26.64 -6.71 47.86
C PHE W 55 -25.29 -6.68 48.53
N PRO W 56 -25.10 -5.70 49.43
CA PRO W 56 -23.86 -5.51 50.17
C PRO W 56 -23.71 -6.61 51.22
N HIS W 57 -22.48 -7.10 51.33
CA HIS W 57 -22.14 -8.11 52.32
C HIS W 57 -21.22 -7.41 53.33
N LYS W 58 -21.55 -6.12 53.53
CA LYS W 58 -20.90 -5.13 54.42
C LYS W 58 -19.38 -5.24 54.65
N ALA X 6 -75.28 11.43 7.30
CA ALA X 6 -75.44 10.94 8.69
C ALA X 6 -74.29 11.39 9.62
N PRO X 7 -74.59 12.25 10.63
CA PRO X 7 -73.61 12.77 11.61
C PRO X 7 -72.77 11.79 12.44
N ASP X 8 -71.46 12.01 12.40
CA ASP X 8 -70.46 11.20 13.09
C ASP X 8 -70.23 11.66 14.52
N PHE X 9 -69.23 11.07 15.15
CA PHE X 9 -68.86 11.40 16.52
C PHE X 9 -68.52 12.89 16.67
N HIS X 10 -67.77 13.43 15.71
CA HIS X 10 -67.33 14.82 15.76
C HIS X 10 -68.49 15.81 15.66
N ASP X 11 -69.49 15.47 14.85
CA ASP X 11 -70.66 16.32 14.69
C ASP X 11 -71.48 16.32 15.98
N LYS X 12 -71.70 15.13 16.54
CA LYS X 12 -72.47 14.99 17.78
C LYS X 12 -71.74 15.53 19.00
N TYR X 13 -70.48 15.16 19.18
CA TYR X 13 -69.73 15.55 20.37
C TYR X 13 -68.57 16.53 20.23
N GLY X 14 -68.12 16.79 19.01
CA GLY X 14 -66.99 17.71 18.83
C GLY X 14 -67.00 18.97 19.68
N ASN X 15 -68.07 19.74 19.57
CA ASN X 15 -68.21 20.99 20.34
C ASN X 15 -68.07 20.80 21.83
N ALA X 16 -68.68 19.73 22.35
CA ALA X 16 -68.63 19.42 23.78
C ALA X 16 -67.20 19.11 24.20
N VAL X 17 -66.58 18.16 23.51
CA VAL X 17 -65.20 17.74 23.79
C VAL X 17 -64.27 18.95 23.79
N LEU X 18 -64.39 19.79 22.76
CA LEU X 18 -63.55 20.97 22.66
C LEU X 18 -63.75 21.93 23.85
N ALA X 19 -65.01 22.24 24.13
CA ALA X 19 -65.34 23.17 25.20
C ALA X 19 -64.92 22.72 26.60
N SER X 20 -65.42 21.57 27.02
CA SER X 20 -65.08 21.10 28.34
C SER X 20 -63.62 20.68 28.48
N GLY X 21 -63.00 20.29 27.38
CA GLY X 21 -61.61 19.91 27.42
C GLY X 21 -60.77 21.16 27.71
N ALA X 22 -61.07 22.23 26.98
CA ALA X 22 -60.35 23.48 27.12
C ALA X 22 -60.54 24.07 28.49
N THR X 23 -61.76 23.96 29.00
CA THR X 23 -62.11 24.50 30.32
C THR X 23 -61.39 23.75 31.43
N PHE X 24 -61.43 22.42 31.38
CA PHE X 24 -60.76 21.58 32.37
C PHE X 24 -59.25 21.89 32.40
N CYS X 25 -58.63 21.84 31.23
CA CYS X 25 -57.19 22.10 31.10
C CYS X 25 -56.81 23.40 31.81
N VAL X 26 -57.44 24.50 31.41
CA VAL X 26 -57.18 25.83 31.97
C VAL X 26 -57.41 25.89 33.46
N ALA X 27 -58.52 25.32 33.89
CA ALA X 27 -58.87 25.32 35.29
C ALA X 27 -57.83 24.62 36.14
N VAL X 28 -57.51 23.39 35.76
CA VAL X 28 -56.56 22.61 36.53
C VAL X 28 -55.12 23.11 36.47
N TRP X 29 -54.71 23.71 35.35
CA TRP X 29 -53.36 24.24 35.25
C TRP X 29 -53.21 25.51 36.07
N VAL X 30 -54.23 26.35 36.04
CA VAL X 30 -54.20 27.58 36.82
C VAL X 30 -54.18 27.23 38.32
N TYR X 31 -54.96 26.23 38.68
CA TYR X 31 -55.01 25.79 40.07
C TYR X 31 -53.62 25.36 40.51
N MET X 32 -52.99 24.51 39.71
CA MET X 32 -51.67 23.99 40.02
C MET X 32 -50.59 25.08 40.09
N ALA X 33 -50.63 26.02 39.15
CA ALA X 33 -49.61 27.06 39.12
C ALA X 33 -49.68 28.06 40.25
N THR X 34 -50.87 28.30 40.79
CA THR X 34 -51.02 29.30 41.85
C THR X 34 -51.55 28.88 43.22
N GLN X 35 -52.03 27.65 43.36
CA GLN X 35 -52.59 27.23 44.64
C GLN X 35 -51.91 26.10 45.42
N ILE X 36 -50.78 25.57 44.93
CA ILE X 36 -50.14 24.49 45.68
C ILE X 36 -48.76 24.74 46.27
N GLY X 37 -48.32 26.00 46.21
CA GLY X 37 -47.02 26.34 46.79
C GLY X 37 -45.82 26.03 45.94
N ILE X 38 -45.97 26.12 44.63
CA ILE X 38 -44.86 25.88 43.74
C ILE X 38 -44.03 27.15 43.70
N GLU X 39 -42.70 27.02 43.82
CA GLU X 39 -41.85 28.20 43.74
C GLU X 39 -41.37 28.42 42.33
N TRP X 40 -41.85 29.47 41.70
CA TRP X 40 -41.50 29.80 40.32
C TRP X 40 -40.20 30.59 40.24
N ASN X 41 -39.90 31.33 41.31
CA ASN X 41 -38.72 32.18 41.36
C ASN X 41 -38.64 33.20 40.23
N PRO X 42 -39.62 34.11 40.19
CA PRO X 42 -39.64 35.13 39.15
C PRO X 42 -38.55 36.17 39.41
N SER X 43 -38.32 37.06 38.44
CA SER X 43 -37.29 38.08 38.62
C SER X 43 -37.67 39.08 39.71
N PRO X 44 -36.68 39.45 40.54
CA PRO X 44 -36.93 40.42 41.62
C PRO X 44 -37.15 41.82 41.02
N VAL X 45 -36.67 42.03 39.80
CA VAL X 45 -36.81 43.31 39.14
C VAL X 45 -38.24 43.76 39.14
N GLY X 46 -38.46 44.91 39.78
CA GLY X 46 -39.79 45.48 39.87
C GLY X 46 -40.69 44.89 40.93
N ARG X 47 -40.33 43.76 41.55
CA ARG X 47 -41.18 43.18 42.57
C ARG X 47 -40.60 43.13 43.98
N VAL X 48 -39.29 42.90 44.10
CA VAL X 48 -38.67 42.84 45.43
C VAL X 48 -38.05 44.15 45.87
N THR X 49 -38.23 44.44 47.15
CA THR X 49 -37.67 45.63 47.76
C THR X 49 -36.40 45.15 48.44
N PRO X 50 -35.22 45.53 47.93
CA PRO X 50 -33.92 45.14 48.49
C PRO X 50 -33.84 45.50 49.98
N LYS X 51 -33.40 44.53 50.77
CA LYS X 51 -33.27 44.67 52.21
C LYS X 51 -31.82 44.50 52.67
N GLU X 52 -31.41 45.32 53.64
CA GLU X 52 -30.05 45.29 54.21
C GLU X 52 -29.65 43.86 54.56
N TRP X 53 -28.45 43.46 54.15
CA TRP X 53 -27.97 42.09 54.40
C TRP X 53 -26.70 42.03 55.22
N ARG X 54 -25.85 43.05 55.05
CA ARG X 54 -24.54 43.17 55.74
C ARG X 54 -24.63 43.37 57.27
N HIS Y 2 -45.86 -26.03 9.37
CA HIS Y 2 -45.88 -24.58 9.04
C HIS Y 2 -46.68 -23.73 10.06
N TYR Y 3 -46.45 -22.42 10.07
CA TYR Y 3 -47.10 -21.50 11.02
C TYR Y 3 -48.39 -20.83 10.54
N GLU Y 4 -49.09 -20.29 11.53
CA GLU Y 4 -50.34 -19.57 11.35
C GLU Y 4 -50.02 -18.23 10.69
N GLU Y 5 -50.88 -17.81 9.76
CA GLU Y 5 -50.65 -16.55 9.06
C GLU Y 5 -51.88 -15.66 9.08
N GLY Y 6 -51.65 -14.36 8.93
CA GLY Y 6 -52.72 -13.38 8.91
C GLY Y 6 -52.82 -12.51 10.16
N PRO Y 7 -53.75 -11.56 10.17
CA PRO Y 7 -53.94 -10.65 11.32
C PRO Y 7 -54.05 -11.39 12.63
N GLY Y 8 -53.31 -10.92 13.62
CA GLY Y 8 -53.34 -11.53 14.94
C GLY Y 8 -52.66 -12.89 15.10
N LYS Y 9 -51.98 -13.35 14.04
CA LYS Y 9 -51.28 -14.64 14.05
C LYS Y 9 -49.78 -14.53 13.81
N ASN Y 10 -49.31 -13.38 13.33
CA ASN Y 10 -47.88 -13.21 13.06
C ASN Y 10 -47.20 -12.51 14.25
N ILE Y 11 -47.74 -12.74 15.44
CA ILE Y 11 -47.22 -12.14 16.67
C ILE Y 11 -46.99 -13.19 17.77
N PRO Y 12 -46.07 -12.90 18.70
CA PRO Y 12 -45.74 -13.80 19.80
C PRO Y 12 -46.73 -13.77 20.97
N PHE Y 13 -47.67 -12.84 20.95
CA PHE Y 13 -48.66 -12.78 22.01
C PHE Y 13 -50.02 -12.98 21.35
N SER Y 14 -51.01 -13.36 22.15
CA SER Y 14 -52.35 -13.57 21.63
C SER Y 14 -53.23 -12.32 21.73
N VAL Y 15 -54.06 -12.12 20.71
CA VAL Y 15 -55.01 -11.00 20.68
C VAL Y 15 -56.45 -11.53 20.56
N GLU Y 16 -56.62 -12.77 20.99
CA GLU Y 16 -57.89 -13.49 20.96
C GLU Y 16 -58.91 -12.79 21.86
N ASN Y 17 -58.45 -12.47 23.07
CA ASN Y 17 -59.30 -11.79 24.05
C ASN Y 17 -58.69 -10.42 24.38
N LYS Y 18 -59.42 -9.35 24.06
CA LYS Y 18 -58.94 -7.99 24.29
C LYS Y 18 -58.60 -7.67 25.73
N TRP Y 19 -59.23 -8.39 26.66
CA TRP Y 19 -58.98 -8.16 28.09
C TRP Y 19 -57.75 -8.90 28.57
N ARG Y 20 -57.58 -10.12 28.07
CA ARG Y 20 -56.41 -10.94 28.39
C ARG Y 20 -55.25 -10.12 27.82
N LEU Y 21 -55.43 -9.64 26.60
CA LEU Y 21 -54.42 -8.81 25.94
C LEU Y 21 -54.09 -7.53 26.73
N LEU Y 22 -55.11 -6.85 27.22
CA LEU Y 22 -54.88 -5.63 27.99
C LEU Y 22 -53.95 -5.95 29.15
N ALA Y 23 -54.22 -7.08 29.78
CA ALA Y 23 -53.44 -7.59 30.92
C ALA Y 23 -51.98 -7.81 30.52
N MET Y 24 -51.77 -8.46 29.38
CA MET Y 24 -50.43 -8.74 28.83
C MET Y 24 -49.66 -7.45 28.67
N MET Y 25 -50.26 -6.56 27.89
CA MET Y 25 -49.70 -5.27 27.58
C MET Y 25 -49.39 -4.43 28.81
N THR Y 26 -50.30 -4.50 29.78
CA THR Y 26 -50.12 -3.77 31.00
C THR Y 26 -48.91 -4.29 31.78
N LEU Y 27 -48.70 -5.60 31.76
CA LEU Y 27 -47.53 -6.21 32.41
C LEU Y 27 -46.30 -5.87 31.61
N PHE Y 28 -46.41 -6.04 30.30
CA PHE Y 28 -45.31 -5.78 29.41
C PHE Y 28 -44.76 -4.38 29.60
N PHE Y 29 -45.53 -3.37 29.23
CA PHE Y 29 -45.10 -1.99 29.34
C PHE Y 29 -45.00 -1.52 30.77
N GLY Y 30 -45.88 -2.01 31.63
CA GLY Y 30 -45.85 -1.63 33.02
C GLY Y 30 -44.54 -2.06 33.67
N SER Y 31 -44.09 -3.27 33.35
CA SER Y 31 -42.85 -3.78 33.92
C SER Y 31 -41.68 -2.92 33.49
N GLY Y 32 -41.63 -2.56 32.20
CA GLY Y 32 -40.55 -1.73 31.72
C GLY Y 32 -40.48 -0.37 32.38
N PHE Y 33 -41.64 0.25 32.49
CA PHE Y 33 -41.73 1.56 33.09
C PHE Y 33 -41.36 1.57 34.58
N ALA Y 34 -41.79 0.55 35.32
CA ALA Y 34 -41.57 0.43 36.76
C ALA Y 34 -40.13 0.13 37.19
N ALA Y 35 -39.45 -0.68 36.39
CA ALA Y 35 -38.08 -1.10 36.66
C ALA Y 35 -37.13 -0.03 37.24
N PRO Y 36 -36.95 1.10 36.55
CA PRO Y 36 -36.05 2.14 37.09
C PRO Y 36 -36.41 2.57 38.51
N PHE Y 37 -37.69 2.75 38.77
CA PHE Y 37 -38.15 3.18 40.08
C PHE Y 37 -37.74 2.25 41.20
N PHE Y 38 -37.84 0.96 40.94
CA PHE Y 38 -37.49 -0.02 41.94
C PHE Y 38 -35.99 -0.20 42.13
N ILE Y 39 -35.23 0.06 41.07
CA ILE Y 39 -33.79 -0.04 41.14
C ILE Y 39 -33.31 1.13 41.99
N VAL Y 40 -33.97 2.27 41.83
CA VAL Y 40 -33.66 3.46 42.60
C VAL Y 40 -33.93 3.14 44.06
N ARG Y 41 -35.10 2.56 44.32
CA ARG Y 41 -35.46 2.20 45.68
C ARG Y 41 -34.40 1.26 46.21
N HIS Y 42 -34.01 0.30 45.37
CA HIS Y 42 -33.00 -0.69 45.73
C HIS Y 42 -31.70 0.00 46.16
N GLN Y 43 -31.23 0.95 45.35
CA GLN Y 43 -30.00 1.66 45.67
C GLN Y 43 -30.10 2.50 46.94
N LEU Y 44 -31.28 3.06 47.20
CA LEU Y 44 -31.46 3.87 48.40
C LEU Y 44 -31.55 3.01 49.64
N LEU Y 45 -31.99 1.77 49.47
CA LEU Y 45 -32.14 0.81 50.56
C LEU Y 45 -30.91 0.00 50.92
N LYS Y 46 -29.79 0.29 50.27
CA LYS Y 46 -28.54 -0.41 50.54
C LYS Y 46 -27.73 0.49 51.48
N LYS Y 47 -27.86 1.79 51.21
CA LYS Y 47 -27.23 2.87 51.97
C LYS Y 47 -27.52 4.20 51.25
N ILE Z 1 -56.07 4.53 3.00
CA ILE Z 1 -56.24 3.10 3.38
C ILE Z 1 -57.70 2.81 3.68
N THR Z 2 -58.18 1.64 3.26
CA THR Z 2 -59.57 1.23 3.54
C THR Z 2 -59.49 -0.01 4.44
N ALA Z 3 -60.47 -0.15 5.34
CA ALA Z 3 -60.48 -1.31 6.22
C ALA Z 3 -61.91 -1.72 6.48
N LYS Z 4 -62.05 -2.94 7.01
CA LYS Z 4 -63.34 -3.49 7.36
C LYS Z 4 -63.75 -2.97 8.71
N PRO Z 5 -65.04 -3.05 9.04
CA PRO Z 5 -65.55 -2.59 10.34
C PRO Z 5 -64.88 -3.47 11.38
N ALA Z 6 -64.72 -2.94 12.60
CA ALA Z 6 -64.10 -3.68 13.68
C ALA Z 6 -64.74 -5.04 13.87
N LYS Z 7 -63.92 -6.10 13.88
CA LYS Z 7 -64.46 -7.44 14.09
C LYS Z 7 -65.03 -7.56 15.50
N THR Z 8 -64.39 -6.90 16.47
CA THR Z 8 -64.83 -6.92 17.86
C THR Z 8 -64.79 -5.48 18.38
N PRO Z 9 -65.76 -4.66 17.96
CA PRO Z 9 -65.88 -3.24 18.32
C PRO Z 9 -65.64 -2.94 19.79
N THR Z 10 -64.89 -1.86 20.01
CA THR Z 10 -64.56 -1.44 21.36
C THR Z 10 -65.37 -0.20 21.67
N SER Z 11 -66.40 -0.41 22.45
CA SER Z 11 -67.31 0.66 22.87
C SER Z 11 -66.59 1.72 23.68
N PRO Z 12 -67.17 2.93 23.77
CA PRO Z 12 -66.56 4.00 24.56
C PRO Z 12 -66.32 3.55 26.01
N LYS Z 13 -67.25 2.75 26.55
CA LYS Z 13 -67.11 2.25 27.90
C LYS Z 13 -65.84 1.39 27.95
N GLU Z 14 -65.72 0.49 26.98
CA GLU Z 14 -64.56 -0.42 26.90
C GLU Z 14 -63.25 0.37 26.83
N GLN Z 15 -63.24 1.42 26.04
CA GLN Z 15 -62.05 2.26 25.87
C GLN Z 15 -61.65 2.98 27.15
N ALA Z 16 -62.66 3.36 27.94
CA ALA Z 16 -62.41 4.04 29.22
C ALA Z 16 -61.73 3.06 30.15
N ILE Z 17 -62.12 1.81 30.04
CA ILE Z 17 -61.53 0.78 30.87
C ILE Z 17 -60.06 0.54 30.48
N GLY Z 18 -59.79 0.37 29.18
CA GLY Z 18 -58.43 0.16 28.72
C GLY Z 18 -57.53 1.35 29.03
N LEU Z 19 -58.04 2.54 28.77
CA LEU Z 19 -57.29 3.74 29.03
C LEU Z 19 -56.94 3.82 30.52
N SER Z 20 -57.94 3.69 31.38
CA SER Z 20 -57.74 3.77 32.83
C SER Z 20 -56.80 2.72 33.35
N VAL Z 21 -56.95 1.48 32.86
CA VAL Z 21 -56.06 0.40 33.30
C VAL Z 21 -54.63 0.72 32.86
N THR Z 22 -54.50 1.15 31.61
CA THR Z 22 -53.19 1.49 31.06
C THR Z 22 -52.54 2.60 31.90
N PHE Z 23 -53.24 3.73 32.09
CA PHE Z 23 -52.68 4.83 32.87
C PHE Z 23 -52.26 4.38 34.27
N LEU Z 24 -53.10 3.58 34.92
CA LEU Z 24 -52.80 3.10 36.26
C LEU Z 24 -51.60 2.18 36.33
N SER Z 25 -51.42 1.33 35.30
CA SER Z 25 -50.29 0.43 35.30
C SER Z 25 -48.95 1.20 35.30
N PHE Z 26 -48.95 2.42 34.76
CA PHE Z 26 -47.75 3.26 34.73
C PHE Z 26 -47.62 4.04 36.04
N LEU Z 27 -48.73 4.68 36.39
CA LEU Z 27 -48.82 5.55 37.53
C LEU Z 27 -48.74 4.94 38.90
N LEU Z 28 -49.33 3.78 39.12
CA LEU Z 28 -49.30 3.22 40.48
C LEU Z 28 -47.97 2.79 41.09
N PRO Z 29 -47.25 1.87 40.42
CA PRO Z 29 -45.96 1.38 40.92
C PRO Z 29 -45.01 2.52 41.24
N ALA Z 30 -44.84 3.39 40.24
CA ALA Z 30 -43.99 4.56 40.33
C ALA Z 30 -44.41 5.46 41.51
N GLY Z 31 -45.71 5.73 41.58
CA GLY Z 31 -46.22 6.58 42.63
C GLY Z 31 -45.94 6.01 44.00
N TRP Z 32 -46.05 4.69 44.13
CA TRP Z 32 -45.80 4.01 45.39
C TRP Z 32 -44.34 4.21 45.82
N VAL Z 33 -43.41 3.99 44.88
CA VAL Z 33 -42.01 4.15 45.18
C VAL Z 33 -41.75 5.60 45.55
N LEU Z 34 -42.20 6.52 44.69
CA LEU Z 34 -42.03 7.96 44.92
C LEU Z 34 -42.62 8.46 46.23
N TYR Z 35 -43.76 7.88 46.60
CA TYR Z 35 -44.46 8.23 47.82
C TYR Z 35 -43.63 7.92 49.06
N HIS Z 36 -43.08 6.70 49.08
CA HIS Z 36 -42.25 6.22 50.18
C HIS Z 36 -40.79 6.62 50.06
N LEU Z 37 -40.48 7.57 49.17
CA LEU Z 37 -39.10 8.01 48.95
C LEU Z 37 -38.38 8.42 50.24
N ASP Z 38 -39.10 9.06 51.17
CA ASP Z 38 -38.49 9.48 52.44
C ASP Z 38 -38.29 8.30 53.39
N ASN Z 39 -39.16 7.31 53.25
CA ASN Z 39 -39.11 6.07 54.03
C ASN Z 39 -37.90 5.22 53.56
N TYR Z 40 -37.38 5.53 52.36
CA TYR Z 40 -36.22 4.85 51.75
C TYR Z 40 -34.91 5.60 52.02
N LYS Z 41 -34.89 6.89 51.70
CA LYS Z 41 -33.73 7.79 51.88
C LYS Z 41 -33.07 7.54 53.23
N LYS Z 42 -33.86 7.51 54.30
CA LYS Z 42 -33.28 7.20 55.61
C LYS Z 42 -33.99 6.04 56.30
N SER Z 43 -33.43 4.85 56.06
CA SER Z 43 -33.89 3.57 56.61
C SER Z 43 -32.83 2.48 56.33
#